data_2K3S
#
_entry.id   2K3S
#
loop_
_entity.id
_entity.type
_entity.pdbx_description
1 polymer 'Smoothelin-like protein 1'
2 polymer Calmodulin
#
loop_
_entity_poly.entity_id
_entity_poly.type
_entity_poly.pdbx_seq_one_letter_code
_entity_poly.pdbx_strand_id
1 'polypeptide(L)'
;GPLGSKNMLLEWCRAMTRNYEHVDIQNFSSSWSSGMAFCALIHKFFPEAFDYAELDPAKRRHNFTLAFSTAEKLADCAQL
LEVDDMVRLAVPDSKCVYTYIQELYRSLVQKGLVKTKKK
;
A
2 'polypeptide(L)' EEEIREAFRVFDKDGNGYISAAELRHVMTNLGEKLTDEEVDEMIREADIDGDGQVNYEEFVQMMTAK B
#
# COMPACT_ATOMS: atom_id res chain seq x y z
N GLY A 1 1.82 14.28 -8.48
CA GLY A 1 2.63 14.40 -7.23
C GLY A 1 3.22 13.08 -6.81
N PRO A 2 4.48 12.82 -7.15
CA PRO A 2 5.16 11.56 -6.80
C PRO A 2 5.69 11.56 -5.38
N LEU A 3 5.83 12.75 -4.80
CA LEU A 3 6.35 12.86 -3.44
C LEU A 3 5.26 12.58 -2.43
N GLY A 4 4.98 11.30 -2.20
CA GLY A 4 3.96 10.92 -1.26
C GLY A 4 3.67 9.44 -1.31
N SER A 5 3.90 8.74 -0.21
CA SER A 5 3.66 7.32 -0.13
C SER A 5 2.21 6.98 -0.44
N LYS A 6 1.30 7.76 0.14
CA LYS A 6 -0.13 7.57 -0.06
C LYS A 6 -0.52 7.82 -1.51
N ASN A 7 0.28 8.63 -2.22
CA ASN A 7 0.01 8.96 -3.61
C ASN A 7 0.26 7.75 -4.51
N MET A 8 1.26 6.96 -4.15
CA MET A 8 1.61 5.77 -4.91
C MET A 8 0.45 4.78 -4.92
N LEU A 9 -0.08 4.48 -3.75
CA LEU A 9 -1.19 3.53 -3.63
C LEU A 9 -2.49 4.11 -4.16
N LEU A 10 -2.63 5.43 -4.08
CA LEU A 10 -3.83 6.11 -4.56
C LEU A 10 -4.04 5.88 -6.04
N GLU A 11 -3.03 6.21 -6.84
CA GLU A 11 -3.10 6.03 -8.29
C GLU A 11 -3.21 4.55 -8.64
N TRP A 12 -2.53 3.72 -7.85
CA TRP A 12 -2.54 2.28 -8.06
C TRP A 12 -3.96 1.71 -7.96
N CYS A 13 -4.66 2.06 -6.89
CA CYS A 13 -6.02 1.60 -6.68
C CYS A 13 -6.98 2.30 -7.64
N ARG A 14 -6.73 3.57 -7.91
CA ARG A 14 -7.58 4.35 -8.80
C ARG A 14 -7.54 3.78 -10.22
N ALA A 15 -6.41 3.20 -10.59
CA ALA A 15 -6.26 2.60 -11.91
C ALA A 15 -7.27 1.48 -12.10
N MET A 16 -7.55 0.76 -11.02
CA MET A 16 -8.49 -0.35 -11.06
C MET A 16 -9.92 0.15 -10.92
N THR A 17 -10.06 1.37 -10.39
CA THR A 17 -11.37 1.99 -10.20
C THR A 17 -12.01 2.31 -11.55
N ARG A 18 -11.16 2.46 -12.57
CA ARG A 18 -11.63 2.77 -13.92
C ARG A 18 -12.21 1.51 -14.58
N ASN A 19 -12.00 0.37 -13.93
CA ASN A 19 -12.50 -0.89 -14.44
C ASN A 19 -13.68 -1.38 -13.61
N TYR A 20 -14.23 -0.47 -12.82
CA TYR A 20 -15.38 -0.78 -11.96
C TYR A 20 -16.39 0.35 -12.00
N GLU A 21 -17.60 0.07 -11.52
CA GLU A 21 -18.66 1.05 -11.47
C GLU A 21 -19.24 1.12 -10.07
N HIS A 22 -19.90 2.23 -9.75
CA HIS A 22 -20.50 2.45 -8.43
C HIS A 22 -19.43 2.60 -7.35
N VAL A 23 -18.18 2.66 -7.80
CA VAL A 23 -17.05 2.81 -6.90
C VAL A 23 -16.13 3.93 -7.38
N ASP A 24 -15.79 4.83 -6.48
CA ASP A 24 -14.91 5.94 -6.78
C ASP A 24 -14.05 6.25 -5.57
N ILE A 25 -12.75 5.98 -5.69
CA ILE A 25 -11.83 6.21 -4.59
C ILE A 25 -11.22 7.60 -4.66
N GLN A 26 -11.81 8.54 -3.95
CA GLN A 26 -11.30 9.91 -3.91
C GLN A 26 -10.25 10.01 -2.82
N ASN A 27 -10.48 9.32 -1.71
CA ASN A 27 -9.58 9.31 -0.58
C ASN A 27 -9.71 7.99 0.18
N PHE A 28 -8.69 7.64 0.96
CA PHE A 28 -8.70 6.41 1.73
C PHE A 28 -9.52 6.58 3.02
N SER A 29 -10.80 6.87 2.85
CA SER A 29 -11.69 7.05 3.99
C SER A 29 -13.16 6.97 3.56
N SER A 30 -13.71 8.11 3.13
CA SER A 30 -15.10 8.19 2.70
C SER A 30 -15.41 7.25 1.54
N SER A 31 -14.45 7.15 0.61
CA SER A 31 -14.62 6.30 -0.56
C SER A 31 -14.61 4.81 -0.23
N TRP A 32 -14.25 4.48 1.01
CA TRP A 32 -14.20 3.09 1.44
C TRP A 32 -15.37 2.76 2.35
N SER A 33 -16.27 3.72 2.54
CA SER A 33 -17.43 3.54 3.38
C SER A 33 -18.45 2.60 2.72
N SER A 34 -18.31 2.45 1.41
CA SER A 34 -19.22 1.60 0.65
C SER A 34 -18.90 0.12 0.88
N GLY A 35 -17.68 -0.16 1.31
CA GLY A 35 -17.27 -1.53 1.56
C GLY A 35 -16.87 -2.25 0.29
N MET A 36 -17.65 -2.02 -0.77
CA MET A 36 -17.42 -2.64 -2.08
C MET A 36 -16.00 -2.42 -2.57
N ALA A 37 -15.38 -1.32 -2.15
CA ALA A 37 -14.02 -0.99 -2.55
C ALA A 37 -13.04 -2.12 -2.20
N PHE A 38 -13.22 -2.70 -1.02
CA PHE A 38 -12.35 -3.80 -0.57
C PHE A 38 -12.55 -5.02 -1.46
N CYS A 39 -13.80 -5.39 -1.66
CA CYS A 39 -14.14 -6.55 -2.48
C CYS A 39 -13.70 -6.37 -3.93
N ALA A 40 -13.82 -5.15 -4.43
CA ALA A 40 -13.43 -4.85 -5.80
C ALA A 40 -11.94 -5.12 -6.00
N LEU A 41 -11.14 -4.69 -5.04
CA LEU A 41 -9.70 -4.88 -5.10
C LEU A 41 -9.34 -6.36 -5.01
N ILE A 42 -9.93 -7.04 -4.03
CA ILE A 42 -9.67 -8.47 -3.83
C ILE A 42 -10.10 -9.28 -5.05
N HIS A 43 -11.25 -8.93 -5.61
CA HIS A 43 -11.80 -9.61 -6.78
C HIS A 43 -10.89 -9.44 -8.00
N LYS A 44 -10.20 -8.32 -8.05
CA LYS A 44 -9.30 -8.02 -9.17
C LYS A 44 -8.12 -8.99 -9.17
N PHE A 45 -7.65 -9.35 -7.98
CA PHE A 45 -6.52 -10.26 -7.86
C PHE A 45 -6.98 -11.72 -7.81
N PHE A 46 -8.12 -11.95 -7.16
CA PHE A 46 -8.66 -13.29 -7.04
C PHE A 46 -10.05 -13.36 -7.66
N PRO A 47 -10.14 -13.72 -8.95
CA PRO A 47 -11.42 -13.83 -9.66
C PRO A 47 -12.26 -14.99 -9.14
N GLU A 48 -11.59 -16.00 -8.60
CA GLU A 48 -12.26 -17.17 -8.07
C GLU A 48 -12.63 -17.00 -6.60
N ALA A 49 -12.45 -15.80 -6.07
CA ALA A 49 -12.77 -15.51 -4.69
C ALA A 49 -14.28 -15.43 -4.48
N PHE A 50 -14.91 -14.56 -5.24
CA PHE A 50 -16.36 -14.35 -5.15
C PHE A 50 -16.87 -13.60 -6.38
N ASP A 51 -18.19 -13.49 -6.51
CA ASP A 51 -18.79 -12.80 -7.63
C ASP A 51 -19.13 -11.36 -7.23
N TYR A 52 -18.38 -10.41 -7.77
CA TYR A 52 -18.58 -9.00 -7.46
C TYR A 52 -19.92 -8.48 -7.96
N ALA A 53 -20.39 -9.03 -9.07
CA ALA A 53 -21.66 -8.63 -9.65
C ALA A 53 -22.84 -9.10 -8.81
N GLU A 54 -22.58 -10.09 -7.95
CA GLU A 54 -23.61 -10.63 -7.08
C GLU A 54 -23.62 -9.91 -5.74
N LEU A 55 -22.66 -9.00 -5.55
CA LEU A 55 -22.54 -8.26 -4.31
C LEU A 55 -23.41 -7.01 -4.32
N ASP A 56 -24.12 -6.79 -3.23
CA ASP A 56 -24.99 -5.63 -3.09
C ASP A 56 -24.43 -4.69 -2.04
N PRO A 57 -24.63 -3.38 -2.21
CA PRO A 57 -24.15 -2.38 -1.25
C PRO A 57 -24.86 -2.53 0.09
N ALA A 58 -26.02 -3.20 0.06
CA ALA A 58 -26.80 -3.44 1.25
C ALA A 58 -26.30 -4.66 2.01
N LYS A 59 -25.39 -5.40 1.37
CA LYS A 59 -24.80 -6.60 1.97
C LYS A 59 -23.47 -6.26 2.63
N ARG A 60 -23.34 -5.00 3.04
CA ARG A 60 -22.11 -4.51 3.68
C ARG A 60 -21.71 -5.34 4.89
N ARG A 61 -22.69 -5.86 5.62
CA ARG A 61 -22.42 -6.67 6.81
C ARG A 61 -21.61 -7.91 6.45
N HIS A 62 -21.90 -8.49 5.29
CA HIS A 62 -21.19 -9.68 4.83
C HIS A 62 -20.04 -9.31 3.90
N ASN A 63 -20.15 -8.14 3.29
CA ASN A 63 -19.14 -7.65 2.36
C ASN A 63 -17.77 -7.58 3.00
N PHE A 64 -17.68 -6.91 4.15
CA PHE A 64 -16.40 -6.79 4.85
C PHE A 64 -15.85 -8.14 5.26
N THR A 65 -16.71 -8.99 5.80
CA THR A 65 -16.31 -10.31 6.23
C THR A 65 -15.81 -11.14 5.04
N LEU A 66 -16.52 -11.04 3.93
CA LEU A 66 -16.15 -11.76 2.73
C LEU A 66 -14.78 -11.31 2.22
N ALA A 67 -14.57 -10.02 2.16
CA ALA A 67 -13.30 -9.46 1.69
C ALA A 67 -12.14 -9.87 2.60
N PHE A 68 -12.28 -9.59 3.89
CA PHE A 68 -11.23 -9.90 4.87
C PHE A 68 -10.93 -11.41 4.94
N SER A 69 -11.96 -12.21 5.17
CA SER A 69 -11.79 -13.66 5.28
C SER A 69 -11.18 -14.29 4.04
N THR A 70 -11.67 -13.92 2.86
CA THR A 70 -11.16 -14.49 1.62
C THR A 70 -9.70 -14.07 1.38
N ALA A 71 -9.38 -12.82 1.68
CA ALA A 71 -8.03 -12.32 1.51
C ALA A 71 -7.08 -13.00 2.48
N GLU A 72 -7.56 -13.29 3.68
CA GLU A 72 -6.75 -13.96 4.69
C GLU A 72 -6.66 -15.45 4.40
N LYS A 73 -7.67 -15.98 3.71
CA LYS A 73 -7.73 -17.39 3.36
C LYS A 73 -6.85 -17.73 2.16
N LEU A 74 -6.80 -16.83 1.18
CA LEU A 74 -6.02 -17.09 -0.03
C LEU A 74 -4.70 -16.32 -0.08
N ALA A 75 -4.56 -15.27 0.72
CA ALA A 75 -3.33 -14.47 0.70
C ALA A 75 -2.81 -14.16 2.09
N ASP A 76 -3.38 -14.83 3.10
CA ASP A 76 -2.99 -14.64 4.51
C ASP A 76 -2.78 -13.17 4.90
N CYS A 77 -3.71 -12.32 4.48
CA CYS A 77 -3.61 -10.90 4.79
C CYS A 77 -3.81 -10.64 6.27
N ALA A 78 -3.03 -9.70 6.80
CA ALA A 78 -3.12 -9.34 8.21
C ALA A 78 -4.43 -8.62 8.49
N GLN A 79 -5.26 -9.19 9.35
CA GLN A 79 -6.54 -8.60 9.70
C GLN A 79 -6.35 -7.44 10.68
N LEU A 80 -6.00 -6.28 10.15
CA LEU A 80 -5.80 -5.09 10.95
C LEU A 80 -7.11 -4.36 11.18
N LEU A 81 -8.09 -4.67 10.34
CA LEU A 81 -9.40 -4.04 10.43
C LEU A 81 -10.46 -5.09 10.80
N GLU A 82 -11.60 -4.63 11.30
CA GLU A 82 -12.67 -5.53 11.68
C GLU A 82 -13.97 -5.14 10.99
N VAL A 83 -14.85 -6.12 10.82
CA VAL A 83 -16.13 -5.89 10.16
C VAL A 83 -17.01 -4.99 11.02
N ASP A 84 -17.17 -5.36 12.29
CA ASP A 84 -18.00 -4.61 13.22
C ASP A 84 -17.48 -3.18 13.37
N ASP A 85 -16.17 -3.07 13.52
CA ASP A 85 -15.52 -1.77 13.67
C ASP A 85 -15.77 -0.85 12.48
N MET A 86 -15.53 -1.37 11.28
CA MET A 86 -15.72 -0.61 10.06
C MET A 86 -17.16 -0.17 9.83
N VAL A 87 -18.10 -1.06 10.07
CA VAL A 87 -19.52 -0.75 9.89
C VAL A 87 -19.98 0.28 10.93
N ARG A 88 -19.57 0.09 12.17
CA ARG A 88 -19.94 0.98 13.26
C ARG A 88 -19.38 2.40 13.06
N LEU A 89 -18.15 2.49 12.61
CA LEU A 89 -17.52 3.79 12.39
C LEU A 89 -17.91 4.39 11.05
N ALA A 90 -18.18 3.53 10.07
CA ALA A 90 -18.57 3.94 8.71
C ALA A 90 -17.38 4.49 7.92
N VAL A 91 -16.67 5.45 8.52
CA VAL A 91 -15.51 6.05 7.87
C VAL A 91 -14.23 5.64 8.60
N PRO A 92 -13.41 4.79 7.95
CA PRO A 92 -12.16 4.31 8.54
C PRO A 92 -11.02 5.33 8.39
N ASP A 93 -9.99 5.17 9.19
CA ASP A 93 -8.84 6.07 9.13
C ASP A 93 -7.95 5.71 7.95
N SER A 94 -7.45 6.74 7.28
CA SER A 94 -6.59 6.55 6.12
C SER A 94 -5.31 5.78 6.47
N LYS A 95 -4.82 5.96 7.69
CA LYS A 95 -3.60 5.27 8.12
C LYS A 95 -3.86 3.78 8.28
N CYS A 96 -5.03 3.44 8.79
CA CYS A 96 -5.40 2.05 8.97
C CYS A 96 -5.54 1.36 7.62
N VAL A 97 -6.20 2.04 6.70
CA VAL A 97 -6.40 1.50 5.36
C VAL A 97 -5.07 1.39 4.64
N TYR A 98 -4.25 2.43 4.74
CA TYR A 98 -2.94 2.45 4.11
C TYR A 98 -2.10 1.27 4.55
N THR A 99 -2.01 1.06 5.86
CA THR A 99 -1.24 -0.03 6.43
C THR A 99 -1.77 -1.40 5.96
N TYR A 100 -3.10 -1.51 5.87
CA TYR A 100 -3.73 -2.75 5.43
C TYR A 100 -3.33 -3.06 4.00
N ILE A 101 -3.45 -2.06 3.13
CA ILE A 101 -3.10 -2.22 1.72
C ILE A 101 -1.58 -2.36 1.56
N GLN A 102 -0.84 -1.71 2.45
CA GLN A 102 0.61 -1.75 2.44
C GLN A 102 1.12 -3.18 2.51
N GLU A 103 0.80 -3.86 3.61
CA GLU A 103 1.24 -5.24 3.80
C GLU A 103 0.63 -6.16 2.75
N LEU A 104 -0.60 -5.86 2.34
CA LEU A 104 -1.27 -6.65 1.31
C LEU A 104 -0.50 -6.58 0.01
N TYR A 105 -0.16 -5.35 -0.40
CA TYR A 105 0.60 -5.10 -1.61
C TYR A 105 1.92 -5.87 -1.58
N ARG A 106 2.65 -5.73 -0.48
CA ARG A 106 3.94 -6.40 -0.31
C ARG A 106 3.78 -7.91 -0.44
N SER A 107 2.74 -8.45 0.19
CA SER A 107 2.47 -9.87 0.14
C SER A 107 2.15 -10.34 -1.27
N LEU A 108 1.46 -9.49 -2.01
CA LEU A 108 1.10 -9.82 -3.38
C LEU A 108 2.32 -9.77 -4.31
N VAL A 109 3.19 -8.80 -4.10
CA VAL A 109 4.38 -8.66 -4.93
C VAL A 109 5.39 -9.78 -4.66
N GLN A 110 5.58 -10.11 -3.38
CA GLN A 110 6.52 -11.17 -3.01
C GLN A 110 6.05 -12.54 -3.49
N LYS A 111 4.76 -12.64 -3.79
CA LYS A 111 4.20 -13.89 -4.28
C LYS A 111 4.06 -13.87 -5.80
N GLY A 112 4.60 -12.81 -6.41
CA GLY A 112 4.54 -12.66 -7.85
C GLY A 112 3.15 -12.44 -8.40
N LEU A 113 2.36 -11.62 -7.71
CA LEU A 113 1.00 -11.33 -8.15
C LEU A 113 0.89 -9.95 -8.78
N VAL A 114 1.41 -8.94 -8.08
CA VAL A 114 1.35 -7.57 -8.59
C VAL A 114 2.27 -7.38 -9.80
N LYS A 115 3.33 -8.18 -9.86
CA LYS A 115 4.28 -8.10 -10.97
C LYS A 115 3.72 -8.84 -12.19
N THR A 116 2.54 -8.44 -12.63
CA THR A 116 1.88 -9.06 -13.76
C THR A 116 2.20 -8.33 -15.05
N LYS A 117 2.92 -7.22 -14.93
CA LYS A 117 3.29 -6.42 -16.10
C LYS A 117 4.79 -6.14 -16.11
N LYS A 118 5.50 -6.82 -16.99
CA LYS A 118 6.94 -6.63 -17.10
C LYS A 118 7.25 -5.88 -18.39
N LYS A 119 7.61 -4.60 -18.25
CA LYS A 119 7.93 -3.74 -19.38
C LYS A 119 6.69 -3.52 -20.25
N GLU B 1 19.88 14.40 14.17
CA GLU B 1 19.60 13.02 13.68
C GLU B 1 18.17 12.90 13.17
N GLU B 2 17.24 13.58 13.86
CA GLU B 2 15.83 13.54 13.52
C GLU B 2 15.56 14.15 12.15
N GLU B 3 16.47 14.99 11.68
CA GLU B 3 16.34 15.63 10.38
C GLU B 3 16.26 14.59 9.27
N ILE B 4 16.98 13.49 9.46
CA ILE B 4 16.99 12.40 8.49
C ILE B 4 15.63 11.71 8.49
N ARG B 5 15.08 11.49 9.68
CA ARG B 5 13.77 10.86 9.82
C ARG B 5 12.68 11.75 9.22
N GLU B 6 12.75 13.04 9.55
CA GLU B 6 11.77 14.01 9.03
C GLU B 6 11.83 14.09 7.51
N ALA B 7 13.03 13.97 6.95
CA ALA B 7 13.21 14.03 5.51
C ALA B 7 12.39 12.93 4.82
N PHE B 8 12.37 11.76 5.43
CA PHE B 8 11.61 10.63 4.91
C PHE B 8 10.14 10.75 5.31
N ARG B 9 9.93 11.38 6.45
CA ARG B 9 8.58 11.58 6.99
C ARG B 9 7.76 12.49 6.07
N VAL B 10 8.45 13.34 5.31
CA VAL B 10 7.77 14.23 4.38
C VAL B 10 7.17 13.40 3.25
N PHE B 11 7.91 12.37 2.84
CA PHE B 11 7.47 11.48 1.78
C PHE B 11 6.43 10.50 2.33
N ASP B 12 6.71 9.96 3.50
CA ASP B 12 5.80 9.04 4.16
C ASP B 12 4.66 9.83 4.79
N LYS B 13 3.57 9.95 4.05
CA LYS B 13 2.42 10.72 4.50
C LYS B 13 1.53 9.97 5.48
N ASP B 14 2.04 8.90 6.05
CA ASP B 14 1.27 8.13 7.03
C ASP B 14 2.10 7.81 8.26
N GLY B 15 3.41 7.73 8.07
CA GLY B 15 4.31 7.43 9.18
C GLY B 15 4.36 5.95 9.46
N ASN B 16 4.63 5.18 8.42
CA ASN B 16 4.70 3.73 8.54
C ASN B 16 6.13 3.23 8.47
N GLY B 17 6.96 3.90 7.68
CA GLY B 17 8.35 3.49 7.56
C GLY B 17 8.67 2.77 6.27
N TYR B 18 7.70 2.70 5.37
CA TYR B 18 7.90 2.03 4.09
C TYR B 18 7.60 2.95 2.92
N ILE B 19 8.53 3.02 1.99
CA ILE B 19 8.37 3.86 0.80
C ILE B 19 8.88 3.10 -0.43
N SER B 20 8.96 3.79 -1.56
CA SER B 20 9.43 3.16 -2.78
C SER B 20 10.94 3.37 -2.93
N ALA B 21 11.57 2.54 -3.74
CA ALA B 21 13.00 2.64 -3.97
C ALA B 21 13.32 3.91 -4.76
N ALA B 22 12.36 4.35 -5.57
CA ALA B 22 12.52 5.53 -6.38
C ALA B 22 12.51 6.78 -5.51
N GLU B 23 11.56 6.84 -4.59
CA GLU B 23 11.43 7.97 -3.69
C GLU B 23 12.61 8.00 -2.71
N LEU B 24 13.07 6.81 -2.33
CA LEU B 24 14.20 6.67 -1.41
C LEU B 24 15.44 7.36 -1.98
N ARG B 25 15.74 7.07 -3.24
CA ARG B 25 16.90 7.64 -3.92
C ARG B 25 16.77 9.16 -3.99
N HIS B 26 15.54 9.63 -4.17
CA HIS B 26 15.27 11.07 -4.26
C HIS B 26 15.57 11.77 -2.94
N VAL B 27 15.31 11.09 -1.83
CA VAL B 27 15.56 11.65 -0.52
C VAL B 27 17.06 11.71 -0.24
N MET B 28 17.76 10.64 -0.62
CA MET B 28 19.20 10.55 -0.43
C MET B 28 19.92 11.68 -1.16
N THR B 29 19.47 11.98 -2.38
CA THR B 29 20.06 13.04 -3.17
C THR B 29 19.58 14.41 -2.70
N ASN B 30 18.45 14.43 -2.00
CA ASN B 30 17.90 15.66 -1.48
C ASN B 30 18.67 16.12 -0.25
N LEU B 31 19.16 15.15 0.51
CA LEU B 31 19.93 15.43 1.73
C LEU B 31 21.30 16.04 1.39
N GLY B 32 21.69 15.94 0.13
CA GLY B 32 22.96 16.49 -0.30
C GLY B 32 24.13 15.61 0.12
N GLU B 33 23.88 14.31 0.19
CA GLU B 33 24.91 13.35 0.58
C GLU B 33 26.06 13.34 -0.42
N LYS B 34 27.25 12.98 0.05
CA LYS B 34 28.43 12.95 -0.80
C LYS B 34 28.69 11.56 -1.40
N LEU B 35 27.63 10.80 -1.62
CA LEU B 35 27.77 9.48 -2.20
C LEU B 35 27.33 9.47 -3.66
N THR B 36 28.03 8.69 -4.47
CA THR B 36 27.72 8.60 -5.89
C THR B 36 26.57 7.63 -6.15
N ASP B 37 25.98 7.71 -7.35
CA ASP B 37 24.87 6.84 -7.74
C ASP B 37 25.28 5.38 -7.63
N GLU B 38 26.54 5.12 -7.97
CA GLU B 38 27.11 3.79 -7.90
C GLU B 38 27.01 3.25 -6.48
N GLU B 39 27.43 4.05 -5.52
CA GLU B 39 27.39 3.66 -4.11
C GLU B 39 25.95 3.43 -3.64
N VAL B 40 25.04 4.25 -4.16
CA VAL B 40 23.62 4.11 -3.82
C VAL B 40 23.14 2.74 -4.29
N ASP B 41 23.49 2.40 -5.52
CA ASP B 41 23.10 1.13 -6.12
C ASP B 41 23.80 -0.03 -5.41
N GLU B 42 25.00 0.22 -4.91
CA GLU B 42 25.75 -0.81 -4.19
C GLU B 42 24.96 -1.23 -2.95
N MET B 43 24.51 -0.23 -2.19
CA MET B 43 23.74 -0.48 -0.97
C MET B 43 22.38 -1.06 -1.33
N ILE B 44 21.80 -0.54 -2.43
CA ILE B 44 20.51 -1.00 -2.93
C ILE B 44 20.55 -2.48 -3.31
N ARG B 45 21.65 -2.89 -3.94
CA ARG B 45 21.82 -4.28 -4.35
C ARG B 45 22.00 -5.19 -3.15
N GLU B 46 22.29 -4.60 -2.00
CA GLU B 46 22.48 -5.35 -0.77
C GLU B 46 21.25 -5.20 0.12
N ALA B 47 20.16 -4.78 -0.47
CA ALA B 47 18.91 -4.59 0.26
C ALA B 47 17.74 -5.16 -0.55
N ASP B 48 16.55 -5.07 -0.01
CA ASP B 48 15.37 -5.57 -0.68
C ASP B 48 14.69 -4.48 -1.47
N ILE B 49 14.67 -4.65 -2.78
CA ILE B 49 14.08 -3.67 -3.67
C ILE B 49 13.03 -4.32 -4.56
N ASP B 50 13.48 -5.14 -5.50
CA ASP B 50 12.59 -5.82 -6.42
C ASP B 50 12.11 -7.14 -5.82
N GLY B 51 11.38 -7.04 -4.72
CA GLY B 51 10.86 -8.21 -4.05
C GLY B 51 9.44 -8.02 -3.58
N ASP B 52 9.25 -7.16 -2.59
CA ASP B 52 7.91 -6.88 -2.06
C ASP B 52 7.37 -5.54 -2.56
N GLY B 53 8.26 -4.59 -2.85
CA GLY B 53 7.83 -3.30 -3.37
C GLY B 53 7.94 -2.15 -2.38
N GLN B 54 7.94 -2.45 -1.08
CA GLN B 54 8.04 -1.41 -0.07
C GLN B 54 9.36 -1.49 0.68
N VAL B 55 10.19 -0.48 0.48
CA VAL B 55 11.49 -0.43 1.10
C VAL B 55 11.45 0.36 2.40
N ASN B 56 11.88 -0.27 3.48
CA ASN B 56 11.91 0.37 4.80
C ASN B 56 13.06 1.37 4.87
N TYR B 57 12.73 2.64 5.03
CA TYR B 57 13.76 3.68 5.10
C TYR B 57 14.49 3.68 6.43
N GLU B 58 13.88 3.07 7.45
CA GLU B 58 14.48 3.00 8.77
C GLU B 58 15.86 2.34 8.73
N GLU B 59 15.99 1.31 7.90
CA GLU B 59 17.25 0.59 7.76
C GLU B 59 18.35 1.51 7.23
N PHE B 60 18.00 2.36 6.28
CA PHE B 60 18.94 3.29 5.67
C PHE B 60 19.32 4.40 6.65
N VAL B 61 18.35 4.87 7.42
CA VAL B 61 18.59 5.92 8.40
C VAL B 61 19.62 5.46 9.43
N GLN B 62 19.38 4.28 9.99
CA GLN B 62 20.28 3.70 10.98
C GLN B 62 21.67 3.51 10.40
N MET B 63 21.73 2.95 9.20
CA MET B 63 23.00 2.70 8.51
C MET B 63 23.77 4.00 8.31
N MET B 64 23.06 5.05 7.89
CA MET B 64 23.68 6.35 7.64
C MET B 64 24.20 6.98 8.93
N THR B 65 23.46 6.80 10.02
CA THR B 65 23.88 7.36 11.30
C THR B 65 25.03 6.57 11.93
N ALA B 66 25.30 5.39 11.39
CA ALA B 66 26.38 4.56 11.88
C ALA B 66 27.66 4.84 11.10
N LYS B 67 27.50 5.34 9.89
CA LYS B 67 28.62 5.67 9.04
C LYS B 67 28.42 7.05 8.44
N GLY A 1 3.11 15.24 -7.56
CA GLY A 1 4.04 16.15 -6.85
C GLY A 1 5.10 15.36 -6.10
N PRO A 2 6.15 16.04 -5.60
CA PRO A 2 7.25 15.38 -4.88
C PRO A 2 6.78 14.67 -3.61
N LEU A 3 5.82 15.26 -2.91
CA LEU A 3 5.30 14.66 -1.68
C LEU A 3 3.93 14.04 -1.93
N GLY A 4 3.88 13.10 -2.86
CA GLY A 4 2.65 12.43 -3.19
C GLY A 4 2.76 10.92 -3.09
N SER A 5 3.19 10.44 -1.93
CA SER A 5 3.36 9.02 -1.69
C SER A 5 2.01 8.30 -1.78
N LYS A 6 1.00 8.86 -1.10
CA LYS A 6 -0.33 8.29 -1.11
C LYS A 6 -0.95 8.37 -2.50
N ASN A 7 -0.49 9.34 -3.28
CA ASN A 7 -0.98 9.54 -4.64
C ASN A 7 -0.60 8.36 -5.52
N MET A 8 0.55 7.77 -5.24
CA MET A 8 1.03 6.62 -6.00
C MET A 8 0.05 5.46 -5.92
N LEU A 9 -0.33 5.10 -4.70
CA LEU A 9 -1.27 4.00 -4.49
C LEU A 9 -2.65 4.37 -5.01
N LEU A 10 -3.06 5.61 -4.77
CA LEU A 10 -4.35 6.09 -5.21
C LEU A 10 -4.47 6.05 -6.74
N GLU A 11 -3.46 6.59 -7.42
CA GLU A 11 -3.44 6.63 -8.88
C GLU A 11 -3.43 5.21 -9.46
N TRP A 12 -2.61 4.35 -8.89
CA TRP A 12 -2.50 2.97 -9.34
C TRP A 12 -3.82 2.23 -9.13
N CYS A 13 -4.39 2.36 -7.94
CA CYS A 13 -5.63 1.69 -7.62
C CYS A 13 -6.79 2.23 -8.45
N ARG A 14 -6.94 3.55 -8.48
CA ARG A 14 -8.02 4.20 -9.23
C ARG A 14 -8.00 3.79 -10.70
N ALA A 15 -6.80 3.54 -11.24
CA ALA A 15 -6.66 3.15 -12.63
C ALA A 15 -7.33 1.81 -12.89
N MET A 16 -7.35 0.96 -11.87
CA MET A 16 -7.97 -0.35 -11.96
C MET A 16 -9.41 -0.32 -11.50
N THR A 17 -9.66 0.42 -10.41
CA THR A 17 -11.00 0.54 -9.84
C THR A 17 -11.96 1.24 -10.79
N ARG A 18 -11.43 2.05 -11.71
CA ARG A 18 -12.26 2.76 -12.67
C ARG A 18 -12.99 1.78 -13.59
N ASN A 19 -12.46 0.56 -13.68
CA ASN A 19 -13.06 -0.47 -14.51
C ASN A 19 -14.26 -1.08 -13.80
N TYR A 20 -14.31 -0.90 -12.49
CA TYR A 20 -15.39 -1.43 -11.67
C TYR A 20 -16.48 -0.39 -11.48
N GLU A 21 -17.58 -0.56 -12.21
CA GLU A 21 -18.70 0.36 -12.12
C GLU A 21 -19.28 0.34 -10.71
N HIS A 22 -19.80 1.50 -10.28
CA HIS A 22 -20.40 1.65 -8.95
C HIS A 22 -19.32 1.76 -7.87
N VAL A 23 -18.06 1.59 -8.25
CA VAL A 23 -16.97 1.68 -7.29
C VAL A 23 -16.02 2.83 -7.64
N ASP A 24 -16.41 4.04 -7.29
CA ASP A 24 -15.58 5.21 -7.54
C ASP A 24 -14.88 5.65 -6.27
N ILE A 25 -13.55 5.67 -6.32
CA ILE A 25 -12.74 6.06 -5.18
C ILE A 25 -12.35 7.53 -5.24
N GLN A 26 -12.92 8.31 -4.34
CA GLN A 26 -12.64 9.74 -4.25
C GLN A 26 -11.48 9.97 -3.29
N ASN A 27 -11.60 9.38 -2.11
CA ASN A 27 -10.58 9.51 -1.07
C ASN A 27 -10.63 8.29 -0.17
N PHE A 28 -9.63 8.14 0.70
CA PHE A 28 -9.57 7.01 1.62
C PHE A 28 -10.48 7.24 2.83
N SER A 29 -11.78 7.33 2.58
CA SER A 29 -12.75 7.54 3.63
C SER A 29 -14.17 7.17 3.18
N SER A 30 -14.87 8.13 2.57
CA SER A 30 -16.25 7.91 2.11
C SER A 30 -16.34 6.82 1.04
N SER A 31 -15.41 6.82 0.10
CA SER A 31 -15.41 5.83 -0.98
C SER A 31 -15.21 4.40 -0.45
N TRP A 32 -14.75 4.29 0.78
CA TRP A 32 -14.51 2.98 1.38
C TRP A 32 -15.58 2.66 2.41
N SER A 33 -16.50 3.59 2.59
CA SER A 33 -17.58 3.42 3.57
C SER A 33 -18.66 2.48 3.01
N SER A 34 -18.59 2.23 1.72
CA SER A 34 -19.54 1.36 1.05
C SER A 34 -19.16 -0.11 1.22
N GLY A 35 -17.91 -0.36 1.59
CA GLY A 35 -17.42 -1.71 1.78
C GLY A 35 -17.08 -2.42 0.48
N MET A 36 -17.94 -2.25 -0.52
CA MET A 36 -17.77 -2.86 -1.84
C MET A 36 -16.40 -2.59 -2.46
N ALA A 37 -15.78 -1.49 -2.05
CA ALA A 37 -14.45 -1.12 -2.56
C ALA A 37 -13.40 -2.19 -2.24
N PHE A 38 -13.46 -2.74 -1.03
CA PHE A 38 -12.53 -3.76 -0.61
C PHE A 38 -12.70 -5.03 -1.43
N CYS A 39 -13.96 -5.45 -1.56
CA CYS A 39 -14.29 -6.66 -2.30
C CYS A 39 -13.86 -6.55 -3.77
N ALA A 40 -13.99 -5.35 -4.32
CA ALA A 40 -13.61 -5.10 -5.72
C ALA A 40 -12.12 -5.32 -5.92
N LEU A 41 -11.32 -4.80 -4.98
CA LEU A 41 -9.88 -4.94 -5.06
C LEU A 41 -9.46 -6.39 -4.91
N ILE A 42 -10.10 -7.11 -3.99
CA ILE A 42 -9.79 -8.51 -3.76
C ILE A 42 -10.08 -9.36 -5.00
N HIS A 43 -11.24 -9.15 -5.59
CA HIS A 43 -11.64 -9.90 -6.78
C HIS A 43 -10.76 -9.55 -7.97
N LYS A 44 -10.22 -8.33 -7.97
CA LYS A 44 -9.36 -7.87 -9.05
C LYS A 44 -8.12 -8.74 -9.18
N PHE A 45 -7.56 -9.13 -8.03
CA PHE A 45 -6.36 -9.96 -8.02
C PHE A 45 -6.71 -11.44 -7.92
N PHE A 46 -7.76 -11.75 -7.18
CA PHE A 46 -8.19 -13.13 -7.00
C PHE A 46 -9.58 -13.37 -7.59
N PRO A 47 -9.63 -13.96 -8.78
CA PRO A 47 -10.91 -14.26 -9.44
C PRO A 47 -11.68 -15.37 -8.72
N GLU A 48 -10.93 -16.24 -8.04
CA GLU A 48 -11.53 -17.35 -7.31
C GLU A 48 -11.94 -16.93 -5.91
N ALA A 49 -11.76 -15.64 -5.60
CA ALA A 49 -12.11 -15.11 -4.30
C ALA A 49 -13.60 -15.26 -4.03
N PHE A 50 -14.41 -14.56 -4.83
CA PHE A 50 -15.85 -14.60 -4.68
C PHE A 50 -16.52 -13.89 -5.86
N ASP A 51 -17.83 -14.00 -5.95
CA ASP A 51 -18.59 -13.35 -7.02
C ASP A 51 -18.95 -11.95 -6.59
N TYR A 52 -18.46 -10.96 -7.33
CA TYR A 52 -18.72 -9.57 -7.01
C TYR A 52 -20.14 -9.14 -7.40
N ALA A 53 -20.64 -9.68 -8.50
CA ALA A 53 -21.98 -9.33 -8.97
C ALA A 53 -23.05 -9.94 -8.08
N GLU A 54 -22.68 -10.97 -7.32
CA GLU A 54 -23.63 -11.64 -6.42
C GLU A 54 -23.64 -10.99 -5.04
N LEU A 55 -22.83 -9.95 -4.87
CA LEU A 55 -22.75 -9.26 -3.60
C LEU A 55 -23.79 -8.16 -3.51
N ASP A 56 -24.16 -7.79 -2.28
CA ASP A 56 -25.15 -6.76 -2.05
C ASP A 56 -24.62 -5.70 -1.09
N PRO A 57 -24.83 -4.42 -1.39
CA PRO A 57 -24.37 -3.31 -0.54
C PRO A 57 -25.08 -3.34 0.82
N ALA A 58 -26.25 -3.96 0.84
CA ALA A 58 -27.02 -4.07 2.08
C ALA A 58 -26.40 -5.11 3.01
N LYS A 59 -25.51 -5.92 2.45
CA LYS A 59 -24.82 -6.96 3.21
C LYS A 59 -23.38 -6.53 3.46
N ARG A 60 -23.21 -5.29 3.90
CA ARG A 60 -21.88 -4.74 4.16
C ARG A 60 -21.13 -5.53 5.23
N ARG A 61 -21.85 -6.01 6.24
CA ARG A 61 -21.24 -6.78 7.31
C ARG A 61 -20.62 -8.05 6.75
N HIS A 62 -21.37 -8.77 5.93
CA HIS A 62 -20.88 -9.99 5.31
C HIS A 62 -19.84 -9.67 4.26
N ASN A 63 -19.99 -8.50 3.63
CA ASN A 63 -19.06 -8.04 2.61
C ASN A 63 -17.66 -7.88 3.20
N PHE A 64 -17.58 -7.13 4.29
CA PHE A 64 -16.30 -6.92 4.97
C PHE A 64 -15.72 -8.26 5.41
N THR A 65 -16.57 -9.09 6.00
CA THR A 65 -16.17 -10.40 6.46
C THR A 65 -15.61 -11.23 5.31
N LEU A 66 -16.34 -11.28 4.20
CA LEU A 66 -15.92 -12.05 3.04
C LEU A 66 -14.59 -11.55 2.49
N ALA A 67 -14.46 -10.24 2.36
CA ALA A 67 -13.23 -9.64 1.85
C ALA A 67 -12.04 -9.98 2.73
N PHE A 68 -12.19 -9.77 4.05
CA PHE A 68 -11.11 -10.04 4.99
C PHE A 68 -10.76 -11.52 5.06
N SER A 69 -11.77 -12.38 5.18
CA SER A 69 -11.54 -13.82 5.26
C SER A 69 -10.81 -14.34 4.02
N THR A 70 -11.26 -13.91 2.85
CA THR A 70 -10.65 -14.33 1.60
C THR A 70 -9.21 -13.82 1.49
N ALA A 71 -8.98 -12.58 1.91
CA ALA A 71 -7.66 -11.98 1.86
C ALA A 71 -6.72 -12.74 2.80
N GLU A 72 -7.23 -13.09 3.96
CA GLU A 72 -6.44 -13.82 4.96
C GLU A 72 -6.18 -15.25 4.50
N LYS A 73 -7.14 -15.83 3.78
CA LYS A 73 -7.04 -17.20 3.30
C LYS A 73 -6.17 -17.34 2.05
N LEU A 74 -6.28 -16.40 1.12
CA LEU A 74 -5.53 -16.47 -0.12
C LEU A 74 -4.22 -15.68 -0.12
N ALA A 75 -4.16 -14.58 0.62
CA ALA A 75 -2.95 -13.76 0.65
C ALA A 75 -2.35 -13.65 2.05
N ASP A 76 -3.03 -14.24 3.03
CA ASP A 76 -2.58 -14.21 4.42
C ASP A 76 -2.39 -12.79 4.93
N CYS A 77 -3.32 -11.92 4.57
CA CYS A 77 -3.25 -10.52 4.99
C CYS A 77 -3.43 -10.37 6.50
N ALA A 78 -2.64 -9.48 7.10
CA ALA A 78 -2.72 -9.23 8.53
C ALA A 78 -4.02 -8.51 8.90
N GLN A 79 -4.52 -8.80 10.09
CA GLN A 79 -5.76 -8.19 10.55
C GLN A 79 -5.50 -6.78 11.07
N LEU A 80 -5.57 -5.81 10.17
CA LEU A 80 -5.35 -4.42 10.52
C LEU A 80 -6.67 -3.67 10.72
N LEU A 81 -7.77 -4.32 10.33
CA LEU A 81 -9.09 -3.73 10.46
C LEU A 81 -10.09 -4.78 10.92
N GLU A 82 -11.05 -4.34 11.72
CA GLU A 82 -12.08 -5.25 12.23
C GLU A 82 -13.37 -5.08 11.42
N VAL A 83 -14.04 -6.19 11.17
CA VAL A 83 -15.28 -6.17 10.40
C VAL A 83 -16.35 -5.35 11.11
N ASP A 84 -16.65 -5.71 12.35
CA ASP A 84 -17.66 -5.02 13.14
C ASP A 84 -17.28 -3.56 13.39
N ASP A 85 -15.98 -3.33 13.55
CA ASP A 85 -15.47 -1.99 13.81
C ASP A 85 -15.70 -1.09 12.61
N MET A 86 -15.46 -1.63 11.42
CA MET A 86 -15.64 -0.86 10.20
C MET A 86 -17.11 -0.48 10.01
N VAL A 87 -18.01 -1.38 10.37
CA VAL A 87 -19.44 -1.11 10.27
C VAL A 87 -19.86 -0.06 11.29
N ARG A 88 -19.29 -0.15 12.48
CA ARG A 88 -19.58 0.80 13.55
C ARG A 88 -19.07 2.19 13.19
N LEU A 89 -17.79 2.27 12.83
CA LEU A 89 -17.17 3.54 12.45
C LEU A 89 -17.78 4.10 11.19
N ALA A 90 -18.23 3.20 10.30
CA ALA A 90 -18.84 3.55 9.03
C ALA A 90 -17.79 4.07 8.05
N VAL A 91 -17.19 5.20 8.39
CA VAL A 91 -16.15 5.79 7.58
C VAL A 91 -14.81 5.35 8.14
N PRO A 92 -14.04 4.58 7.35
CA PRO A 92 -12.73 4.08 7.77
C PRO A 92 -11.67 5.19 7.84
N ASP A 93 -10.60 4.92 8.56
CA ASP A 93 -9.51 5.87 8.71
C ASP A 93 -8.54 5.74 7.54
N SER A 94 -8.08 6.86 7.05
CA SER A 94 -7.16 6.89 5.92
C SER A 94 -5.88 6.10 6.21
N LYS A 95 -5.37 6.22 7.44
CA LYS A 95 -4.15 5.52 7.83
C LYS A 95 -4.35 4.01 7.80
N CYS A 96 -5.46 3.54 8.37
CA CYS A 96 -5.76 2.11 8.42
C CYS A 96 -5.85 1.52 7.02
N VAL A 97 -6.48 2.25 6.11
CA VAL A 97 -6.62 1.80 4.73
C VAL A 97 -5.28 1.86 4.02
N TYR A 98 -4.55 2.95 4.24
CA TYR A 98 -3.24 3.16 3.62
C TYR A 98 -2.27 2.04 3.98
N THR A 99 -2.10 1.78 5.28
CA THR A 99 -1.19 0.75 5.73
C THR A 99 -1.62 -0.64 5.29
N TYR A 100 -2.91 -0.81 5.03
CA TYR A 100 -3.44 -2.09 4.60
C TYR A 100 -3.01 -2.38 3.16
N ILE A 101 -3.25 -1.40 2.28
CA ILE A 101 -2.89 -1.53 0.88
C ILE A 101 -1.38 -1.44 0.69
N GLN A 102 -0.73 -0.72 1.62
CA GLN A 102 0.71 -0.53 1.61
C GLN A 102 1.45 -1.85 1.53
N GLU A 103 1.27 -2.69 2.54
CA GLU A 103 1.93 -3.98 2.60
C GLU A 103 1.30 -4.97 1.62
N LEU A 104 0.05 -4.72 1.25
CA LEU A 104 -0.64 -5.59 0.30
C LEU A 104 0.07 -5.52 -1.04
N TYR A 105 0.54 -4.33 -1.39
CA TYR A 105 1.26 -4.12 -2.64
C TYR A 105 2.54 -4.95 -2.66
N ARG A 106 3.12 -5.17 -1.47
CA ARG A 106 4.34 -5.96 -1.33
C ARG A 106 4.05 -7.43 -1.64
N SER A 107 2.79 -7.80 -1.55
CA SER A 107 2.37 -9.16 -1.83
C SER A 107 1.92 -9.29 -3.28
N LEU A 108 1.95 -8.18 -4.00
CA LEU A 108 1.54 -8.14 -5.40
C LEU A 108 2.74 -8.01 -6.33
N VAL A 109 3.69 -7.17 -5.93
CA VAL A 109 4.90 -6.94 -6.72
C VAL A 109 5.68 -8.25 -6.88
N GLN A 110 5.79 -8.99 -5.79
CA GLN A 110 6.50 -10.26 -5.78
C GLN A 110 5.90 -11.27 -6.76
N LYS A 111 4.60 -11.19 -6.97
CA LYS A 111 3.91 -12.11 -7.87
C LYS A 111 4.08 -11.67 -9.33
N GLY A 112 4.65 -10.50 -9.52
CA GLY A 112 4.86 -9.97 -10.86
C GLY A 112 3.57 -9.56 -11.54
N LEU A 113 2.54 -9.28 -10.73
CA LEU A 113 1.25 -8.87 -11.25
C LEU A 113 1.34 -7.50 -11.89
N VAL A 114 2.14 -6.63 -11.27
CA VAL A 114 2.35 -5.27 -11.78
C VAL A 114 3.02 -5.32 -13.15
N LYS A 115 3.99 -6.22 -13.28
CA LYS A 115 4.72 -6.39 -14.52
C LYS A 115 4.01 -7.41 -15.39
N THR A 116 2.83 -7.06 -15.85
CA THR A 116 2.02 -7.94 -16.69
C THR A 116 2.54 -7.95 -18.12
N LYS A 117 3.35 -6.96 -18.45
CA LYS A 117 3.93 -6.86 -19.78
C LYS A 117 5.34 -7.41 -19.78
N LYS A 118 5.87 -7.69 -20.96
CA LYS A 118 7.22 -8.22 -21.09
C LYS A 118 8.25 -7.17 -20.71
N LYS A 119 8.85 -7.35 -19.54
CA LYS A 119 9.84 -6.43 -19.04
C LYS A 119 11.13 -7.17 -18.72
N GLU B 1 20.74 12.59 13.91
CA GLU B 1 19.86 11.52 13.33
C GLU B 1 18.42 12.01 13.17
N GLU B 2 17.98 12.85 14.11
CA GLU B 2 16.62 13.39 14.12
C GLU B 2 16.25 14.05 12.79
N GLU B 3 17.14 14.90 12.28
CA GLU B 3 16.90 15.60 11.03
C GLU B 3 16.76 14.60 9.88
N ILE B 4 17.59 13.57 9.87
CA ILE B 4 17.54 12.55 8.83
C ILE B 4 16.18 11.85 8.87
N ARG B 5 15.74 11.49 10.07
CA ARG B 5 14.46 10.82 10.25
C ARG B 5 13.31 11.72 9.82
N GLU B 6 13.41 13.00 10.17
CA GLU B 6 12.38 13.97 9.82
C GLU B 6 12.32 14.17 8.30
N ALA B 7 13.49 14.16 7.67
CA ALA B 7 13.58 14.32 6.21
C ALA B 7 12.81 13.22 5.50
N PHE B 8 12.95 12.00 6.02
CA PHE B 8 12.25 10.85 5.45
C PHE B 8 10.75 10.99 5.66
N ARG B 9 10.38 11.59 6.79
CA ARG B 9 8.98 11.80 7.13
C ARG B 9 8.33 12.83 6.20
N VAL B 10 9.15 13.69 5.61
CA VAL B 10 8.64 14.70 4.69
C VAL B 10 8.07 14.03 3.45
N PHE B 11 8.71 12.94 3.04
CA PHE B 11 8.27 12.19 1.86
C PHE B 11 7.09 11.30 2.19
N ASP B 12 6.83 11.12 3.49
CA ASP B 12 5.71 10.30 3.95
C ASP B 12 4.45 11.15 3.94
N LYS B 13 3.34 10.57 3.50
CA LYS B 13 2.08 11.29 3.43
C LYS B 13 1.07 10.74 4.43
N ASP B 14 1.56 10.03 5.43
CA ASP B 14 0.70 9.47 6.45
C ASP B 14 1.40 9.41 7.79
N GLY B 15 2.64 8.97 7.76
CA GLY B 15 3.42 8.84 8.97
C GLY B 15 3.56 7.38 9.35
N ASN B 16 4.12 6.60 8.43
CA ASN B 16 4.31 5.18 8.64
C ASN B 16 5.78 4.80 8.55
N GLY B 17 6.55 5.58 7.79
CA GLY B 17 7.96 5.32 7.64
C GLY B 17 8.23 4.29 6.56
N TYR B 18 7.32 4.18 5.61
CA TYR B 18 7.46 3.24 4.51
C TYR B 18 7.40 3.97 3.17
N ILE B 19 8.46 3.82 2.39
CA ILE B 19 8.55 4.45 1.07
C ILE B 19 9.15 3.47 0.08
N SER B 20 9.40 3.92 -1.14
CA SER B 20 9.96 3.06 -2.15
C SER B 20 11.38 3.51 -2.51
N ALA B 21 12.01 2.79 -3.43
CA ALA B 21 13.37 3.11 -3.86
C ALA B 21 13.43 4.47 -4.56
N ALA B 22 12.31 4.88 -5.13
CA ALA B 22 12.23 6.15 -5.83
C ALA B 22 12.48 7.31 -4.88
N GLU B 23 11.75 7.32 -3.76
CA GLU B 23 11.89 8.36 -2.76
C GLU B 23 13.22 8.22 -2.05
N LEU B 24 13.58 6.99 -1.71
CA LEU B 24 14.83 6.70 -1.01
C LEU B 24 16.04 7.27 -1.73
N ARG B 25 16.15 6.98 -3.02
CA ARG B 25 17.27 7.46 -3.83
C ARG B 25 17.28 8.98 -3.90
N HIS B 26 16.10 9.59 -3.78
CA HIS B 26 15.97 11.03 -3.83
C HIS B 26 16.33 11.68 -2.50
N VAL B 27 15.96 11.04 -1.39
CA VAL B 27 16.26 11.56 -0.07
C VAL B 27 17.77 11.60 0.15
N MET B 28 18.45 10.53 -0.25
CA MET B 28 19.89 10.43 -0.10
C MET B 28 20.60 11.59 -0.80
N THR B 29 20.13 11.94 -1.98
CA THR B 29 20.72 13.03 -2.74
C THR B 29 20.32 14.39 -2.18
N ASN B 30 19.09 14.49 -1.68
CA ASN B 30 18.59 15.74 -1.11
C ASN B 30 19.33 16.10 0.17
N LEU B 31 19.90 15.09 0.82
CA LEU B 31 20.66 15.31 2.04
C LEU B 31 22.04 15.86 1.72
N GLY B 32 22.38 15.86 0.43
CA GLY B 32 23.66 16.36 -0.01
C GLY B 32 24.77 15.36 0.19
N GLU B 33 24.40 14.09 0.27
CA GLU B 33 25.37 13.02 0.46
C GLU B 33 26.09 12.72 -0.85
N LYS B 34 27.41 12.61 -0.78
CA LYS B 34 28.22 12.32 -1.96
C LYS B 34 28.37 10.82 -2.15
N LEU B 35 27.25 10.14 -2.29
CA LEU B 35 27.25 8.70 -2.48
C LEU B 35 27.01 8.38 -3.94
N THR B 36 27.95 7.67 -4.55
CA THR B 36 27.85 7.30 -5.95
C THR B 36 26.63 6.41 -6.20
N ASP B 37 26.09 6.48 -7.42
CA ASP B 37 24.91 5.69 -7.79
C ASP B 37 25.13 4.21 -7.54
N GLU B 38 26.35 3.73 -7.76
CA GLU B 38 26.69 2.33 -7.54
C GLU B 38 26.48 1.94 -6.09
N GLU B 39 26.94 2.79 -5.18
CA GLU B 39 26.79 2.53 -3.74
C GLU B 39 25.32 2.44 -3.36
N VAL B 40 24.53 3.35 -3.90
CA VAL B 40 23.10 3.39 -3.63
C VAL B 40 22.44 2.12 -4.17
N ASP B 41 22.82 1.73 -5.39
CA ASP B 41 22.27 0.54 -6.02
C ASP B 41 22.66 -0.71 -5.25
N GLU B 42 23.89 -0.72 -4.72
CA GLU B 42 24.36 -1.85 -3.94
C GLU B 42 23.54 -2.00 -2.67
N MET B 43 23.19 -0.87 -2.06
CA MET B 43 22.37 -0.88 -0.86
C MET B 43 20.99 -1.44 -1.17
N ILE B 44 20.49 -1.15 -2.38
CA ILE B 44 19.20 -1.63 -2.82
C ILE B 44 19.22 -3.16 -2.95
N ARG B 45 20.41 -3.68 -3.24
CA ARG B 45 20.60 -5.12 -3.40
C ARG B 45 20.73 -5.79 -2.03
N GLU B 46 21.31 -5.07 -1.07
CA GLU B 46 21.50 -5.56 0.28
C GLU B 46 20.16 -5.73 0.98
N ALA B 47 19.24 -4.81 0.70
CA ALA B 47 17.92 -4.84 1.30
C ALA B 47 16.90 -5.46 0.34
N ASP B 48 15.69 -5.67 0.81
CA ASP B 48 14.63 -6.26 0.00
C ASP B 48 13.71 -5.17 -0.53
N ILE B 49 14.13 -4.53 -1.62
CA ILE B 49 13.35 -3.46 -2.22
C ILE B 49 12.67 -3.91 -3.52
N ASP B 50 13.44 -3.94 -4.61
CA ASP B 50 12.89 -4.32 -5.91
C ASP B 50 12.50 -5.79 -5.92
N GLY B 51 11.27 -6.05 -6.36
CA GLY B 51 10.78 -7.41 -6.40
C GLY B 51 10.05 -7.78 -5.13
N ASP B 52 10.07 -6.88 -4.16
CA ASP B 52 9.40 -7.12 -2.89
C ASP B 52 8.22 -6.15 -2.70
N GLY B 53 8.47 -5.00 -2.09
CA GLY B 53 7.41 -4.04 -1.88
C GLY B 53 7.86 -2.75 -1.23
N GLN B 54 7.38 -2.50 -0.02
CA GLN B 54 7.71 -1.29 0.71
C GLN B 54 9.08 -1.35 1.37
N VAL B 55 9.65 -0.18 1.65
CA VAL B 55 10.95 -0.09 2.28
C VAL B 55 10.88 0.77 3.54
N ASN B 56 11.39 0.24 4.64
CA ASN B 56 11.40 0.98 5.90
C ASN B 56 12.72 1.73 6.07
N TYR B 57 12.62 3.06 6.17
CA TYR B 57 13.80 3.92 6.30
C TYR B 57 14.64 3.62 7.54
N GLU B 58 14.03 3.03 8.56
CA GLU B 58 14.73 2.73 9.80
C GLU B 58 15.94 1.82 9.59
N GLU B 59 15.82 0.86 8.68
CA GLU B 59 16.92 -0.07 8.41
C GLU B 59 18.12 0.68 7.85
N PHE B 60 17.87 1.66 7.01
CA PHE B 60 18.94 2.44 6.40
C PHE B 60 19.52 3.43 7.42
N VAL B 61 18.67 3.99 8.25
CA VAL B 61 19.10 4.94 9.27
C VAL B 61 20.09 4.29 10.24
N GLN B 62 19.73 3.13 10.74
CA GLN B 62 20.58 2.40 11.67
C GLN B 62 21.89 1.98 11.01
N MET B 63 21.80 1.55 9.76
CA MET B 63 22.99 1.13 9.02
C MET B 63 23.92 2.31 8.77
N MET B 64 23.35 3.45 8.43
CA MET B 64 24.13 4.67 8.16
C MET B 64 24.82 5.18 9.41
N THR B 65 24.23 4.92 10.57
CA THR B 65 24.81 5.37 11.83
C THR B 65 25.77 4.32 12.40
N ALA B 66 25.86 3.19 11.73
CA ALA B 66 26.73 2.11 12.17
C ALA B 66 27.93 1.97 11.23
N LYS B 67 28.08 2.95 10.35
CA LYS B 67 29.18 2.96 9.40
C LYS B 67 29.94 4.27 9.50
N GLY A 1 5.27 14.49 -12.27
CA GLY A 1 6.11 14.35 -11.06
C GLY A 1 5.29 13.94 -9.85
N PRO A 2 5.71 12.90 -9.11
CA PRO A 2 5.00 12.42 -7.93
C PRO A 2 5.22 13.34 -6.72
N LEU A 3 4.23 14.17 -6.45
CA LEU A 3 4.31 15.10 -5.33
C LEU A 3 3.86 14.44 -4.02
N GLY A 4 2.86 13.59 -4.12
CA GLY A 4 2.35 12.92 -2.94
C GLY A 4 2.61 11.43 -2.95
N SER A 5 2.71 10.83 -1.77
CA SER A 5 2.96 9.41 -1.64
C SER A 5 1.76 8.57 -2.09
N LYS A 6 0.65 8.70 -1.37
CA LYS A 6 -0.57 7.95 -1.69
C LYS A 6 -1.16 8.38 -3.03
N ASN A 7 -0.64 9.46 -3.60
CA ASN A 7 -1.12 9.96 -4.87
C ASN A 7 -0.94 8.90 -5.96
N MET A 8 0.15 8.15 -5.86
CA MET A 8 0.45 7.09 -6.81
C MET A 8 -0.56 5.96 -6.67
N LEU A 9 -0.82 5.56 -5.44
CA LEU A 9 -1.77 4.48 -5.16
C LEU A 9 -3.19 4.92 -5.49
N LEU A 10 -3.49 6.19 -5.24
CA LEU A 10 -4.80 6.74 -5.52
C LEU A 10 -5.10 6.65 -7.01
N GLU A 11 -4.15 7.10 -7.83
CA GLU A 11 -4.30 7.05 -9.27
C GLU A 11 -4.44 5.60 -9.73
N TRP A 12 -3.63 4.73 -9.14
CA TRP A 12 -3.61 3.32 -9.46
C TRP A 12 -4.98 2.67 -9.21
N CYS A 13 -5.49 2.79 -7.99
CA CYS A 13 -6.78 2.20 -7.64
C CYS A 13 -7.92 2.86 -8.40
N ARG A 14 -7.80 4.16 -8.65
CA ARG A 14 -8.83 4.89 -9.38
C ARG A 14 -8.94 4.39 -10.82
N ALA A 15 -7.80 4.17 -11.45
CA ALA A 15 -7.77 3.68 -12.83
C ALA A 15 -8.18 2.22 -12.91
N MET A 16 -7.80 1.45 -11.89
CA MET A 16 -8.13 0.03 -11.84
C MET A 16 -9.63 -0.18 -11.66
N THR A 17 -10.20 0.51 -10.68
CA THR A 17 -11.62 0.39 -10.40
C THR A 17 -12.45 1.35 -11.26
N ARG A 18 -11.79 1.99 -12.23
CA ARG A 18 -12.46 2.94 -13.12
C ARG A 18 -13.44 2.22 -14.04
N ASN A 19 -13.18 0.94 -14.25
CA ASN A 19 -14.01 0.11 -15.11
C ASN A 19 -15.11 -0.56 -14.30
N TYR A 20 -15.20 -0.18 -13.04
CA TYR A 20 -16.20 -0.75 -12.15
C TYR A 20 -17.27 0.28 -11.81
N GLU A 21 -18.50 -0.04 -12.10
CA GLU A 21 -19.62 0.86 -11.84
C GLU A 21 -20.07 0.78 -10.39
N HIS A 22 -20.67 1.89 -9.91
CA HIS A 22 -21.17 1.98 -8.54
C HIS A 22 -20.01 2.07 -7.53
N VAL A 23 -18.80 2.19 -8.04
CA VAL A 23 -17.62 2.28 -7.20
C VAL A 23 -16.81 3.52 -7.56
N ASP A 24 -16.67 4.43 -6.61
CA ASP A 24 -15.90 5.66 -6.83
C ASP A 24 -14.97 5.92 -5.66
N ILE A 25 -13.67 5.86 -5.93
CA ILE A 25 -12.68 6.08 -4.89
C ILE A 25 -12.25 7.54 -4.86
N GLN A 26 -12.90 8.31 -4.01
CA GLN A 26 -12.59 9.72 -3.86
C GLN A 26 -11.50 9.87 -2.80
N ASN A 27 -11.57 9.03 -1.77
CA ASN A 27 -10.61 9.03 -0.68
C ASN A 27 -10.73 7.73 0.11
N PHE A 28 -9.70 7.39 0.87
CA PHE A 28 -9.69 6.17 1.65
C PHE A 28 -10.48 6.32 2.96
N SER A 29 -11.78 6.54 2.83
CA SER A 29 -12.64 6.69 3.99
C SER A 29 -14.10 6.40 3.65
N SER A 30 -14.78 7.39 3.06
CA SER A 30 -16.18 7.25 2.68
C SER A 30 -16.42 6.12 1.69
N SER A 31 -15.53 5.99 0.71
CA SER A 31 -15.64 4.94 -0.30
C SER A 31 -15.46 3.55 0.30
N TRP A 32 -14.94 3.49 1.52
CA TRP A 32 -14.70 2.20 2.18
C TRP A 32 -15.68 1.98 3.32
N SER A 33 -16.64 2.91 3.46
CA SER A 33 -17.63 2.80 4.51
C SER A 33 -18.65 1.70 4.17
N SER A 34 -18.88 1.53 2.87
CA SER A 34 -19.79 0.50 2.40
C SER A 34 -19.14 -0.87 2.47
N GLY A 35 -17.82 -0.88 2.28
CA GLY A 35 -17.07 -2.12 2.33
C GLY A 35 -16.98 -2.81 1.00
N MET A 36 -17.89 -2.48 0.09
CA MET A 36 -17.94 -3.10 -1.23
C MET A 36 -16.65 -2.85 -2.01
N ALA A 37 -16.01 -1.70 -1.75
CA ALA A 37 -14.78 -1.33 -2.43
C ALA A 37 -13.68 -2.36 -2.16
N PHE A 38 -13.68 -2.94 -0.96
CA PHE A 38 -12.69 -3.95 -0.59
C PHE A 38 -12.85 -5.19 -1.45
N CYS A 39 -14.08 -5.68 -1.52
CA CYS A 39 -14.38 -6.87 -2.31
C CYS A 39 -14.11 -6.65 -3.78
N ALA A 40 -14.41 -5.45 -4.27
CA ALA A 40 -14.18 -5.12 -5.68
C ALA A 40 -12.69 -5.21 -6.01
N LEU A 41 -11.86 -4.64 -5.15
CA LEU A 41 -10.42 -4.65 -5.34
C LEU A 41 -9.87 -6.07 -5.23
N ILE A 42 -10.32 -6.81 -4.22
CA ILE A 42 -9.87 -8.19 -4.02
C ILE A 42 -10.28 -9.08 -5.20
N HIS A 43 -11.51 -8.91 -5.67
CA HIS A 43 -12.01 -9.70 -6.79
C HIS A 43 -11.29 -9.37 -8.09
N LYS A 44 -10.71 -8.17 -8.15
CA LYS A 44 -9.98 -7.74 -9.33
C LYS A 44 -8.78 -8.64 -9.56
N PHE A 45 -8.12 -9.02 -8.47
CA PHE A 45 -6.94 -9.88 -8.55
C PHE A 45 -7.31 -11.34 -8.38
N PHE A 46 -8.30 -11.61 -7.52
CA PHE A 46 -8.74 -12.97 -7.27
C PHE A 46 -10.15 -13.19 -7.82
N PRO A 47 -10.26 -13.77 -9.02
CA PRO A 47 -11.55 -14.04 -9.66
C PRO A 47 -12.31 -15.15 -8.96
N GLU A 48 -11.58 -16.13 -8.44
CA GLU A 48 -12.18 -17.28 -7.76
C GLU A 48 -12.43 -16.99 -6.28
N ALA A 49 -12.34 -15.74 -5.89
CA ALA A 49 -12.56 -15.35 -4.51
C ALA A 49 -14.05 -15.36 -4.16
N PHE A 50 -14.81 -14.52 -4.85
CA PHE A 50 -16.25 -14.41 -4.62
C PHE A 50 -16.89 -13.61 -5.74
N ASP A 51 -18.19 -13.81 -5.94
CA ASP A 51 -18.91 -13.09 -6.99
C ASP A 51 -19.43 -11.76 -6.45
N TYR A 52 -19.06 -10.68 -7.11
CA TYR A 52 -19.46 -9.34 -6.70
C TYR A 52 -20.96 -9.11 -6.87
N ALA A 53 -21.58 -9.88 -7.75
CA ALA A 53 -23.01 -9.75 -8.01
C ALA A 53 -23.82 -10.43 -6.91
N GLU A 54 -23.14 -11.24 -6.10
CA GLU A 54 -23.79 -11.94 -5.00
C GLU A 54 -23.56 -11.21 -3.68
N LEU A 55 -23.01 -10.01 -3.79
CA LEU A 55 -22.73 -9.19 -2.61
C LEU A 55 -23.64 -7.98 -2.56
N ASP A 56 -24.39 -7.87 -1.47
CA ASP A 56 -25.30 -6.76 -1.28
C ASP A 56 -24.79 -5.83 -0.18
N PRO A 57 -25.07 -4.52 -0.28
CA PRO A 57 -24.63 -3.54 0.72
C PRO A 57 -25.25 -3.78 2.08
N ALA A 58 -26.35 -4.52 2.10
CA ALA A 58 -27.04 -4.83 3.34
C ALA A 58 -26.28 -5.89 4.14
N LYS A 59 -25.31 -6.51 3.49
CA LYS A 59 -24.49 -7.53 4.12
C LYS A 59 -23.07 -7.01 4.34
N ARG A 60 -22.97 -5.75 4.75
CA ARG A 60 -21.68 -5.12 4.99
C ARG A 60 -20.83 -5.89 6.00
N ARG A 61 -21.50 -6.54 6.95
CA ARG A 61 -20.81 -7.31 7.98
C ARG A 61 -20.11 -8.52 7.36
N HIS A 62 -20.87 -9.31 6.60
CA HIS A 62 -20.32 -10.50 5.96
C HIS A 62 -19.40 -10.14 4.81
N ASN A 63 -19.58 -8.93 4.29
CA ASN A 63 -18.76 -8.41 3.21
C ASN A 63 -17.31 -8.28 3.66
N PHE A 64 -17.12 -7.64 4.81
CA PHE A 64 -15.78 -7.42 5.35
C PHE A 64 -15.11 -8.75 5.71
N THR A 65 -15.87 -9.64 6.35
CA THR A 65 -15.35 -10.94 6.74
C THR A 65 -14.91 -11.74 5.52
N LEU A 66 -15.78 -11.79 4.52
CA LEU A 66 -15.50 -12.53 3.30
C LEU A 66 -14.24 -12.00 2.62
N ALA A 67 -14.13 -10.69 2.50
CA ALA A 67 -12.99 -10.06 1.87
C ALA A 67 -11.68 -10.41 2.58
N PHE A 68 -11.58 -10.04 3.86
CA PHE A 68 -10.39 -10.28 4.65
C PHE A 68 -10.04 -11.77 4.76
N SER A 69 -11.05 -12.59 5.03
CA SER A 69 -10.84 -14.02 5.17
C SER A 69 -10.28 -14.65 3.90
N THR A 70 -10.73 -14.17 2.75
CA THR A 70 -10.26 -14.69 1.48
C THR A 70 -8.88 -14.11 1.13
N ALA A 71 -8.69 -12.84 1.46
CA ALA A 71 -7.43 -12.16 1.20
C ALA A 71 -6.31 -12.84 2.02
N GLU A 72 -6.57 -13.00 3.30
CA GLU A 72 -5.62 -13.64 4.20
C GLU A 72 -5.67 -15.17 4.06
N LYS A 73 -6.08 -15.61 2.88
CA LYS A 73 -6.17 -17.03 2.58
C LYS A 73 -5.42 -17.32 1.29
N LEU A 74 -5.76 -16.58 0.23
CA LEU A 74 -5.12 -16.76 -1.06
C LEU A 74 -3.85 -15.92 -1.19
N ALA A 75 -3.74 -14.88 -0.36
CA ALA A 75 -2.57 -14.01 -0.41
C ALA A 75 -1.86 -13.93 0.94
N ASP A 76 -2.65 -13.95 2.01
CA ASP A 76 -2.13 -13.88 3.38
C ASP A 76 -1.56 -12.48 3.67
N CYS A 77 -2.46 -11.52 3.88
CA CYS A 77 -2.05 -10.16 4.15
C CYS A 77 -2.02 -9.89 5.66
N ALA A 78 -1.89 -8.63 6.02
CA ALA A 78 -1.84 -8.23 7.43
C ALA A 78 -3.20 -7.68 7.86
N GLN A 79 -3.74 -8.26 8.93
CA GLN A 79 -5.03 -7.84 9.46
C GLN A 79 -4.94 -6.51 10.21
N LEU A 80 -4.77 -5.43 9.46
CA LEU A 80 -4.64 -4.10 10.04
C LEU A 80 -6.01 -3.47 10.29
N LEU A 81 -7.06 -4.17 9.89
CA LEU A 81 -8.42 -3.68 10.08
C LEU A 81 -9.34 -4.83 10.49
N GLU A 82 -10.17 -4.57 11.49
CA GLU A 82 -11.10 -5.59 11.97
C GLU A 82 -12.46 -5.42 11.33
N VAL A 83 -13.12 -6.53 11.07
CA VAL A 83 -14.45 -6.53 10.47
C VAL A 83 -15.43 -5.81 11.37
N ASP A 84 -15.43 -6.18 12.65
CA ASP A 84 -16.31 -5.57 13.63
C ASP A 84 -15.97 -4.08 13.80
N ASP A 85 -14.69 -3.79 13.86
CA ASP A 85 -14.20 -2.42 14.02
C ASP A 85 -14.67 -1.50 12.89
N MET A 86 -14.45 -1.93 11.65
CA MET A 86 -14.84 -1.14 10.49
C MET A 86 -16.34 -0.89 10.44
N VAL A 87 -17.13 -1.91 10.77
CA VAL A 87 -18.58 -1.77 10.76
C VAL A 87 -19.05 -0.89 11.92
N ARG A 88 -18.42 -1.06 13.08
CA ARG A 88 -18.77 -0.30 14.27
C ARG A 88 -18.46 1.19 14.10
N LEU A 89 -17.27 1.50 13.62
CA LEU A 89 -16.86 2.88 13.43
C LEU A 89 -17.45 3.46 12.15
N ALA A 90 -17.78 2.58 11.20
CA ALA A 90 -18.37 2.97 9.91
C ALA A 90 -17.33 3.61 8.98
N VAL A 91 -16.67 4.65 9.46
CA VAL A 91 -15.65 5.34 8.69
C VAL A 91 -14.27 4.99 9.24
N PRO A 92 -13.47 4.26 8.45
CA PRO A 92 -12.13 3.87 8.86
C PRO A 92 -11.14 5.02 8.74
N ASP A 93 -9.88 4.74 9.03
CA ASP A 93 -8.82 5.74 8.94
C ASP A 93 -8.00 5.51 7.69
N SER A 94 -7.84 6.56 6.89
CA SER A 94 -7.08 6.49 5.64
C SER A 94 -5.65 6.01 5.89
N LYS A 95 -5.13 6.30 7.07
CA LYS A 95 -3.78 5.90 7.43
C LYS A 95 -3.64 4.39 7.48
N CYS A 96 -4.69 3.71 7.93
CA CYS A 96 -4.69 2.26 8.03
C CYS A 96 -4.90 1.62 6.67
N VAL A 97 -5.78 2.22 5.87
CA VAL A 97 -6.08 1.71 4.53
C VAL A 97 -4.84 1.76 3.66
N TYR A 98 -4.08 2.84 3.78
CA TYR A 98 -2.85 3.02 3.00
C TYR A 98 -1.89 1.87 3.24
N THR A 99 -1.75 1.45 4.49
CA THR A 99 -0.85 0.36 4.85
C THR A 99 -1.29 -0.96 4.20
N TYR A 100 -2.58 -1.24 4.24
CA TYR A 100 -3.10 -2.48 3.66
C TYR A 100 -2.87 -2.53 2.15
N ILE A 101 -3.09 -1.40 1.49
CA ILE A 101 -2.90 -1.31 0.05
C ILE A 101 -1.42 -1.51 -0.29
N GLN A 102 -0.55 -0.96 0.55
CA GLN A 102 0.89 -1.07 0.37
C GLN A 102 1.33 -2.53 0.46
N GLU A 103 0.79 -3.24 1.44
CA GLU A 103 1.11 -4.66 1.65
C GLU A 103 0.63 -5.48 0.47
N LEU A 104 -0.59 -5.20 0.03
CA LEU A 104 -1.19 -5.89 -1.10
C LEU A 104 -0.40 -5.65 -2.37
N TYR A 105 -0.01 -4.40 -2.58
CA TYR A 105 0.76 -4.02 -3.77
C TYR A 105 2.05 -4.83 -3.86
N ARG A 106 2.70 -5.03 -2.72
CA ARG A 106 3.93 -5.79 -2.67
C ARG A 106 3.72 -7.21 -3.20
N SER A 107 2.65 -7.84 -2.75
CA SER A 107 2.33 -9.20 -3.18
C SER A 107 2.02 -9.25 -4.67
N LEU A 108 1.46 -8.16 -5.20
CA LEU A 108 1.12 -8.10 -6.61
C LEU A 108 2.38 -8.01 -7.46
N VAL A 109 3.36 -7.27 -6.97
CA VAL A 109 4.62 -7.10 -7.69
C VAL A 109 5.41 -8.40 -7.75
N GLN A 110 5.61 -9.05 -6.60
CA GLN A 110 6.35 -10.30 -6.56
C GLN A 110 5.67 -11.40 -7.37
N LYS A 111 4.35 -11.42 -7.37
CA LYS A 111 3.61 -12.42 -8.12
C LYS A 111 3.71 -12.14 -9.62
N GLY A 112 3.80 -10.86 -9.97
CA GLY A 112 3.91 -10.48 -11.36
C GLY A 112 2.57 -10.15 -11.97
N LEU A 113 1.57 -9.91 -11.13
CA LEU A 113 0.23 -9.59 -11.58
C LEU A 113 0.19 -8.22 -12.23
N VAL A 114 1.10 -7.35 -11.82
CA VAL A 114 1.20 -6.00 -12.37
C VAL A 114 1.66 -6.04 -13.83
N LYS A 115 2.45 -7.04 -14.17
CA LYS A 115 2.96 -7.19 -15.52
C LYS A 115 2.13 -8.18 -16.32
N THR A 116 0.82 -7.99 -16.32
CA THR A 116 -0.09 -8.87 -17.05
C THR A 116 -0.39 -8.32 -18.44
N LYS A 117 -0.37 -7.00 -18.58
CA LYS A 117 -0.65 -6.36 -19.85
C LYS A 117 -0.03 -4.98 -19.90
N LYS A 118 0.55 -4.64 -21.03
CA LYS A 118 1.19 -3.35 -21.21
C LYS A 118 0.94 -2.82 -22.62
N LYS A 119 1.27 -1.57 -22.85
CA LYS A 119 1.08 -0.95 -24.15
C LYS A 119 2.42 -0.57 -24.76
N GLU B 1 19.66 13.17 14.09
CA GLU B 1 19.22 12.67 12.75
C GLU B 1 17.80 13.13 12.40
N GLU B 2 17.28 14.08 13.16
CA GLU B 2 15.93 14.60 12.92
C GLU B 2 15.84 15.26 11.55
N GLU B 3 16.97 15.77 11.07
CA GLU B 3 17.03 16.42 9.77
C GLU B 3 16.76 15.39 8.68
N ILE B 4 17.36 14.22 8.84
CA ILE B 4 17.19 13.13 7.90
C ILE B 4 15.75 12.63 7.94
N ARG B 5 15.21 12.54 9.15
CA ARG B 5 13.84 12.10 9.35
C ARG B 5 12.86 13.08 8.68
N GLU B 6 13.17 14.36 8.80
CA GLU B 6 12.35 15.41 8.20
C GLU B 6 12.38 15.31 6.68
N ALA B 7 13.57 15.10 6.13
CA ALA B 7 13.75 14.97 4.69
C ALA B 7 12.92 13.82 4.13
N PHE B 8 12.92 12.70 4.85
CA PHE B 8 12.15 11.53 4.43
C PHE B 8 10.65 11.82 4.53
N ARG B 9 10.27 12.59 5.54
CA ARG B 9 8.88 12.93 5.76
C ARG B 9 8.33 13.82 4.64
N VAL B 10 9.24 14.50 3.94
CA VAL B 10 8.84 15.37 2.83
C VAL B 10 8.24 14.52 1.71
N PHE B 11 8.77 13.31 1.56
CA PHE B 11 8.28 12.38 0.56
C PHE B 11 7.09 11.61 1.12
N ASP B 12 7.19 11.26 2.39
CA ASP B 12 6.11 10.54 3.07
C ASP B 12 5.04 11.54 3.48
N LYS B 13 4.14 11.84 2.57
CA LYS B 13 3.08 12.80 2.83
C LYS B 13 1.84 12.10 3.39
N ASP B 14 2.07 10.99 4.06
CA ASP B 14 1.00 10.22 4.68
C ASP B 14 1.30 9.99 6.15
N GLY B 15 2.58 9.78 6.45
CA GLY B 15 3.01 9.56 7.82
C GLY B 15 2.97 8.10 8.20
N ASN B 16 3.42 7.25 7.30
CA ASN B 16 3.42 5.81 7.56
C ASN B 16 4.84 5.25 7.62
N GLY B 17 5.81 6.04 7.18
CA GLY B 17 7.18 5.61 7.20
C GLY B 17 7.60 4.85 5.96
N TYR B 18 6.66 4.66 5.05
CA TYR B 18 6.93 3.92 3.82
C TYR B 18 7.04 4.83 2.61
N ILE B 19 8.16 4.72 1.91
CA ILE B 19 8.42 5.51 0.71
C ILE B 19 9.00 4.65 -0.40
N SER B 20 9.14 5.22 -1.59
CA SER B 20 9.69 4.50 -2.73
C SER B 20 11.22 4.47 -2.68
N ALA B 21 11.80 3.41 -3.26
CA ALA B 21 13.26 3.24 -3.27
C ALA B 21 13.94 4.33 -4.09
N ALA B 22 13.33 4.68 -5.23
CA ALA B 22 13.87 5.71 -6.10
C ALA B 22 13.98 7.05 -5.35
N GLU B 23 12.95 7.34 -4.57
CA GLU B 23 12.91 8.57 -3.79
C GLU B 23 13.95 8.52 -2.68
N LEU B 24 14.08 7.36 -2.05
CA LEU B 24 15.03 7.14 -0.97
C LEU B 24 16.45 7.48 -1.43
N ARG B 25 16.82 6.98 -2.60
CA ARG B 25 18.15 7.23 -3.15
C ARG B 25 18.36 8.71 -3.42
N HIS B 26 17.29 9.39 -3.80
CA HIS B 26 17.34 10.81 -4.09
C HIS B 26 17.61 11.62 -2.81
N VAL B 27 17.08 11.14 -1.70
CA VAL B 27 17.28 11.81 -0.42
C VAL B 27 18.74 11.68 0.02
N MET B 28 19.27 10.47 -0.07
CA MET B 28 20.64 10.20 0.33
C MET B 28 21.64 11.06 -0.44
N THR B 29 21.43 11.20 -1.74
CA THR B 29 22.32 11.99 -2.57
C THR B 29 22.12 13.49 -2.31
N ASN B 30 20.86 13.88 -2.07
CA ASN B 30 20.54 15.28 -1.79
C ASN B 30 21.18 15.74 -0.48
N LEU B 31 21.15 14.86 0.52
CA LEU B 31 21.72 15.15 1.83
C LEU B 31 23.21 15.46 1.72
N GLY B 32 23.86 14.87 0.72
CA GLY B 32 25.28 15.10 0.53
C GLY B 32 26.13 13.98 1.10
N GLU B 33 25.53 12.80 1.24
CA GLU B 33 26.25 11.65 1.78
C GLU B 33 27.40 11.27 0.87
N LYS B 34 28.52 10.91 1.46
CA LYS B 34 29.71 10.53 0.70
C LYS B 34 29.60 9.10 0.18
N LEU B 35 28.51 8.42 0.54
CA LEU B 35 28.28 7.06 0.12
C LEU B 35 28.17 6.99 -1.40
N THR B 36 29.00 6.14 -2.00
CA THR B 36 29.01 6.00 -3.45
C THR B 36 27.87 5.11 -3.93
N ASP B 37 27.54 5.21 -5.21
CA ASP B 37 26.45 4.42 -5.80
C ASP B 37 26.61 2.92 -5.55
N GLU B 38 27.84 2.44 -5.62
CA GLU B 38 28.11 1.03 -5.39
C GLU B 38 27.73 0.64 -3.96
N GLU B 39 28.09 1.47 -3.01
CA GLU B 39 27.77 1.24 -1.60
C GLU B 39 26.26 1.30 -1.39
N VAL B 40 25.62 2.26 -2.04
CA VAL B 40 24.17 2.42 -1.93
C VAL B 40 23.43 1.22 -2.54
N ASP B 41 23.86 0.82 -3.73
CA ASP B 41 23.22 -0.31 -4.42
C ASP B 41 23.32 -1.59 -3.59
N GLU B 42 24.47 -1.79 -2.95
CA GLU B 42 24.68 -2.96 -2.11
C GLU B 42 23.69 -2.97 -0.94
N MET B 43 23.36 -1.78 -0.43
CA MET B 43 22.42 -1.66 0.67
C MET B 43 21.02 -2.02 0.20
N ILE B 44 20.71 -1.65 -1.03
CA ILE B 44 19.41 -1.94 -1.63
C ILE B 44 19.25 -3.46 -1.76
N ARG B 45 20.36 -4.13 -2.02
CA ARG B 45 20.37 -5.58 -2.17
C ARG B 45 20.27 -6.28 -0.81
N GLU B 46 20.45 -5.50 0.25
CA GLU B 46 20.39 -6.04 1.61
C GLU B 46 18.97 -6.00 2.17
N ALA B 47 18.19 -5.02 1.72
CA ALA B 47 16.82 -4.87 2.19
C ALA B 47 15.82 -5.43 1.18
N ASP B 48 14.61 -5.71 1.65
CA ASP B 48 13.57 -6.25 0.80
C ASP B 48 12.85 -5.13 0.05
N ILE B 49 13.39 -4.80 -1.12
CA ILE B 49 12.82 -3.73 -1.94
C ILE B 49 12.42 -4.25 -3.32
N ASP B 50 13.42 -4.72 -4.06
CA ASP B 50 13.20 -5.24 -5.42
C ASP B 50 12.33 -6.48 -5.41
N GLY B 51 11.21 -6.42 -6.11
CA GLY B 51 10.30 -7.55 -6.16
C GLY B 51 9.18 -7.40 -5.16
N ASP B 52 9.28 -6.39 -4.32
CA ASP B 52 8.27 -6.16 -3.31
C ASP B 52 7.54 -4.84 -3.55
N GLY B 53 8.17 -3.74 -3.16
CA GLY B 53 7.56 -2.44 -3.35
C GLY B 53 8.16 -1.37 -2.48
N GLN B 54 7.32 -0.56 -1.88
CA GLN B 54 7.77 0.52 -1.01
C GLN B 54 8.43 -0.03 0.25
N VAL B 55 9.36 0.72 0.80
CA VAL B 55 10.07 0.31 2.01
C VAL B 55 9.99 1.39 3.07
N ASN B 56 10.21 1.01 4.31
CA ASN B 56 10.18 1.95 5.41
C ASN B 56 11.55 2.58 5.61
N TYR B 57 11.59 3.90 5.60
CA TYR B 57 12.85 4.63 5.76
C TYR B 57 13.42 4.50 7.16
N GLU B 58 12.59 4.07 8.10
CA GLU B 58 13.00 3.91 9.49
C GLU B 58 14.17 2.95 9.62
N GLU B 59 14.13 1.86 8.86
CA GLU B 59 15.20 0.86 8.88
C GLU B 59 16.51 1.47 8.38
N PHE B 60 16.41 2.27 7.33
CA PHE B 60 17.58 2.92 6.75
C PHE B 60 18.17 3.93 7.71
N VAL B 61 17.32 4.66 8.42
CA VAL B 61 17.76 5.65 9.39
C VAL B 61 18.58 4.97 10.48
N GLN B 62 18.04 3.88 11.02
CA GLN B 62 18.70 3.12 12.07
C GLN B 62 20.09 2.68 11.65
N MET B 63 20.20 2.12 10.45
CA MET B 63 21.46 1.65 9.93
C MET B 63 22.46 2.80 9.75
N MET B 64 21.96 3.94 9.27
CA MET B 64 22.80 5.11 9.04
C MET B 64 23.43 5.65 10.32
N THR B 65 22.65 5.68 11.40
CA THR B 65 23.13 6.17 12.68
C THR B 65 24.00 5.13 13.38
N ALA B 66 23.65 3.86 13.19
CA ALA B 66 24.39 2.76 13.80
C ALA B 66 25.78 2.63 13.20
N LYS B 67 25.83 2.60 11.88
CA LYS B 67 27.11 2.48 11.18
C LYS B 67 27.42 3.74 10.40
N GLY A 1 6.76 14.98 -1.47
CA GLY A 1 7.37 13.91 -2.29
C GLY A 1 6.96 14.02 -3.74
N PRO A 2 7.77 13.49 -4.67
CA PRO A 2 7.48 13.54 -6.11
C PRO A 2 6.17 12.84 -6.46
N LEU A 3 6.18 11.51 -6.43
CA LEU A 3 4.98 10.73 -6.74
C LEU A 3 4.05 10.69 -5.54
N GLY A 4 4.58 10.24 -4.41
CA GLY A 4 3.80 10.15 -3.20
C GLY A 4 3.20 8.77 -3.04
N SER A 5 3.56 8.11 -1.94
CA SER A 5 3.07 6.75 -1.66
C SER A 5 1.55 6.67 -1.67
N LYS A 6 0.91 7.44 -0.80
CA LYS A 6 -0.54 7.48 -0.69
C LYS A 6 -1.19 7.90 -2.01
N ASN A 7 -0.55 8.85 -2.70
CA ASN A 7 -1.08 9.35 -3.96
C ASN A 7 -1.03 8.26 -5.03
N MET A 8 0.11 7.61 -5.16
CA MET A 8 0.29 6.55 -6.14
C MET A 8 -0.68 5.40 -5.88
N LEU A 9 -0.84 5.05 -4.61
CA LEU A 9 -1.75 3.97 -4.23
C LEU A 9 -3.19 4.32 -4.58
N LEU A 10 -3.55 5.59 -4.33
CA LEU A 10 -4.89 6.05 -4.63
C LEU A 10 -5.15 5.98 -6.13
N GLU A 11 -4.18 6.45 -6.91
CA GLU A 11 -4.28 6.44 -8.36
C GLU A 11 -4.36 5.00 -8.88
N TRP A 12 -3.50 4.15 -8.34
CA TRP A 12 -3.45 2.75 -8.71
C TRP A 12 -4.78 2.04 -8.44
N CYS A 13 -5.32 2.26 -7.24
CA CYS A 13 -6.60 1.65 -6.88
C CYS A 13 -7.72 2.13 -7.80
N ARG A 14 -7.88 3.44 -7.91
CA ARG A 14 -8.91 4.03 -8.75
C ARG A 14 -8.82 3.55 -10.20
N ALA A 15 -7.60 3.41 -10.70
CA ALA A 15 -7.37 2.98 -12.08
C ALA A 15 -8.00 1.62 -12.37
N MET A 16 -8.03 0.73 -11.38
CA MET A 16 -8.59 -0.59 -11.56
C MET A 16 -9.92 -0.78 -10.82
N THR A 17 -10.47 0.31 -10.30
CA THR A 17 -11.74 0.25 -9.59
C THR A 17 -12.78 1.15 -10.26
N ARG A 18 -12.30 2.03 -11.14
CA ARG A 18 -13.17 2.96 -11.87
C ARG A 18 -14.11 2.21 -12.81
N ASN A 19 -13.74 0.96 -13.11
CA ASN A 19 -14.53 0.12 -13.99
C ASN A 19 -15.73 -0.45 -13.24
N TYR A 20 -15.66 -0.38 -11.91
CA TYR A 20 -16.74 -0.87 -11.08
C TYR A 20 -17.73 0.26 -10.84
N GLU A 21 -18.92 0.11 -11.40
CA GLU A 21 -19.97 1.10 -11.28
C GLU A 21 -20.36 1.33 -9.82
N HIS A 22 -20.72 2.58 -9.50
CA HIS A 22 -21.14 2.97 -8.15
C HIS A 22 -19.95 3.17 -7.20
N VAL A 23 -18.79 2.68 -7.59
CA VAL A 23 -17.60 2.82 -6.76
C VAL A 23 -16.66 3.90 -7.27
N ASP A 24 -16.66 5.04 -6.60
CA ASP A 24 -15.80 6.14 -6.95
C ASP A 24 -14.87 6.48 -5.79
N ILE A 25 -13.62 6.05 -5.90
CA ILE A 25 -12.65 6.30 -4.84
C ILE A 25 -12.04 7.69 -4.97
N GLN A 26 -12.54 8.62 -4.17
CA GLN A 26 -12.04 9.99 -4.17
C GLN A 26 -11.29 10.27 -2.87
N ASN A 27 -11.42 9.36 -1.92
CA ASN A 27 -10.79 9.50 -0.62
C ASN A 27 -10.47 8.11 -0.04
N PHE A 28 -9.90 8.09 1.15
CA PHE A 28 -9.56 6.85 1.82
C PHE A 28 -10.41 6.66 3.06
N SER A 29 -11.67 7.08 2.98
CA SER A 29 -12.59 6.95 4.09
C SER A 29 -14.03 6.78 3.62
N SER A 30 -14.64 7.87 3.19
CA SER A 30 -16.03 7.88 2.73
C SER A 30 -16.31 6.86 1.62
N SER A 31 -15.39 6.73 0.69
CA SER A 31 -15.54 5.82 -0.44
C SER A 31 -15.40 4.36 0.00
N TRP A 32 -14.98 4.14 1.24
CA TRP A 32 -14.80 2.80 1.75
C TRP A 32 -15.84 2.46 2.80
N SER A 33 -16.79 3.36 3.00
CA SER A 33 -17.87 3.16 3.98
C SER A 33 -18.80 2.03 3.54
N SER A 34 -18.88 1.79 2.24
CA SER A 34 -19.72 0.73 1.71
C SER A 34 -18.99 -0.61 1.77
N GLY A 35 -17.66 -0.54 1.75
CA GLY A 35 -16.84 -1.73 1.80
C GLY A 35 -16.73 -2.39 0.43
N MET A 36 -17.46 -1.84 -0.53
CA MET A 36 -17.47 -2.37 -1.89
C MET A 36 -16.11 -2.17 -2.56
N ALA A 37 -15.36 -1.19 -2.10
CA ALA A 37 -14.04 -0.90 -2.66
C ALA A 37 -13.03 -1.96 -2.22
N PHE A 38 -13.22 -2.50 -1.03
CA PHE A 38 -12.33 -3.52 -0.49
C PHE A 38 -12.43 -4.81 -1.29
N CYS A 39 -13.65 -5.30 -1.45
CA CYS A 39 -13.88 -6.53 -2.20
C CYS A 39 -13.55 -6.36 -3.67
N ALA A 40 -13.75 -5.15 -4.19
CA ALA A 40 -13.46 -4.85 -5.59
C ALA A 40 -11.98 -5.08 -5.88
N LEU A 41 -11.12 -4.55 -5.01
CA LEU A 41 -9.68 -4.70 -5.17
C LEU A 41 -9.26 -6.16 -5.08
N ILE A 42 -9.84 -6.89 -4.12
CA ILE A 42 -9.54 -8.30 -3.94
C ILE A 42 -10.00 -9.10 -5.16
N HIS A 43 -11.19 -8.77 -5.66
CA HIS A 43 -11.76 -9.44 -6.82
C HIS A 43 -10.90 -9.20 -8.06
N LYS A 44 -10.29 -8.02 -8.12
CA LYS A 44 -9.44 -7.67 -9.25
C LYS A 44 -8.18 -8.52 -9.25
N PHE A 45 -7.69 -8.85 -8.07
CA PHE A 45 -6.49 -9.68 -7.94
C PHE A 45 -6.82 -11.15 -8.13
N PHE A 46 -7.85 -11.61 -7.45
CA PHE A 46 -8.27 -13.00 -7.54
C PHE A 46 -9.72 -13.11 -7.97
N PRO A 47 -9.96 -13.51 -9.24
CA PRO A 47 -11.31 -13.64 -9.79
C PRO A 47 -12.00 -14.92 -9.30
N GLU A 48 -11.22 -15.84 -8.73
CA GLU A 48 -11.74 -17.10 -8.23
C GLU A 48 -12.09 -17.02 -6.74
N ALA A 49 -12.13 -15.80 -6.22
CA ALA A 49 -12.43 -15.57 -4.82
C ALA A 49 -13.94 -15.58 -4.59
N PHE A 50 -14.59 -14.52 -5.04
CA PHE A 50 -16.03 -14.37 -4.91
C PHE A 50 -16.56 -13.51 -6.03
N ASP A 51 -17.84 -13.65 -6.34
CA ASP A 51 -18.46 -12.88 -7.41
C ASP A 51 -18.88 -11.50 -6.89
N TYR A 52 -18.46 -10.47 -7.62
CA TYR A 52 -18.79 -9.10 -7.25
C TYR A 52 -20.18 -8.73 -7.73
N ALA A 53 -20.66 -9.44 -8.74
CA ALA A 53 -21.99 -9.18 -9.29
C ALA A 53 -23.09 -9.55 -8.30
N GLU A 54 -22.75 -10.45 -7.38
CA GLU A 54 -23.71 -10.91 -6.37
C GLU A 54 -23.46 -10.22 -5.03
N LEU A 55 -22.56 -9.24 -5.03
CA LEU A 55 -22.25 -8.51 -3.80
C LEU A 55 -23.24 -7.38 -3.57
N ASP A 56 -24.22 -7.65 -2.72
CA ASP A 56 -25.25 -6.68 -2.39
C ASP A 56 -24.80 -5.77 -1.25
N PRO A 57 -25.00 -4.46 -1.39
CA PRO A 57 -24.59 -3.46 -0.38
C PRO A 57 -25.22 -3.69 1.00
N ALA A 58 -26.35 -4.40 1.05
CA ALA A 58 -27.00 -4.66 2.33
C ALA A 58 -26.26 -5.76 3.10
N LYS A 59 -25.34 -6.42 2.41
CA LYS A 59 -24.56 -7.49 3.02
C LYS A 59 -23.19 -6.96 3.45
N ARG A 60 -23.13 -5.67 3.79
CA ARG A 60 -21.88 -5.02 4.21
C ARG A 60 -21.11 -5.82 5.24
N ARG A 61 -21.81 -6.31 6.26
CA ARG A 61 -21.17 -7.10 7.32
C ARG A 61 -20.49 -8.34 6.74
N HIS A 62 -21.22 -9.09 5.92
CA HIS A 62 -20.68 -10.28 5.29
C HIS A 62 -19.59 -9.92 4.28
N ASN A 63 -19.83 -8.83 3.57
CA ASN A 63 -18.89 -8.32 2.57
C ASN A 63 -17.54 -8.00 3.19
N PHE A 64 -17.54 -7.20 4.25
CA PHE A 64 -16.31 -6.82 4.93
C PHE A 64 -15.55 -8.06 5.38
N THR A 65 -16.28 -9.01 5.95
CA THR A 65 -15.69 -10.25 6.42
C THR A 65 -15.08 -11.04 5.27
N LEU A 66 -15.88 -11.23 4.22
CA LEU A 66 -15.45 -11.98 3.05
C LEU A 66 -14.20 -11.37 2.42
N ALA A 67 -14.17 -10.04 2.33
CA ALA A 67 -13.03 -9.34 1.74
C ALA A 67 -11.74 -9.66 2.49
N PHE A 68 -11.77 -9.54 3.81
CA PHE A 68 -10.60 -9.81 4.63
C PHE A 68 -10.26 -11.30 4.66
N SER A 69 -11.27 -12.13 4.91
CA SER A 69 -11.08 -13.58 4.98
C SER A 69 -10.42 -14.14 3.72
N THR A 70 -10.85 -13.66 2.56
CA THR A 70 -10.29 -14.13 1.29
C THR A 70 -8.80 -13.81 1.21
N ALA A 71 -8.43 -12.62 1.65
CA ALA A 71 -7.04 -12.19 1.63
C ALA A 71 -6.19 -13.10 2.51
N GLU A 72 -6.74 -13.49 3.66
CA GLU A 72 -6.05 -14.35 4.61
C GLU A 72 -5.88 -15.76 4.03
N LYS A 73 -6.97 -16.32 3.53
CA LYS A 73 -6.96 -17.67 2.97
C LYS A 73 -6.06 -17.80 1.75
N LEU A 74 -5.78 -16.70 1.07
CA LEU A 74 -4.95 -16.74 -0.13
C LEU A 74 -3.50 -16.31 0.10
N ALA A 75 -3.30 -15.18 0.75
CA ALA A 75 -1.94 -14.69 0.99
C ALA A 75 -1.69 -14.30 2.44
N ASP A 76 -2.68 -14.55 3.29
CA ASP A 76 -2.61 -14.21 4.72
C ASP A 76 -2.23 -12.75 4.93
N CYS A 77 -3.18 -11.87 4.68
CA CYS A 77 -2.95 -10.44 4.83
C CYS A 77 -3.04 -10.02 6.29
N ALA A 78 -2.37 -8.93 6.63
CA ALA A 78 -2.36 -8.42 8.00
C ALA A 78 -3.74 -7.91 8.41
N GLN A 79 -4.28 -8.46 9.49
CA GLN A 79 -5.59 -8.06 9.99
C GLN A 79 -5.49 -6.74 10.75
N LEU A 80 -5.20 -5.68 10.01
CA LEU A 80 -5.06 -4.34 10.59
C LEU A 80 -6.41 -3.66 10.71
N LEU A 81 -7.45 -4.31 10.25
CA LEU A 81 -8.80 -3.76 10.31
C LEU A 81 -9.79 -4.81 10.79
N GLU A 82 -10.75 -4.38 11.60
CA GLU A 82 -11.75 -5.30 12.12
C GLU A 82 -13.08 -5.10 11.40
N VAL A 83 -13.70 -6.21 11.00
CA VAL A 83 -14.96 -6.18 10.28
C VAL A 83 -16.03 -5.43 11.06
N ASP A 84 -16.34 -5.91 12.25
CA ASP A 84 -17.35 -5.30 13.10
C ASP A 84 -17.02 -3.85 13.40
N ASP A 85 -15.74 -3.58 13.64
CA ASP A 85 -15.27 -2.23 13.93
C ASP A 85 -15.56 -1.28 12.78
N MET A 86 -15.18 -1.70 11.57
CA MET A 86 -15.40 -0.88 10.38
C MET A 86 -16.87 -0.62 10.12
N VAL A 87 -17.70 -1.63 10.31
CA VAL A 87 -19.14 -1.51 10.09
C VAL A 87 -19.75 -0.55 11.12
N ARG A 88 -19.32 -0.68 12.37
CA ARG A 88 -19.83 0.16 13.45
C ARG A 88 -19.41 1.61 13.29
N LEU A 89 -18.16 1.82 12.91
CA LEU A 89 -17.63 3.16 12.72
C LEU A 89 -18.17 3.79 11.44
N ALA A 90 -18.30 2.95 10.40
CA ALA A 90 -18.78 3.36 9.08
C ALA A 90 -17.74 4.16 8.30
N VAL A 91 -17.04 5.05 9.00
CA VAL A 91 -16.01 5.86 8.39
C VAL A 91 -14.64 5.32 8.77
N PRO A 92 -13.96 4.64 7.83
CA PRO A 92 -12.63 4.08 8.06
C PRO A 92 -11.57 5.19 8.11
N ASP A 93 -10.50 4.95 8.83
CA ASP A 93 -9.42 5.94 8.95
C ASP A 93 -8.53 5.93 7.71
N SER A 94 -8.18 7.13 7.26
CA SER A 94 -7.34 7.32 6.09
C SER A 94 -5.98 6.63 6.22
N LYS A 95 -5.43 6.63 7.42
CA LYS A 95 -4.12 6.02 7.66
C LYS A 95 -4.23 4.50 7.75
N CYS A 96 -5.22 4.03 8.50
CA CYS A 96 -5.44 2.59 8.67
C CYS A 96 -5.65 1.90 7.32
N VAL A 97 -6.47 2.50 6.46
CA VAL A 97 -6.74 1.92 5.14
C VAL A 97 -5.48 1.95 4.29
N TYR A 98 -4.76 3.07 4.33
CA TYR A 98 -3.53 3.23 3.57
C TYR A 98 -2.52 2.14 3.93
N THR A 99 -2.37 1.88 5.22
CA THR A 99 -1.44 0.88 5.72
C THR A 99 -1.78 -0.51 5.19
N TYR A 100 -3.06 -0.83 5.15
CA TYR A 100 -3.52 -2.13 4.67
C TYR A 100 -3.22 -2.28 3.19
N ILE A 101 -3.55 -1.26 2.41
CA ILE A 101 -3.32 -1.26 0.97
C ILE A 101 -1.82 -1.29 0.66
N GLN A 102 -1.05 -0.56 1.48
CA GLN A 102 0.39 -0.47 1.32
C GLN A 102 1.05 -1.85 1.28
N GLU A 103 0.84 -2.63 2.34
CA GLU A 103 1.42 -3.96 2.42
C GLU A 103 0.80 -4.92 1.42
N LEU A 104 -0.46 -4.68 1.07
CA LEU A 104 -1.15 -5.53 0.10
C LEU A 104 -0.51 -5.35 -1.28
N TYR A 105 0.01 -4.16 -1.52
CA TYR A 105 0.65 -3.84 -2.79
C TYR A 105 1.95 -4.63 -2.94
N ARG A 106 2.65 -4.85 -1.83
CA ARG A 106 3.91 -5.59 -1.85
C ARG A 106 3.68 -7.03 -2.27
N SER A 107 2.50 -7.56 -1.98
CA SER A 107 2.17 -8.93 -2.35
C SER A 107 2.17 -9.08 -3.87
N LEU A 108 1.86 -7.99 -4.56
CA LEU A 108 1.84 -7.99 -6.02
C LEU A 108 3.24 -7.83 -6.57
N VAL A 109 4.02 -6.97 -5.93
CA VAL A 109 5.39 -6.71 -6.37
C VAL A 109 6.27 -7.95 -6.19
N GLN A 110 6.10 -8.61 -5.04
CA GLN A 110 6.87 -9.81 -4.73
C GLN A 110 6.63 -10.92 -5.76
N LYS A 111 5.39 -11.02 -6.22
CA LYS A 111 5.03 -12.04 -7.21
C LYS A 111 5.37 -11.57 -8.62
N GLY A 112 5.77 -10.31 -8.73
CA GLY A 112 6.12 -9.75 -10.03
C GLY A 112 4.90 -9.51 -10.90
N LEU A 113 3.77 -9.28 -10.25
CA LEU A 113 2.50 -9.05 -10.95
C LEU A 113 2.45 -7.64 -11.54
N VAL A 114 3.31 -6.76 -11.02
CA VAL A 114 3.38 -5.39 -11.51
C VAL A 114 4.10 -5.34 -12.86
N LYS A 115 4.73 -6.45 -13.22
CA LYS A 115 5.45 -6.53 -14.48
C LYS A 115 4.54 -7.08 -15.57
N THR A 116 3.24 -6.90 -15.41
CA THR A 116 2.26 -7.38 -16.38
C THR A 116 2.24 -6.51 -17.64
N LYS A 117 3.19 -5.60 -17.74
CA LYS A 117 3.30 -4.72 -18.91
C LYS A 117 3.96 -5.47 -20.05
N LYS A 118 4.66 -6.55 -19.71
CA LYS A 118 5.33 -7.37 -20.70
C LYS A 118 4.33 -8.19 -21.48
N LYS A 119 4.33 -8.01 -22.80
CA LYS A 119 3.41 -8.73 -23.66
C LYS A 119 4.17 -9.64 -24.62
N GLU B 1 20.07 14.10 13.80
CA GLU B 1 19.62 12.87 13.11
C GLU B 1 18.12 12.91 12.84
N GLU B 2 17.38 13.50 13.78
CA GLU B 2 15.94 13.61 13.70
C GLU B 2 15.49 14.31 12.42
N GLU B 3 16.29 15.27 11.96
CA GLU B 3 15.99 16.01 10.73
C GLU B 3 15.95 15.07 9.53
N ILE B 4 16.82 14.07 9.55
CA ILE B 4 16.89 13.09 8.47
C ILE B 4 15.59 12.28 8.43
N ARG B 5 15.10 11.92 9.61
CA ARG B 5 13.86 11.16 9.73
C ARG B 5 12.70 11.97 9.18
N GLU B 6 12.66 13.25 9.54
CA GLU B 6 11.60 14.14 9.09
C GLU B 6 11.66 14.33 7.58
N ALA B 7 12.86 14.27 7.01
CA ALA B 7 13.04 14.42 5.58
C ALA B 7 12.33 13.29 4.84
N PHE B 8 12.37 12.10 5.42
CA PHE B 8 11.73 10.93 4.83
C PHE B 8 10.21 11.10 4.86
N ARG B 9 9.72 11.78 5.90
CA ARG B 9 8.29 12.02 6.05
C ARG B 9 7.79 13.01 5.00
N VAL B 10 8.72 13.78 4.44
CA VAL B 10 8.37 14.74 3.40
C VAL B 10 8.10 14.00 2.09
N PHE B 11 8.78 12.87 1.93
CA PHE B 11 8.60 12.05 0.73
C PHE B 11 7.37 11.16 0.88
N ASP B 12 7.17 10.65 2.09
CA ASP B 12 6.01 9.81 2.39
C ASP B 12 4.76 10.68 2.28
N LYS B 13 3.73 10.18 1.62
CA LYS B 13 2.51 10.95 1.43
C LYS B 13 1.55 10.82 2.61
N ASP B 14 1.80 9.88 3.50
CA ASP B 14 0.95 9.69 4.66
C ASP B 14 1.74 9.74 5.96
N GLY B 15 2.95 9.22 5.90
CA GLY B 15 3.79 9.20 7.08
C GLY B 15 3.70 7.86 7.76
N ASN B 16 4.00 6.81 7.02
CA ASN B 16 3.96 5.45 7.54
C ASN B 16 5.37 4.93 7.74
N GLY B 17 6.30 5.46 6.97
CA GLY B 17 7.68 5.04 7.10
C GLY B 17 8.11 4.10 6.00
N TYR B 18 7.19 3.79 5.11
CA TYR B 18 7.46 2.89 3.99
C TYR B 18 7.43 3.67 2.69
N ILE B 19 8.55 3.70 1.99
CA ILE B 19 8.66 4.44 0.74
C ILE B 19 9.21 3.55 -0.37
N SER B 20 9.33 4.12 -1.57
CA SER B 20 9.85 3.40 -2.71
C SER B 20 11.37 3.49 -2.74
N ALA B 21 12.00 2.71 -3.61
CA ALA B 21 13.45 2.73 -3.73
C ALA B 21 13.86 4.02 -4.41
N ALA B 22 12.99 4.52 -5.26
CA ALA B 22 13.24 5.78 -5.97
C ALA B 22 13.22 6.93 -4.99
N GLU B 23 12.15 7.01 -4.19
CA GLU B 23 12.01 8.07 -3.20
C GLU B 23 13.17 8.02 -2.20
N LEU B 24 13.48 6.82 -1.74
CA LEU B 24 14.56 6.59 -0.79
C LEU B 24 15.88 7.15 -1.30
N ARG B 25 16.27 6.74 -2.50
CA ARG B 25 17.51 7.18 -3.11
C ARG B 25 17.51 8.70 -3.27
N HIS B 26 16.35 9.24 -3.61
CA HIS B 26 16.20 10.68 -3.82
C HIS B 26 16.45 11.45 -2.53
N VAL B 27 16.07 10.87 -1.39
CA VAL B 27 16.28 11.51 -0.10
C VAL B 27 17.77 11.57 0.20
N MET B 28 18.45 10.45 -0.06
CA MET B 28 19.88 10.33 0.18
C MET B 28 20.65 11.38 -0.62
N THR B 29 20.29 11.55 -1.88
CA THR B 29 20.95 12.52 -2.74
C THR B 29 20.57 13.95 -2.36
N ASN B 30 19.34 14.12 -1.88
CA ASN B 30 18.85 15.44 -1.49
C ASN B 30 19.51 15.92 -0.19
N LEU B 31 19.97 14.97 0.61
CA LEU B 31 20.62 15.29 1.88
C LEU B 31 22.04 15.82 1.65
N GLY B 32 22.55 15.60 0.45
CA GLY B 32 23.88 16.05 0.12
C GLY B 32 24.95 15.06 0.53
N GLU B 33 24.56 13.80 0.61
CA GLU B 33 25.49 12.75 0.99
C GLU B 33 26.44 12.43 -0.16
N LYS B 34 27.73 12.63 0.08
CA LYS B 34 28.75 12.39 -0.94
C LYS B 34 29.06 10.90 -1.09
N LEU B 35 28.01 10.09 -1.20
CA LEU B 35 28.17 8.66 -1.35
C LEU B 35 28.15 8.31 -2.83
N THR B 36 28.93 7.33 -3.24
CA THR B 36 28.97 6.92 -4.64
C THR B 36 27.72 6.14 -4.98
N ASP B 37 27.29 6.23 -6.24
CA ASP B 37 26.10 5.52 -6.69
C ASP B 37 26.33 4.01 -6.62
N GLU B 38 27.60 3.64 -6.70
CA GLU B 38 28.00 2.24 -6.63
C GLU B 38 27.66 1.68 -5.25
N GLU B 39 28.01 2.43 -4.21
CA GLU B 39 27.73 2.01 -2.83
C GLU B 39 26.23 1.95 -2.60
N VAL B 40 25.49 2.84 -3.26
CA VAL B 40 24.04 2.87 -3.13
C VAL B 40 23.46 1.57 -3.70
N ASP B 41 24.01 1.13 -4.83
CA ASP B 41 23.57 -0.11 -5.48
C ASP B 41 23.77 -1.29 -4.53
N GLU B 42 24.91 -1.28 -3.85
CA GLU B 42 25.25 -2.33 -2.89
C GLU B 42 24.24 -2.35 -1.75
N MET B 43 23.89 -1.16 -1.26
CA MET B 43 22.92 -1.04 -0.17
C MET B 43 21.55 -1.56 -0.60
N ILE B 44 21.19 -1.27 -1.84
CA ILE B 44 19.90 -1.73 -2.39
C ILE B 44 19.87 -3.24 -2.42
N ARG B 45 21.01 -3.86 -2.68
CA ARG B 45 21.11 -5.30 -2.75
C ARG B 45 21.13 -5.93 -1.35
N GLU B 46 21.41 -5.10 -0.34
CA GLU B 46 21.42 -5.56 1.04
C GLU B 46 20.00 -5.68 1.55
N ALA B 47 19.22 -4.65 1.27
CA ALA B 47 17.82 -4.62 1.69
C ALA B 47 16.99 -5.46 0.73
N ASP B 48 15.77 -5.76 1.12
CA ASP B 48 14.88 -6.58 0.31
C ASP B 48 13.81 -5.70 -0.34
N ILE B 49 14.21 -5.02 -1.41
CA ILE B 49 13.30 -4.13 -2.12
C ILE B 49 12.88 -4.75 -3.46
N ASP B 50 13.86 -4.94 -4.34
CA ASP B 50 13.62 -5.52 -5.65
C ASP B 50 13.06 -6.94 -5.54
N GLY B 51 11.91 -7.15 -6.16
CA GLY B 51 11.29 -8.46 -6.13
C GLY B 51 10.40 -8.67 -4.92
N ASP B 52 10.18 -7.62 -4.15
CA ASP B 52 9.33 -7.72 -2.96
C ASP B 52 8.35 -6.57 -2.85
N GLY B 53 8.85 -5.37 -2.58
CA GLY B 53 7.98 -4.22 -2.46
C GLY B 53 8.64 -3.04 -1.79
N GLN B 54 7.83 -2.18 -1.16
CA GLN B 54 8.35 -1.01 -0.48
C GLN B 54 9.12 -1.37 0.79
N VAL B 55 10.04 -0.50 1.18
CA VAL B 55 10.85 -0.73 2.37
C VAL B 55 10.66 0.39 3.39
N ASN B 56 11.14 0.15 4.59
CA ASN B 56 11.04 1.13 5.67
C ASN B 56 12.33 1.91 5.82
N TYR B 57 12.21 3.19 6.09
CA TYR B 57 13.37 4.06 6.26
C TYR B 57 14.13 3.73 7.55
N GLU B 58 13.45 3.10 8.48
CA GLU B 58 14.02 2.74 9.79
C GLU B 58 15.34 1.98 9.66
N GLU B 59 15.39 1.03 8.73
CA GLU B 59 16.60 0.23 8.53
C GLU B 59 17.70 1.05 7.86
N PHE B 60 17.35 1.77 6.81
CA PHE B 60 18.32 2.57 6.08
C PHE B 60 18.95 3.65 6.95
N VAL B 61 18.16 4.24 7.83
CA VAL B 61 18.66 5.27 8.74
C VAL B 61 19.73 4.67 9.66
N GLN B 62 19.41 3.53 10.27
CA GLN B 62 20.34 2.87 11.17
C GLN B 62 21.55 2.32 10.42
N MET B 63 21.36 2.01 9.15
CA MET B 63 22.45 1.49 8.32
C MET B 63 23.49 2.59 8.07
N MET B 64 23.01 3.82 7.88
CA MET B 64 23.89 4.95 7.63
C MET B 64 24.45 5.56 8.92
N THR B 65 23.73 5.37 10.02
CA THR B 65 24.17 5.93 11.31
C THR B 65 25.26 5.07 11.93
N ALA B 66 25.31 3.80 11.54
CA ALA B 66 26.31 2.87 12.07
C ALA B 66 27.56 2.86 11.21
N LYS B 67 27.67 3.84 10.32
CA LYS B 67 28.81 3.95 9.45
C LYS B 67 29.64 5.16 9.83
N GLY A 1 4.98 12.21 -7.45
CA GLY A 1 6.17 12.99 -7.04
C GLY A 1 6.89 12.34 -5.88
N PRO A 2 7.98 12.95 -5.39
CA PRO A 2 8.75 12.41 -4.26
C PRO A 2 7.92 12.33 -2.98
N LEU A 3 7.09 13.33 -2.77
CA LEU A 3 6.24 13.36 -1.59
C LEU A 3 4.87 12.82 -1.95
N GLY A 4 4.64 11.55 -1.71
CA GLY A 4 3.34 10.98 -2.01
C GLY A 4 3.29 9.48 -1.96
N SER A 5 3.62 8.91 -0.81
CA SER A 5 3.59 7.46 -0.63
C SER A 5 2.18 6.93 -0.83
N LYS A 6 1.21 7.59 -0.20
CA LYS A 6 -0.19 7.20 -0.32
C LYS A 6 -0.72 7.50 -1.73
N ASN A 7 -0.19 8.55 -2.33
CA ASN A 7 -0.60 8.98 -3.66
C ASN A 7 -0.25 7.91 -4.71
N MET A 8 0.89 7.24 -4.51
CA MET A 8 1.34 6.20 -5.43
C MET A 8 0.35 5.04 -5.44
N LEU A 9 -0.07 4.60 -4.26
CA LEU A 9 -1.02 3.51 -4.15
C LEU A 9 -2.39 3.93 -4.66
N LEU A 10 -2.74 5.20 -4.44
CA LEU A 10 -4.01 5.74 -4.88
C LEU A 10 -4.14 5.63 -6.40
N GLU A 11 -3.08 5.99 -7.11
CA GLU A 11 -3.07 5.93 -8.56
C GLU A 11 -3.13 4.47 -9.02
N TRP A 12 -2.39 3.61 -8.32
CA TRP A 12 -2.35 2.20 -8.63
C TRP A 12 -3.74 1.58 -8.50
N CYS A 13 -4.42 1.90 -7.41
CA CYS A 13 -5.76 1.37 -7.15
C CYS A 13 -6.76 1.94 -8.15
N ARG A 14 -6.72 3.25 -8.37
CA ARG A 14 -7.65 3.90 -9.29
C ARG A 14 -7.40 3.50 -10.75
N ALA A 15 -6.32 2.79 -10.99
CA ALA A 15 -6.01 2.33 -12.34
C ALA A 15 -6.57 0.93 -12.58
N MET A 16 -6.87 0.22 -11.50
CA MET A 16 -7.40 -1.14 -11.61
C MET A 16 -8.88 -1.17 -11.29
N THR A 17 -9.25 -0.65 -10.14
CA THR A 17 -10.64 -0.64 -9.70
C THR A 17 -11.50 0.31 -10.53
N ARG A 18 -10.86 1.03 -11.45
CA ARG A 18 -11.57 1.96 -12.33
C ARG A 18 -12.42 1.19 -13.33
N ASN A 19 -12.03 -0.05 -13.60
CA ASN A 19 -12.76 -0.90 -14.53
C ASN A 19 -14.01 -1.47 -13.87
N TYR A 20 -14.12 -1.25 -12.57
CA TYR A 20 -15.26 -1.72 -11.81
C TYR A 20 -16.33 -0.64 -11.75
N GLU A 21 -17.56 -1.03 -11.99
CA GLU A 21 -18.67 -0.09 -11.97
C GLU A 21 -19.15 0.13 -10.54
N HIS A 22 -19.69 1.32 -10.28
CA HIS A 22 -20.21 1.70 -8.97
C HIS A 22 -19.10 1.84 -7.94
N VAL A 23 -17.87 2.03 -8.39
CA VAL A 23 -16.74 2.18 -7.50
C VAL A 23 -15.93 3.43 -7.81
N ASP A 24 -16.23 4.51 -7.09
CA ASP A 24 -15.52 5.76 -7.28
C ASP A 24 -14.52 5.97 -6.15
N ILE A 25 -13.23 5.87 -6.48
CA ILE A 25 -12.18 6.03 -5.49
C ILE A 25 -11.77 7.49 -5.33
N GLN A 26 -12.51 8.19 -4.49
CA GLN A 26 -12.27 9.60 -4.23
C GLN A 26 -11.11 9.78 -3.24
N ASN A 27 -11.27 9.19 -2.06
CA ASN A 27 -10.26 9.27 -1.01
C ASN A 27 -10.03 7.88 -0.40
N PHE A 28 -9.35 7.83 0.74
CA PHE A 28 -9.08 6.57 1.42
C PHE A 28 -10.06 6.33 2.57
N SER A 29 -11.17 7.06 2.58
CA SER A 29 -12.14 6.90 3.64
C SER A 29 -13.58 6.80 3.13
N SER A 30 -14.11 7.92 2.62
CA SER A 30 -15.49 7.96 2.12
C SER A 30 -15.77 6.90 1.06
N SER A 31 -14.86 6.74 0.12
CA SER A 31 -15.02 5.78 -0.96
C SER A 31 -14.97 4.32 -0.49
N TRP A 32 -14.43 4.11 0.70
CA TRP A 32 -14.31 2.75 1.23
C TRP A 32 -15.41 2.46 2.24
N SER A 33 -16.28 3.44 2.45
CA SER A 33 -17.39 3.30 3.39
C SER A 33 -18.45 2.35 2.84
N SER A 34 -18.46 2.18 1.53
CA SER A 34 -19.43 1.30 0.88
C SER A 34 -19.03 -0.16 1.00
N GLY A 35 -17.75 -0.40 1.24
CA GLY A 35 -17.25 -1.76 1.38
C GLY A 35 -16.93 -2.40 0.03
N MET A 36 -17.65 -1.97 -1.00
CA MET A 36 -17.47 -2.49 -2.36
C MET A 36 -16.03 -2.34 -2.83
N ALA A 37 -15.39 -1.26 -2.41
CA ALA A 37 -14.00 -0.98 -2.78
C ALA A 37 -13.07 -2.15 -2.43
N PHE A 38 -13.27 -2.72 -1.24
CA PHE A 38 -12.45 -3.84 -0.79
C PHE A 38 -12.76 -5.09 -1.62
N CYS A 39 -14.04 -5.37 -1.78
CA CYS A 39 -14.48 -6.53 -2.54
C CYS A 39 -13.99 -6.47 -3.98
N ALA A 40 -14.11 -5.31 -4.60
CA ALA A 40 -13.68 -5.12 -5.98
C ALA A 40 -12.17 -5.31 -6.11
N LEU A 41 -11.44 -4.79 -5.13
CA LEU A 41 -9.98 -4.91 -5.13
C LEU A 41 -9.55 -6.36 -5.04
N ILE A 42 -10.10 -7.08 -4.07
CA ILE A 42 -9.77 -8.50 -3.88
C ILE A 42 -10.19 -9.31 -5.11
N HIS A 43 -11.33 -8.95 -5.68
CA HIS A 43 -11.85 -9.64 -6.86
C HIS A 43 -10.94 -9.43 -8.06
N LYS A 44 -10.20 -8.33 -8.07
CA LYS A 44 -9.28 -8.03 -9.15
C LYS A 44 -8.09 -8.98 -9.12
N PHE A 45 -7.70 -9.38 -7.91
CA PHE A 45 -6.58 -10.29 -7.74
C PHE A 45 -7.05 -11.73 -7.88
N PHE A 46 -8.17 -12.04 -7.26
CA PHE A 46 -8.73 -13.39 -7.32
C PHE A 46 -10.15 -13.36 -7.90
N PRO A 47 -10.30 -13.80 -9.16
CA PRO A 47 -11.61 -13.83 -9.83
C PRO A 47 -12.52 -14.92 -9.27
N GLU A 48 -11.94 -15.80 -8.45
CA GLU A 48 -12.69 -16.89 -7.85
C GLU A 48 -12.99 -16.58 -6.38
N ALA A 49 -12.71 -15.35 -5.98
CA ALA A 49 -12.94 -14.92 -4.60
C ALA A 49 -14.43 -14.96 -4.25
N PHE A 50 -15.22 -14.19 -4.99
CA PHE A 50 -16.65 -14.13 -4.78
C PHE A 50 -17.31 -13.43 -5.95
N ASP A 51 -18.58 -13.73 -6.18
CA ASP A 51 -19.34 -13.12 -7.26
C ASP A 51 -19.71 -11.68 -6.92
N TYR A 52 -18.86 -10.76 -7.36
CA TYR A 52 -19.06 -9.33 -7.10
C TYR A 52 -20.34 -8.82 -7.74
N ALA A 53 -20.68 -9.35 -8.91
CA ALA A 53 -21.88 -8.94 -9.62
C ALA A 53 -23.15 -9.38 -8.89
N GLU A 54 -23.00 -10.22 -7.89
CA GLU A 54 -24.14 -10.71 -7.12
C GLU A 54 -24.17 -10.08 -5.73
N LEU A 55 -23.29 -9.11 -5.50
CA LEU A 55 -23.23 -8.44 -4.22
C LEU A 55 -24.18 -7.25 -4.17
N ASP A 56 -24.63 -6.91 -2.97
CA ASP A 56 -25.57 -5.81 -2.78
C ASP A 56 -25.07 -4.86 -1.69
N PRO A 57 -25.28 -3.55 -1.88
CA PRO A 57 -24.86 -2.53 -0.89
C PRO A 57 -25.59 -2.72 0.44
N ALA A 58 -26.72 -3.40 0.39
CA ALA A 58 -27.52 -3.67 1.58
C ALA A 58 -26.85 -4.73 2.45
N LYS A 59 -25.86 -5.41 1.87
CA LYS A 59 -25.14 -6.46 2.56
C LYS A 59 -23.73 -5.96 2.93
N ARG A 60 -23.62 -4.70 3.31
CA ARG A 60 -22.34 -4.10 3.67
C ARG A 60 -21.58 -4.92 4.72
N ARG A 61 -22.30 -5.45 5.69
CA ARG A 61 -21.69 -6.26 6.74
C ARG A 61 -21.08 -7.53 6.14
N HIS A 62 -21.84 -8.18 5.26
CA HIS A 62 -21.36 -9.39 4.62
C HIS A 62 -20.25 -9.08 3.63
N ASN A 63 -20.34 -7.90 3.04
CA ASN A 63 -19.35 -7.43 2.07
C ASN A 63 -17.97 -7.42 2.70
N PHE A 64 -17.85 -6.73 3.83
CA PHE A 64 -16.59 -6.65 4.55
C PHE A 64 -16.14 -8.04 5.01
N THR A 65 -17.07 -8.79 5.58
CA THR A 65 -16.77 -10.13 6.07
C THR A 65 -16.23 -11.04 4.96
N LEU A 66 -16.94 -11.05 3.83
CA LEU A 66 -16.57 -11.87 2.69
C LEU A 66 -15.21 -11.47 2.14
N ALA A 67 -14.97 -10.17 2.04
CA ALA A 67 -13.71 -9.65 1.52
C ALA A 67 -12.54 -10.04 2.42
N PHE A 68 -12.67 -9.75 3.72
CA PHE A 68 -11.62 -10.04 4.68
C PHE A 68 -11.34 -11.54 4.81
N SER A 69 -12.39 -12.34 4.86
CA SER A 69 -12.23 -13.79 4.99
C SER A 69 -11.51 -14.39 3.79
N THR A 70 -11.90 -13.97 2.59
CA THR A 70 -11.28 -14.47 1.37
C THR A 70 -9.82 -14.01 1.28
N ALA A 71 -9.58 -12.75 1.61
CA ALA A 71 -8.25 -12.19 1.57
C ALA A 71 -7.31 -12.91 2.54
N GLU A 72 -7.86 -13.30 3.69
CA GLU A 72 -7.09 -14.01 4.70
C GLU A 72 -6.91 -15.48 4.34
N LYS A 73 -7.90 -16.05 3.68
CA LYS A 73 -7.87 -17.46 3.31
C LYS A 73 -6.94 -17.71 2.11
N LEU A 74 -6.90 -16.77 1.18
CA LEU A 74 -6.08 -16.92 -0.02
C LEU A 74 -4.72 -16.24 0.07
N ALA A 75 -4.70 -14.98 0.50
CA ALA A 75 -3.44 -14.23 0.57
C ALA A 75 -2.89 -14.14 1.98
N ASP A 76 -3.68 -14.56 2.97
CA ASP A 76 -3.27 -14.50 4.37
C ASP A 76 -2.94 -13.07 4.78
N CYS A 77 -3.95 -12.21 4.70
CA CYS A 77 -3.77 -10.81 5.04
C CYS A 77 -3.91 -10.59 6.55
N ALA A 78 -3.26 -9.55 7.05
CA ALA A 78 -3.31 -9.23 8.47
C ALA A 78 -4.67 -8.67 8.84
N GLN A 79 -5.20 -9.13 9.97
CA GLN A 79 -6.50 -8.69 10.44
C GLN A 79 -6.42 -7.31 11.10
N LEU A 80 -6.06 -6.32 10.29
CA LEU A 80 -5.92 -4.94 10.77
C LEU A 80 -7.26 -4.23 10.82
N LEU A 81 -8.22 -4.73 10.05
CA LEU A 81 -9.54 -4.12 10.00
C LEU A 81 -10.61 -5.11 10.49
N GLU A 82 -11.56 -4.59 11.24
CA GLU A 82 -12.64 -5.42 11.77
C GLU A 82 -13.97 -5.00 11.16
N VAL A 83 -14.72 -5.99 10.69
CA VAL A 83 -16.02 -5.76 10.05
C VAL A 83 -16.97 -4.97 10.96
N ASP A 84 -17.18 -5.47 12.16
CA ASP A 84 -18.08 -4.84 13.12
C ASP A 84 -17.71 -3.39 13.40
N ASP A 85 -16.41 -3.11 13.49
CA ASP A 85 -15.95 -1.76 13.76
C ASP A 85 -16.08 -0.85 12.56
N MET A 86 -15.74 -1.37 11.39
CA MET A 86 -15.80 -0.59 10.15
C MET A 86 -17.24 -0.18 9.83
N VAL A 87 -18.18 -1.08 10.04
CA VAL A 87 -19.58 -0.79 9.78
C VAL A 87 -20.11 0.21 10.81
N ARG A 88 -19.63 0.10 12.03
CA ARG A 88 -20.03 0.98 13.11
C ARG A 88 -19.52 2.40 12.87
N LEU A 89 -18.23 2.52 12.61
CA LEU A 89 -17.62 3.83 12.37
C LEU A 89 -18.06 4.39 11.03
N ALA A 90 -18.42 3.49 10.12
CA ALA A 90 -18.87 3.84 8.77
C ALA A 90 -17.72 4.32 7.90
N VAL A 91 -17.05 5.36 8.33
CA VAL A 91 -15.91 5.92 7.62
C VAL A 91 -14.61 5.39 8.21
N PRO A 92 -13.87 4.57 7.46
CA PRO A 92 -12.60 3.99 7.91
C PRO A 92 -11.47 5.01 7.92
N ASP A 93 -10.58 4.90 8.89
CA ASP A 93 -9.45 5.80 9.01
C ASP A 93 -8.46 5.55 7.87
N SER A 94 -8.06 6.63 7.20
CA SER A 94 -7.15 6.55 6.07
C SER A 94 -5.80 5.91 6.41
N LYS A 95 -5.32 6.15 7.63
CA LYS A 95 -4.04 5.59 8.06
C LYS A 95 -4.13 4.07 8.17
N CYS A 96 -5.24 3.59 8.74
CA CYS A 96 -5.44 2.16 8.91
C CYS A 96 -5.54 1.48 7.55
N VAL A 97 -6.18 2.14 6.60
CA VAL A 97 -6.33 1.61 5.24
C VAL A 97 -4.96 1.51 4.57
N TYR A 98 -4.14 2.54 4.73
CA TYR A 98 -2.82 2.57 4.13
C TYR A 98 -1.97 1.39 4.60
N THR A 99 -1.87 1.21 5.91
CA THR A 99 -1.08 0.12 6.48
C THR A 99 -1.61 -1.25 6.02
N TYR A 100 -2.93 -1.36 5.90
CA TYR A 100 -3.55 -2.60 5.47
C TYR A 100 -3.11 -2.95 4.05
N ILE A 101 -3.15 -1.97 3.16
CA ILE A 101 -2.75 -2.16 1.76
C ILE A 101 -1.23 -2.25 1.65
N GLN A 102 -0.55 -1.57 2.57
CA GLN A 102 0.91 -1.53 2.61
C GLN A 102 1.51 -2.93 2.61
N GLU A 103 1.19 -3.71 3.64
CA GLU A 103 1.72 -5.06 3.75
C GLU A 103 1.06 -6.00 2.74
N LEU A 104 -0.18 -5.69 2.37
CA LEU A 104 -0.90 -6.49 1.39
C LEU A 104 -0.17 -6.40 0.05
N TYR A 105 0.17 -5.17 -0.33
CA TYR A 105 0.87 -4.91 -1.57
C TYR A 105 2.20 -5.67 -1.59
N ARG A 106 2.92 -5.62 -0.48
CA ARG A 106 4.21 -6.30 -0.38
C ARG A 106 4.05 -7.81 -0.58
N SER A 107 2.92 -8.34 -0.13
CA SER A 107 2.63 -9.75 -0.27
C SER A 107 2.24 -10.09 -1.70
N LEU A 108 1.65 -9.12 -2.39
CA LEU A 108 1.23 -9.31 -3.76
C LEU A 108 2.43 -9.25 -4.71
N VAL A 109 3.43 -8.44 -4.34
CA VAL A 109 4.64 -8.30 -5.15
C VAL A 109 5.44 -9.59 -5.13
N GLN A 110 5.67 -10.12 -3.93
CA GLN A 110 6.42 -11.36 -3.76
C GLN A 110 5.65 -12.57 -4.26
N LYS A 111 4.40 -12.35 -4.65
CA LYS A 111 3.56 -13.42 -5.18
C LYS A 111 3.52 -13.35 -6.69
N GLY A 112 4.19 -12.33 -7.24
CA GLY A 112 4.23 -12.14 -8.68
C GLY A 112 2.90 -11.66 -9.23
N LEU A 113 2.04 -11.16 -8.36
CA LEU A 113 0.73 -10.69 -8.76
C LEU A 113 0.80 -9.25 -9.27
N VAL A 114 1.52 -8.40 -8.55
CA VAL A 114 1.68 -7.00 -8.95
C VAL A 114 2.47 -6.92 -10.25
N LYS A 115 3.45 -7.81 -10.39
CA LYS A 115 4.27 -7.85 -11.58
C LYS A 115 3.67 -8.79 -12.60
N THR A 116 2.40 -8.55 -12.94
CA THR A 116 1.71 -9.37 -13.92
C THR A 116 2.31 -9.20 -15.30
N LYS A 117 2.91 -8.03 -15.53
CA LYS A 117 3.54 -7.72 -16.79
C LYS A 117 5.03 -8.08 -16.72
N LYS A 118 5.53 -8.68 -17.78
CA LYS A 118 6.93 -9.08 -17.85
C LYS A 118 7.87 -7.90 -17.68
N LYS A 119 8.74 -8.00 -16.68
CA LYS A 119 9.71 -6.97 -16.38
C LYS A 119 11.03 -7.60 -15.97
N GLU B 1 20.00 12.62 14.80
CA GLU B 1 19.26 11.51 14.18
C GLU B 1 17.83 11.93 13.86
N GLU B 2 17.22 12.67 14.78
CA GLU B 2 15.85 13.14 14.64
C GLU B 2 15.67 13.99 13.39
N GLU B 3 16.63 14.85 13.10
CA GLU B 3 16.55 15.71 11.93
C GLU B 3 16.48 14.89 10.64
N ILE B 4 17.25 13.82 10.58
CA ILE B 4 17.24 12.95 9.42
C ILE B 4 15.88 12.25 9.30
N ARG B 5 15.39 11.76 10.43
CA ARG B 5 14.10 11.08 10.47
C ARG B 5 12.97 12.05 10.10
N GLU B 6 13.13 13.30 10.54
CA GLU B 6 12.16 14.35 10.25
C GLU B 6 12.05 14.58 8.75
N ALA B 7 13.20 14.58 8.09
CA ALA B 7 13.26 14.78 6.64
C ALA B 7 12.58 13.62 5.92
N PHE B 8 12.81 12.41 6.41
CA PHE B 8 12.21 11.22 5.83
C PHE B 8 10.70 11.24 6.02
N ARG B 9 10.25 11.78 7.15
CA ARG B 9 8.83 11.87 7.46
C ARG B 9 8.11 12.79 6.48
N VAL B 10 8.86 13.70 5.86
CA VAL B 10 8.27 14.62 4.89
C VAL B 10 7.85 13.87 3.63
N PHE B 11 8.66 12.89 3.25
CA PHE B 11 8.38 12.08 2.06
C PHE B 11 7.19 11.17 2.33
N ASP B 12 7.03 10.78 3.58
CA ASP B 12 5.92 9.94 3.99
C ASP B 12 4.65 10.79 3.99
N LYS B 13 3.64 10.33 3.27
CA LYS B 13 2.40 11.07 3.16
C LYS B 13 1.40 10.71 4.26
N ASP B 14 1.87 10.07 5.32
CA ASP B 14 1.00 9.71 6.43
C ASP B 14 1.77 9.63 7.74
N GLY B 15 2.86 8.90 7.73
CA GLY B 15 3.66 8.73 8.92
C GLY B 15 3.73 7.27 9.33
N ASN B 16 4.23 6.44 8.43
CA ASN B 16 4.35 5.01 8.68
C ASN B 16 5.81 4.61 8.75
N GLY B 17 6.65 5.36 8.04
CA GLY B 17 8.07 5.08 8.01
C GLY B 17 8.41 4.12 6.89
N TYR B 18 7.49 4.02 5.94
CA TYR B 18 7.65 3.13 4.79
C TYR B 18 7.79 3.95 3.51
N ILE B 19 8.88 3.72 2.80
CA ILE B 19 9.13 4.43 1.55
C ILE B 19 9.70 3.48 0.51
N SER B 20 9.58 3.86 -0.75
CA SER B 20 10.09 3.04 -1.84
C SER B 20 11.47 3.55 -2.25
N ALA B 21 12.09 2.88 -3.21
CA ALA B 21 13.43 3.25 -3.68
C ALA B 21 13.45 4.62 -4.36
N ALA B 22 12.35 4.99 -4.99
CA ALA B 22 12.27 6.28 -5.68
C ALA B 22 12.41 7.44 -4.71
N GLU B 23 11.57 7.44 -3.68
CA GLU B 23 11.58 8.49 -2.67
C GLU B 23 12.90 8.47 -1.90
N LEU B 24 13.30 7.28 -1.45
CA LEU B 24 14.54 7.10 -0.69
C LEU B 24 15.73 7.69 -1.42
N ARG B 25 15.89 7.31 -2.68
CA ARG B 25 16.99 7.79 -3.50
C ARG B 25 16.96 9.31 -3.64
N HIS B 26 15.75 9.85 -3.72
CA HIS B 26 15.57 11.29 -3.87
C HIS B 26 15.96 12.03 -2.60
N VAL B 27 15.81 11.38 -1.45
CA VAL B 27 16.16 12.00 -0.16
C VAL B 27 17.68 12.20 -0.08
N MET B 28 18.41 11.19 -0.53
CA MET B 28 19.88 11.23 -0.51
C MET B 28 20.41 12.41 -1.32
N THR B 29 19.89 12.56 -2.53
CA THR B 29 20.32 13.63 -3.42
C THR B 29 19.79 14.99 -2.94
N ASN B 30 18.64 14.96 -2.26
CA ASN B 30 18.01 16.17 -1.73
C ASN B 30 18.82 16.74 -0.57
N LEU B 31 19.32 15.85 0.29
CA LEU B 31 20.14 16.27 1.43
C LEU B 31 21.44 16.91 0.97
N GLY B 32 21.88 16.51 -0.21
CA GLY B 32 23.11 17.05 -0.76
C GLY B 32 24.25 16.07 -0.66
N GLU B 33 23.92 14.83 -0.36
CA GLU B 33 24.94 13.79 -0.24
C GLU B 33 25.56 13.51 -1.60
N LYS B 34 26.86 13.76 -1.71
CA LYS B 34 27.57 13.57 -2.97
C LYS B 34 27.94 12.11 -3.19
N LEU B 35 26.93 11.27 -3.34
CA LEU B 35 27.14 9.86 -3.58
C LEU B 35 26.82 9.53 -5.02
N THR B 36 27.78 8.94 -5.71
CA THR B 36 27.62 8.57 -7.10
C THR B 36 26.48 7.57 -7.26
N ASP B 37 25.78 7.66 -8.40
CA ASP B 37 24.65 6.77 -8.70
C ASP B 37 25.07 5.31 -8.61
N GLU B 38 26.30 5.02 -9.03
CA GLU B 38 26.83 3.67 -8.98
C GLU B 38 26.86 3.15 -7.55
N GLU B 39 27.22 4.03 -6.64
CA GLU B 39 27.28 3.68 -5.22
C GLU B 39 25.88 3.48 -4.66
N VAL B 40 24.98 4.37 -5.03
CA VAL B 40 23.59 4.31 -4.57
C VAL B 40 22.95 3.00 -5.02
N ASP B 41 23.06 2.69 -6.31
CA ASP B 41 22.48 1.47 -6.84
C ASP B 41 23.10 0.23 -6.20
N GLU B 42 24.41 0.30 -5.94
CA GLU B 42 25.11 -0.82 -5.32
C GLU B 42 24.58 -1.06 -3.92
N MET B 43 24.36 0.02 -3.19
CA MET B 43 23.83 -0.06 -1.83
C MET B 43 22.42 -0.63 -1.86
N ILE B 44 21.62 -0.15 -2.81
CA ILE B 44 20.25 -0.63 -2.97
C ILE B 44 20.24 -2.11 -3.36
N ARG B 45 21.28 -2.54 -4.06
CA ARG B 45 21.40 -3.93 -4.49
C ARG B 45 21.63 -4.86 -3.31
N GLU B 46 22.21 -4.32 -2.24
CA GLU B 46 22.46 -5.11 -1.04
C GLU B 46 21.15 -5.29 -0.27
N ALA B 47 20.28 -4.30 -0.39
CA ALA B 47 18.99 -4.34 0.26
C ALA B 47 17.98 -5.06 -0.62
N ASP B 48 16.93 -5.59 -0.02
CA ASP B 48 15.92 -6.31 -0.75
C ASP B 48 14.65 -5.48 -0.93
N ILE B 49 14.56 -4.81 -2.06
CA ILE B 49 13.41 -3.98 -2.38
C ILE B 49 12.65 -4.50 -3.59
N ASP B 50 13.36 -4.61 -4.71
CA ASP B 50 12.76 -5.09 -5.96
C ASP B 50 12.37 -6.56 -5.86
N GLY B 51 11.08 -6.80 -5.68
CA GLY B 51 10.60 -8.17 -5.57
C GLY B 51 9.90 -8.43 -4.25
N ASP B 52 9.90 -7.43 -3.37
CA ASP B 52 9.26 -7.57 -2.07
C ASP B 52 8.26 -6.45 -1.81
N GLY B 53 8.76 -5.26 -1.53
CA GLY B 53 7.89 -4.13 -1.28
C GLY B 53 8.63 -2.95 -0.69
N GLN B 54 7.88 -2.01 -0.10
CA GLN B 54 8.47 -0.82 0.51
C GLN B 54 9.36 -1.19 1.69
N VAL B 55 10.31 -0.32 2.01
CA VAL B 55 11.22 -0.56 3.10
C VAL B 55 11.23 0.60 4.10
N ASN B 56 11.85 0.39 5.24
CA ASN B 56 11.94 1.41 6.27
C ASN B 56 13.30 2.09 6.24
N TYR B 57 13.30 3.40 6.43
CA TYR B 57 14.53 4.20 6.39
C TYR B 57 15.50 3.87 7.52
N GLU B 58 14.98 3.31 8.62
CA GLU B 58 15.81 2.98 9.77
C GLU B 58 16.93 1.99 9.47
N GLU B 59 16.67 1.03 8.58
CA GLU B 59 17.69 0.04 8.24
C GLU B 59 18.93 0.72 7.69
N PHE B 60 18.71 1.76 6.91
CA PHE B 60 19.80 2.51 6.30
C PHE B 60 20.53 3.32 7.36
N VAL B 61 19.78 3.82 8.34
CA VAL B 61 20.36 4.60 9.43
C VAL B 61 21.28 3.73 10.26
N GLN B 62 20.85 2.49 10.53
CA GLN B 62 21.64 1.54 11.30
C GLN B 62 22.95 1.25 10.59
N MET B 63 22.88 1.13 9.26
CA MET B 63 24.06 0.85 8.45
C MET B 63 25.00 2.04 8.45
N MET B 64 24.45 3.24 8.34
CA MET B 64 25.26 4.46 8.33
C MET B 64 25.97 4.68 9.66
N THR B 65 25.38 4.22 10.74
CA THR B 65 25.97 4.37 12.06
C THR B 65 26.97 3.25 12.36
N ALA B 66 26.86 2.15 11.61
CA ALA B 66 27.75 1.01 11.79
C ALA B 66 28.97 1.14 10.89
N LYS B 67 28.88 2.02 9.90
CA LYS B 67 29.97 2.25 8.98
C LYS B 67 30.55 3.64 9.19
N GLY A 1 11.46 16.05 -4.56
CA GLY A 1 11.00 14.81 -5.22
C GLY A 1 9.55 14.49 -4.85
N PRO A 2 8.99 13.38 -5.35
CA PRO A 2 7.61 12.98 -5.06
C PRO A 2 7.44 12.59 -3.60
N LEU A 3 7.15 13.56 -2.76
CA LEU A 3 6.98 13.32 -1.34
C LEU A 3 5.56 12.88 -1.01
N GLY A 4 5.29 11.60 -1.24
CA GLY A 4 3.98 11.07 -0.96
C GLY A 4 3.76 9.69 -1.54
N SER A 5 4.29 8.67 -0.85
CA SER A 5 4.16 7.29 -1.30
C SER A 5 2.69 6.86 -1.30
N LYS A 6 1.90 7.56 -0.49
CA LYS A 6 0.47 7.31 -0.36
C LYS A 6 -0.23 7.53 -1.71
N ASN A 7 0.28 8.47 -2.49
CA ASN A 7 -0.30 8.79 -3.78
C ASN A 7 -0.09 7.66 -4.78
N MET A 8 0.99 6.90 -4.59
CA MET A 8 1.30 5.78 -5.47
C MET A 8 0.23 4.70 -5.37
N LEU A 9 -0.07 4.29 -4.14
CA LEU A 9 -1.06 3.26 -3.91
C LEU A 9 -2.45 3.74 -4.29
N LEU A 10 -2.73 5.01 -4.04
CA LEU A 10 -4.01 5.61 -4.37
C LEU A 10 -4.27 5.55 -5.87
N GLU A 11 -3.26 5.93 -6.64
CA GLU A 11 -3.35 5.93 -8.10
C GLU A 11 -3.47 4.50 -8.62
N TRP A 12 -2.72 3.60 -8.01
CA TRP A 12 -2.74 2.19 -8.40
C TRP A 12 -4.11 1.57 -8.11
N CYS A 13 -4.62 1.80 -6.92
CA CYS A 13 -5.92 1.27 -6.51
C CYS A 13 -7.05 1.87 -7.33
N ARG A 14 -7.01 3.18 -7.53
CA ARG A 14 -8.06 3.86 -8.30
C ARG A 14 -8.09 3.36 -9.72
N ALA A 15 -6.92 3.03 -10.27
CA ALA A 15 -6.82 2.52 -11.64
C ALA A 15 -7.54 1.19 -11.77
N MET A 16 -7.50 0.39 -10.71
CA MET A 16 -8.15 -0.91 -10.70
C MET A 16 -9.66 -0.74 -10.59
N THR A 17 -10.09 0.21 -9.76
CA THR A 17 -11.50 0.48 -9.57
C THR A 17 -12.07 1.27 -10.75
N ARG A 18 -11.18 1.72 -11.62
CA ARG A 18 -11.57 2.49 -12.80
C ARG A 18 -12.37 1.60 -13.75
N ASN A 19 -12.13 0.31 -13.66
CA ASN A 19 -12.84 -0.66 -14.51
C ASN A 19 -14.13 -1.09 -13.83
N TYR A 20 -14.51 -0.36 -12.79
CA TYR A 20 -15.73 -0.62 -12.05
C TYR A 20 -16.65 0.59 -12.09
N GLU A 21 -17.93 0.35 -11.88
CA GLU A 21 -18.92 1.43 -11.88
C GLU A 21 -19.46 1.64 -10.48
N HIS A 22 -19.90 2.87 -10.21
CA HIS A 22 -20.46 3.26 -8.91
C HIS A 22 -19.41 3.24 -7.81
N VAL A 23 -18.15 3.05 -8.20
CA VAL A 23 -17.05 3.01 -7.24
C VAL A 23 -15.90 3.90 -7.69
N ASP A 24 -15.64 4.95 -6.93
CA ASP A 24 -14.56 5.88 -7.21
C ASP A 24 -13.86 6.24 -5.90
N ILE A 25 -12.66 5.69 -5.73
CA ILE A 25 -11.89 5.94 -4.52
C ILE A 25 -11.28 7.34 -4.53
N GLN A 26 -11.97 8.27 -3.88
CA GLN A 26 -11.51 9.64 -3.80
C GLN A 26 -10.67 9.83 -2.54
N ASN A 27 -11.15 9.30 -1.43
CA ASN A 27 -10.45 9.41 -0.16
C ASN A 27 -10.20 8.04 0.44
N PHE A 28 -9.06 7.88 1.11
CA PHE A 28 -8.69 6.61 1.72
C PHE A 28 -9.43 6.38 3.04
N SER A 29 -10.67 6.85 3.12
CA SER A 29 -11.46 6.69 4.32
C SER A 29 -12.96 6.69 3.99
N SER A 30 -13.45 7.84 3.54
CA SER A 30 -14.86 7.99 3.20
C SER A 30 -15.29 7.09 2.04
N SER A 31 -14.42 6.94 1.05
CA SER A 31 -14.72 6.12 -0.11
C SER A 31 -14.66 4.62 0.22
N TRP A 32 -14.28 4.30 1.45
CA TRP A 32 -14.17 2.90 1.86
C TRP A 32 -15.28 2.54 2.85
N SER A 33 -16.12 3.51 3.18
CA SER A 33 -17.21 3.31 4.12
C SER A 33 -18.30 2.40 3.55
N SER A 34 -18.22 2.13 2.26
CA SER A 34 -19.19 1.27 1.60
C SER A 34 -18.77 -0.19 1.70
N GLY A 35 -17.47 -0.43 1.86
CA GLY A 35 -16.96 -1.79 1.97
C GLY A 35 -16.75 -2.45 0.62
N MET A 36 -17.56 -2.08 -0.36
CA MET A 36 -17.49 -2.64 -1.70
C MET A 36 -16.12 -2.45 -2.34
N ALA A 37 -15.41 -1.41 -1.92
CA ALA A 37 -14.09 -1.10 -2.45
C ALA A 37 -13.11 -2.26 -2.26
N PHE A 38 -13.20 -2.91 -1.09
CA PHE A 38 -12.33 -4.04 -0.78
C PHE A 38 -12.62 -5.20 -1.71
N CYS A 39 -13.89 -5.51 -1.86
CA CYS A 39 -14.33 -6.61 -2.73
C CYS A 39 -13.95 -6.36 -4.18
N ALA A 40 -14.08 -5.11 -4.61
CA ALA A 40 -13.76 -4.73 -5.98
C ALA A 40 -12.29 -5.03 -6.29
N LEU A 41 -11.41 -4.66 -5.37
CA LEU A 41 -9.98 -4.88 -5.54
C LEU A 41 -9.65 -6.38 -5.58
N ILE A 42 -10.25 -7.13 -4.66
CA ILE A 42 -10.02 -8.57 -4.59
C ILE A 42 -10.54 -9.26 -5.85
N HIS A 43 -11.74 -8.89 -6.29
CA HIS A 43 -12.34 -9.47 -7.48
C HIS A 43 -11.53 -9.16 -8.73
N LYS A 44 -10.82 -8.04 -8.71
CA LYS A 44 -10.01 -7.62 -9.85
C LYS A 44 -8.88 -8.62 -10.12
N PHE A 45 -8.28 -9.13 -9.05
CA PHE A 45 -7.19 -10.09 -9.18
C PHE A 45 -7.67 -11.53 -9.09
N PHE A 46 -8.67 -11.77 -8.24
CA PHE A 46 -9.20 -13.11 -8.06
C PHE A 46 -10.65 -13.20 -8.54
N PRO A 47 -10.85 -13.67 -9.78
CA PRO A 47 -12.20 -13.82 -10.35
C PRO A 47 -12.94 -15.00 -9.72
N GLU A 48 -12.20 -15.87 -9.06
CA GLU A 48 -12.77 -17.05 -8.41
C GLU A 48 -13.18 -16.73 -6.97
N ALA A 49 -12.76 -15.55 -6.49
CA ALA A 49 -13.08 -15.14 -5.13
C ALA A 49 -14.58 -15.08 -4.90
N PHE A 50 -15.23 -14.15 -5.59
CA PHE A 50 -16.68 -13.97 -5.46
C PHE A 50 -17.17 -13.04 -6.58
N ASP A 51 -18.46 -13.12 -6.88
CA ASP A 51 -19.03 -12.28 -7.92
C ASP A 51 -19.45 -10.94 -7.34
N TYR A 52 -18.95 -9.86 -7.95
CA TYR A 52 -19.26 -8.52 -7.48
C TYR A 52 -20.70 -8.13 -7.78
N ALA A 53 -21.29 -8.80 -8.78
CA ALA A 53 -22.67 -8.52 -9.17
C ALA A 53 -23.64 -9.14 -8.20
N GLU A 54 -23.20 -10.20 -7.53
CA GLU A 54 -24.04 -10.90 -6.55
C GLU A 54 -24.00 -10.18 -5.20
N LEU A 55 -22.91 -9.45 -4.97
CA LEU A 55 -22.72 -8.72 -3.73
C LEU A 55 -23.69 -7.54 -3.65
N ASP A 56 -24.21 -7.30 -2.46
CA ASP A 56 -25.14 -6.21 -2.23
C ASP A 56 -24.72 -5.38 -1.01
N PRO A 57 -24.82 -4.04 -1.11
CA PRO A 57 -24.44 -3.11 -0.04
C PRO A 57 -25.13 -3.36 1.31
N ALA A 58 -26.34 -3.90 1.27
CA ALA A 58 -27.08 -4.17 2.50
C ALA A 58 -26.37 -5.23 3.34
N LYS A 59 -25.78 -6.22 2.68
CA LYS A 59 -25.06 -7.28 3.37
C LYS A 59 -23.62 -6.87 3.62
N ARG A 60 -23.40 -5.58 3.86
CA ARG A 60 -22.05 -5.05 4.12
C ARG A 60 -21.34 -5.83 5.22
N ARG A 61 -22.10 -6.35 6.17
CA ARG A 61 -21.53 -7.13 7.27
C ARG A 61 -20.83 -8.37 6.75
N HIS A 62 -21.58 -9.22 6.06
CA HIS A 62 -21.04 -10.45 5.51
C HIS A 62 -20.07 -10.13 4.37
N ASN A 63 -20.33 -9.01 3.69
CA ASN A 63 -19.47 -8.57 2.59
C ASN A 63 -18.06 -8.33 3.09
N PHE A 64 -17.94 -7.60 4.19
CA PHE A 64 -16.64 -7.31 4.80
C PHE A 64 -15.95 -8.61 5.20
N THR A 65 -16.74 -9.52 5.75
CA THR A 65 -16.22 -10.81 6.18
C THR A 65 -15.70 -11.61 4.99
N LEU A 66 -16.49 -11.65 3.92
CA LEU A 66 -16.13 -12.39 2.71
C LEU A 66 -14.86 -11.83 2.08
N ALA A 67 -14.74 -10.51 2.04
CA ALA A 67 -13.56 -9.86 1.46
C ALA A 67 -12.29 -10.28 2.20
N PHE A 68 -12.31 -10.16 3.52
CA PHE A 68 -11.15 -10.51 4.34
C PHE A 68 -10.84 -12.00 4.31
N SER A 69 -11.88 -12.83 4.46
CA SER A 69 -11.70 -14.27 4.48
C SER A 69 -11.12 -14.81 3.18
N THR A 70 -11.66 -14.38 2.05
CA THR A 70 -11.18 -14.84 0.76
C THR A 70 -9.73 -14.41 0.52
N ALA A 71 -9.40 -13.19 0.93
CA ALA A 71 -8.05 -12.67 0.78
C ALA A 71 -7.08 -13.48 1.65
N GLU A 72 -7.59 -13.96 2.76
CA GLU A 72 -6.80 -14.77 3.67
C GLU A 72 -6.60 -16.17 3.11
N LYS A 73 -7.63 -16.69 2.47
CA LYS A 73 -7.56 -18.03 1.90
C LYS A 73 -6.72 -18.09 0.62
N LEU A 74 -6.89 -17.10 -0.24
CA LEU A 74 -6.17 -17.08 -1.51
C LEU A 74 -4.86 -16.31 -1.49
N ALA A 75 -4.41 -15.87 -0.32
CA ALA A 75 -3.16 -15.12 -0.26
C ALA A 75 -2.52 -15.09 1.14
N ASP A 76 -3.36 -15.16 2.18
CA ASP A 76 -2.87 -15.10 3.57
C ASP A 76 -2.28 -13.72 3.82
N CYS A 77 -3.12 -12.79 4.23
CA CYS A 77 -2.71 -11.42 4.46
C CYS A 77 -2.65 -11.09 5.95
N ALA A 78 -2.69 -9.81 6.29
CA ALA A 78 -2.63 -9.38 7.68
C ALA A 78 -3.97 -8.75 8.07
N GLN A 79 -4.64 -9.36 9.03
CA GLN A 79 -5.93 -8.86 9.50
C GLN A 79 -5.76 -7.64 10.40
N LEU A 80 -5.40 -6.52 9.80
CA LEU A 80 -5.22 -5.27 10.53
C LEU A 80 -6.57 -4.69 10.91
N LEU A 81 -7.49 -4.73 9.97
CA LEU A 81 -8.84 -4.21 10.18
C LEU A 81 -9.78 -5.35 10.53
N GLU A 82 -10.88 -5.02 11.20
CA GLU A 82 -11.85 -6.03 11.59
C GLU A 82 -13.24 -5.70 11.05
N VAL A 83 -13.99 -6.74 10.73
CA VAL A 83 -15.33 -6.60 10.18
C VAL A 83 -16.23 -5.79 11.11
N ASP A 84 -16.39 -6.26 12.34
CA ASP A 84 -17.24 -5.58 13.33
C ASP A 84 -16.78 -4.15 13.54
N ASP A 85 -15.49 -3.97 13.77
CA ASP A 85 -14.91 -2.65 14.01
C ASP A 85 -15.21 -1.68 12.87
N MET A 86 -14.93 -2.12 11.64
CA MET A 86 -15.17 -1.28 10.47
C MET A 86 -16.64 -0.98 10.27
N VAL A 87 -17.50 -1.95 10.56
CA VAL A 87 -18.95 -1.76 10.41
C VAL A 87 -19.46 -0.78 11.45
N ARG A 88 -18.92 -0.85 12.66
CA ARG A 88 -19.33 0.04 13.74
C ARG A 88 -18.84 1.47 13.52
N LEU A 89 -17.58 1.61 13.10
CA LEU A 89 -16.99 2.93 12.87
C LEU A 89 -17.43 3.52 11.54
N ALA A 90 -17.61 2.65 10.55
CA ALA A 90 -18.02 3.05 9.19
C ALA A 90 -16.88 3.73 8.43
N VAL A 91 -16.30 4.75 9.03
CA VAL A 91 -15.19 5.48 8.41
C VAL A 91 -13.87 5.04 9.02
N PRO A 92 -13.03 4.35 8.23
CA PRO A 92 -11.72 3.89 8.68
C PRO A 92 -10.66 4.98 8.58
N ASP A 93 -9.46 4.68 9.07
CA ASP A 93 -8.36 5.63 9.02
C ASP A 93 -7.63 5.56 7.69
N SER A 94 -7.09 6.69 7.26
CA SER A 94 -6.39 6.79 5.99
C SER A 94 -5.13 5.93 5.91
N LYS A 95 -4.33 5.88 6.98
CA LYS A 95 -3.11 5.10 6.95
C LYS A 95 -3.34 3.63 7.32
N CYS A 96 -4.41 3.36 8.04
CA CYS A 96 -4.74 1.99 8.41
C CYS A 96 -5.03 1.18 7.16
N VAL A 97 -5.75 1.79 6.22
CA VAL A 97 -6.07 1.13 4.97
C VAL A 97 -4.84 1.13 4.07
N TYR A 98 -4.08 2.23 4.12
CA TYR A 98 -2.87 2.38 3.33
C TYR A 98 -1.90 1.22 3.58
N THR A 99 -1.68 0.91 4.86
CA THR A 99 -0.79 -0.18 5.23
C THR A 99 -1.31 -1.50 4.67
N TYR A 100 -2.60 -1.75 4.88
CA TYR A 100 -3.23 -2.98 4.39
C TYR A 100 -3.03 -3.15 2.89
N ILE A 101 -3.16 -2.05 2.16
CA ILE A 101 -3.00 -2.07 0.70
C ILE A 101 -1.55 -2.41 0.33
N GLN A 102 -0.59 -1.85 1.07
CA GLN A 102 0.82 -2.09 0.79
C GLN A 102 1.18 -3.57 1.03
N GLU A 103 0.71 -4.11 2.14
CA GLU A 103 0.97 -5.50 2.48
C GLU A 103 0.35 -6.42 1.43
N LEU A 104 -0.84 -6.04 0.97
CA LEU A 104 -1.54 -6.81 -0.05
C LEU A 104 -0.81 -6.72 -1.37
N TYR A 105 -0.33 -5.52 -1.70
CA TYR A 105 0.42 -5.28 -2.93
C TYR A 105 1.63 -6.18 -2.99
N ARG A 106 2.36 -6.28 -1.88
CA ARG A 106 3.55 -7.12 -1.79
C ARG A 106 3.21 -8.57 -2.15
N SER A 107 2.09 -9.04 -1.59
CA SER A 107 1.64 -10.40 -1.84
C SER A 107 1.33 -10.61 -3.32
N LEU A 108 0.73 -9.61 -3.94
CA LEU A 108 0.39 -9.68 -5.36
C LEU A 108 1.64 -9.69 -6.23
N VAL A 109 2.66 -8.95 -5.80
CA VAL A 109 3.92 -8.88 -6.52
C VAL A 109 4.67 -10.20 -6.43
N GLN A 110 4.78 -10.72 -5.22
CA GLN A 110 5.48 -11.98 -4.98
C GLN A 110 4.76 -13.18 -5.60
N LYS A 111 3.46 -13.01 -5.87
CA LYS A 111 2.67 -14.07 -6.49
C LYS A 111 2.79 -13.99 -8.02
N GLY A 112 3.31 -12.86 -8.49
CA GLY A 112 3.49 -12.67 -9.92
C GLY A 112 2.22 -12.17 -10.59
N LEU A 113 1.27 -11.69 -9.80
CA LEU A 113 0.01 -11.19 -10.35
C LEU A 113 0.19 -9.82 -10.97
N VAL A 114 1.04 -9.00 -10.36
CA VAL A 114 1.31 -7.67 -10.86
C VAL A 114 2.20 -7.73 -12.10
N LYS A 115 3.00 -8.80 -12.17
CA LYS A 115 3.92 -9.01 -13.29
C LYS A 115 3.21 -9.74 -14.43
N THR A 116 2.00 -9.31 -14.73
CA THR A 116 1.22 -9.91 -15.80
C THR A 116 1.29 -9.06 -17.08
N LYS A 117 2.30 -8.21 -17.15
CA LYS A 117 2.50 -7.33 -18.30
C LYS A 117 3.22 -8.05 -19.43
N LYS A 118 3.16 -9.37 -19.40
CA LYS A 118 3.82 -10.19 -20.41
C LYS A 118 2.79 -10.78 -21.36
N LYS A 119 3.24 -11.16 -22.55
CA LYS A 119 2.37 -11.74 -23.56
C LYS A 119 3.16 -12.77 -24.36
N GLU B 1 21.03 15.07 14.20
CA GLU B 1 20.62 14.38 12.95
C GLU B 1 19.15 14.65 12.61
N GLU B 2 18.58 15.68 13.24
CA GLU B 2 17.20 16.06 13.03
C GLU B 2 16.94 16.47 11.58
N GLU B 3 17.96 17.02 10.94
CA GLU B 3 17.85 17.45 9.55
C GLU B 3 17.39 16.32 8.65
N ILE B 4 18.05 15.17 8.76
CA ILE B 4 17.72 14.00 7.98
C ILE B 4 16.32 13.49 8.34
N ARG B 5 16.02 13.51 9.63
CA ARG B 5 14.73 13.04 10.13
C ARG B 5 13.59 13.89 9.59
N GLU B 6 13.76 15.21 9.60
CA GLU B 6 12.74 16.12 9.10
C GLU B 6 12.58 16.00 7.58
N ALA B 7 13.71 15.83 6.89
CA ALA B 7 13.71 15.69 5.44
C ALA B 7 12.86 14.50 5.00
N PHE B 8 13.05 13.36 5.65
CA PHE B 8 12.30 12.15 5.34
C PHE B 8 10.84 12.29 5.75
N ARG B 9 10.61 13.07 6.81
CA ARG B 9 9.27 13.30 7.31
C ARG B 9 8.39 14.00 6.29
N VAL B 10 9.00 14.82 5.44
CA VAL B 10 8.28 15.54 4.41
C VAL B 10 7.72 14.58 3.35
N PHE B 11 8.40 13.45 3.18
CA PHE B 11 7.99 12.46 2.20
C PHE B 11 6.73 11.71 2.62
N ASP B 12 6.65 11.34 3.89
CA ASP B 12 5.48 10.64 4.40
C ASP B 12 4.26 11.56 4.34
N LYS B 13 3.07 10.98 4.28
CA LYS B 13 1.85 11.77 4.20
C LYS B 13 0.86 11.41 5.29
N ASP B 14 1.19 10.42 6.11
CA ASP B 14 0.29 10.00 7.19
C ASP B 14 1.04 9.58 8.44
N GLY B 15 2.33 9.33 8.30
CA GLY B 15 3.13 8.91 9.43
C GLY B 15 3.16 7.40 9.55
N ASN B 16 3.75 6.75 8.56
CA ASN B 16 3.83 5.29 8.54
C ASN B 16 5.28 4.83 8.43
N GLY B 17 6.08 5.60 7.69
CA GLY B 17 7.49 5.25 7.53
C GLY B 17 7.75 4.46 6.25
N TYR B 18 6.77 4.44 5.37
CA TYR B 18 6.89 3.71 4.10
C TYR B 18 7.33 4.65 2.98
N ILE B 19 8.57 4.52 2.54
CA ILE B 19 9.10 5.35 1.47
C ILE B 19 9.52 4.50 0.27
N SER B 20 9.29 4.99 -0.93
CA SER B 20 9.65 4.27 -2.14
C SER B 20 11.15 4.37 -2.41
N ALA B 21 11.72 3.29 -2.94
CA ALA B 21 13.15 3.24 -3.25
C ALA B 21 13.56 4.30 -4.28
N ALA B 22 12.68 4.54 -5.24
CA ALA B 22 12.95 5.53 -6.29
C ALA B 22 13.18 6.90 -5.68
N GLU B 23 12.42 7.21 -4.64
CA GLU B 23 12.54 8.48 -3.95
C GLU B 23 13.72 8.46 -3.00
N LEU B 24 13.88 7.34 -2.30
CA LEU B 24 14.97 7.16 -1.34
C LEU B 24 16.33 7.42 -1.99
N ARG B 25 16.51 6.88 -3.19
CA ARG B 25 17.77 7.05 -3.92
C ARG B 25 17.99 8.52 -4.28
N HIS B 26 16.90 9.26 -4.45
CA HIS B 26 16.99 10.67 -4.80
C HIS B 26 17.14 11.54 -3.55
N VAL B 27 16.70 11.02 -2.40
CA VAL B 27 16.80 11.76 -1.14
C VAL B 27 18.25 11.95 -0.74
N MET B 28 19.01 10.87 -0.78
CA MET B 28 20.42 10.90 -0.41
C MET B 28 21.19 11.90 -1.29
N THR B 29 20.90 11.88 -2.58
CA THR B 29 21.56 12.78 -3.52
C THR B 29 21.09 14.22 -3.31
N ASN B 30 19.83 14.37 -2.92
CA ASN B 30 19.24 15.69 -2.69
C ASN B 30 19.80 16.32 -1.42
N LEU B 31 20.16 15.48 -0.46
CA LEU B 31 20.70 15.93 0.82
C LEU B 31 22.11 16.50 0.66
N GLY B 32 22.69 16.31 -0.52
CA GLY B 32 24.03 16.81 -0.77
C GLY B 32 25.09 15.78 -0.45
N GLU B 33 24.72 14.52 -0.54
CA GLU B 33 25.66 13.43 -0.28
C GLU B 33 26.49 13.14 -1.51
N LYS B 34 27.59 12.41 -1.31
CA LYS B 34 28.49 12.07 -2.40
C LYS B 34 28.72 10.58 -2.48
N LEU B 35 27.73 9.81 -2.05
CA LEU B 35 27.81 8.36 -2.09
C LEU B 35 27.72 7.89 -3.52
N THR B 36 28.63 6.99 -3.92
CA THR B 36 28.66 6.48 -5.27
C THR B 36 27.40 5.68 -5.58
N ASP B 37 27.02 5.65 -6.87
CA ASP B 37 25.82 4.95 -7.31
C ASP B 37 25.85 3.46 -6.95
N GLU B 38 27.01 2.84 -7.13
CA GLU B 38 27.18 1.42 -6.81
C GLU B 38 26.90 1.13 -5.35
N GLU B 39 27.29 2.05 -4.47
CA GLU B 39 27.07 1.88 -3.03
C GLU B 39 25.57 1.79 -2.74
N VAL B 40 24.80 2.63 -3.43
CA VAL B 40 23.35 2.65 -3.26
C VAL B 40 22.75 1.30 -3.66
N ASP B 41 23.21 0.76 -4.78
CA ASP B 41 22.72 -0.52 -5.28
C ASP B 41 23.04 -1.64 -4.30
N GLU B 42 24.24 -1.60 -3.72
CA GLU B 42 24.66 -2.61 -2.76
C GLU B 42 23.73 -2.61 -1.57
N MET B 43 23.42 -1.41 -1.08
CA MET B 43 22.52 -1.26 0.07
C MET B 43 21.11 -1.70 -0.30
N ILE B 44 20.73 -1.45 -1.55
CA ILE B 44 19.41 -1.83 -2.06
C ILE B 44 19.27 -3.35 -2.07
N ARG B 45 20.36 -4.03 -2.44
CA ARG B 45 20.38 -5.48 -2.49
C ARG B 45 20.37 -6.06 -1.07
N GLU B 46 20.82 -5.26 -0.12
CA GLU B 46 20.89 -5.69 1.27
C GLU B 46 19.58 -5.39 2.01
N ALA B 47 18.69 -4.66 1.36
CA ALA B 47 17.41 -4.29 1.97
C ALA B 47 16.23 -4.95 1.25
N ASP B 48 15.11 -5.00 1.95
CA ASP B 48 13.89 -5.57 1.40
C ASP B 48 13.12 -4.52 0.60
N ILE B 49 13.42 -4.44 -0.69
CA ILE B 49 12.77 -3.48 -1.55
C ILE B 49 11.93 -4.18 -2.62
N ASP B 50 12.60 -4.90 -3.51
CA ASP B 50 11.92 -5.60 -4.59
C ASP B 50 11.05 -6.72 -4.02
N GLY B 51 9.82 -6.78 -4.48
CA GLY B 51 8.90 -7.79 -4.02
C GLY B 51 7.96 -7.26 -2.96
N ASP B 52 8.34 -6.17 -2.33
CA ASP B 52 7.52 -5.56 -1.29
C ASP B 52 6.85 -4.30 -1.82
N GLY B 53 7.67 -3.30 -2.14
CA GLY B 53 7.14 -2.06 -2.66
C GLY B 53 7.78 -0.86 -2.00
N GLN B 54 7.53 -0.69 -0.71
CA GLN B 54 8.08 0.42 0.05
C GLN B 54 9.19 -0.05 0.97
N VAL B 55 10.08 0.87 1.32
CA VAL B 55 11.20 0.55 2.20
C VAL B 55 11.11 1.35 3.49
N ASN B 56 11.65 0.78 4.56
CA ASN B 56 11.65 1.44 5.87
C ASN B 56 12.86 2.37 5.99
N TYR B 57 12.61 3.67 5.96
CA TYR B 57 13.67 4.67 6.05
C TYR B 57 14.46 4.56 7.36
N GLU B 58 13.81 4.07 8.40
CA GLU B 58 14.44 3.92 9.71
C GLU B 58 15.73 3.11 9.64
N GLU B 59 15.72 2.06 8.82
CA GLU B 59 16.87 1.19 8.66
C GLU B 59 18.05 1.93 8.06
N PHE B 60 17.79 2.97 7.29
CA PHE B 60 18.84 3.75 6.65
C PHE B 60 19.27 4.92 7.52
N VAL B 61 18.30 5.61 8.12
CA VAL B 61 18.59 6.76 8.97
C VAL B 61 19.46 6.36 10.15
N GLN B 62 19.09 5.27 10.83
CA GLN B 62 19.84 4.78 11.98
C GLN B 62 21.21 4.24 11.55
N MET B 63 21.26 3.66 10.35
CA MET B 63 22.51 3.11 9.83
C MET B 63 23.50 4.23 9.53
N MET B 64 23.05 5.25 8.84
CA MET B 64 23.90 6.39 8.46
C MET B 64 24.44 7.11 9.70
N THR B 65 23.63 7.20 10.74
CA THR B 65 24.04 7.88 11.96
C THR B 65 24.88 6.97 12.85
N ALA B 66 25.15 5.76 12.40
CA ALA B 66 25.95 4.81 13.15
C ALA B 66 27.28 4.60 12.44
N LYS B 67 27.48 5.36 11.37
CA LYS B 67 28.70 5.27 10.59
C LYS B 67 29.44 6.60 10.61
N GLY A 1 1.85 12.48 -7.66
CA GLY A 1 2.76 13.13 -6.68
C GLY A 1 3.77 12.15 -6.12
N PRO A 2 4.98 12.10 -6.68
CA PRO A 2 6.04 11.19 -6.24
C PRO A 2 6.75 11.70 -4.98
N LEU A 3 6.09 12.58 -4.25
CA LEU A 3 6.65 13.14 -3.03
C LEU A 3 5.85 12.70 -1.81
N GLY A 4 4.85 11.86 -2.04
CA GLY A 4 4.03 11.36 -0.96
C GLY A 4 3.70 9.90 -1.12
N SER A 5 3.95 9.13 -0.07
CA SER A 5 3.71 7.69 -0.09
C SER A 5 2.23 7.35 -0.31
N LYS A 6 1.35 8.09 0.35
CA LYS A 6 -0.09 7.85 0.24
C LYS A 6 -0.59 8.09 -1.18
N ASN A 7 -0.01 9.08 -1.85
CA ASN A 7 -0.41 9.40 -3.22
C ASN A 7 -0.02 8.28 -4.18
N MET A 8 1.12 7.64 -3.91
CA MET A 8 1.61 6.55 -4.74
C MET A 8 0.62 5.38 -4.76
N LEU A 9 0.17 4.96 -3.57
CA LEU A 9 -0.78 3.88 -3.45
C LEU A 9 -2.13 4.27 -4.05
N LEU A 10 -2.50 5.53 -3.89
CA LEU A 10 -3.75 6.04 -4.41
C LEU A 10 -3.78 6.00 -5.93
N GLU A 11 -2.67 6.41 -6.54
CA GLU A 11 -2.55 6.42 -8.00
C GLU A 11 -2.69 5.02 -8.56
N TRP A 12 -2.05 4.07 -7.90
CA TRP A 12 -2.08 2.66 -8.32
C TRP A 12 -3.52 2.12 -8.29
N CYS A 13 -4.22 2.40 -7.19
CA CYS A 13 -5.60 1.93 -7.04
C CYS A 13 -6.52 2.68 -7.99
N ARG A 14 -6.28 3.98 -8.15
CA ARG A 14 -7.09 4.84 -9.02
C ARG A 14 -7.15 4.28 -10.44
N ALA A 15 -6.03 3.74 -10.91
CA ALA A 15 -5.94 3.17 -12.25
C ALA A 15 -6.93 2.03 -12.44
N MET A 16 -7.05 1.16 -11.45
CA MET A 16 -7.95 0.01 -11.54
C MET A 16 -9.38 0.38 -11.15
N THR A 17 -9.53 1.50 -10.45
CA THR A 17 -10.85 1.97 -10.03
C THR A 17 -11.70 2.32 -11.25
N ARG A 18 -11.04 2.77 -12.30
CA ARG A 18 -11.70 3.16 -13.54
C ARG A 18 -12.31 1.95 -14.25
N ASN A 19 -11.90 0.76 -13.85
CA ASN A 19 -12.41 -0.47 -14.45
C ASN A 19 -13.67 -0.93 -13.74
N TYR A 20 -14.06 -0.18 -12.71
CA TYR A 20 -15.24 -0.50 -11.93
C TYR A 20 -16.27 0.61 -12.04
N GLU A 21 -17.53 0.25 -11.91
CA GLU A 21 -18.62 1.22 -11.97
C GLU A 21 -19.25 1.36 -10.60
N HIS A 22 -19.74 2.57 -10.30
CA HIS A 22 -20.37 2.88 -9.02
C HIS A 22 -19.35 2.90 -7.88
N VAL A 23 -18.08 2.93 -8.26
CA VAL A 23 -16.99 2.95 -7.30
C VAL A 23 -16.02 4.09 -7.63
N ASP A 24 -15.92 5.06 -6.75
CA ASP A 24 -15.03 6.19 -6.95
C ASP A 24 -14.14 6.41 -5.74
N ILE A 25 -12.95 5.82 -5.77
CA ILE A 25 -12.01 5.94 -4.67
C ILE A 25 -11.18 7.22 -4.79
N GLN A 26 -11.57 8.23 -4.02
CA GLN A 26 -10.87 9.50 -4.03
C GLN A 26 -10.02 9.66 -2.77
N ASN A 27 -10.30 8.82 -1.78
CA ASN A 27 -9.58 8.83 -0.52
C ASN A 27 -9.82 7.52 0.21
N PHE A 28 -9.00 7.25 1.21
CA PHE A 28 -9.11 6.02 1.99
C PHE A 28 -10.04 6.21 3.18
N SER A 29 -11.27 6.60 2.89
CA SER A 29 -12.26 6.82 3.94
C SER A 29 -13.69 6.74 3.39
N SER A 30 -14.18 7.86 2.86
CA SER A 30 -15.52 7.95 2.31
C SER A 30 -15.77 6.93 1.21
N SER A 31 -14.78 6.76 0.34
CA SER A 31 -14.90 5.82 -0.77
C SER A 31 -14.90 4.37 -0.30
N TRP A 32 -14.64 4.15 0.98
CA TRP A 32 -14.61 2.80 1.53
C TRP A 32 -15.79 2.55 2.46
N SER A 33 -16.58 3.60 2.70
CA SER A 33 -17.74 3.49 3.57
C SER A 33 -18.82 2.61 2.96
N SER A 34 -18.73 2.41 1.64
CA SER A 34 -19.67 1.58 0.92
C SER A 34 -19.38 0.10 1.12
N GLY A 35 -18.18 -0.21 1.61
CA GLY A 35 -17.80 -1.59 1.84
C GLY A 35 -17.40 -2.33 0.58
N MET A 36 -18.23 -2.20 -0.45
CA MET A 36 -18.01 -2.85 -1.74
C MET A 36 -16.58 -2.67 -2.27
N ALA A 37 -15.99 -1.52 -1.97
CA ALA A 37 -14.62 -1.21 -2.41
C ALA A 37 -13.61 -2.28 -1.98
N PHE A 38 -13.82 -2.86 -0.82
CA PHE A 38 -12.93 -3.89 -0.31
C PHE A 38 -12.95 -5.12 -1.21
N CYS A 39 -14.14 -5.64 -1.47
CA CYS A 39 -14.31 -6.81 -2.30
C CYS A 39 -13.93 -6.53 -3.75
N ALA A 40 -14.15 -5.30 -4.20
CA ALA A 40 -13.81 -4.91 -5.56
C ALA A 40 -12.32 -5.09 -5.82
N LEU A 41 -11.51 -4.68 -4.86
CA LEU A 41 -10.06 -4.78 -4.97
C LEU A 41 -9.63 -6.24 -4.93
N ILE A 42 -10.22 -7.02 -4.03
CA ILE A 42 -9.89 -8.43 -3.88
C ILE A 42 -10.18 -9.23 -5.15
N HIS A 43 -11.35 -9.00 -5.74
CA HIS A 43 -11.73 -9.72 -6.96
C HIS A 43 -10.87 -9.33 -8.16
N LYS A 44 -10.24 -8.17 -8.08
CA LYS A 44 -9.39 -7.70 -9.16
C LYS A 44 -8.14 -8.58 -9.28
N PHE A 45 -7.65 -9.06 -8.13
CA PHE A 45 -6.47 -9.90 -8.10
C PHE A 45 -6.83 -11.38 -8.02
N PHE A 46 -7.91 -11.69 -7.31
CA PHE A 46 -8.35 -13.06 -7.15
C PHE A 46 -9.69 -13.29 -7.82
N PRO A 47 -9.69 -13.88 -9.03
CA PRO A 47 -10.91 -14.17 -9.79
C PRO A 47 -11.70 -15.33 -9.17
N GLU A 48 -10.99 -16.33 -8.70
CA GLU A 48 -11.59 -17.52 -8.10
C GLU A 48 -11.98 -17.29 -6.64
N ALA A 49 -12.03 -16.04 -6.23
CA ALA A 49 -12.39 -15.71 -4.86
C ALA A 49 -13.89 -15.70 -4.67
N PHE A 50 -14.58 -14.87 -5.43
CA PHE A 50 -16.03 -14.74 -5.36
C PHE A 50 -16.53 -13.90 -6.53
N ASP A 51 -17.85 -13.87 -6.72
CA ASP A 51 -18.44 -13.09 -7.80
C ASP A 51 -18.88 -11.73 -7.26
N TYR A 52 -18.26 -10.67 -7.77
CA TYR A 52 -18.57 -9.31 -7.33
C TYR A 52 -19.93 -8.86 -7.85
N ALA A 53 -20.35 -9.42 -9.00
CA ALA A 53 -21.63 -9.08 -9.59
C ALA A 53 -22.77 -9.65 -8.76
N GLU A 54 -22.44 -10.62 -7.91
CA GLU A 54 -23.44 -11.26 -7.06
C GLU A 54 -23.48 -10.60 -5.68
N LEU A 55 -22.80 -9.47 -5.54
CA LEU A 55 -22.75 -8.75 -4.28
C LEU A 55 -23.62 -7.50 -4.32
N ASP A 56 -24.43 -7.32 -3.29
CA ASP A 56 -25.31 -6.18 -3.19
C ASP A 56 -24.81 -5.22 -2.13
N PRO A 57 -25.08 -3.91 -2.30
CA PRO A 57 -24.66 -2.89 -1.33
C PRO A 57 -25.38 -3.07 0.00
N ALA A 58 -26.46 -3.82 -0.04
CA ALA A 58 -27.26 -4.10 1.15
C ALA A 58 -26.61 -5.24 1.94
N LYS A 59 -25.60 -5.86 1.35
CA LYS A 59 -24.89 -6.95 2.00
C LYS A 59 -23.55 -6.47 2.50
N ARG A 60 -23.50 -5.24 3.01
CA ARG A 60 -22.27 -4.65 3.52
C ARG A 60 -21.63 -5.50 4.61
N ARG A 61 -22.44 -6.00 5.54
CA ARG A 61 -21.94 -6.84 6.62
C ARG A 61 -21.25 -8.07 6.04
N HIS A 62 -21.93 -8.73 5.11
CA HIS A 62 -21.40 -9.93 4.46
C HIS A 62 -20.16 -9.58 3.65
N ASN A 63 -20.21 -8.42 2.99
CA ASN A 63 -19.12 -7.94 2.16
C ASN A 63 -17.83 -7.85 2.96
N PHE A 64 -17.91 -7.24 4.14
CA PHE A 64 -16.73 -7.10 5.01
C PHE A 64 -16.20 -8.46 5.44
N THR A 65 -17.09 -9.37 5.80
CA THR A 65 -16.69 -10.70 6.23
C THR A 65 -16.04 -11.45 5.06
N LEU A 66 -16.68 -11.39 3.91
CA LEU A 66 -16.19 -12.06 2.71
C LEU A 66 -14.81 -11.57 2.31
N ALA A 67 -14.64 -10.26 2.26
CA ALA A 67 -13.37 -9.65 1.89
C ALA A 67 -12.23 -10.12 2.80
N PHE A 68 -12.42 -9.97 4.11
CA PHE A 68 -11.40 -10.36 5.08
C PHE A 68 -11.11 -11.86 5.04
N SER A 69 -12.14 -12.68 5.14
CA SER A 69 -11.96 -14.13 5.13
C SER A 69 -11.29 -14.64 3.86
N THR A 70 -11.75 -14.18 2.71
CA THR A 70 -11.18 -14.60 1.44
C THR A 70 -9.72 -14.16 1.32
N ALA A 71 -9.43 -12.94 1.77
CA ALA A 71 -8.07 -12.42 1.71
C ALA A 71 -7.15 -13.20 2.66
N GLU A 72 -7.67 -13.57 3.82
CA GLU A 72 -6.92 -14.34 4.80
C GLU A 72 -6.72 -15.78 4.32
N LYS A 73 -7.69 -16.30 3.62
CA LYS A 73 -7.63 -17.67 3.12
C LYS A 73 -6.69 -17.80 1.92
N LEU A 74 -6.58 -16.74 1.12
CA LEU A 74 -5.74 -16.76 -0.07
C LEU A 74 -4.37 -16.11 0.14
N ALA A 75 -4.36 -14.87 0.63
CA ALA A 75 -3.10 -14.15 0.83
C ALA A 75 -2.71 -14.05 2.30
N ASP A 76 -3.54 -14.64 3.17
CA ASP A 76 -3.32 -14.66 4.62
C ASP A 76 -2.83 -13.33 5.19
N CYS A 77 -3.57 -12.26 4.93
CA CYS A 77 -3.21 -10.94 5.41
C CYS A 77 -3.63 -10.76 6.88
N ALA A 78 -3.06 -9.75 7.52
CA ALA A 78 -3.37 -9.47 8.92
C ALA A 78 -4.66 -8.67 9.01
N GLN A 79 -5.49 -9.02 10.00
CA GLN A 79 -6.76 -8.34 10.21
C GLN A 79 -6.56 -7.03 10.95
N LEU A 80 -6.27 -5.98 10.19
CA LEU A 80 -6.05 -4.66 10.78
C LEU A 80 -7.39 -3.99 11.10
N LEU A 81 -8.47 -4.54 10.54
CA LEU A 81 -9.81 -4.01 10.75
C LEU A 81 -10.75 -5.16 11.09
N GLU A 82 -11.88 -4.83 11.70
CA GLU A 82 -12.85 -5.85 12.07
C GLU A 82 -14.16 -5.66 11.32
N VAL A 83 -14.90 -6.75 11.14
CA VAL A 83 -16.18 -6.70 10.43
C VAL A 83 -17.17 -5.82 11.18
N ASP A 84 -17.42 -6.15 12.44
CA ASP A 84 -18.35 -5.39 13.27
C ASP A 84 -17.89 -3.94 13.40
N ASP A 85 -16.58 -3.76 13.47
CA ASP A 85 -16.00 -2.44 13.58
C ASP A 85 -16.32 -1.59 12.36
N MET A 86 -16.01 -2.13 11.18
CA MET A 86 -16.25 -1.42 9.92
C MET A 86 -17.74 -1.14 9.72
N VAL A 87 -18.57 -2.11 10.06
CA VAL A 87 -20.01 -1.96 9.93
C VAL A 87 -20.55 -0.87 10.86
N ARG A 88 -19.98 -0.82 12.06
CA ARG A 88 -20.39 0.15 13.05
C ARG A 88 -19.84 1.55 12.76
N LEU A 89 -18.53 1.63 12.56
CA LEU A 89 -17.87 2.92 12.30
C LEU A 89 -18.30 3.53 10.97
N ALA A 90 -18.38 2.70 9.93
CA ALA A 90 -18.76 3.14 8.58
C ALA A 90 -17.66 3.95 7.89
N VAL A 91 -17.08 4.89 8.60
CA VAL A 91 -16.00 5.72 8.05
C VAL A 91 -14.66 5.20 8.55
N PRO A 92 -13.91 4.50 7.69
CA PRO A 92 -12.60 3.94 8.05
C PRO A 92 -11.52 5.01 8.13
N ASP A 93 -10.56 4.79 9.02
CA ASP A 93 -9.46 5.73 9.20
C ASP A 93 -8.49 5.60 8.02
N SER A 94 -8.03 6.74 7.53
CA SER A 94 -7.11 6.78 6.41
C SER A 94 -5.82 6.04 6.73
N LYS A 95 -5.44 6.05 8.01
CA LYS A 95 -4.22 5.38 8.45
C LYS A 95 -4.38 3.87 8.43
N CYS A 96 -5.56 3.41 8.86
CA CYS A 96 -5.85 1.98 8.90
C CYS A 96 -5.90 1.39 7.49
N VAL A 97 -6.59 2.09 6.58
CA VAL A 97 -6.70 1.63 5.21
C VAL A 97 -5.35 1.72 4.50
N TYR A 98 -4.64 2.81 4.73
CA TYR A 98 -3.33 3.02 4.12
C TYR A 98 -2.39 1.86 4.45
N THR A 99 -2.26 1.55 5.73
CA THR A 99 -1.39 0.46 6.17
C THR A 99 -1.83 -0.88 5.61
N TYR A 100 -3.15 -1.07 5.49
CA TYR A 100 -3.69 -2.31 4.95
C TYR A 100 -3.27 -2.52 3.51
N ILE A 101 -3.37 -1.46 2.70
CA ILE A 101 -2.98 -1.52 1.29
C ILE A 101 -1.46 -1.54 1.18
N GLN A 102 -0.80 -0.88 2.12
CA GLN A 102 0.65 -0.80 2.16
C GLN A 102 1.27 -2.20 2.17
N GLU A 103 0.87 -3.01 3.13
CA GLU A 103 1.39 -4.37 3.26
C GLU A 103 0.87 -5.27 2.14
N LEU A 104 -0.40 -5.09 1.78
CA LEU A 104 -1.01 -5.89 0.72
C LEU A 104 -0.25 -5.71 -0.60
N TYR A 105 0.13 -4.46 -0.88
CA TYR A 105 0.87 -4.14 -2.09
C TYR A 105 2.19 -4.90 -2.12
N ARG A 106 2.84 -4.99 -0.95
CA ARG A 106 4.12 -5.69 -0.84
C ARG A 106 3.97 -7.15 -1.20
N SER A 107 2.94 -7.80 -0.66
CA SER A 107 2.69 -9.21 -0.93
C SER A 107 2.48 -9.46 -2.42
N LEU A 108 1.88 -8.47 -3.10
CA LEU A 108 1.62 -8.59 -4.52
C LEU A 108 2.88 -8.39 -5.36
N VAL A 109 3.85 -7.67 -4.78
CA VAL A 109 5.11 -7.41 -5.48
C VAL A 109 5.99 -8.66 -5.49
N GLN A 110 6.10 -9.31 -4.33
CA GLN A 110 6.91 -10.52 -4.22
C GLN A 110 6.37 -11.65 -5.06
N LYS A 111 5.05 -11.66 -5.25
CA LYS A 111 4.41 -12.70 -6.05
C LYS A 111 4.47 -12.35 -7.54
N GLY A 112 4.84 -11.10 -7.82
CA GLY A 112 4.95 -10.65 -9.20
C GLY A 112 3.60 -10.46 -9.86
N LEU A 113 2.64 -9.94 -9.11
CA LEU A 113 1.30 -9.72 -9.65
C LEU A 113 1.11 -8.25 -10.05
N VAL A 114 1.98 -7.39 -9.53
CA VAL A 114 1.92 -5.96 -9.81
C VAL A 114 2.47 -5.67 -11.21
N LYS A 115 3.55 -6.35 -11.58
CA LYS A 115 4.17 -6.16 -12.88
C LYS A 115 3.48 -7.02 -13.93
N THR A 116 2.19 -6.77 -14.15
CA THR A 116 1.42 -7.51 -15.14
C THR A 116 1.79 -7.09 -16.56
N LYS A 117 2.26 -5.85 -16.69
CA LYS A 117 2.65 -5.32 -17.98
C LYS A 117 4.14 -5.03 -18.01
N LYS A 118 4.87 -5.80 -18.79
CA LYS A 118 6.30 -5.63 -18.92
C LYS A 118 6.64 -4.95 -20.24
N LYS A 119 6.83 -3.63 -20.19
CA LYS A 119 7.16 -2.84 -21.37
C LYS A 119 5.97 -2.75 -22.32
N GLU B 1 21.62 14.58 13.33
CA GLU B 1 21.18 13.27 12.77
C GLU B 1 19.66 13.23 12.59
N GLU B 2 18.95 13.80 13.55
CA GLU B 2 17.49 13.83 13.53
C GLU B 2 16.95 14.47 12.24
N GLU B 3 17.72 15.41 11.69
CA GLU B 3 17.33 16.10 10.47
C GLU B 3 17.13 15.11 9.32
N ILE B 4 17.92 14.05 9.33
CA ILE B 4 17.85 13.02 8.29
C ILE B 4 16.53 12.28 8.40
N ARG B 5 16.14 11.95 9.63
CA ARG B 5 14.91 11.24 9.89
C ARG B 5 13.72 12.10 9.49
N GLU B 6 13.81 13.40 9.79
CA GLU B 6 12.75 14.34 9.45
C GLU B 6 12.62 14.50 7.93
N ALA B 7 13.74 14.39 7.23
CA ALA B 7 13.75 14.50 5.78
C ALA B 7 12.87 13.42 5.17
N PHE B 8 12.99 12.20 5.70
CA PHE B 8 12.19 11.08 5.22
C PHE B 8 10.75 11.25 5.66
N ARG B 9 10.58 11.84 6.84
CA ARG B 9 9.27 12.10 7.41
C ARG B 9 8.45 13.01 6.49
N VAL B 10 9.14 13.93 5.81
CA VAL B 10 8.49 14.86 4.89
C VAL B 10 7.83 14.10 3.74
N PHE B 11 8.49 13.04 3.28
CA PHE B 11 7.98 12.24 2.18
C PHE B 11 6.78 11.41 2.60
N ASP B 12 6.81 10.90 3.83
CA ASP B 12 5.71 10.10 4.35
C ASP B 12 4.47 10.98 4.52
N LYS B 13 3.31 10.48 4.14
CA LYS B 13 2.08 11.24 4.24
C LYS B 13 1.11 10.65 5.25
N ASP B 14 1.57 9.65 5.99
CA ASP B 14 0.74 9.00 7.00
C ASP B 14 1.49 8.86 8.32
N GLY B 15 2.80 8.82 8.23
CA GLY B 15 3.62 8.69 9.42
C GLY B 15 3.85 7.25 9.79
N ASN B 16 4.14 6.43 8.79
CA ASN B 16 4.38 5.01 9.00
C ASN B 16 5.87 4.69 8.96
N GLY B 17 6.58 5.39 8.08
CA GLY B 17 8.01 5.18 7.94
C GLY B 17 8.33 4.22 6.81
N TYR B 18 7.34 3.95 5.96
CA TYR B 18 7.51 3.04 4.85
C TYR B 18 7.31 3.76 3.52
N ILE B 19 8.32 3.67 2.66
CA ILE B 19 8.29 4.30 1.34
C ILE B 19 8.93 3.36 0.33
N SER B 20 8.99 3.77 -0.93
CA SER B 20 9.59 2.93 -1.95
C SER B 20 11.03 3.36 -2.24
N ALA B 21 11.75 2.57 -3.03
CA ALA B 21 13.13 2.88 -3.38
C ALA B 21 13.20 4.14 -4.22
N ALA B 22 12.12 4.47 -4.91
CA ALA B 22 12.06 5.65 -5.75
C ALA B 22 12.18 6.91 -4.90
N GLU B 23 11.36 6.99 -3.87
CA GLU B 23 11.39 8.13 -2.97
C GLU B 23 12.69 8.14 -2.18
N LEU B 24 13.12 6.95 -1.79
CA LEU B 24 14.36 6.78 -1.04
C LEU B 24 15.55 7.42 -1.75
N ARG B 25 15.74 7.07 -3.02
CA ARG B 25 16.84 7.63 -3.80
C ARG B 25 16.62 9.11 -4.06
N HIS B 26 15.36 9.51 -4.16
CA HIS B 26 15.02 10.91 -4.40
C HIS B 26 15.42 11.78 -3.22
N VAL B 27 15.32 11.23 -2.02
CA VAL B 27 15.71 11.95 -0.81
C VAL B 27 17.22 12.10 -0.76
N MET B 28 17.91 11.01 -1.08
CA MET B 28 19.37 10.99 -1.07
C MET B 28 19.95 12.05 -2.02
N THR B 29 19.40 12.11 -3.23
CA THR B 29 19.86 13.07 -4.23
C THR B 29 19.40 14.50 -3.91
N ASN B 30 18.51 14.62 -2.92
CA ASN B 30 17.99 15.92 -2.52
C ASN B 30 18.73 16.43 -1.28
N LEU B 31 19.50 15.54 -0.65
CA LEU B 31 20.25 15.90 0.54
C LEU B 31 21.67 16.34 0.18
N GLY B 32 21.94 16.42 -1.11
CA GLY B 32 23.26 16.83 -1.56
C GLY B 32 24.33 15.79 -1.22
N GLU B 33 23.92 14.53 -1.22
CA GLU B 33 24.82 13.44 -0.92
C GLU B 33 25.80 13.21 -2.06
N LYS B 34 27.04 12.88 -1.73
CA LYS B 34 28.07 12.63 -2.73
C LYS B 34 28.19 11.14 -3.00
N LEU B 35 27.15 10.41 -2.61
CA LEU B 35 27.13 8.97 -2.80
C LEU B 35 26.79 8.66 -4.26
N THR B 36 27.70 7.97 -4.94
CA THR B 36 27.48 7.63 -6.34
C THR B 36 26.36 6.61 -6.47
N ASP B 37 25.70 6.59 -7.63
CA ASP B 37 24.60 5.67 -7.88
C ASP B 37 25.01 4.22 -7.65
N GLU B 38 26.26 3.92 -7.98
CA GLU B 38 26.80 2.57 -7.79
C GLU B 38 26.75 2.19 -6.31
N GLU B 39 27.18 3.12 -5.45
CA GLU B 39 27.16 2.89 -4.01
C GLU B 39 25.72 2.73 -3.52
N VAL B 40 24.82 3.53 -4.09
CA VAL B 40 23.41 3.47 -3.74
C VAL B 40 22.85 2.10 -4.12
N ASP B 41 23.22 1.62 -5.31
CA ASP B 41 22.79 0.32 -5.80
C ASP B 41 23.23 -0.77 -4.84
N GLU B 42 24.46 -0.63 -4.34
CA GLU B 42 25.02 -1.59 -3.39
C GLU B 42 24.16 -1.62 -2.13
N MET B 43 23.85 -0.44 -1.61
CA MET B 43 23.03 -0.33 -0.41
C MET B 43 21.66 -0.95 -0.62
N ILE B 44 21.06 -0.68 -1.77
CA ILE B 44 19.76 -1.22 -2.11
C ILE B 44 19.83 -2.74 -2.24
N ARG B 45 20.95 -3.23 -2.76
CA ARG B 45 21.16 -4.66 -2.95
C ARG B 45 21.32 -5.38 -1.61
N GLU B 46 21.77 -4.65 -0.61
CA GLU B 46 21.95 -5.22 0.72
C GLU B 46 20.64 -5.30 1.48
N ALA B 47 19.60 -4.70 0.93
CA ALA B 47 18.29 -4.71 1.54
C ALA B 47 17.27 -5.40 0.64
N ASP B 48 16.25 -5.95 1.24
CA ASP B 48 15.19 -6.63 0.49
C ASP B 48 14.16 -5.65 -0.01
N ILE B 49 14.55 -4.81 -0.94
CA ILE B 49 13.65 -3.82 -1.52
C ILE B 49 13.07 -4.36 -2.83
N ASP B 50 13.94 -4.64 -3.79
CA ASP B 50 13.52 -5.16 -5.08
C ASP B 50 12.96 -6.56 -4.90
N GLY B 51 11.65 -6.68 -5.07
CA GLY B 51 11.00 -7.97 -4.92
C GLY B 51 10.06 -7.98 -3.73
N ASP B 52 10.19 -6.97 -2.88
CA ASP B 52 9.32 -6.87 -1.70
C ASP B 52 8.27 -5.78 -1.91
N GLY B 53 8.72 -4.57 -2.15
CA GLY B 53 7.80 -3.47 -2.37
C GLY B 53 8.18 -2.22 -1.58
N GLN B 54 7.42 -1.95 -0.52
CA GLN B 54 7.67 -0.79 0.32
C GLN B 54 8.63 -1.16 1.44
N VAL B 55 9.56 -0.27 1.76
CA VAL B 55 10.53 -0.51 2.81
C VAL B 55 10.61 0.65 3.78
N ASN B 56 11.22 0.42 4.93
CA ASN B 56 11.36 1.46 5.94
C ASN B 56 12.71 2.16 5.81
N TYR B 57 12.70 3.47 6.03
CA TYR B 57 13.92 4.28 5.94
C TYR B 57 14.90 3.94 7.05
N GLU B 58 14.39 3.43 8.17
CA GLU B 58 15.20 3.08 9.33
C GLU B 58 16.36 2.15 8.99
N GLU B 59 16.10 1.14 8.18
CA GLU B 59 17.14 0.18 7.81
C GLU B 59 18.29 0.88 7.09
N PHE B 60 17.94 1.75 6.15
CA PHE B 60 18.94 2.48 5.38
C PHE B 60 19.72 3.44 6.27
N VAL B 61 19.02 4.09 7.21
CA VAL B 61 19.66 5.01 8.13
C VAL B 61 20.68 4.28 9.00
N GLN B 62 20.29 3.09 9.48
CA GLN B 62 21.18 2.28 10.30
C GLN B 62 22.38 1.79 9.51
N MET B 63 22.17 1.54 8.23
CA MET B 63 23.25 1.07 7.35
C MET B 63 24.25 2.18 7.09
N MET B 64 23.73 3.37 6.73
CA MET B 64 24.59 4.51 6.43
C MET B 64 25.34 5.02 7.66
N THR B 65 24.79 4.76 8.84
CA THR B 65 25.43 5.20 10.08
C THR B 65 26.44 4.16 10.56
N ALA B 66 26.28 2.93 10.09
CA ALA B 66 27.18 1.84 10.45
C ALA B 66 28.41 1.83 9.56
N LYS B 67 28.24 2.29 8.32
CA LYS B 67 29.33 2.33 7.37
C LYS B 67 29.85 3.75 7.20
N GLY A 1 2.95 12.22 -7.32
CA GLY A 1 3.77 13.32 -6.76
C GLY A 1 4.82 12.80 -5.81
N PRO A 2 6.02 13.43 -5.78
CA PRO A 2 7.12 13.01 -4.91
C PRO A 2 6.74 13.04 -3.43
N LEU A 3 6.20 14.15 -2.98
CA LEU A 3 5.80 14.29 -1.58
C LEU A 3 4.40 13.71 -1.35
N GLY A 4 4.29 12.40 -1.40
CA GLY A 4 3.01 11.76 -1.19
C GLY A 4 3.08 10.24 -1.22
N SER A 5 3.13 9.65 -0.03
CA SER A 5 3.19 8.20 0.10
C SER A 5 1.82 7.58 -0.20
N LYS A 6 0.78 8.13 0.42
CA LYS A 6 -0.58 7.65 0.23
C LYS A 6 -1.02 7.87 -1.21
N ASN A 7 -0.47 8.91 -1.84
CA ASN A 7 -0.78 9.26 -3.22
C ASN A 7 -0.40 8.11 -4.15
N MET A 8 0.69 7.43 -3.83
CA MET A 8 1.17 6.31 -4.64
C MET A 8 0.13 5.19 -4.67
N LEU A 9 -0.31 4.75 -3.49
CA LEU A 9 -1.30 3.69 -3.39
C LEU A 9 -2.64 4.14 -3.97
N LEU A 10 -2.96 5.42 -3.75
CA LEU A 10 -4.21 5.98 -4.27
C LEU A 10 -4.21 5.96 -5.79
N GLU A 11 -3.10 6.39 -6.38
CA GLU A 11 -2.95 6.41 -7.83
C GLU A 11 -2.99 5.00 -8.39
N TRP A 12 -2.27 4.09 -7.75
CA TRP A 12 -2.22 2.71 -8.16
C TRP A 12 -3.61 2.08 -8.15
N CYS A 13 -4.36 2.37 -7.10
CA CYS A 13 -5.71 1.85 -6.96
C CYS A 13 -6.64 2.48 -8.00
N ARG A 14 -6.61 3.81 -8.08
CA ARG A 14 -7.46 4.54 -9.02
C ARG A 14 -7.23 4.11 -10.47
N ALA A 15 -6.01 3.72 -10.80
CA ALA A 15 -5.67 3.30 -12.15
C ALA A 15 -6.33 1.97 -12.53
N MET A 16 -6.78 1.21 -11.53
CA MET A 16 -7.40 -0.09 -11.79
C MET A 16 -8.86 -0.15 -11.36
N THR A 17 -9.14 0.34 -10.15
CA THR A 17 -10.50 0.31 -9.61
C THR A 17 -11.45 1.25 -10.36
N ARG A 18 -10.91 2.12 -11.21
CA ARG A 18 -11.74 3.04 -11.99
C ARG A 18 -12.53 2.28 -13.05
N ASN A 19 -12.13 1.03 -13.27
CA ASN A 19 -12.79 0.15 -14.23
C ASN A 19 -14.10 -0.39 -13.66
N TYR A 20 -14.28 -0.20 -12.35
CA TYR A 20 -15.49 -0.66 -11.67
C TYR A 20 -16.54 0.46 -11.64
N GLU A 21 -17.73 0.13 -12.08
CA GLU A 21 -18.82 1.09 -12.11
C GLU A 21 -19.38 1.32 -10.71
N HIS A 22 -19.82 2.55 -10.45
CA HIS A 22 -20.39 2.92 -9.15
C HIS A 22 -19.31 2.94 -8.06
N VAL A 23 -18.05 3.00 -8.49
CA VAL A 23 -16.93 3.01 -7.55
C VAL A 23 -16.08 4.25 -7.77
N ASP A 24 -16.00 5.09 -6.75
CA ASP A 24 -15.20 6.30 -6.79
C ASP A 24 -14.10 6.21 -5.76
N ILE A 25 -12.95 6.82 -6.04
CA ILE A 25 -11.83 6.77 -5.11
C ILE A 25 -11.28 8.17 -4.82
N GLN A 26 -11.72 8.73 -3.71
CA GLN A 26 -11.26 10.05 -3.30
C GLN A 26 -10.15 9.92 -2.27
N ASN A 27 -10.41 9.12 -1.25
CA ASN A 27 -9.46 8.88 -0.17
C ASN A 27 -9.79 7.56 0.50
N PHE A 28 -8.89 7.05 1.32
CA PHE A 28 -9.09 5.79 2.02
C PHE A 28 -10.02 5.96 3.22
N SER A 29 -11.15 6.62 3.00
CA SER A 29 -12.12 6.84 4.06
C SER A 29 -13.56 6.88 3.54
N SER A 30 -13.97 8.03 3.03
CA SER A 30 -15.33 8.20 2.50
C SER A 30 -15.64 7.24 1.36
N SER A 31 -14.70 7.12 0.42
CA SER A 31 -14.89 6.26 -0.73
C SER A 31 -14.75 4.77 -0.38
N TRP A 32 -14.53 4.49 0.91
CA TRP A 32 -14.38 3.12 1.38
C TRP A 32 -15.42 2.80 2.44
N SER A 33 -16.43 3.66 2.55
CA SER A 33 -17.49 3.50 3.54
C SER A 33 -18.39 2.31 3.21
N SER A 34 -18.54 2.02 1.92
CA SER A 34 -19.36 0.90 1.49
C SER A 34 -18.60 -0.41 1.63
N GLY A 35 -17.28 -0.33 1.55
CA GLY A 35 -16.45 -1.51 1.66
C GLY A 35 -16.37 -2.26 0.34
N MET A 36 -17.11 -1.78 -0.66
CA MET A 36 -17.12 -2.41 -1.97
C MET A 36 -15.74 -2.34 -2.61
N ALA A 37 -14.99 -1.29 -2.27
CA ALA A 37 -13.65 -1.09 -2.79
C ALA A 37 -12.72 -2.25 -2.39
N PHE A 38 -12.96 -2.81 -1.21
CA PHE A 38 -12.16 -3.93 -0.73
C PHE A 38 -12.32 -5.13 -1.65
N CYS A 39 -13.58 -5.54 -1.85
CA CYS A 39 -13.90 -6.66 -2.70
C CYS A 39 -13.50 -6.39 -4.15
N ALA A 40 -13.66 -5.15 -4.57
CA ALA A 40 -13.30 -4.76 -5.93
C ALA A 40 -11.82 -4.98 -6.18
N LEU A 41 -10.99 -4.62 -5.21
CA LEU A 41 -9.55 -4.79 -5.32
C LEU A 41 -9.16 -6.26 -5.24
N ILE A 42 -9.72 -6.97 -4.27
CA ILE A 42 -9.43 -8.40 -4.10
C ILE A 42 -9.85 -9.19 -5.34
N HIS A 43 -10.98 -8.81 -5.91
CA HIS A 43 -11.51 -9.47 -7.11
C HIS A 43 -10.58 -9.28 -8.30
N LYS A 44 -9.79 -8.22 -8.26
CA LYS A 44 -8.85 -7.93 -9.34
C LYS A 44 -7.67 -8.89 -9.29
N PHE A 45 -7.35 -9.36 -8.10
CA PHE A 45 -6.23 -10.27 -7.91
C PHE A 45 -6.71 -11.71 -8.02
N PHE A 46 -7.88 -11.99 -7.46
CA PHE A 46 -8.44 -13.33 -7.48
C PHE A 46 -9.86 -13.31 -8.06
N PRO A 47 -10.02 -13.71 -9.33
CA PRO A 47 -11.32 -13.74 -10.00
C PRO A 47 -12.23 -14.82 -9.43
N GLU A 48 -11.63 -15.90 -8.93
CA GLU A 48 -12.38 -17.02 -8.37
C GLU A 48 -12.71 -16.78 -6.90
N ALA A 49 -12.27 -15.64 -6.37
CA ALA A 49 -12.51 -15.31 -4.97
C ALA A 49 -14.00 -15.17 -4.71
N PHE A 50 -14.64 -14.28 -5.47
CA PHE A 50 -16.07 -14.03 -5.33
C PHE A 50 -16.55 -13.18 -6.50
N ASP A 51 -17.85 -13.14 -6.70
CA ASP A 51 -18.44 -12.37 -7.78
C ASP A 51 -18.84 -10.99 -7.26
N TYR A 52 -18.14 -9.96 -7.73
CA TYR A 52 -18.42 -8.60 -7.31
C TYR A 52 -19.76 -8.12 -7.85
N ALA A 53 -20.07 -8.51 -9.08
CA ALA A 53 -21.32 -8.11 -9.72
C ALA A 53 -22.52 -8.73 -9.01
N GLU A 54 -22.28 -9.81 -8.27
CA GLU A 54 -23.34 -10.49 -7.54
C GLU A 54 -23.44 -9.99 -6.11
N LEU A 55 -22.57 -9.06 -5.75
CA LEU A 55 -22.57 -8.51 -4.40
C LEU A 55 -23.65 -7.45 -4.24
N ASP A 56 -24.36 -7.51 -3.12
CA ASP A 56 -25.41 -6.56 -2.83
C ASP A 56 -24.90 -5.51 -1.85
N PRO A 57 -24.95 -4.22 -2.22
CA PRO A 57 -24.48 -3.12 -1.37
C PRO A 57 -25.25 -3.05 -0.05
N ALA A 58 -26.45 -3.62 -0.02
CA ALA A 58 -27.27 -3.63 1.17
C ALA A 58 -26.76 -4.67 2.18
N LYS A 59 -25.80 -5.47 1.77
CA LYS A 59 -25.25 -6.49 2.64
C LYS A 59 -23.78 -6.21 2.93
N ARG A 60 -23.50 -4.97 3.33
CA ARG A 60 -22.12 -4.56 3.63
C ARG A 60 -21.49 -5.43 4.71
N ARG A 61 -22.29 -5.90 5.66
CA ARG A 61 -21.80 -6.76 6.72
C ARG A 61 -21.18 -8.03 6.14
N HIS A 62 -21.88 -8.63 5.19
CA HIS A 62 -21.38 -9.84 4.53
C HIS A 62 -20.26 -9.48 3.57
N ASN A 63 -20.39 -8.32 2.95
CA ASN A 63 -19.40 -7.83 2.01
C ASN A 63 -18.03 -7.70 2.67
N PHE A 64 -17.99 -6.97 3.79
CA PHE A 64 -16.75 -6.77 4.53
C PHE A 64 -16.17 -8.11 4.98
N THR A 65 -17.04 -8.97 5.49
CA THR A 65 -16.62 -10.29 5.96
C THR A 65 -16.01 -11.11 4.82
N LEU A 66 -16.68 -11.09 3.68
CA LEU A 66 -16.21 -11.84 2.50
C LEU A 66 -14.85 -11.37 2.03
N ALA A 67 -14.66 -10.05 2.03
CA ALA A 67 -13.40 -9.46 1.61
C ALA A 67 -12.23 -9.94 2.47
N PHE A 68 -12.37 -9.75 3.78
CA PHE A 68 -11.32 -10.15 4.73
C PHE A 68 -11.05 -11.65 4.71
N SER A 69 -12.12 -12.45 4.84
CA SER A 69 -11.98 -13.90 4.86
C SER A 69 -11.27 -14.43 3.62
N THR A 70 -11.72 -13.99 2.45
CA THR A 70 -11.12 -14.43 1.20
C THR A 70 -9.67 -13.96 1.08
N ALA A 71 -9.41 -12.73 1.50
CA ALA A 71 -8.07 -12.17 1.45
C ALA A 71 -7.12 -13.00 2.32
N GLU A 72 -7.60 -13.36 3.50
CA GLU A 72 -6.82 -14.16 4.42
C GLU A 72 -6.68 -15.59 3.91
N LYS A 73 -7.76 -16.14 3.38
CA LYS A 73 -7.77 -17.50 2.88
C LYS A 73 -6.88 -17.68 1.65
N LEU A 74 -6.79 -16.65 0.81
CA LEU A 74 -6.01 -16.74 -0.41
C LEU A 74 -4.64 -16.07 -0.33
N ALA A 75 -4.52 -14.98 0.41
CA ALA A 75 -3.25 -14.28 0.52
C ALA A 75 -2.68 -14.25 1.94
N ASP A 76 -3.39 -14.88 2.87
CA ASP A 76 -2.95 -14.94 4.28
C ASP A 76 -2.72 -13.55 4.85
N CYS A 77 -3.65 -12.64 4.57
CA CYS A 77 -3.55 -11.26 5.05
C CYS A 77 -3.81 -11.15 6.54
N ALA A 78 -3.22 -10.13 7.16
CA ALA A 78 -3.37 -9.89 8.58
C ALA A 78 -4.69 -9.18 8.87
N GLN A 79 -5.34 -9.54 9.97
CA GLN A 79 -6.60 -8.93 10.34
C GLN A 79 -6.36 -7.57 11.01
N LEU A 80 -6.04 -6.57 10.20
CA LEU A 80 -5.77 -5.23 10.69
C LEU A 80 -7.07 -4.46 10.93
N LEU A 81 -8.15 -4.96 10.38
CA LEU A 81 -9.46 -4.32 10.52
C LEU A 81 -10.52 -5.36 10.81
N GLU A 82 -11.52 -4.97 11.59
CA GLU A 82 -12.61 -5.88 11.95
C GLU A 82 -13.89 -5.45 11.27
N VAL A 83 -14.68 -6.44 10.84
CA VAL A 83 -15.94 -6.19 10.14
C VAL A 83 -16.92 -5.41 11.02
N ASP A 84 -17.21 -5.95 12.19
CA ASP A 84 -18.15 -5.33 13.12
C ASP A 84 -17.71 -3.93 13.55
N ASP A 85 -16.41 -3.72 13.59
CA ASP A 85 -15.87 -2.42 13.98
C ASP A 85 -16.00 -1.42 12.84
N MET A 86 -15.58 -1.84 11.64
CA MET A 86 -15.62 -0.97 10.46
C MET A 86 -17.04 -0.50 10.14
N VAL A 87 -17.99 -1.44 10.12
CA VAL A 87 -19.39 -1.11 9.82
C VAL A 87 -19.93 -0.12 10.85
N ARG A 88 -19.48 -0.28 12.09
CA ARG A 88 -19.89 0.59 13.19
C ARG A 88 -19.33 1.99 13.02
N LEU A 89 -18.08 2.07 12.59
CA LEU A 89 -17.41 3.36 12.40
C LEU A 89 -17.95 4.08 11.16
N ALA A 90 -18.34 3.28 10.16
CA ALA A 90 -18.89 3.78 8.89
C ALA A 90 -17.79 4.37 8.01
N VAL A 91 -16.98 5.26 8.58
CA VAL A 91 -15.89 5.88 7.85
C VAL A 91 -14.55 5.37 8.39
N PRO A 92 -13.89 4.48 7.64
CA PRO A 92 -12.61 3.89 8.02
C PRO A 92 -11.48 4.91 8.03
N ASP A 93 -10.55 4.75 8.97
CA ASP A 93 -9.41 5.65 9.08
C ASP A 93 -8.44 5.41 7.92
N SER A 94 -7.95 6.50 7.34
CA SER A 94 -7.04 6.41 6.20
C SER A 94 -5.74 5.68 6.55
N LYS A 95 -5.32 5.70 7.81
CA LYS A 95 -4.10 5.02 8.22
C LYS A 95 -4.27 3.50 8.22
N CYS A 96 -5.36 3.04 8.83
CA CYS A 96 -5.65 1.62 8.91
C CYS A 96 -5.76 1.02 7.51
N VAL A 97 -6.47 1.71 6.63
CA VAL A 97 -6.63 1.24 5.25
C VAL A 97 -5.30 1.28 4.52
N TYR A 98 -4.54 2.35 4.72
CA TYR A 98 -3.24 2.52 4.08
C TYR A 98 -2.31 1.36 4.46
N THR A 99 -2.20 1.10 5.75
CA THR A 99 -1.35 0.03 6.25
C THR A 99 -1.78 -1.32 5.68
N TYR A 100 -3.09 -1.54 5.61
CA TYR A 100 -3.63 -2.80 5.09
C TYR A 100 -3.22 -3.01 3.63
N ILE A 101 -3.42 -1.99 2.82
CA ILE A 101 -3.08 -2.05 1.40
C ILE A 101 -1.56 -2.08 1.22
N GLN A 102 -0.86 -1.35 2.07
CA GLN A 102 0.60 -1.28 2.02
C GLN A 102 1.22 -2.65 2.23
N GLU A 103 0.83 -3.32 3.31
CA GLU A 103 1.36 -4.65 3.61
C GLU A 103 0.93 -5.65 2.55
N LEU A 104 -0.30 -5.51 2.05
CA LEU A 104 -0.82 -6.39 1.02
C LEU A 104 -0.04 -6.22 -0.28
N TYR A 105 0.38 -4.98 -0.53
CA TYR A 105 1.16 -4.65 -1.72
C TYR A 105 2.45 -5.47 -1.75
N ARG A 106 2.99 -5.73 -0.58
CA ARG A 106 4.22 -6.51 -0.45
C ARG A 106 3.98 -7.96 -0.86
N SER A 107 2.76 -8.43 -0.65
CA SER A 107 2.40 -9.78 -1.00
C SER A 107 2.10 -9.88 -2.51
N LEU A 108 2.06 -8.73 -3.17
CA LEU A 108 1.78 -8.68 -4.60
C LEU A 108 3.06 -8.62 -5.42
N VAL A 109 4.05 -7.86 -4.94
CA VAL A 109 5.33 -7.72 -5.65
C VAL A 109 6.06 -9.06 -5.71
N GLN A 110 6.02 -9.80 -4.61
CA GLN A 110 6.69 -11.10 -4.54
C GLN A 110 6.06 -12.10 -5.50
N LYS A 111 4.77 -11.95 -5.77
CA LYS A 111 4.06 -12.84 -6.68
C LYS A 111 4.23 -12.38 -8.12
N GLY A 112 4.80 -11.20 -8.29
CA GLY A 112 5.00 -10.66 -9.62
C GLY A 112 3.73 -10.09 -10.20
N LEU A 113 2.73 -9.87 -9.35
CA LEU A 113 1.45 -9.33 -9.79
C LEU A 113 1.60 -7.88 -10.23
N VAL A 114 2.48 -7.15 -9.54
CA VAL A 114 2.75 -5.76 -9.88
C VAL A 114 3.61 -5.69 -11.13
N LYS A 115 4.27 -6.81 -11.43
CA LYS A 115 5.13 -6.91 -12.59
C LYS A 115 4.34 -7.49 -13.76
N THR A 116 3.14 -6.95 -13.97
CA THR A 116 2.28 -7.39 -15.04
C THR A 116 2.91 -7.06 -16.39
N LYS A 117 3.80 -6.09 -16.38
CA LYS A 117 4.50 -5.68 -17.60
C LYS A 117 5.92 -6.21 -17.54
N LYS A 118 6.40 -6.72 -18.66
CA LYS A 118 7.75 -7.27 -18.74
C LYS A 118 8.80 -6.27 -18.28
N LYS A 119 9.64 -6.72 -17.36
CA LYS A 119 10.70 -5.89 -16.81
C LYS A 119 12.03 -6.56 -17.05
N GLU B 1 21.19 16.09 12.45
CA GLU B 1 20.74 14.71 12.11
C GLU B 1 19.23 14.62 12.00
N GLU B 2 18.54 15.43 12.81
CA GLU B 2 17.08 15.44 12.83
C GLU B 2 16.51 15.78 11.46
N GLU B 3 17.22 16.64 10.72
CA GLU B 3 16.81 17.07 9.40
C GLU B 3 16.68 15.89 8.44
N ILE B 4 17.50 14.87 8.64
CA ILE B 4 17.47 13.68 7.80
C ILE B 4 16.14 12.96 8.02
N ARG B 5 15.78 12.75 9.27
CA ARG B 5 14.54 12.08 9.62
C ARG B 5 13.34 12.95 9.19
N GLU B 6 13.48 14.25 9.39
CA GLU B 6 12.42 15.19 9.02
C GLU B 6 12.13 15.12 7.52
N ALA B 7 13.18 14.93 6.73
CA ALA B 7 13.02 14.82 5.28
C ALA B 7 12.16 13.61 4.93
N PHE B 8 12.46 12.48 5.56
CA PHE B 8 11.69 11.25 5.35
C PHE B 8 10.29 11.40 5.91
N ARG B 9 10.19 12.19 6.98
CA ARG B 9 8.92 12.46 7.64
C ARG B 9 7.96 13.20 6.71
N VAL B 10 8.53 14.00 5.81
CA VAL B 10 7.72 14.75 4.84
C VAL B 10 7.19 13.80 3.77
N PHE B 11 7.96 12.76 3.50
CA PHE B 11 7.57 11.77 2.51
C PHE B 11 6.50 10.84 3.07
N ASP B 12 6.70 10.38 4.29
CA ASP B 12 5.74 9.50 4.96
C ASP B 12 4.60 10.32 5.54
N LYS B 13 3.46 10.26 4.88
CA LYS B 13 2.28 11.00 5.31
C LYS B 13 1.40 10.16 6.22
N ASP B 14 1.91 9.02 6.66
CA ASP B 14 1.14 8.14 7.51
C ASP B 14 1.83 7.88 8.84
N GLY B 15 3.12 7.67 8.78
CA GLY B 15 3.88 7.39 9.97
C GLY B 15 4.03 5.89 10.14
N ASN B 16 4.31 5.22 9.04
CA ASN B 16 4.47 3.78 9.02
C ASN B 16 5.95 3.40 8.97
N GLY B 17 6.76 4.30 8.42
CA GLY B 17 8.19 4.06 8.33
C GLY B 17 8.56 3.32 7.06
N TYR B 18 7.60 3.21 6.14
CA TYR B 18 7.81 2.51 4.88
C TYR B 18 7.84 3.49 3.72
N ILE B 19 8.81 3.33 2.84
CA ILE B 19 8.95 4.21 1.68
C ILE B 19 9.37 3.42 0.45
N SER B 20 8.92 3.87 -0.71
CA SER B 20 9.25 3.22 -1.97
C SER B 20 10.73 3.45 -2.29
N ALA B 21 11.35 2.48 -2.96
CA ALA B 21 12.76 2.56 -3.33
C ALA B 21 13.07 3.81 -4.15
N ALA B 22 12.20 4.12 -5.10
CA ALA B 22 12.38 5.28 -5.97
C ALA B 22 12.34 6.56 -5.14
N GLU B 23 11.38 6.64 -4.24
CA GLU B 23 11.23 7.81 -3.39
C GLU B 23 12.39 7.90 -2.39
N LEU B 24 12.83 6.74 -1.92
CA LEU B 24 13.94 6.66 -0.98
C LEU B 24 15.19 7.31 -1.57
N ARG B 25 15.54 6.89 -2.78
CA ARG B 25 16.71 7.43 -3.47
C ARG B 25 16.52 8.91 -3.77
N HIS B 26 15.26 9.30 -3.94
CA HIS B 26 14.92 10.69 -4.22
C HIS B 26 15.27 11.58 -3.02
N VAL B 27 15.10 11.02 -1.82
CA VAL B 27 15.41 11.75 -0.60
C VAL B 27 16.93 11.84 -0.42
N MET B 28 17.60 10.72 -0.68
CA MET B 28 19.04 10.64 -0.56
C MET B 28 19.72 11.69 -1.44
N THR B 29 19.25 11.81 -2.67
CA THR B 29 19.80 12.78 -3.61
C THR B 29 19.39 14.20 -3.24
N ASN B 30 18.19 14.34 -2.69
CA ASN B 30 17.67 15.64 -2.28
C ASN B 30 18.51 16.23 -1.16
N LEU B 31 18.99 15.35 -0.28
CA LEU B 31 19.82 15.77 0.86
C LEU B 31 21.10 16.44 0.40
N GLY B 32 21.56 16.07 -0.78
CA GLY B 32 22.79 16.65 -1.32
C GLY B 32 24.02 15.86 -0.93
N GLU B 33 23.82 14.60 -0.58
CA GLU B 33 24.92 13.72 -0.19
C GLU B 33 25.76 13.38 -1.41
N LYS B 34 27.07 13.52 -1.30
CA LYS B 34 27.97 13.24 -2.40
C LYS B 34 28.36 11.77 -2.44
N LEU B 35 27.43 10.94 -2.89
CA LEU B 35 27.68 9.51 -3.00
C LEU B 35 27.42 9.04 -4.42
N THR B 36 28.05 7.95 -4.82
CA THR B 36 27.89 7.43 -6.16
C THR B 36 26.65 6.55 -6.27
N ASP B 37 26.12 6.45 -7.49
CA ASP B 37 24.94 5.64 -7.74
C ASP B 37 25.26 4.18 -7.48
N GLU B 38 26.52 3.81 -7.70
CA GLU B 38 26.98 2.44 -7.50
C GLU B 38 26.84 2.04 -6.04
N GLU B 39 27.18 2.95 -5.13
CA GLU B 39 27.07 2.68 -3.71
C GLU B 39 25.63 2.42 -3.31
N VAL B 40 24.72 3.23 -3.86
CA VAL B 40 23.29 3.09 -3.58
C VAL B 40 22.80 1.77 -4.19
N ASP B 41 23.31 1.46 -5.37
CA ASP B 41 22.96 0.24 -6.08
C ASP B 41 23.31 -0.99 -5.26
N GLU B 42 24.41 -0.90 -4.52
CA GLU B 42 24.85 -1.99 -3.68
C GLU B 42 23.95 -2.12 -2.46
N MET B 43 23.48 -0.98 -1.96
CA MET B 43 22.60 -0.96 -0.79
C MET B 43 21.27 -1.64 -1.15
N ILE B 44 20.86 -1.46 -2.41
CA ILE B 44 19.63 -2.07 -2.90
C ILE B 44 19.77 -3.60 -2.91
N ARG B 45 21.01 -4.06 -3.00
CA ARG B 45 21.30 -5.49 -3.02
C ARG B 45 21.56 -6.00 -1.60
N GLU B 46 21.52 -5.08 -0.63
CA GLU B 46 21.73 -5.42 0.76
C GLU B 46 20.39 -5.47 1.49
N ALA B 47 19.55 -4.50 1.20
CA ALA B 47 18.23 -4.43 1.81
C ALA B 47 17.18 -5.07 0.90
N ASP B 48 16.00 -5.31 1.43
CA ASP B 48 14.93 -5.92 0.67
C ASP B 48 14.10 -4.88 -0.10
N ILE B 49 14.58 -4.52 -1.29
CA ILE B 49 13.88 -3.55 -2.12
C ILE B 49 12.82 -4.24 -3.00
N ASP B 50 13.26 -5.10 -3.92
CA ASP B 50 12.34 -5.81 -4.79
C ASP B 50 12.06 -7.18 -4.21
N GLY B 51 11.02 -7.83 -4.69
CA GLY B 51 10.65 -9.13 -4.17
C GLY B 51 9.81 -8.98 -2.92
N ASP B 52 9.71 -7.76 -2.44
CA ASP B 52 8.94 -7.45 -1.26
C ASP B 52 7.80 -6.49 -1.61
N GLY B 53 8.04 -5.20 -1.45
CA GLY B 53 7.01 -4.23 -1.76
C GLY B 53 7.17 -2.93 -1.01
N GLN B 54 7.80 -2.99 0.15
CA GLN B 54 8.02 -1.80 0.97
C GLN B 54 9.36 -1.86 1.68
N VAL B 55 10.07 -0.74 1.68
CA VAL B 55 11.37 -0.67 2.31
C VAL B 55 11.32 0.14 3.60
N ASN B 56 11.94 -0.38 4.65
CA ASN B 56 11.98 0.30 5.94
C ASN B 56 13.02 1.42 5.90
N TYR B 57 12.56 2.64 6.14
CA TYR B 57 13.44 3.82 6.10
C TYR B 57 14.54 3.79 7.16
N GLU B 58 14.22 3.25 8.33
CA GLU B 58 15.19 3.19 9.45
C GLU B 58 16.47 2.48 9.08
N GLU B 59 16.36 1.37 8.35
CA GLU B 59 17.51 0.59 7.96
C GLU B 59 18.52 1.43 7.19
N PHE B 60 18.05 2.14 6.18
CA PHE B 60 18.91 2.98 5.36
C PHE B 60 19.51 4.13 6.16
N VAL B 61 18.74 4.64 7.11
CA VAL B 61 19.21 5.73 7.96
C VAL B 61 20.40 5.28 8.80
N GLN B 62 20.29 4.09 9.38
CA GLN B 62 21.36 3.54 10.20
C GLN B 62 22.59 3.23 9.35
N MET B 63 22.34 2.71 8.14
CA MET B 63 23.42 2.37 7.23
C MET B 63 24.21 3.60 6.82
N MET B 64 23.50 4.66 6.44
CA MET B 64 24.15 5.89 6.00
C MET B 64 24.87 6.64 7.12
N THR B 65 24.53 6.34 8.38
CA THR B 65 25.17 7.02 9.51
C THR B 65 26.38 6.25 10.01
N ALA B 66 26.60 5.05 9.47
CA ALA B 66 27.72 4.22 9.87
C ALA B 66 28.67 3.99 8.70
N LYS B 67 28.63 4.89 7.73
CA LYS B 67 29.48 4.80 6.55
C LYS B 67 30.54 5.90 6.56
N GLY A 1 6.35 8.56 -8.64
CA GLY A 1 5.63 9.74 -8.11
C GLY A 1 5.90 9.96 -6.62
N PRO A 2 7.04 10.59 -6.28
CA PRO A 2 7.42 10.85 -4.89
C PRO A 2 6.37 11.68 -4.14
N LEU A 3 6.06 12.86 -4.70
CA LEU A 3 5.09 13.76 -4.09
C LEU A 3 3.66 13.41 -4.51
N GLY A 4 3.47 12.15 -4.87
CA GLY A 4 2.17 11.69 -5.29
C GLY A 4 1.95 10.23 -4.92
N SER A 5 2.57 9.82 -3.81
CA SER A 5 2.47 8.45 -3.33
C SER A 5 1.01 8.07 -3.06
N LYS A 6 0.34 8.85 -2.22
CA LYS A 6 -1.05 8.61 -1.87
C LYS A 6 -1.95 8.87 -3.08
N ASN A 7 -1.58 9.87 -3.87
CA ASN A 7 -2.34 10.24 -5.06
C ASN A 7 -2.35 9.10 -6.08
N MET A 8 -1.19 8.46 -6.26
CA MET A 8 -1.07 7.36 -7.20
C MET A 8 -1.96 6.19 -6.81
N LEU A 9 -1.96 5.86 -5.52
CA LEU A 9 -2.78 4.76 -5.03
C LEU A 9 -4.26 5.06 -5.23
N LEU A 10 -4.64 6.32 -5.00
CA LEU A 10 -6.03 6.74 -5.17
C LEU A 10 -6.44 6.66 -6.64
N GLU A 11 -5.55 7.11 -7.52
CA GLU A 11 -5.81 7.09 -8.94
C GLU A 11 -5.87 5.65 -9.45
N TRP A 12 -5.02 4.80 -8.89
CA TRP A 12 -4.96 3.40 -9.26
C TRP A 12 -6.29 2.69 -8.98
N CYS A 13 -6.78 2.82 -7.75
CA CYS A 13 -8.04 2.19 -7.38
C CYS A 13 -9.21 2.84 -8.11
N ARG A 14 -9.08 4.14 -8.38
CA ARG A 14 -10.13 4.88 -9.08
C ARG A 14 -10.30 4.34 -10.49
N ALA A 15 -9.20 3.92 -11.11
CA ALA A 15 -9.23 3.37 -12.46
C ALA A 15 -9.79 1.96 -12.46
N MET A 16 -9.62 1.27 -11.33
CA MET A 16 -10.09 -0.11 -11.19
C MET A 16 -11.57 -0.14 -10.83
N THR A 17 -12.06 0.95 -10.27
CA THR A 17 -13.46 1.04 -9.89
C THR A 17 -14.31 1.63 -11.01
N ARG A 18 -13.66 2.01 -12.10
CA ARG A 18 -14.36 2.60 -13.25
C ARG A 18 -15.27 1.57 -13.91
N ASN A 19 -14.93 0.29 -13.75
CA ASN A 19 -15.74 -0.78 -14.32
C ASN A 19 -16.75 -1.30 -13.29
N TYR A 20 -16.77 -0.64 -12.14
CA TYR A 20 -17.69 -0.99 -11.07
C TYR A 20 -18.62 0.18 -10.78
N GLU A 21 -19.84 0.09 -11.29
CA GLU A 21 -20.82 1.15 -11.11
C GLU A 21 -21.30 1.21 -9.66
N HIS A 22 -21.82 2.38 -9.28
CA HIS A 22 -22.31 2.64 -7.92
C HIS A 22 -21.15 2.97 -6.98
N VAL A 23 -20.10 2.15 -7.04
CA VAL A 23 -18.93 2.34 -6.20
C VAL A 23 -18.12 3.54 -6.69
N ASP A 24 -18.34 4.69 -6.06
CA ASP A 24 -17.64 5.90 -6.44
C ASP A 24 -16.60 6.26 -5.38
N ILE A 25 -15.34 5.93 -5.66
CA ILE A 25 -14.25 6.20 -4.73
C ILE A 25 -13.85 7.67 -4.78
N GLN A 26 -14.21 8.41 -3.75
CA GLN A 26 -13.87 9.82 -3.66
C GLN A 26 -12.66 10.00 -2.74
N ASN A 27 -12.71 9.32 -1.60
CA ASN A 27 -11.62 9.38 -0.63
C ASN A 27 -11.49 8.04 0.07
N PHE A 28 -10.39 7.84 0.79
CA PHE A 28 -10.17 6.59 1.50
C PHE A 28 -10.94 6.54 2.81
N SER A 29 -12.25 6.74 2.72
CA SER A 29 -13.09 6.72 3.92
C SER A 29 -14.56 6.54 3.54
N SER A 30 -15.15 7.58 2.97
CA SER A 30 -16.55 7.57 2.58
C SER A 30 -16.93 6.41 1.66
N SER A 31 -16.14 6.19 0.62
CA SER A 31 -16.41 5.13 -0.34
C SER A 31 -16.03 3.75 0.19
N TRP A 32 -15.50 3.69 1.41
CA TRP A 32 -15.10 2.42 1.99
C TRP A 32 -15.95 2.11 3.22
N SER A 33 -17.04 2.86 3.37
CA SER A 33 -17.95 2.69 4.50
C SER A 33 -18.66 1.34 4.46
N SER A 34 -19.13 0.97 3.27
CA SER A 34 -19.83 -0.28 3.09
C SER A 34 -18.85 -1.45 2.88
N GLY A 35 -17.60 -1.10 2.59
CA GLY A 35 -16.59 -2.12 2.38
C GLY A 35 -16.64 -2.74 1.00
N MET A 36 -17.63 -2.32 0.20
CA MET A 36 -17.79 -2.84 -1.16
C MET A 36 -16.53 -2.64 -1.99
N ALA A 37 -15.88 -1.51 -1.79
CA ALA A 37 -14.65 -1.18 -2.50
C ALA A 37 -13.54 -2.20 -2.23
N PHE A 38 -13.50 -2.71 -1.00
CA PHE A 38 -12.50 -3.70 -0.63
C PHE A 38 -12.72 -4.98 -1.43
N CYS A 39 -13.94 -5.49 -1.38
CA CYS A 39 -14.31 -6.70 -2.09
C CYS A 39 -14.11 -6.54 -3.59
N ALA A 40 -14.45 -5.37 -4.11
CA ALA A 40 -14.30 -5.07 -5.53
C ALA A 40 -12.84 -5.10 -5.95
N LEU A 41 -11.99 -4.44 -5.17
CA LEU A 41 -10.56 -4.40 -5.46
C LEU A 41 -9.94 -5.78 -5.41
N ILE A 42 -10.27 -6.56 -4.38
CA ILE A 42 -9.75 -7.90 -4.23
C ILE A 42 -10.22 -8.80 -5.38
N HIS A 43 -11.50 -8.70 -5.70
CA HIS A 43 -12.09 -9.49 -6.77
C HIS A 43 -11.52 -9.10 -8.14
N LYS A 44 -11.05 -7.86 -8.26
CA LYS A 44 -10.49 -7.38 -9.51
C LYS A 44 -9.17 -8.09 -9.85
N PHE A 45 -8.47 -8.57 -8.83
CA PHE A 45 -7.20 -9.25 -9.03
C PHE A 45 -7.32 -10.74 -8.77
N PHE A 46 -8.23 -11.11 -7.87
CA PHE A 46 -8.44 -12.51 -7.53
C PHE A 46 -9.86 -12.93 -7.90
N PRO A 47 -10.05 -13.40 -9.15
CA PRO A 47 -11.37 -13.83 -9.64
C PRO A 47 -11.89 -15.06 -8.90
N GLU A 48 -10.97 -15.82 -8.31
CA GLU A 48 -11.34 -17.03 -7.58
C GLU A 48 -11.47 -16.77 -6.07
N ALA A 49 -11.44 -15.51 -5.68
CA ALA A 49 -11.56 -15.16 -4.28
C ALA A 49 -13.00 -15.38 -3.79
N PHE A 50 -13.92 -14.64 -4.38
CA PHE A 50 -15.34 -14.73 -4.04
C PHE A 50 -16.16 -14.10 -5.15
N ASP A 51 -17.46 -14.32 -5.12
CA ASP A 51 -18.35 -13.77 -6.14
C ASP A 51 -18.94 -12.44 -5.68
N TYR A 52 -18.52 -11.37 -6.33
CA TYR A 52 -19.01 -10.04 -5.99
C TYR A 52 -20.46 -9.87 -6.43
N ALA A 53 -20.81 -10.54 -7.52
CA ALA A 53 -22.16 -10.49 -8.06
C ALA A 53 -23.15 -11.17 -7.13
N GLU A 54 -22.63 -12.04 -6.27
CA GLU A 54 -23.47 -12.77 -5.33
C GLU A 54 -23.52 -12.05 -3.98
N LEU A 55 -22.78 -10.95 -3.87
CA LEU A 55 -22.76 -10.18 -2.63
C LEU A 55 -23.95 -9.23 -2.54
N ASP A 56 -24.17 -8.69 -1.36
CA ASP A 56 -25.28 -7.77 -1.12
C ASP A 56 -24.94 -6.87 0.06
N PRO A 57 -25.32 -5.58 -0.03
CA PRO A 57 -25.07 -4.60 1.05
C PRO A 57 -25.54 -5.06 2.43
N ALA A 58 -26.49 -5.99 2.46
CA ALA A 58 -27.00 -6.53 3.73
C ALA A 58 -25.90 -7.28 4.47
N LYS A 59 -24.93 -7.79 3.73
CA LYS A 59 -23.82 -8.53 4.31
C LYS A 59 -22.63 -7.61 4.55
N ARG A 60 -22.93 -6.33 4.78
CA ARG A 60 -21.89 -5.32 5.02
C ARG A 60 -20.91 -5.75 6.11
N ARG A 61 -21.42 -6.33 7.18
CA ARG A 61 -20.58 -6.77 8.29
C ARG A 61 -19.69 -7.95 7.90
N HIS A 62 -20.15 -8.77 6.96
CA HIS A 62 -19.39 -9.94 6.55
C HIS A 62 -18.50 -9.64 5.35
N ASN A 63 -18.83 -8.56 4.64
CA ASN A 63 -18.07 -8.14 3.46
C ASN A 63 -16.62 -7.89 3.82
N PHE A 64 -16.41 -7.16 4.91
CA PHE A 64 -15.07 -6.85 5.38
C PHE A 64 -14.31 -8.14 5.68
N THR A 65 -14.97 -9.05 6.38
CA THR A 65 -14.38 -10.33 6.74
C THR A 65 -14.01 -11.13 5.50
N LEU A 66 -14.96 -11.25 4.58
CA LEU A 66 -14.75 -12.00 3.36
C LEU A 66 -13.56 -11.46 2.58
N ALA A 67 -13.51 -10.14 2.41
CA ALA A 67 -12.42 -9.50 1.69
C ALA A 67 -11.08 -9.73 2.37
N PHE A 68 -11.01 -9.42 3.67
CA PHE A 68 -9.78 -9.58 4.43
C PHE A 68 -9.33 -11.02 4.56
N SER A 69 -10.19 -11.88 5.11
CA SER A 69 -9.86 -13.29 5.31
C SER A 69 -9.41 -13.99 4.03
N THR A 70 -10.11 -13.75 2.92
CA THR A 70 -9.75 -14.38 1.66
C THR A 70 -8.41 -13.83 1.15
N ALA A 71 -8.20 -12.53 1.32
CA ALA A 71 -6.95 -11.91 0.90
C ALA A 71 -5.79 -12.46 1.72
N GLU A 72 -6.04 -12.64 3.02
CA GLU A 72 -5.05 -13.19 3.93
C GLU A 72 -4.74 -14.65 3.62
N LYS A 73 -5.62 -15.29 2.85
CA LYS A 73 -5.44 -16.68 2.49
C LYS A 73 -4.75 -16.81 1.13
N LEU A 74 -5.16 -15.97 0.18
CA LEU A 74 -4.59 -16.01 -1.17
C LEU A 74 -3.25 -15.29 -1.27
N ALA A 75 -3.17 -14.08 -0.74
CA ALA A 75 -1.94 -13.30 -0.81
C ALA A 75 -1.25 -13.18 0.55
N ASP A 76 -2.05 -13.35 1.61
CA ASP A 76 -1.57 -13.26 2.99
C ASP A 76 -1.13 -11.85 3.34
N CYS A 77 -2.11 -10.96 3.42
CA CYS A 77 -1.86 -9.57 3.74
C CYS A 77 -1.87 -9.35 5.25
N ALA A 78 -1.38 -8.19 5.68
CA ALA A 78 -1.35 -7.86 7.09
C ALA A 78 -2.72 -7.42 7.56
N GLN A 79 -3.20 -8.02 8.65
CA GLN A 79 -4.50 -7.68 9.20
C GLN A 79 -4.42 -6.39 10.01
N LEU A 80 -4.22 -5.29 9.31
CA LEU A 80 -4.11 -3.98 9.95
C LEU A 80 -5.47 -3.31 10.08
N LEU A 81 -6.49 -3.95 9.53
CA LEU A 81 -7.85 -3.40 9.59
C LEU A 81 -8.77 -4.35 10.33
N GLU A 82 -9.45 -3.82 11.34
CA GLU A 82 -10.38 -4.61 12.14
C GLU A 82 -11.75 -4.65 11.48
N VAL A 83 -12.28 -5.86 11.34
CA VAL A 83 -13.57 -6.07 10.69
C VAL A 83 -14.72 -5.42 11.46
N ASP A 84 -15.02 -5.95 12.64
CA ASP A 84 -16.11 -5.46 13.47
C ASP A 84 -15.96 -3.98 13.81
N ASP A 85 -14.72 -3.57 14.08
CA ASP A 85 -14.41 -2.18 14.41
C ASP A 85 -14.80 -1.26 13.27
N MET A 86 -14.51 -1.68 12.03
CA MET A 86 -14.85 -0.88 10.86
C MET A 86 -16.36 -0.88 10.63
N VAL A 87 -17.01 -1.97 10.96
CA VAL A 87 -18.45 -2.08 10.81
C VAL A 87 -19.16 -1.05 11.68
N ARG A 88 -18.81 -1.03 12.97
CA ARG A 88 -19.41 -0.09 13.91
C ARG A 88 -19.01 1.35 13.61
N LEU A 89 -17.75 1.54 13.22
CA LEU A 89 -17.24 2.88 12.90
C LEU A 89 -17.91 3.45 11.67
N ALA A 90 -18.03 2.62 10.62
CA ALA A 90 -18.64 3.03 9.35
C ALA A 90 -17.72 3.95 8.55
N VAL A 91 -17.13 4.91 9.24
CA VAL A 91 -16.22 5.86 8.62
C VAL A 91 -14.78 5.53 9.02
N PRO A 92 -14.03 4.87 8.13
CA PRO A 92 -12.64 4.51 8.40
C PRO A 92 -11.69 5.69 8.19
N ASP A 93 -10.43 5.52 8.59
CA ASP A 93 -9.44 6.58 8.45
C ASP A 93 -8.56 6.31 7.22
N SER A 94 -8.33 7.37 6.45
CA SER A 94 -7.52 7.28 5.23
C SER A 94 -6.10 6.80 5.52
N LYS A 95 -5.59 7.10 6.71
CA LYS A 95 -4.23 6.71 7.09
C LYS A 95 -4.15 5.19 7.22
N CYS A 96 -5.17 4.59 7.81
CA CYS A 96 -5.21 3.15 8.01
C CYS A 96 -5.44 2.44 6.67
N VAL A 97 -6.31 3.01 5.84
CA VAL A 97 -6.63 2.43 4.55
C VAL A 97 -5.40 2.47 3.64
N TYR A 98 -4.72 3.62 3.60
CA TYR A 98 -3.53 3.80 2.79
C TYR A 98 -2.49 2.74 3.12
N THR A 99 -2.29 2.52 4.41
CA THR A 99 -1.31 1.54 4.89
C THR A 99 -1.62 0.14 4.34
N TYR A 100 -2.89 -0.23 4.36
CA TYR A 100 -3.31 -1.54 3.86
C TYR A 100 -3.14 -1.63 2.35
N ILE A 101 -3.60 -0.61 1.64
CA ILE A 101 -3.52 -0.57 0.18
C ILE A 101 -2.07 -0.62 -0.28
N GLN A 102 -1.19 0.08 0.43
CA GLN A 102 0.22 0.10 0.11
C GLN A 102 0.83 -1.29 0.15
N GLU A 103 0.60 -2.00 1.26
CA GLU A 103 1.14 -3.34 1.43
C GLU A 103 0.53 -4.33 0.43
N LEU A 104 -0.75 -4.13 0.13
CA LEU A 104 -1.44 -5.00 -0.83
C LEU A 104 -0.80 -4.82 -2.20
N TYR A 105 -0.45 -3.59 -2.52
CA TYR A 105 0.17 -3.26 -3.79
C TYR A 105 1.57 -3.86 -3.88
N ARG A 106 2.24 -3.97 -2.73
CA ARG A 106 3.59 -4.54 -2.67
C ARG A 106 3.60 -5.96 -3.24
N SER A 107 2.60 -6.75 -2.86
CA SER A 107 2.49 -8.13 -3.34
C SER A 107 2.02 -8.14 -4.80
N LEU A 108 1.15 -7.19 -5.14
CA LEU A 108 0.63 -7.10 -6.50
C LEU A 108 1.74 -6.83 -7.51
N VAL A 109 2.78 -6.11 -7.08
CA VAL A 109 3.90 -5.79 -7.94
C VAL A 109 4.67 -7.07 -8.30
N GLN A 110 5.04 -7.84 -7.29
CA GLN A 110 5.78 -9.08 -7.50
C GLN A 110 4.93 -10.10 -8.25
N LYS A 111 3.63 -10.12 -7.96
CA LYS A 111 2.72 -11.04 -8.62
C LYS A 111 2.52 -10.66 -10.09
N GLY A 112 2.63 -9.35 -10.37
CA GLY A 112 2.46 -8.88 -11.72
C GLY A 112 1.02 -8.84 -12.16
N LEU A 113 0.12 -8.66 -11.20
CA LEU A 113 -1.31 -8.61 -11.49
C LEU A 113 -1.74 -7.24 -11.99
N VAL A 114 -0.90 -6.23 -11.73
CA VAL A 114 -1.21 -4.88 -12.14
C VAL A 114 -0.82 -4.66 -13.60
N LYS A 115 0.23 -5.35 -14.04
CA LYS A 115 0.73 -5.23 -15.41
C LYS A 115 -0.04 -6.14 -16.36
N THR A 116 -1.32 -6.33 -16.10
CA THR A 116 -2.15 -7.17 -16.95
C THR A 116 -3.01 -6.30 -17.87
N LYS A 117 -2.87 -4.99 -17.73
CA LYS A 117 -3.62 -4.06 -18.56
C LYS A 117 -2.93 -3.90 -19.91
N LYS A 118 -1.61 -3.93 -19.89
CA LYS A 118 -0.82 -3.80 -21.11
C LYS A 118 -0.43 -5.17 -21.63
N LYS A 119 -0.06 -5.23 -22.90
CA LYS A 119 0.36 -6.47 -23.52
C LYS A 119 1.87 -6.45 -23.71
N GLU B 1 18.49 13.95 14.14
CA GLU B 1 18.07 12.72 13.43
C GLU B 1 16.66 12.90 12.87
N GLU B 2 15.85 13.65 13.61
CA GLU B 2 14.47 13.94 13.25
C GLU B 2 14.40 14.61 11.88
N GLU B 3 15.39 15.43 11.58
CA GLU B 3 15.47 16.15 10.33
C GLU B 3 15.51 15.17 9.15
N ILE B 4 16.19 14.05 9.36
CA ILE B 4 16.30 13.02 8.33
C ILE B 4 14.96 12.34 8.11
N ARG B 5 14.28 12.03 9.21
CA ARG B 5 12.97 11.38 9.15
C ARG B 5 11.95 12.29 8.48
N GLU B 6 12.02 13.59 8.81
CA GLU B 6 11.11 14.56 8.22
C GLU B 6 11.34 14.68 6.72
N ALA B 7 12.61 14.59 6.31
CA ALA B 7 12.96 14.68 4.90
C ALA B 7 12.34 13.51 4.15
N PHE B 8 12.46 12.31 4.71
CA PHE B 8 11.90 11.12 4.09
C PHE B 8 10.37 11.19 4.09
N ARG B 9 9.83 11.82 5.13
CA ARG B 9 8.39 11.96 5.28
C ARG B 9 7.81 12.94 4.24
N VAL B 10 8.68 13.70 3.58
CA VAL B 10 8.23 14.64 2.56
C VAL B 10 7.74 13.86 1.35
N PHE B 11 8.39 12.71 1.09
CA PHE B 11 8.03 11.85 -0.02
C PHE B 11 6.92 10.89 0.38
N ASP B 12 6.70 10.78 1.68
CA ASP B 12 5.66 9.92 2.22
C ASP B 12 4.40 10.74 2.40
N LYS B 13 3.47 10.61 1.45
CA LYS B 13 2.22 11.35 1.48
C LYS B 13 1.21 10.87 2.53
N ASP B 14 1.72 10.26 3.59
CA ASP B 14 0.85 9.76 4.65
C ASP B 14 1.61 9.58 5.95
N GLY B 15 2.81 9.03 5.85
CA GLY B 15 3.63 8.79 7.02
C GLY B 15 3.58 7.34 7.42
N ASN B 16 3.91 6.47 6.48
CA ASN B 16 3.89 5.03 6.74
C ASN B 16 5.31 4.48 6.89
N GLY B 17 6.26 5.07 6.18
CA GLY B 17 7.63 4.61 6.27
C GLY B 17 8.12 3.86 5.05
N TYR B 18 7.39 3.96 3.94
CA TYR B 18 7.76 3.25 2.73
C TYR B 18 7.81 4.19 1.53
N ILE B 19 8.93 4.17 0.81
CA ILE B 19 9.11 5.01 -0.37
C ILE B 19 9.74 4.21 -1.50
N SER B 20 9.96 4.88 -2.63
CA SER B 20 10.55 4.24 -3.80
C SER B 20 12.07 4.07 -3.62
N ALA B 21 12.62 3.07 -4.30
CA ALA B 21 14.06 2.79 -4.23
C ALA B 21 14.88 3.94 -4.79
N ALA B 22 14.37 4.56 -5.84
CA ALA B 22 15.05 5.68 -6.48
C ALA B 22 15.13 6.87 -5.51
N GLU B 23 14.01 7.16 -4.88
CA GLU B 23 13.93 8.26 -3.92
C GLU B 23 14.86 8.03 -2.74
N LEU B 24 14.90 6.80 -2.26
CA LEU B 24 15.76 6.44 -1.14
C LEU B 24 17.20 6.84 -1.41
N ARG B 25 17.72 6.43 -2.55
CA ARG B 25 19.09 6.74 -2.94
C ARG B 25 19.27 8.24 -3.17
N HIS B 26 18.24 8.86 -3.73
CA HIS B 26 18.27 10.29 -4.02
C HIS B 26 18.37 11.11 -2.73
N VAL B 27 17.63 10.69 -1.70
CA VAL B 27 17.67 11.39 -0.43
C VAL B 27 19.03 11.24 0.22
N MET B 28 19.58 10.03 0.15
CA MET B 28 20.89 9.73 0.73
C MET B 28 21.98 10.61 0.12
N THR B 29 21.93 10.80 -1.19
CA THR B 29 22.91 11.62 -1.87
C THR B 29 22.65 13.10 -1.62
N ASN B 30 21.37 13.45 -1.54
CA ASN B 30 20.95 14.84 -1.30
C ASN B 30 21.41 15.32 0.07
N LEU B 31 21.47 14.39 1.03
CA LEU B 31 21.90 14.70 2.39
C LEU B 31 23.37 15.09 2.43
N GLY B 32 24.11 14.71 1.39
CA GLY B 32 25.52 15.03 1.34
C GLY B 32 26.37 13.95 1.96
N GLU B 33 25.83 12.73 2.01
CA GLU B 33 26.56 11.60 2.56
C GLU B 33 27.73 11.22 1.66
N LYS B 34 28.89 11.03 2.27
CA LYS B 34 30.08 10.69 1.53
C LYS B 34 30.31 9.18 1.45
N LEU B 35 29.37 8.50 0.80
CA LEU B 35 29.47 7.06 0.65
C LEU B 35 29.55 6.70 -0.84
N THR B 36 30.38 5.72 -1.17
CA THR B 36 30.54 5.32 -2.55
C THR B 36 29.31 4.55 -3.05
N ASP B 37 29.14 4.50 -4.36
CA ASP B 37 28.01 3.81 -4.97
C ASP B 37 28.04 2.32 -4.60
N GLU B 38 29.24 1.80 -4.41
CA GLU B 38 29.43 0.40 -4.04
C GLU B 38 28.80 0.12 -2.70
N GLU B 39 29.01 1.04 -1.76
CA GLU B 39 28.46 0.92 -0.42
C GLU B 39 26.94 0.99 -0.46
N VAL B 40 26.41 1.86 -1.32
CA VAL B 40 24.96 2.00 -1.46
C VAL B 40 24.38 0.71 -2.04
N ASP B 41 25.06 0.19 -3.06
CA ASP B 41 24.65 -1.04 -3.72
C ASP B 41 24.62 -2.19 -2.73
N GLU B 42 25.63 -2.24 -1.87
CA GLU B 42 25.71 -3.28 -0.84
C GLU B 42 24.52 -3.19 0.11
N MET B 43 24.19 -1.97 0.53
CA MET B 43 23.07 -1.75 1.43
C MET B 43 21.76 -2.18 0.77
N ILE B 44 21.66 -1.95 -0.53
CA ILE B 44 20.47 -2.31 -1.29
C ILE B 44 20.25 -3.83 -1.25
N ARG B 45 21.33 -4.57 -1.42
CA ARG B 45 21.27 -6.03 -1.42
C ARG B 45 21.11 -6.60 -0.01
N GLU B 46 21.35 -5.75 0.99
CA GLU B 46 21.24 -6.17 2.37
C GLU B 46 19.82 -5.98 2.90
N ALA B 47 18.96 -5.34 2.10
CA ALA B 47 17.58 -5.11 2.50
C ALA B 47 16.60 -5.58 1.43
N ASP B 48 15.33 -5.33 1.65
CA ASP B 48 14.29 -5.71 0.70
C ASP B 48 14.01 -4.56 -0.27
N ILE B 49 14.64 -4.63 -1.44
CA ILE B 49 14.47 -3.58 -2.45
C ILE B 49 14.21 -4.19 -3.82
N ASP B 50 15.17 -4.99 -4.30
CA ASP B 50 15.05 -5.61 -5.60
C ASP B 50 14.17 -6.86 -5.55
N GLY B 51 12.97 -6.75 -6.13
CA GLY B 51 12.06 -7.87 -6.17
C GLY B 51 10.78 -7.61 -5.38
N ASP B 52 10.73 -6.50 -4.66
CA ASP B 52 9.55 -6.16 -3.88
C ASP B 52 8.79 -5.00 -4.51
N GLY B 53 7.93 -4.34 -3.72
CA GLY B 53 7.15 -3.23 -4.24
C GLY B 53 7.52 -1.89 -3.65
N GLN B 54 7.83 -1.85 -2.37
CA GLN B 54 8.20 -0.61 -1.68
C GLN B 54 9.34 -0.86 -0.71
N VAL B 55 10.09 0.19 -0.40
CA VAL B 55 11.22 0.08 0.51
C VAL B 55 11.00 0.89 1.79
N ASN B 56 11.22 0.27 2.93
CA ASN B 56 11.07 0.93 4.22
C ASN B 56 12.30 1.78 4.53
N TYR B 57 12.11 3.08 4.66
CA TYR B 57 13.22 3.99 4.92
C TYR B 57 13.67 4.01 6.38
N GLU B 58 12.79 3.61 7.29
CA GLU B 58 13.12 3.60 8.71
C GLU B 58 14.31 2.69 8.99
N GLU B 59 14.32 1.52 8.34
CA GLU B 59 15.39 0.56 8.49
C GLU B 59 16.74 1.18 8.15
N PHE B 60 16.78 1.91 7.03
CA PHE B 60 18.00 2.56 6.59
C PHE B 60 18.46 3.62 7.57
N VAL B 61 17.50 4.34 8.16
CA VAL B 61 17.81 5.37 9.15
C VAL B 61 18.49 4.74 10.36
N GLN B 62 17.93 3.62 10.82
CA GLN B 62 18.49 2.91 11.97
C GLN B 62 19.84 2.29 11.63
N MET B 63 19.99 1.86 10.38
CA MET B 63 21.23 1.26 9.92
C MET B 63 22.36 2.28 9.87
N MET B 64 22.04 3.49 9.39
CA MET B 64 23.04 4.54 9.27
C MET B 64 23.35 5.23 10.60
N THR B 65 22.53 4.99 11.61
CA THR B 65 22.77 5.59 12.92
C THR B 65 23.56 4.65 13.83
N ALA B 66 23.43 3.35 13.57
CA ALA B 66 24.13 2.34 14.36
C ALA B 66 25.59 2.23 13.93
N LYS B 67 25.91 2.81 12.78
CA LYS B 67 27.27 2.77 12.25
C LYS B 67 27.90 4.14 12.29
N GLY A 1 5.37 10.81 -7.33
CA GLY A 1 5.50 12.12 -6.63
C GLY A 1 6.02 11.93 -5.22
N PRO A 2 7.15 12.59 -4.88
CA PRO A 2 7.75 12.50 -3.54
C PRO A 2 6.81 13.01 -2.45
N LEU A 3 6.02 14.01 -2.79
CA LEU A 3 5.08 14.60 -1.84
C LEU A 3 3.67 14.08 -2.11
N GLY A 4 3.34 12.95 -1.52
CA GLY A 4 2.02 12.38 -1.70
C GLY A 4 2.06 10.91 -2.06
N SER A 5 2.42 10.08 -1.08
CA SER A 5 2.51 8.64 -1.29
C SER A 5 1.12 8.03 -1.43
N LYS A 6 0.13 8.67 -0.79
CA LYS A 6 -1.24 8.20 -0.84
C LYS A 6 -1.80 8.31 -2.26
N ASN A 7 -1.39 9.37 -2.96
CA ASN A 7 -1.84 9.60 -4.32
C ASN A 7 -1.36 8.51 -5.26
N MET A 8 -0.23 7.90 -4.94
CA MET A 8 0.32 6.82 -5.75
C MET A 8 -0.59 5.61 -5.68
N LEU A 9 -1.02 5.27 -4.46
CA LEU A 9 -1.89 4.13 -4.24
C LEU A 9 -3.30 4.45 -4.75
N LEU A 10 -3.70 5.70 -4.56
CA LEU A 10 -5.01 6.17 -5.01
C LEU A 10 -5.14 6.02 -6.51
N GLU A 11 -4.16 6.52 -7.25
CA GLU A 11 -4.15 6.45 -8.70
C GLU A 11 -4.11 5.00 -9.16
N TRP A 12 -3.22 4.23 -8.54
CA TRP A 12 -3.06 2.82 -8.87
C TRP A 12 -4.38 2.07 -8.74
N CYS A 13 -5.05 2.26 -7.60
CA CYS A 13 -6.32 1.60 -7.34
C CYS A 13 -7.40 2.15 -8.27
N ARG A 14 -7.48 3.46 -8.37
CA ARG A 14 -8.49 4.11 -9.21
C ARG A 14 -8.44 3.63 -10.66
N ALA A 15 -7.23 3.50 -11.20
CA ALA A 15 -7.05 3.06 -12.57
C ALA A 15 -7.59 1.64 -12.79
N MET A 16 -7.33 0.75 -11.85
CA MET A 16 -7.77 -0.63 -11.97
C MET A 16 -9.24 -0.81 -11.59
N THR A 17 -9.70 -0.07 -10.59
CA THR A 17 -11.08 -0.16 -10.13
C THR A 17 -12.02 0.58 -11.08
N ARG A 18 -11.45 1.33 -12.01
CA ARG A 18 -12.24 2.08 -13.00
C ARG A 18 -13.07 1.12 -13.84
N ASN A 19 -12.61 -0.13 -13.90
CA ASN A 19 -13.30 -1.17 -14.66
C ASN A 19 -14.64 -1.52 -14.01
N TYR A 20 -14.75 -1.30 -12.71
CA TYR A 20 -15.97 -1.59 -11.98
C TYR A 20 -16.90 -0.39 -11.93
N GLU A 21 -18.11 -0.56 -12.45
CA GLU A 21 -19.08 0.52 -12.44
C GLU A 21 -19.73 0.63 -11.08
N HIS A 22 -20.17 1.85 -10.72
CA HIS A 22 -20.82 2.11 -9.44
C HIS A 22 -19.81 2.14 -8.28
N VAL A 23 -18.58 1.74 -8.57
CA VAL A 23 -17.53 1.72 -7.55
C VAL A 23 -16.49 2.79 -7.86
N ASP A 24 -16.75 4.01 -7.42
CA ASP A 24 -15.83 5.12 -7.65
C ASP A 24 -14.95 5.33 -6.42
N ILE A 25 -13.77 5.87 -6.62
CA ILE A 25 -12.84 6.11 -5.52
C ILE A 25 -12.50 7.59 -5.40
N GLN A 26 -13.04 8.21 -4.36
CA GLN A 26 -12.78 9.62 -4.10
C GLN A 26 -11.60 9.77 -3.16
N ASN A 27 -11.71 9.17 -1.99
CA ASN A 27 -10.65 9.20 -0.98
C ASN A 27 -10.71 7.93 -0.15
N PHE A 28 -9.68 7.67 0.64
CA PHE A 28 -9.62 6.49 1.48
C PHE A 28 -10.49 6.64 2.73
N SER A 29 -11.74 7.05 2.53
CA SER A 29 -12.68 7.23 3.63
C SER A 29 -14.13 7.04 3.19
N SER A 30 -14.69 8.05 2.56
CA SER A 30 -16.08 8.02 2.11
C SER A 30 -16.37 6.91 1.09
N SER A 31 -15.51 6.79 0.08
CA SER A 31 -15.68 5.77 -0.96
C SER A 31 -15.48 4.35 -0.42
N TRP A 32 -14.96 4.24 0.79
CA TRP A 32 -14.72 2.94 1.39
C TRP A 32 -15.75 2.61 2.46
N SER A 33 -16.65 3.55 2.72
CA SER A 33 -17.70 3.36 3.72
C SER A 33 -18.72 2.31 3.25
N SER A 34 -18.76 2.10 1.94
CA SER A 34 -19.68 1.13 1.37
C SER A 34 -19.09 -0.28 1.46
N GLY A 35 -17.76 -0.34 1.58
CA GLY A 35 -17.07 -1.62 1.67
C GLY A 35 -16.93 -2.30 0.32
N MET A 36 -17.62 -1.78 -0.68
CA MET A 36 -17.59 -2.35 -2.02
C MET A 36 -16.21 -2.23 -2.66
N ALA A 37 -15.44 -1.25 -2.21
CA ALA A 37 -14.11 -1.03 -2.74
C ALA A 37 -13.16 -2.13 -2.30
N PHE A 38 -13.38 -2.64 -1.09
CA PHE A 38 -12.55 -3.70 -0.54
C PHE A 38 -12.64 -4.97 -1.37
N CYS A 39 -13.86 -5.46 -1.55
CA CYS A 39 -14.09 -6.67 -2.31
C CYS A 39 -13.73 -6.49 -3.79
N ALA A 40 -13.91 -5.28 -4.29
CA ALA A 40 -13.60 -4.97 -5.68
C ALA A 40 -12.12 -5.23 -5.98
N LEU A 41 -11.25 -4.68 -5.14
CA LEU A 41 -9.82 -4.84 -5.30
C LEU A 41 -9.40 -6.30 -5.15
N ILE A 42 -10.01 -6.99 -4.19
CA ILE A 42 -9.70 -8.40 -3.95
C ILE A 42 -10.09 -9.25 -5.15
N HIS A 43 -11.31 -9.04 -5.65
CA HIS A 43 -11.81 -9.80 -6.79
C HIS A 43 -11.07 -9.43 -8.07
N LYS A 44 -10.55 -8.22 -8.13
CA LYS A 44 -9.82 -7.74 -9.29
C LYS A 44 -8.54 -8.55 -9.49
N PHE A 45 -7.97 -9.02 -8.39
CA PHE A 45 -6.75 -9.82 -8.44
C PHE A 45 -7.09 -11.30 -8.39
N PHE A 46 -8.02 -11.67 -7.51
CA PHE A 46 -8.42 -13.06 -7.35
C PHE A 46 -9.87 -13.26 -7.81
N PRO A 47 -10.05 -13.79 -9.03
CA PRO A 47 -11.38 -14.02 -9.60
C PRO A 47 -12.14 -15.13 -8.88
N GLU A 48 -11.40 -16.15 -8.42
CA GLU A 48 -12.01 -17.28 -7.74
C GLU A 48 -12.30 -16.97 -6.26
N ALA A 49 -12.03 -15.74 -5.85
CA ALA A 49 -12.26 -15.33 -4.47
C ALA A 49 -13.75 -15.42 -4.12
N PHE A 50 -14.57 -14.72 -4.89
CA PHE A 50 -16.01 -14.69 -4.68
C PHE A 50 -16.70 -13.98 -5.85
N ASP A 51 -18.01 -14.14 -5.95
CA ASP A 51 -18.76 -13.50 -7.01
C ASP A 51 -19.21 -12.11 -6.59
N TYR A 52 -18.49 -11.11 -7.08
CA TYR A 52 -18.75 -9.71 -6.76
C TYR A 52 -20.11 -9.27 -7.32
N ALA A 53 -20.48 -9.84 -8.45
CA ALA A 53 -21.74 -9.49 -9.11
C ALA A 53 -22.95 -10.01 -8.33
N GLU A 54 -22.71 -10.85 -7.33
CA GLU A 54 -23.79 -11.40 -6.54
C GLU A 54 -23.88 -10.75 -5.17
N LEU A 55 -23.13 -9.67 -4.97
CA LEU A 55 -23.12 -8.98 -3.70
C LEU A 55 -24.22 -7.92 -3.63
N ASP A 56 -24.70 -7.65 -2.42
CA ASP A 56 -25.75 -6.67 -2.20
C ASP A 56 -25.32 -5.64 -1.17
N PRO A 57 -25.78 -4.39 -1.31
CA PRO A 57 -25.45 -3.32 -0.37
C PRO A 57 -26.01 -3.59 1.02
N ALA A 58 -27.10 -4.36 1.07
CA ALA A 58 -27.74 -4.70 2.33
C ALA A 58 -26.97 -5.82 3.03
N LYS A 59 -25.97 -6.35 2.35
CA LYS A 59 -25.15 -7.43 2.89
C LYS A 59 -23.75 -6.94 3.17
N ARG A 60 -23.61 -5.63 3.43
CA ARG A 60 -22.31 -5.03 3.72
C ARG A 60 -21.62 -5.69 4.90
N ARG A 61 -22.39 -6.09 5.89
CA ARG A 61 -21.86 -6.77 7.07
C ARG A 61 -21.13 -8.04 6.66
N HIS A 62 -21.74 -8.79 5.75
CA HIS A 62 -21.16 -10.02 5.26
C HIS A 62 -20.04 -9.71 4.27
N ASN A 63 -20.24 -8.63 3.52
CA ASN A 63 -19.29 -8.17 2.51
C ASN A 63 -17.91 -7.91 3.13
N PHE A 64 -17.89 -7.19 4.24
CA PHE A 64 -16.64 -6.87 4.93
C PHE A 64 -15.91 -8.15 5.33
N THR A 65 -16.64 -9.06 5.96
CA THR A 65 -16.07 -10.33 6.40
C THR A 65 -15.57 -11.13 5.20
N LEU A 66 -16.40 -11.18 4.17
CA LEU A 66 -16.07 -11.90 2.93
C LEU A 66 -14.75 -11.44 2.34
N ALA A 67 -14.58 -10.13 2.26
CA ALA A 67 -13.37 -9.54 1.71
C ALA A 67 -12.15 -9.88 2.56
N PHE A 68 -12.26 -9.66 3.87
CA PHE A 68 -11.16 -9.90 4.79
C PHE A 68 -10.78 -11.38 4.90
N SER A 69 -11.79 -12.25 4.99
CA SER A 69 -11.54 -13.68 5.13
C SER A 69 -10.84 -14.26 3.90
N THR A 70 -11.43 -14.03 2.73
CA THR A 70 -10.86 -14.53 1.49
C THR A 70 -9.45 -13.99 1.25
N ALA A 71 -9.23 -12.73 1.62
CA ALA A 71 -7.91 -12.12 1.46
C ALA A 71 -6.88 -12.87 2.30
N GLU A 72 -7.25 -13.17 3.53
CA GLU A 72 -6.39 -13.89 4.46
C GLU A 72 -6.25 -15.35 4.03
N LYS A 73 -7.29 -15.90 3.44
CA LYS A 73 -7.27 -17.29 3.00
C LYS A 73 -6.45 -17.45 1.72
N LEU A 74 -6.19 -16.35 1.03
CA LEU A 74 -5.43 -16.40 -0.21
C LEU A 74 -4.01 -15.87 -0.08
N ALA A 75 -3.84 -14.72 0.57
CA ALA A 75 -2.51 -14.14 0.72
C ALA A 75 -2.17 -13.84 2.18
N ASP A 76 -3.00 -14.34 3.09
CA ASP A 76 -2.81 -14.14 4.54
C ASP A 76 -2.59 -12.69 4.90
N CYS A 77 -3.50 -11.82 4.47
CA CYS A 77 -3.40 -10.40 4.75
C CYS A 77 -3.56 -10.13 6.24
N ALA A 78 -2.77 -9.21 6.74
CA ALA A 78 -2.81 -8.85 8.16
C ALA A 78 -4.15 -8.21 8.51
N GLN A 79 -4.68 -8.58 9.67
CA GLN A 79 -5.95 -8.04 10.14
C GLN A 79 -5.75 -6.64 10.68
N LEU A 80 -5.69 -5.67 9.79
CA LEU A 80 -5.49 -4.28 10.17
C LEU A 80 -6.82 -3.53 10.25
N LEU A 81 -7.89 -4.25 9.99
CA LEU A 81 -9.23 -3.66 10.04
C LEU A 81 -10.23 -4.68 10.56
N GLU A 82 -11.19 -4.21 11.35
CA GLU A 82 -12.20 -5.08 11.93
C GLU A 82 -13.55 -4.88 11.23
N VAL A 83 -14.26 -5.97 11.02
CA VAL A 83 -15.56 -5.92 10.35
C VAL A 83 -16.58 -5.12 11.17
N ASP A 84 -16.72 -5.49 12.42
CA ASP A 84 -17.66 -4.82 13.32
C ASP A 84 -17.40 -3.33 13.41
N ASP A 85 -16.15 -2.97 13.69
CA ASP A 85 -15.75 -1.58 13.80
C ASP A 85 -16.02 -0.80 12.52
N MET A 86 -15.80 -1.45 11.38
CA MET A 86 -16.03 -0.83 10.08
C MET A 86 -17.49 -0.46 9.90
N VAL A 87 -18.38 -1.34 10.33
CA VAL A 87 -19.82 -1.10 10.22
C VAL A 87 -20.25 -0.07 11.25
N ARG A 88 -19.58 -0.09 12.40
CA ARG A 88 -19.87 0.82 13.49
C ARG A 88 -19.46 2.25 13.14
N LEU A 89 -18.21 2.42 12.75
CA LEU A 89 -17.68 3.73 12.38
C LEU A 89 -18.20 4.19 11.03
N ALA A 90 -18.40 3.23 10.13
CA ALA A 90 -18.89 3.49 8.77
C ALA A 90 -17.79 4.10 7.90
N VAL A 91 -17.27 5.24 8.31
CA VAL A 91 -16.21 5.93 7.58
C VAL A 91 -14.86 5.60 8.21
N PRO A 92 -14.01 4.84 7.49
CA PRO A 92 -12.68 4.46 7.97
C PRO A 92 -11.68 5.60 7.84
N ASP A 93 -10.58 5.49 8.57
CA ASP A 93 -9.53 6.50 8.54
C ASP A 93 -8.58 6.21 7.39
N SER A 94 -7.98 7.25 6.85
CA SER A 94 -7.05 7.10 5.75
C SER A 94 -5.85 6.25 6.15
N LYS A 95 -5.39 6.40 7.39
CA LYS A 95 -4.25 5.65 7.90
C LYS A 95 -4.55 4.15 7.91
N CYS A 96 -5.74 3.80 8.38
CA CYS A 96 -6.16 2.42 8.47
C CYS A 96 -6.20 1.74 7.11
N VAL A 97 -6.54 2.51 6.08
CA VAL A 97 -6.60 1.98 4.72
C VAL A 97 -5.20 2.00 4.09
N TYR A 98 -4.46 3.07 4.35
CA TYR A 98 -3.11 3.25 3.83
C TYR A 98 -2.21 2.07 4.22
N THR A 99 -2.18 1.75 5.51
CA THR A 99 -1.35 0.66 6.00
C THR A 99 -1.84 -0.70 5.48
N TYR A 100 -3.13 -0.80 5.19
CA TYR A 100 -3.69 -2.05 4.68
C TYR A 100 -3.27 -2.28 3.23
N ILE A 101 -3.41 -1.24 2.41
CA ILE A 101 -3.05 -1.32 1.01
C ILE A 101 -1.53 -1.47 0.84
N GLN A 102 -0.78 -0.83 1.74
CA GLN A 102 0.68 -0.88 1.69
C GLN A 102 1.18 -2.32 1.75
N GLU A 103 0.72 -3.07 2.76
CA GLU A 103 1.12 -4.45 2.93
C GLU A 103 0.57 -5.33 1.80
N LEU A 104 -0.63 -5.01 1.35
CA LEU A 104 -1.25 -5.75 0.26
C LEU A 104 -0.42 -5.60 -0.99
N TYR A 105 -0.01 -4.37 -1.28
CA TYR A 105 0.81 -4.06 -2.45
C TYR A 105 2.12 -4.83 -2.37
N ARG A 106 2.71 -4.86 -1.17
CA ARG A 106 3.96 -5.58 -0.95
C ARG A 106 3.79 -7.06 -1.25
N SER A 107 2.64 -7.60 -0.89
CA SER A 107 2.35 -9.00 -1.12
C SER A 107 2.15 -9.27 -2.62
N LEU A 108 1.71 -8.24 -3.34
CA LEU A 108 1.47 -8.35 -4.77
C LEU A 108 2.76 -8.19 -5.58
N VAL A 109 3.70 -7.42 -5.04
CA VAL A 109 4.98 -7.20 -5.71
C VAL A 109 5.78 -8.49 -5.80
N GLN A 110 5.93 -9.16 -4.66
CA GLN A 110 6.67 -10.42 -4.61
C GLN A 110 5.95 -11.53 -5.37
N LYS A 111 4.70 -11.28 -5.73
CA LYS A 111 3.90 -12.25 -6.48
C LYS A 111 3.90 -11.91 -7.96
N GLY A 112 4.44 -10.76 -8.30
CA GLY A 112 4.48 -10.32 -9.69
C GLY A 112 3.12 -10.01 -10.25
N LEU A 113 2.14 -9.88 -9.36
CA LEU A 113 0.76 -9.59 -9.78
C LEU A 113 0.61 -8.15 -10.23
N VAL A 114 1.42 -7.27 -9.67
CA VAL A 114 1.38 -5.85 -10.04
C VAL A 114 1.88 -5.68 -11.47
N LYS A 115 2.90 -6.45 -11.83
CA LYS A 115 3.47 -6.39 -13.16
C LYS A 115 2.82 -7.39 -14.09
N THR A 116 1.61 -7.06 -14.54
CA THR A 116 0.85 -7.93 -15.44
C THR A 116 1.54 -7.99 -16.80
N LYS A 117 2.29 -6.94 -17.11
CA LYS A 117 3.03 -6.87 -18.36
C LYS A 117 4.46 -7.29 -18.11
N LYS A 118 4.99 -8.18 -18.95
CA LYS A 118 6.34 -8.67 -18.79
C LYS A 118 7.37 -7.55 -18.91
N LYS A 119 7.98 -7.21 -17.78
CA LYS A 119 9.00 -6.17 -17.75
C LYS A 119 10.36 -6.78 -17.47
N GLU B 1 21.58 13.33 13.48
CA GLU B 1 20.96 12.08 12.99
C GLU B 1 19.44 12.19 12.96
N GLU B 2 18.86 12.81 14.00
CA GLU B 2 17.41 12.97 14.08
C GLU B 2 16.86 13.67 12.85
N GLU B 3 17.64 14.61 12.32
CA GLU B 3 17.26 15.37 11.14
C GLU B 3 17.03 14.45 9.95
N ILE B 4 17.88 13.46 9.81
CA ILE B 4 17.77 12.49 8.72
C ILE B 4 16.48 11.68 8.88
N ARG B 5 16.22 11.24 10.10
CA ARG B 5 15.02 10.46 10.39
C ARG B 5 13.78 11.29 10.12
N GLU B 6 13.84 12.57 10.50
CA GLU B 6 12.73 13.49 10.28
C GLU B 6 12.50 13.70 8.80
N ALA B 7 13.58 13.91 8.06
CA ALA B 7 13.50 14.13 6.61
C ALA B 7 12.83 12.96 5.90
N PHE B 8 13.20 11.75 6.28
CA PHE B 8 12.61 10.55 5.68
C PHE B 8 11.13 10.44 6.02
N ARG B 9 10.76 10.92 7.21
CA ARG B 9 9.37 10.88 7.65
C ARG B 9 8.53 11.91 6.89
N VAL B 10 9.19 12.93 6.34
CA VAL B 10 8.50 13.97 5.59
C VAL B 10 7.89 13.38 4.31
N PHE B 11 8.57 12.40 3.74
CA PHE B 11 8.10 11.76 2.52
C PHE B 11 6.91 10.86 2.81
N ASP B 12 6.86 10.30 4.01
CA ASP B 12 5.75 9.44 4.42
C ASP B 12 4.52 10.31 4.66
N LYS B 13 3.54 10.18 3.80
CA LYS B 13 2.32 10.99 3.90
C LYS B 13 1.28 10.43 4.85
N ASP B 14 1.70 9.61 5.80
CA ASP B 14 0.78 9.05 6.78
C ASP B 14 1.48 8.77 8.11
N GLY B 15 2.70 8.26 8.03
CA GLY B 15 3.45 7.96 9.23
C GLY B 15 3.44 6.49 9.53
N ASN B 16 4.04 5.71 8.64
CA ASN B 16 4.10 4.27 8.80
C ASN B 16 5.55 3.78 8.80
N GLY B 17 6.40 4.46 8.04
CA GLY B 17 7.80 4.08 7.99
C GLY B 17 8.16 3.33 6.72
N TYR B 18 7.23 3.34 5.77
CA TYR B 18 7.45 2.65 4.50
C TYR B 18 7.41 3.62 3.34
N ILE B 19 8.53 3.74 2.65
CA ILE B 19 8.63 4.65 1.52
C ILE B 19 9.12 3.91 0.28
N SER B 20 9.09 4.59 -0.86
CA SER B 20 9.54 4.00 -2.12
C SER B 20 11.05 4.17 -2.28
N ALA B 21 11.69 3.19 -2.92
CA ALA B 21 13.13 3.23 -3.14
C ALA B 21 13.57 4.46 -3.93
N ALA B 22 12.78 4.82 -4.94
CA ALA B 22 13.09 5.97 -5.78
C ALA B 22 13.07 7.25 -4.94
N GLU B 23 12.07 7.37 -4.08
CA GLU B 23 11.95 8.53 -3.21
C GLU B 23 13.06 8.55 -2.17
N LEU B 24 13.46 7.37 -1.71
CA LEU B 24 14.53 7.24 -0.73
C LEU B 24 15.84 7.81 -1.29
N ARG B 25 16.15 7.44 -2.53
CA ARG B 25 17.36 7.92 -3.18
C ARG B 25 17.25 9.42 -3.43
N HIS B 26 16.03 9.88 -3.62
CA HIS B 26 15.75 11.29 -3.86
C HIS B 26 16.11 12.12 -2.63
N VAL B 27 15.91 11.55 -1.45
CA VAL B 27 16.22 12.23 -0.20
C VAL B 27 17.72 12.35 -0.03
N MET B 28 18.43 11.27 -0.32
CA MET B 28 19.88 11.24 -0.21
C MET B 28 20.55 12.29 -1.08
N THR B 29 20.07 12.41 -2.32
CA THR B 29 20.62 13.40 -3.24
C THR B 29 20.23 14.81 -2.83
N ASN B 30 19.09 14.93 -2.17
CA ASN B 30 18.59 16.22 -1.70
C ASN B 30 19.42 16.72 -0.53
N LEU B 31 19.72 15.83 0.41
CA LEU B 31 20.51 16.18 1.59
C LEU B 31 21.93 16.55 1.20
N GLY B 32 22.43 15.93 0.15
CA GLY B 32 23.78 16.21 -0.31
C GLY B 32 24.79 15.23 0.24
N GLU B 33 24.43 13.95 0.23
CA GLU B 33 25.32 12.92 0.73
C GLU B 33 26.39 12.62 -0.32
N LYS B 34 27.65 12.71 0.08
CA LYS B 34 28.77 12.47 -0.83
C LYS B 34 29.01 10.97 -1.01
N LEU B 35 28.04 10.28 -1.59
CA LEU B 35 28.15 8.86 -1.83
C LEU B 35 28.05 8.59 -3.33
N THR B 36 28.76 7.58 -3.79
CA THR B 36 28.74 7.24 -5.20
C THR B 36 27.49 6.43 -5.54
N ASP B 37 27.01 6.55 -6.77
CA ASP B 37 25.82 5.83 -7.21
C ASP B 37 26.03 4.33 -7.03
N GLU B 38 27.26 3.91 -7.20
CA GLU B 38 27.64 2.51 -7.06
C GLU B 38 27.43 2.05 -5.62
N GLU B 39 27.81 2.90 -4.66
CA GLU B 39 27.64 2.57 -3.24
C GLU B 39 26.16 2.49 -2.89
N VAL B 40 25.38 3.40 -3.46
CA VAL B 40 23.94 3.42 -3.21
C VAL B 40 23.32 2.14 -3.77
N ASP B 41 23.75 1.75 -4.96
CA ASP B 41 23.26 0.54 -5.60
C ASP B 41 23.60 -0.68 -4.76
N GLU B 42 24.78 -0.66 -4.16
CA GLU B 42 25.22 -1.76 -3.31
C GLU B 42 24.29 -1.91 -2.11
N MET B 43 23.94 -0.78 -1.50
CA MET B 43 23.04 -0.78 -0.35
C MET B 43 21.67 -1.30 -0.76
N ILE B 44 21.25 -0.91 -1.95
CA ILE B 44 19.96 -1.33 -2.51
C ILE B 44 19.92 -2.85 -2.65
N ARG B 45 21.05 -3.44 -3.04
CA ARG B 45 21.14 -4.88 -3.21
C ARG B 45 21.17 -5.62 -1.88
N GLU B 46 21.60 -4.94 -0.83
CA GLU B 46 21.67 -5.55 0.49
C GLU B 46 20.35 -5.41 1.24
N ALA B 47 19.54 -4.43 0.84
CA ALA B 47 18.26 -4.18 1.47
C ALA B 47 17.11 -4.73 0.63
N ASP B 48 15.90 -4.60 1.14
CA ASP B 48 14.72 -5.08 0.44
C ASP B 48 14.18 -4.01 -0.48
N ILE B 49 14.64 -4.01 -1.72
CA ILE B 49 14.19 -3.03 -2.69
C ILE B 49 13.31 -3.70 -3.75
N ASP B 50 13.92 -4.16 -4.84
CA ASP B 50 13.17 -4.79 -5.91
C ASP B 50 12.90 -6.25 -5.58
N GLY B 51 11.63 -6.58 -5.42
CA GLY B 51 11.27 -7.95 -5.11
C GLY B 51 10.46 -8.06 -3.83
N ASP B 52 10.52 -7.02 -3.00
CA ASP B 52 9.78 -7.02 -1.74
C ASP B 52 8.45 -6.29 -1.88
N GLY B 53 8.49 -4.97 -1.76
CA GLY B 53 7.29 -4.18 -1.89
C GLY B 53 7.31 -2.94 -1.02
N GLN B 54 7.89 -3.06 0.17
CA GLN B 54 7.98 -1.92 1.10
C GLN B 54 9.42 -1.73 1.54
N VAL B 55 9.91 -0.49 1.43
CA VAL B 55 11.28 -0.16 1.81
C VAL B 55 11.34 0.51 3.19
N ASN B 56 12.15 -0.05 4.07
CA ASN B 56 12.31 0.50 5.42
C ASN B 56 13.33 1.64 5.40
N TYR B 57 12.95 2.77 5.97
CA TYR B 57 13.82 3.95 6.01
C TYR B 57 14.98 3.79 6.98
N GLU B 58 14.72 3.19 8.15
CA GLU B 58 15.76 3.01 9.17
C GLU B 58 16.92 2.15 8.70
N GLU B 59 16.63 1.15 7.87
CA GLU B 59 17.65 0.27 7.33
C GLU B 59 18.79 1.04 6.67
N PHE B 60 18.43 1.90 5.73
CA PHE B 60 19.42 2.70 5.02
C PHE B 60 20.11 3.71 5.94
N VAL B 61 19.35 4.25 6.90
CA VAL B 61 19.89 5.21 7.85
C VAL B 61 21.02 4.58 8.66
N GLN B 62 20.78 3.38 9.17
CA GLN B 62 21.77 2.67 9.95
C GLN B 62 22.94 2.21 9.09
N MET B 63 22.68 1.95 7.82
CA MET B 63 23.73 1.51 6.90
C MET B 63 24.68 2.66 6.58
N MET B 64 24.10 3.85 6.38
CA MET B 64 24.91 5.02 6.03
C MET B 64 25.63 5.61 7.25
N THR B 65 25.12 5.35 8.44
CA THR B 65 25.74 5.88 9.66
C THR B 65 26.94 5.05 10.09
N ALA B 66 26.97 3.79 9.68
CA ALA B 66 28.06 2.89 10.04
C ALA B 66 29.19 2.94 9.01
N LYS B 67 29.01 3.75 7.99
CA LYS B 67 30.01 3.87 6.94
C LYS B 67 30.55 5.29 6.86
N GLY A 1 6.58 7.84 -6.53
CA GLY A 1 6.31 9.30 -6.54
C GLY A 1 6.84 9.97 -5.29
N PRO A 2 7.89 10.79 -5.42
CA PRO A 2 8.51 11.50 -4.29
C PRO A 2 7.52 12.32 -3.47
N LEU A 3 6.56 12.95 -4.14
CA LEU A 3 5.58 13.77 -3.45
C LEU A 3 4.21 13.10 -3.47
N GLY A 4 3.91 12.42 -4.57
CA GLY A 4 2.63 11.75 -4.70
C GLY A 4 2.61 10.39 -4.04
N SER A 5 2.92 10.34 -2.75
CA SER A 5 2.93 9.09 -2.00
C SER A 5 1.51 8.55 -1.82
N LYS A 6 0.76 9.15 -0.89
CA LYS A 6 -0.62 8.73 -0.61
C LYS A 6 -1.49 8.96 -1.83
N ASN A 7 -1.18 10.01 -2.58
CA ASN A 7 -1.92 10.35 -3.79
C ASN A 7 -1.87 9.24 -4.84
N MET A 8 -0.71 8.60 -4.96
CA MET A 8 -0.52 7.52 -5.94
C MET A 8 -1.49 6.38 -5.70
N LEU A 9 -1.58 5.92 -4.46
CA LEU A 9 -2.46 4.82 -4.11
C LEU A 9 -3.93 5.17 -4.34
N LEU A 10 -4.27 6.45 -4.18
CA LEU A 10 -5.64 6.91 -4.39
C LEU A 10 -6.02 6.74 -5.86
N GLU A 11 -5.15 7.18 -6.74
CA GLU A 11 -5.39 7.08 -8.17
C GLU A 11 -5.30 5.62 -8.61
N TRP A 12 -4.36 4.89 -8.00
CA TRP A 12 -4.14 3.49 -8.31
C TRP A 12 -5.43 2.66 -8.14
N CYS A 13 -6.02 2.75 -6.96
CA CYS A 13 -7.24 1.99 -6.68
C CYS A 13 -8.42 2.52 -7.50
N ARG A 14 -8.47 3.84 -7.68
CA ARG A 14 -9.53 4.46 -8.45
C ARG A 14 -9.48 3.99 -9.90
N ALA A 15 -8.27 3.90 -10.45
CA ALA A 15 -8.10 3.46 -11.83
C ALA A 15 -8.43 1.98 -11.98
N MET A 16 -8.21 1.22 -10.91
CA MET A 16 -8.50 -0.20 -10.92
C MET A 16 -10.00 -0.44 -10.85
N THR A 17 -10.73 0.53 -10.33
CA THR A 17 -12.18 0.43 -10.19
C THR A 17 -12.88 1.22 -11.30
N ARG A 18 -12.11 1.62 -12.30
CA ARG A 18 -12.66 2.38 -13.43
C ARG A 18 -13.56 1.51 -14.30
N ASN A 19 -13.32 0.21 -14.26
CA ASN A 19 -14.12 -0.73 -15.03
C ASN A 19 -15.28 -1.28 -14.20
N TYR A 20 -15.63 -0.54 -13.16
CA TYR A 20 -16.73 -0.92 -12.27
C TYR A 20 -17.80 0.16 -12.29
N GLU A 21 -19.03 -0.22 -12.02
CA GLU A 21 -20.14 0.72 -11.99
C GLU A 21 -20.61 0.95 -10.55
N HIS A 22 -21.10 2.15 -10.28
CA HIS A 22 -21.61 2.53 -8.96
C HIS A 22 -20.54 2.58 -7.86
N VAL A 23 -19.30 2.22 -8.20
CA VAL A 23 -18.20 2.23 -7.25
C VAL A 23 -17.19 3.31 -7.63
N ASP A 24 -17.45 4.53 -7.17
CA ASP A 24 -16.56 5.64 -7.47
C ASP A 24 -15.74 6.01 -6.24
N ILE A 25 -14.45 5.72 -6.28
CA ILE A 25 -13.55 6.01 -5.18
C ILE A 25 -13.10 7.46 -5.24
N GLN A 26 -13.74 8.30 -4.44
CA GLN A 26 -13.40 9.71 -4.38
C GLN A 26 -12.54 9.98 -3.16
N ASN A 27 -12.83 9.29 -2.07
CA ASN A 27 -12.09 9.44 -0.83
C ASN A 27 -11.87 8.08 -0.18
N PHE A 28 -10.98 8.02 0.80
CA PHE A 28 -10.67 6.77 1.49
C PHE A 28 -11.59 6.54 2.68
N SER A 29 -12.84 6.99 2.55
CA SER A 29 -13.81 6.85 3.62
C SER A 29 -15.22 6.68 3.05
N SER A 30 -15.68 7.68 2.32
CA SER A 30 -17.01 7.69 1.72
C SER A 30 -17.26 6.48 0.83
N SER A 31 -16.34 6.22 -0.09
CA SER A 31 -16.48 5.12 -1.03
C SER A 31 -16.12 3.76 -0.40
N TRP A 32 -15.77 3.77 0.89
CA TRP A 32 -15.39 2.54 1.56
C TRP A 32 -16.35 2.22 2.71
N SER A 33 -17.43 2.98 2.80
CA SER A 33 -18.42 2.81 3.85
C SER A 33 -19.13 1.46 3.71
N SER A 34 -19.49 1.12 2.47
CA SER A 34 -20.16 -0.13 2.19
C SER A 34 -19.16 -1.28 2.10
N GLY A 35 -17.89 -0.94 1.97
CA GLY A 35 -16.85 -1.95 1.86
C GLY A 35 -16.82 -2.59 0.50
N MET A 36 -17.65 -2.07 -0.41
CA MET A 36 -17.71 -2.60 -1.78
C MET A 36 -16.38 -2.42 -2.50
N ALA A 37 -15.71 -1.31 -2.23
CA ALA A 37 -14.42 -1.01 -2.84
C ALA A 37 -13.38 -2.08 -2.50
N PHE A 38 -13.45 -2.60 -1.27
CA PHE A 38 -12.52 -3.64 -0.83
C PHE A 38 -12.68 -4.88 -1.71
N CYS A 39 -13.91 -5.34 -1.81
CA CYS A 39 -14.22 -6.52 -2.60
C CYS A 39 -13.91 -6.31 -4.08
N ALA A 40 -14.20 -5.11 -4.57
CA ALA A 40 -13.94 -4.77 -5.96
C ALA A 40 -12.45 -4.84 -6.29
N LEU A 41 -11.64 -4.30 -5.38
CA LEU A 41 -10.18 -4.29 -5.55
C LEU A 41 -9.62 -5.71 -5.49
N ILE A 42 -10.02 -6.47 -4.48
CA ILE A 42 -9.54 -7.85 -4.30
C ILE A 42 -9.93 -8.70 -5.51
N HIS A 43 -11.14 -8.48 -6.02
CA HIS A 43 -11.65 -9.22 -7.17
C HIS A 43 -10.85 -8.90 -8.43
N LYS A 44 -10.19 -7.75 -8.45
CA LYS A 44 -9.39 -7.34 -9.60
C LYS A 44 -8.10 -8.15 -9.69
N PHE A 45 -7.67 -8.70 -8.57
CA PHE A 45 -6.45 -9.48 -8.52
C PHE A 45 -6.74 -10.97 -8.37
N PHE A 46 -7.77 -11.31 -7.60
CA PHE A 46 -8.13 -12.70 -7.38
C PHE A 46 -9.52 -13.00 -7.93
N PRO A 47 -9.59 -13.61 -9.13
CA PRO A 47 -10.86 -13.95 -9.77
C PRO A 47 -11.53 -15.14 -9.09
N GLU A 48 -10.73 -15.99 -8.46
CA GLU A 48 -11.25 -17.18 -7.77
C GLU A 48 -11.62 -16.86 -6.32
N ALA A 49 -11.41 -15.61 -5.91
CA ALA A 49 -11.71 -15.19 -4.55
C ALA A 49 -13.22 -15.27 -4.28
N PHE A 50 -13.97 -14.42 -4.93
CA PHE A 50 -15.42 -14.38 -4.76
C PHE A 50 -16.07 -13.68 -5.93
N ASP A 51 -17.34 -13.93 -6.14
CA ASP A 51 -18.07 -13.32 -7.23
C ASP A 51 -18.69 -12.00 -6.80
N TYR A 52 -18.09 -10.91 -7.25
CA TYR A 52 -18.56 -9.58 -6.90
C TYR A 52 -19.94 -9.33 -7.51
N ALA A 53 -20.18 -9.93 -8.67
CA ALA A 53 -21.45 -9.79 -9.35
C ALA A 53 -22.59 -10.44 -8.55
N GLU A 54 -22.22 -11.34 -7.64
CA GLU A 54 -23.20 -12.03 -6.82
C GLU A 54 -23.27 -11.42 -5.42
N LEU A 55 -22.60 -10.30 -5.23
CA LEU A 55 -22.60 -9.63 -3.95
C LEU A 55 -23.78 -8.67 -3.81
N ASP A 56 -24.43 -8.74 -2.66
CA ASP A 56 -25.60 -7.91 -2.39
C ASP A 56 -25.28 -6.97 -1.24
N PRO A 57 -25.62 -5.68 -1.37
CA PRO A 57 -25.39 -4.67 -0.33
C PRO A 57 -26.00 -5.07 1.02
N ALA A 58 -26.98 -5.96 0.99
CA ALA A 58 -27.63 -6.43 2.21
C ALA A 58 -26.63 -7.19 3.08
N LYS A 59 -25.58 -7.71 2.46
CA LYS A 59 -24.55 -8.45 3.17
C LYS A 59 -23.36 -7.54 3.43
N ARG A 60 -23.62 -6.26 3.60
CA ARG A 60 -22.57 -5.26 3.85
C ARG A 60 -21.70 -5.65 5.05
N ARG A 61 -22.34 -6.19 6.08
CA ARG A 61 -21.62 -6.58 7.30
C ARG A 61 -20.82 -7.86 7.10
N HIS A 62 -21.08 -8.56 6.00
CA HIS A 62 -20.39 -9.79 5.69
C HIS A 62 -19.38 -9.56 4.58
N ASN A 63 -19.58 -8.48 3.84
CA ASN A 63 -18.70 -8.12 2.73
C ASN A 63 -17.29 -7.84 3.23
N PHE A 64 -17.21 -7.14 4.36
CA PHE A 64 -15.91 -6.82 4.95
C PHE A 64 -15.18 -8.10 5.29
N THR A 65 -15.88 -9.03 5.94
CA THR A 65 -15.31 -10.30 6.32
C THR A 65 -14.87 -11.09 5.09
N LEU A 66 -15.73 -11.12 4.09
CA LEU A 66 -15.44 -11.84 2.85
C LEU A 66 -14.16 -11.30 2.20
N ALA A 67 -14.07 -9.99 2.08
CA ALA A 67 -12.92 -9.35 1.47
C ALA A 67 -11.65 -9.59 2.31
N PHE A 68 -11.75 -9.29 3.60
CA PHE A 68 -10.62 -9.45 4.52
C PHE A 68 -10.15 -10.90 4.63
N SER A 69 -11.05 -11.81 5.01
CA SER A 69 -10.69 -13.21 5.19
C SER A 69 -10.03 -13.81 3.95
N THR A 70 -10.51 -13.45 2.76
CA THR A 70 -9.95 -13.97 1.52
C THR A 70 -8.54 -13.40 1.31
N ALA A 71 -8.40 -12.10 1.54
CA ALA A 71 -7.11 -11.44 1.37
C ALA A 71 -6.12 -11.96 2.41
N GLU A 72 -6.63 -12.23 3.61
CA GLU A 72 -5.81 -12.75 4.70
C GLU A 72 -5.37 -14.19 4.43
N LYS A 73 -6.03 -14.85 3.49
CA LYS A 73 -5.70 -16.23 3.15
C LYS A 73 -4.87 -16.32 1.87
N LEU A 74 -5.27 -15.58 0.84
CA LEU A 74 -4.58 -15.60 -0.43
C LEU A 74 -3.32 -14.72 -0.45
N ALA A 75 -3.39 -13.57 0.21
CA ALA A 75 -2.25 -12.66 0.23
C ALA A 75 -1.63 -12.54 1.61
N ASP A 76 -2.31 -13.10 2.62
CA ASP A 76 -1.84 -13.05 4.00
C ASP A 76 -1.66 -11.61 4.47
N CYS A 77 -2.68 -10.80 4.28
CA CYS A 77 -2.63 -9.39 4.66
C CYS A 77 -2.86 -9.24 6.16
N ALA A 78 -2.19 -8.26 6.75
CA ALA A 78 -2.34 -8.00 8.18
C ALA A 78 -3.65 -7.29 8.43
N GLN A 79 -4.47 -7.84 9.33
CA GLN A 79 -5.76 -7.27 9.66
C GLN A 79 -5.61 -6.00 10.50
N LEU A 80 -5.42 -4.88 9.83
CA LEU A 80 -5.27 -3.59 10.51
C LEU A 80 -6.63 -2.94 10.74
N LEU A 81 -7.69 -3.66 10.40
CA LEU A 81 -9.04 -3.18 10.57
C LEU A 81 -9.96 -4.31 11.01
N GLU A 82 -10.92 -3.99 11.86
CA GLU A 82 -11.88 -4.97 12.36
C GLU A 82 -13.18 -4.88 11.57
N VAL A 83 -13.64 -6.01 11.06
CA VAL A 83 -14.87 -6.09 10.29
C VAL A 83 -16.05 -5.45 11.02
N ASP A 84 -16.33 -5.94 12.22
CA ASP A 84 -17.44 -5.42 13.03
C ASP A 84 -17.29 -3.93 13.31
N ASP A 85 -16.05 -3.51 13.58
CA ASP A 85 -15.78 -2.11 13.87
C ASP A 85 -16.13 -1.23 12.68
N MET A 86 -15.81 -1.69 11.48
CA MET A 86 -16.10 -0.94 10.27
C MET A 86 -17.60 -0.89 10.02
N VAL A 87 -18.29 -1.94 10.43
CA VAL A 87 -19.74 -2.02 10.26
C VAL A 87 -20.44 -1.04 11.20
N ARG A 88 -20.02 -1.04 12.46
CA ARG A 88 -20.60 -0.17 13.47
C ARG A 88 -20.28 1.31 13.23
N LEU A 89 -19.02 1.60 12.91
CA LEU A 89 -18.58 2.97 12.66
C LEU A 89 -19.10 3.48 11.33
N ALA A 90 -19.22 2.56 10.37
CA ALA A 90 -19.69 2.87 9.01
C ALA A 90 -18.64 3.60 8.18
N VAL A 91 -18.09 4.67 8.72
CA VAL A 91 -17.08 5.44 8.02
C VAL A 91 -15.68 5.06 8.48
N PRO A 92 -14.88 4.42 7.61
CA PRO A 92 -13.53 4.01 7.94
C PRO A 92 -12.54 5.16 7.77
N ASP A 93 -11.62 5.29 8.71
CA ASP A 93 -10.62 6.34 8.68
C ASP A 93 -9.70 6.15 7.48
N SER A 94 -9.48 7.23 6.74
CA SER A 94 -8.64 7.21 5.56
C SER A 94 -7.23 6.71 5.88
N LYS A 95 -6.73 7.08 7.05
CA LYS A 95 -5.40 6.66 7.48
C LYS A 95 -5.32 5.14 7.60
N CYS A 96 -6.24 4.56 8.37
CA CYS A 96 -6.28 3.13 8.59
C CYS A 96 -6.41 2.36 7.28
N VAL A 97 -7.24 2.87 6.38
CA VAL A 97 -7.45 2.24 5.08
C VAL A 97 -6.16 2.33 4.26
N TYR A 98 -5.54 3.49 4.26
CA TYR A 98 -4.31 3.72 3.52
C TYR A 98 -3.19 2.79 3.98
N THR A 99 -2.99 2.69 5.28
CA THR A 99 -1.94 1.83 5.82
C THR A 99 -2.13 0.38 5.35
N TYR A 100 -3.38 -0.08 5.36
CA TYR A 100 -3.69 -1.44 4.92
C TYR A 100 -3.38 -1.61 3.44
N ILE A 101 -3.81 -0.64 2.63
CA ILE A 101 -3.58 -0.67 1.19
C ILE A 101 -2.09 -0.57 0.88
N GLN A 102 -1.37 0.24 1.65
CA GLN A 102 0.06 0.44 1.46
C GLN A 102 0.81 -0.88 1.58
N GLU A 103 0.50 -1.64 2.61
CA GLU A 103 1.15 -2.92 2.83
C GLU A 103 0.67 -3.97 1.83
N LEU A 104 -0.61 -3.91 1.48
CA LEU A 104 -1.18 -4.85 0.52
C LEU A 104 -0.55 -4.63 -0.86
N TYR A 105 -0.21 -3.37 -1.13
CA TYR A 105 0.42 -3.00 -2.39
C TYR A 105 1.77 -3.69 -2.53
N ARG A 106 2.45 -3.88 -1.40
CA ARG A 106 3.75 -4.53 -1.37
C ARG A 106 3.65 -5.96 -1.88
N SER A 107 2.64 -6.68 -1.41
CA SER A 107 2.41 -8.06 -1.80
C SER A 107 2.15 -8.16 -3.30
N LEU A 108 1.55 -7.12 -3.86
CA LEU A 108 1.24 -7.08 -5.29
C LEU A 108 2.49 -6.81 -6.11
N VAL A 109 3.46 -6.12 -5.51
CA VAL A 109 4.72 -5.80 -6.18
C VAL A 109 5.56 -7.06 -6.36
N GLN A 110 5.74 -7.78 -5.27
CA GLN A 110 6.53 -9.02 -5.29
C GLN A 110 5.86 -10.09 -6.14
N LYS A 111 4.54 -10.00 -6.27
CA LYS A 111 3.80 -10.96 -7.06
C LYS A 111 3.84 -10.58 -8.54
N GLY A 112 4.40 -9.41 -8.83
CA GLY A 112 4.51 -8.94 -10.20
C GLY A 112 3.15 -8.62 -10.80
N LEU A 113 2.20 -8.26 -9.95
CA LEU A 113 0.86 -7.93 -10.40
C LEU A 113 0.71 -6.45 -10.72
N VAL A 114 1.54 -5.63 -10.09
CA VAL A 114 1.51 -4.18 -10.31
C VAL A 114 1.91 -3.82 -11.74
N LYS A 115 2.94 -4.47 -12.24
CA LYS A 115 3.42 -4.20 -13.59
C LYS A 115 2.63 -4.96 -14.65
N THR A 116 1.38 -5.28 -14.34
CA THR A 116 0.52 -6.01 -15.25
C THR A 116 0.10 -5.12 -16.43
N LYS A 117 0.32 -3.81 -16.28
CA LYS A 117 0.00 -2.85 -17.32
C LYS A 117 1.18 -2.69 -18.28
N LYS A 118 2.28 -3.35 -17.95
CA LYS A 118 3.48 -3.28 -18.76
C LYS A 118 3.75 -4.63 -19.42
N LYS A 119 4.39 -4.60 -20.59
CA LYS A 119 4.69 -5.82 -21.31
C LYS A 119 6.19 -6.10 -21.27
N GLU B 1 21.56 13.83 13.25
CA GLU B 1 21.02 12.53 12.76
C GLU B 1 19.52 12.62 12.56
N GLU B 2 18.87 13.45 13.38
CA GLU B 2 17.42 13.64 13.31
C GLU B 2 17.03 14.26 11.98
N GLU B 3 17.87 15.13 11.46
CA GLU B 3 17.63 15.80 10.19
C GLU B 3 17.45 14.79 9.06
N ILE B 4 18.12 13.65 9.20
CA ILE B 4 18.04 12.58 8.21
C ILE B 4 16.64 11.98 8.23
N ARG B 5 16.16 11.66 9.43
CA ARG B 5 14.83 11.07 9.58
C ARG B 5 13.75 12.07 9.18
N GLU B 6 13.97 13.34 9.52
CA GLU B 6 13.02 14.39 9.19
C GLU B 6 12.83 14.50 7.68
N ALA B 7 13.89 14.22 6.93
CA ALA B 7 13.82 14.26 5.48
C ALA B 7 13.08 13.03 4.95
N PHE B 8 13.37 11.88 5.54
CA PHE B 8 12.73 10.63 5.15
C PHE B 8 11.24 10.66 5.45
N ARG B 9 10.88 11.30 6.56
CA ARG B 9 9.47 11.40 6.97
C ARG B 9 8.67 12.24 5.98
N VAL B 10 9.35 13.06 5.19
CA VAL B 10 8.67 13.90 4.21
C VAL B 10 8.12 13.05 3.07
N PHE B 11 8.85 11.98 2.74
CA PHE B 11 8.43 11.08 1.68
C PHE B 11 7.26 10.20 2.11
N ASP B 12 7.17 9.97 3.43
CA ASP B 12 6.09 9.17 3.97
C ASP B 12 4.84 10.06 4.10
N LYS B 13 3.68 9.53 3.78
CA LYS B 13 2.46 10.31 3.84
C LYS B 13 1.52 9.83 4.94
N ASP B 14 1.97 8.91 5.77
CA ASP B 14 1.14 8.39 6.84
C ASP B 14 1.92 8.20 8.13
N GLY B 15 3.19 7.83 7.99
CA GLY B 15 4.02 7.61 9.14
C GLY B 15 4.20 6.13 9.41
N ASN B 16 4.27 5.36 8.32
CA ASN B 16 4.42 3.92 8.42
C ASN B 16 5.89 3.53 8.46
N GLY B 17 6.73 4.37 7.84
CA GLY B 17 8.15 4.12 7.81
C GLY B 17 8.58 3.25 6.65
N TYR B 18 7.74 3.21 5.61
CA TYR B 18 8.02 2.41 4.43
C TYR B 18 7.90 3.22 3.15
N ILE B 19 8.94 3.20 2.34
CA ILE B 19 8.96 3.92 1.08
C ILE B 19 9.50 3.02 -0.03
N SER B 20 9.58 3.54 -1.25
CA SER B 20 10.09 2.77 -2.37
C SER B 20 11.59 2.99 -2.54
N ALA B 21 12.23 2.14 -3.33
CA ALA B 21 13.66 2.26 -3.57
C ALA B 21 13.97 3.51 -4.40
N ALA B 22 13.04 3.85 -5.29
CA ALA B 22 13.20 5.04 -6.13
C ALA B 22 13.24 6.28 -5.27
N GLU B 23 12.30 6.37 -4.33
CA GLU B 23 12.22 7.51 -3.43
C GLU B 23 13.40 7.50 -2.46
N LEU B 24 13.64 6.34 -1.86
CA LEU B 24 14.73 6.16 -0.89
C LEU B 24 16.07 6.65 -1.42
N ARG B 25 16.41 6.25 -2.65
CA ARG B 25 17.67 6.63 -3.26
C ARG B 25 17.75 8.13 -3.51
N HIS B 26 16.60 8.75 -3.71
CA HIS B 26 16.55 10.19 -3.97
C HIS B 26 16.72 10.98 -2.68
N VAL B 27 16.33 10.38 -1.56
CA VAL B 27 16.47 11.04 -0.27
C VAL B 27 17.94 11.17 0.10
N MET B 28 18.69 10.09 -0.15
CA MET B 28 20.11 10.06 0.16
C MET B 28 20.85 11.15 -0.61
N THR B 29 20.50 11.32 -1.88
CA THR B 29 21.14 12.32 -2.72
C THR B 29 20.75 13.72 -2.28
N ASN B 30 19.47 13.91 -1.99
CA ASN B 30 18.94 15.20 -1.55
C ASN B 30 19.48 15.59 -0.18
N LEU B 31 19.93 14.59 0.57
CA LEU B 31 20.49 14.82 1.90
C LEU B 31 21.87 15.47 1.82
N GLY B 32 22.48 15.41 0.64
CA GLY B 32 23.79 16.00 0.46
C GLY B 32 24.89 14.98 0.53
N GLU B 33 24.52 13.71 0.49
CA GLU B 33 25.50 12.63 0.53
C GLU B 33 26.31 12.58 -0.75
N LYS B 34 27.60 12.39 -0.62
CA LYS B 34 28.50 12.32 -1.77
C LYS B 34 28.82 10.86 -2.09
N LEU B 35 28.01 9.97 -1.55
CA LEU B 35 28.16 8.54 -1.78
C LEU B 35 27.81 8.24 -3.23
N THR B 36 28.62 7.44 -3.90
CA THR B 36 28.37 7.09 -5.29
C THR B 36 27.16 6.17 -5.41
N ASP B 37 26.55 6.16 -6.59
CA ASP B 37 25.39 5.31 -6.85
C ASP B 37 25.76 3.85 -6.63
N GLU B 38 26.99 3.52 -6.97
CA GLU B 38 27.52 2.17 -6.82
C GLU B 38 27.52 1.76 -5.35
N GLU B 39 27.95 2.68 -4.49
CA GLU B 39 28.00 2.42 -3.04
C GLU B 39 26.60 2.18 -2.50
N VAL B 40 25.62 2.88 -3.06
CA VAL B 40 24.23 2.72 -2.64
C VAL B 40 23.69 1.41 -3.19
N ASP B 41 24.08 1.11 -4.43
CA ASP B 41 23.67 -0.11 -5.10
C ASP B 41 24.08 -1.34 -4.29
N GLU B 42 25.27 -1.24 -3.68
CA GLU B 42 25.79 -2.33 -2.85
C GLU B 42 24.88 -2.55 -1.65
N MET B 43 24.41 -1.45 -1.06
CA MET B 43 23.51 -1.52 0.09
C MET B 43 22.17 -2.12 -0.31
N ILE B 44 21.73 -1.76 -1.51
CA ILE B 44 20.46 -2.27 -2.05
C ILE B 44 20.55 -3.78 -2.26
N ARG B 45 21.75 -4.26 -2.56
CA ARG B 45 21.98 -5.69 -2.77
C ARG B 45 22.19 -6.40 -1.44
N GLU B 46 22.15 -5.64 -0.35
CA GLU B 46 22.32 -6.21 0.98
C GLU B 46 21.03 -6.03 1.78
N ALA B 47 19.97 -5.64 1.09
CA ALA B 47 18.68 -5.43 1.73
C ALA B 47 17.56 -5.96 0.86
N ASP B 48 16.42 -6.22 1.49
CA ASP B 48 15.25 -6.72 0.78
C ASP B 48 14.57 -5.62 0.00
N ILE B 49 14.93 -5.48 -1.26
CA ILE B 49 14.34 -4.44 -2.10
C ILE B 49 13.76 -5.03 -3.38
N ASP B 50 14.63 -5.60 -4.20
CA ASP B 50 14.20 -6.20 -5.46
C ASP B 50 13.44 -7.49 -5.21
N GLY B 51 12.12 -7.46 -5.43
CA GLY B 51 11.30 -8.62 -5.22
C GLY B 51 10.47 -8.53 -3.96
N ASP B 52 10.38 -7.34 -3.38
CA ASP B 52 9.59 -7.15 -2.18
C ASP B 52 8.46 -6.17 -2.41
N GLY B 53 8.74 -4.88 -2.30
CA GLY B 53 7.72 -3.88 -2.50
C GLY B 53 8.06 -2.55 -1.87
N GLN B 54 8.44 -2.56 -0.60
CA GLN B 54 8.79 -1.33 0.11
C GLN B 54 9.94 -1.56 1.09
N VAL B 55 10.73 -0.53 1.31
CA VAL B 55 11.86 -0.62 2.22
C VAL B 55 11.70 0.38 3.35
N ASN B 56 12.17 0.02 4.53
CA ASN B 56 12.11 0.91 5.68
C ASN B 56 13.39 1.70 5.80
N TYR B 57 13.27 3.00 6.02
CA TYR B 57 14.44 3.87 6.14
C TYR B 57 15.22 3.60 7.42
N GLU B 58 14.58 2.93 8.37
CA GLU B 58 15.22 2.61 9.65
C GLU B 58 16.54 1.89 9.46
N GLU B 59 16.51 0.80 8.69
CA GLU B 59 17.71 0.02 8.43
C GLU B 59 18.77 0.84 7.73
N PHE B 60 18.37 1.55 6.68
CA PHE B 60 19.29 2.39 5.90
C PHE B 60 19.95 3.47 6.75
N VAL B 61 19.17 4.13 7.59
CA VAL B 61 19.70 5.18 8.46
C VAL B 61 20.77 4.61 9.38
N GLN B 62 20.49 3.43 9.93
CA GLN B 62 21.42 2.76 10.83
C GLN B 62 22.67 2.31 10.09
N MET B 63 22.49 1.85 8.86
CA MET B 63 23.60 1.39 8.05
C MET B 63 24.52 2.54 7.65
N MET B 64 23.94 3.67 7.27
CA MET B 64 24.70 4.83 6.85
C MET B 64 25.41 5.52 8.02
N THR B 65 24.96 5.26 9.24
CA THR B 65 25.57 5.87 10.41
C THR B 65 26.69 5.01 10.97
N ALA B 66 26.70 3.73 10.57
CA ALA B 66 27.71 2.80 11.03
C ALA B 66 28.84 2.69 10.02
N LYS B 67 28.71 3.44 8.92
CA LYS B 67 29.72 3.43 7.87
C LYS B 67 30.47 4.74 7.88
N GLY A 1 11.19 16.91 -6.45
CA GLY A 1 10.62 15.64 -6.97
C GLY A 1 9.21 15.43 -6.44
N PRO A 2 8.63 14.24 -6.69
CA PRO A 2 7.27 13.92 -6.22
C PRO A 2 7.22 13.78 -4.70
N LEU A 3 6.06 14.09 -4.14
CA LEU A 3 5.88 14.00 -2.70
C LEU A 3 4.60 13.24 -2.39
N GLY A 4 4.65 12.34 -1.43
CA GLY A 4 3.49 11.55 -1.08
C GLY A 4 3.49 10.22 -1.79
N SER A 5 4.09 9.22 -1.13
CA SER A 5 4.18 7.88 -1.69
C SER A 5 2.79 7.26 -1.88
N LYS A 6 1.83 7.70 -1.05
CA LYS A 6 0.46 7.19 -1.11
C LYS A 6 -0.21 7.51 -2.44
N ASN A 7 0.33 8.49 -3.15
CA ASN A 7 -0.21 8.90 -4.44
C ASN A 7 -0.04 7.80 -5.47
N MET A 8 1.03 7.02 -5.31
CA MET A 8 1.32 5.92 -6.22
C MET A 8 0.22 4.86 -6.15
N LEU A 9 -0.07 4.40 -4.94
CA LEU A 9 -1.10 3.40 -4.73
C LEU A 9 -2.48 3.94 -5.05
N LEU A 10 -2.69 5.22 -4.77
CA LEU A 10 -3.97 5.88 -5.04
C LEU A 10 -4.28 5.82 -6.53
N GLU A 11 -3.32 6.22 -7.35
CA GLU A 11 -3.50 6.22 -8.80
C GLU A 11 -3.62 4.78 -9.32
N TRP A 12 -2.77 3.91 -8.82
CA TRP A 12 -2.76 2.50 -9.21
C TRP A 12 -4.10 1.82 -8.90
N CYS A 13 -4.56 2.00 -7.67
CA CYS A 13 -5.81 1.39 -7.22
C CYS A 13 -7.02 1.98 -7.95
N ARG A 14 -7.02 3.30 -8.13
CA ARG A 14 -8.13 3.96 -8.82
C ARG A 14 -8.22 3.51 -10.26
N ALA A 15 -7.07 3.26 -10.88
CA ALA A 15 -7.03 2.80 -12.27
C ALA A 15 -7.60 1.39 -12.40
N MET A 16 -7.70 0.69 -11.27
CA MET A 16 -8.24 -0.66 -11.25
C MET A 16 -9.73 -0.64 -10.96
N THR A 17 -10.16 0.25 -10.06
CA THR A 17 -11.56 0.36 -9.70
C THR A 17 -12.36 1.11 -10.75
N ARG A 18 -11.68 1.92 -11.54
CA ARG A 18 -12.33 2.71 -12.60
C ARG A 18 -12.93 1.81 -13.67
N ASN A 19 -12.59 0.53 -13.61
CA ASN A 19 -13.11 -0.45 -14.57
C ASN A 19 -14.51 -0.90 -14.16
N TYR A 20 -14.89 -0.53 -12.94
CA TYR A 20 -16.21 -0.89 -12.42
C TYR A 20 -17.11 0.35 -12.45
N GLU A 21 -18.25 0.25 -11.81
CA GLU A 21 -19.19 1.35 -11.71
C GLU A 21 -19.68 1.46 -10.27
N HIS A 22 -20.03 2.66 -9.84
CA HIS A 22 -20.52 2.91 -8.47
C HIS A 22 -19.35 2.85 -7.47
N VAL A 23 -18.21 2.35 -7.92
CA VAL A 23 -17.03 2.23 -7.06
C VAL A 23 -15.90 3.12 -7.55
N ASP A 24 -15.86 4.35 -7.05
CA ASP A 24 -14.82 5.29 -7.41
C ASP A 24 -14.02 5.69 -6.18
N ILE A 25 -12.70 5.68 -6.29
CA ILE A 25 -11.85 6.01 -5.17
C ILE A 25 -11.58 7.51 -5.09
N GLN A 26 -12.24 8.16 -4.15
CA GLN A 26 -12.07 9.59 -3.93
C GLN A 26 -11.19 9.82 -2.71
N ASN A 27 -11.52 9.12 -1.63
CA ASN A 27 -10.78 9.24 -0.38
C ASN A 27 -10.69 7.87 0.30
N PHE A 28 -9.57 7.61 0.97
CA PHE A 28 -9.33 6.34 1.65
C PHE A 28 -10.32 6.06 2.77
N SER A 29 -10.99 7.10 3.26
CA SER A 29 -11.96 6.93 4.33
C SER A 29 -13.39 7.10 3.81
N SER A 30 -13.58 8.08 2.94
CA SER A 30 -14.91 8.38 2.40
C SER A 30 -15.39 7.36 1.35
N SER A 31 -14.46 6.76 0.62
CA SER A 31 -14.84 5.80 -0.41
C SER A 31 -14.73 4.37 0.08
N TRP A 32 -14.16 4.17 1.26
CA TRP A 32 -13.99 2.83 1.81
C TRP A 32 -14.94 2.59 2.97
N SER A 33 -15.88 3.51 3.17
CA SER A 33 -16.85 3.39 4.26
C SER A 33 -17.87 2.29 3.97
N SER A 34 -18.17 2.08 2.70
CA SER A 34 -19.14 1.08 2.29
C SER A 34 -18.52 -0.32 2.35
N GLY A 35 -17.20 -0.39 2.15
CA GLY A 35 -16.51 -1.65 2.19
C GLY A 35 -16.42 -2.30 0.83
N MET A 36 -17.24 -1.81 -0.10
CA MET A 36 -17.28 -2.33 -1.46
C MET A 36 -15.93 -2.18 -2.17
N ALA A 37 -15.14 -1.23 -1.73
CA ALA A 37 -13.83 -0.97 -2.31
C ALA A 37 -12.89 -2.17 -2.12
N PHE A 38 -13.01 -2.83 -0.96
CA PHE A 38 -12.17 -3.98 -0.66
C PHE A 38 -12.46 -5.13 -1.61
N CYS A 39 -13.75 -5.46 -1.74
CA CYS A 39 -14.16 -6.55 -2.62
C CYS A 39 -13.82 -6.26 -4.07
N ALA A 40 -13.91 -5.00 -4.46
CA ALA A 40 -13.61 -4.60 -5.82
C ALA A 40 -12.15 -4.89 -6.17
N LEU A 41 -11.27 -4.63 -5.21
CA LEU A 41 -9.84 -4.87 -5.40
C LEU A 41 -9.53 -6.36 -5.38
N ILE A 42 -10.15 -7.08 -4.45
CA ILE A 42 -9.93 -8.53 -4.34
C ILE A 42 -10.43 -9.23 -5.61
N HIS A 43 -11.59 -8.81 -6.08
CA HIS A 43 -12.20 -9.39 -7.29
C HIS A 43 -11.35 -9.09 -8.52
N LYS A 44 -10.57 -8.02 -8.44
CA LYS A 44 -9.72 -7.60 -9.55
C LYS A 44 -8.60 -8.62 -9.79
N PHE A 45 -8.09 -9.20 -8.71
CA PHE A 45 -7.01 -10.17 -8.82
C PHE A 45 -7.54 -11.60 -8.74
N PHE A 46 -8.50 -11.83 -7.86
CA PHE A 46 -9.09 -13.16 -7.69
C PHE A 46 -10.54 -13.17 -8.17
N PRO A 47 -10.76 -13.59 -9.42
CA PRO A 47 -12.10 -13.65 -10.00
C PRO A 47 -12.93 -14.80 -9.41
N GLU A 48 -12.25 -15.84 -8.96
CA GLU A 48 -12.90 -17.01 -8.37
C GLU A 48 -13.25 -16.78 -6.91
N ALA A 49 -12.72 -15.71 -6.33
CA ALA A 49 -12.96 -15.37 -4.93
C ALA A 49 -14.45 -15.26 -4.63
N PHE A 50 -15.11 -14.33 -5.30
CA PHE A 50 -16.53 -14.11 -5.12
C PHE A 50 -17.08 -13.22 -6.22
N ASP A 51 -18.37 -13.33 -6.49
CA ASP A 51 -19.01 -12.53 -7.50
C ASP A 51 -19.33 -11.14 -6.95
N TYR A 52 -18.78 -10.12 -7.59
CA TYR A 52 -18.99 -8.74 -7.16
C TYR A 52 -20.39 -8.26 -7.49
N ALA A 53 -20.98 -8.83 -8.53
CA ALA A 53 -22.32 -8.45 -8.96
C ALA A 53 -23.37 -9.04 -8.01
N GLU A 54 -22.97 -10.10 -7.32
CA GLU A 54 -23.85 -10.78 -6.38
C GLU A 54 -23.69 -10.21 -4.98
N LEU A 55 -22.88 -9.18 -4.85
CA LEU A 55 -22.66 -8.55 -3.56
C LEU A 55 -23.47 -7.27 -3.45
N ASP A 56 -24.06 -7.04 -2.28
CA ASP A 56 -24.87 -5.87 -2.04
C ASP A 56 -24.32 -5.07 -0.84
N PRO A 57 -24.55 -3.74 -0.82
CA PRO A 57 -24.06 -2.86 0.24
C PRO A 57 -24.65 -3.15 1.63
N ALA A 58 -25.86 -3.70 1.67
CA ALA A 58 -26.51 -4.00 2.95
C ALA A 58 -25.74 -5.09 3.69
N LYS A 59 -25.16 -6.01 2.94
CA LYS A 59 -24.38 -7.10 3.52
C LYS A 59 -22.95 -6.66 3.78
N ARG A 60 -22.75 -5.37 4.03
CA ARG A 60 -21.41 -4.82 4.28
C ARG A 60 -20.66 -5.56 5.38
N ARG A 61 -21.39 -6.03 6.39
CA ARG A 61 -20.77 -6.76 7.49
C ARG A 61 -20.20 -8.09 7.00
N HIS A 62 -20.93 -8.74 6.10
CA HIS A 62 -20.48 -10.01 5.55
C HIS A 62 -19.45 -9.75 4.44
N ASN A 63 -19.63 -8.64 3.74
CA ASN A 63 -18.74 -8.25 2.66
C ASN A 63 -17.32 -8.06 3.17
N PHE A 64 -17.19 -7.29 4.25
CA PHE A 64 -15.89 -7.04 4.86
C PHE A 64 -15.25 -8.37 5.28
N THR A 65 -16.05 -9.20 5.93
CA THR A 65 -15.60 -10.50 6.40
C THR A 65 -15.13 -11.37 5.22
N LEU A 66 -15.96 -11.43 4.18
CA LEU A 66 -15.65 -12.22 2.99
C LEU A 66 -14.37 -11.73 2.32
N ALA A 67 -14.24 -10.43 2.16
CA ALA A 67 -13.06 -9.84 1.54
C ALA A 67 -11.81 -10.12 2.35
N PHE A 68 -11.87 -9.82 3.65
CA PHE A 68 -10.73 -10.02 4.55
C PHE A 68 -10.28 -11.48 4.60
N SER A 69 -11.23 -12.39 4.75
CA SER A 69 -10.92 -13.81 4.81
C SER A 69 -10.30 -14.32 3.51
N THR A 70 -10.93 -14.00 2.40
CA THR A 70 -10.43 -14.42 1.09
C THR A 70 -9.05 -13.83 0.82
N ALA A 71 -8.83 -12.61 1.29
CA ALA A 71 -7.55 -11.94 1.11
C ALA A 71 -6.44 -12.74 1.81
N GLU A 72 -6.79 -13.38 2.91
CA GLU A 72 -5.83 -14.17 3.67
C GLU A 72 -5.75 -15.60 3.13
N LYS A 73 -6.88 -16.15 2.75
CA LYS A 73 -6.93 -17.51 2.23
C LYS A 73 -6.27 -17.65 0.86
N LEU A 74 -6.37 -16.61 0.04
CA LEU A 74 -5.79 -16.67 -1.30
C LEU A 74 -4.53 -15.82 -1.45
N ALA A 75 -4.47 -14.68 -0.78
CA ALA A 75 -3.31 -13.81 -0.90
C ALA A 75 -2.44 -13.81 0.35
N ASP A 76 -2.90 -14.50 1.39
CA ASP A 76 -2.16 -14.61 2.67
C ASP A 76 -1.99 -13.24 3.32
N CYS A 77 -2.93 -12.34 3.05
CA CYS A 77 -2.88 -10.98 3.59
C CYS A 77 -2.97 -10.98 5.13
N ALA A 78 -2.53 -9.88 5.72
CA ALA A 78 -2.55 -9.75 7.17
C ALA A 78 -3.77 -8.96 7.63
N GLN A 79 -4.47 -9.49 8.63
CA GLN A 79 -5.66 -8.84 9.16
C GLN A 79 -5.25 -7.67 10.07
N LEU A 80 -5.01 -6.52 9.46
CA LEU A 80 -4.60 -5.33 10.21
C LEU A 80 -5.80 -4.55 10.71
N LEU A 81 -6.98 -4.92 10.24
CA LEU A 81 -8.21 -4.25 10.64
C LEU A 81 -9.29 -5.29 10.93
N GLU A 82 -10.25 -4.92 11.77
CA GLU A 82 -11.34 -5.82 12.12
C GLU A 82 -12.62 -5.44 11.37
N VAL A 83 -13.35 -6.46 10.95
CA VAL A 83 -14.59 -6.27 10.22
C VAL A 83 -15.61 -5.47 11.03
N ASP A 84 -15.96 -6.00 12.20
CA ASP A 84 -16.94 -5.37 13.07
C ASP A 84 -16.51 -3.97 13.49
N ASP A 85 -15.22 -3.81 13.72
CA ASP A 85 -14.67 -2.51 14.10
C ASP A 85 -14.90 -1.49 13.01
N MET A 86 -14.53 -1.85 11.79
CA MET A 86 -14.70 -0.97 10.64
C MET A 86 -16.17 -0.64 10.38
N VAL A 87 -17.03 -1.63 10.57
CA VAL A 87 -18.45 -1.45 10.38
C VAL A 87 -19.02 -0.48 11.42
N ARG A 88 -18.56 -0.62 12.66
CA ARG A 88 -19.00 0.24 13.74
C ARG A 88 -18.54 1.68 13.53
N LEU A 89 -17.25 1.85 13.26
CA LEU A 89 -16.68 3.16 13.02
C LEU A 89 -17.24 3.79 11.74
N ALA A 90 -17.34 2.97 10.70
CA ALA A 90 -17.86 3.39 9.40
C ALA A 90 -16.91 4.33 8.67
N VAL A 91 -15.84 4.72 9.34
CA VAL A 91 -14.83 5.61 8.76
C VAL A 91 -13.44 5.10 9.12
N PRO A 92 -12.76 4.45 8.16
CA PRO A 92 -11.42 3.90 8.38
C PRO A 92 -10.34 4.97 8.23
N ASP A 93 -9.19 4.74 8.86
CA ASP A 93 -8.08 5.67 8.79
C ASP A 93 -7.20 5.39 7.57
N SER A 94 -6.83 6.45 6.87
CA SER A 94 -6.02 6.35 5.66
C SER A 94 -4.67 5.67 5.91
N LYS A 95 -4.07 5.92 7.07
CA LYS A 95 -2.78 5.32 7.41
C LYS A 95 -2.91 3.80 7.53
N CYS A 96 -3.88 3.35 8.31
CA CYS A 96 -4.12 1.92 8.50
C CYS A 96 -4.44 1.24 7.19
N VAL A 97 -5.29 1.87 6.38
CA VAL A 97 -5.68 1.31 5.08
C VAL A 97 -4.47 1.24 4.16
N TYR A 98 -3.63 2.27 4.20
CA TYR A 98 -2.43 2.32 3.38
C TYR A 98 -1.52 1.12 3.65
N THR A 99 -1.34 0.81 4.93
CA THR A 99 -0.52 -0.32 5.33
C THR A 99 -1.15 -1.64 4.86
N TYR A 100 -2.47 -1.70 4.95
CA TYR A 100 -3.21 -2.89 4.52
C TYR A 100 -2.99 -3.11 3.03
N ILE A 101 -3.08 -2.03 2.27
CA ILE A 101 -2.90 -2.09 0.82
C ILE A 101 -1.44 -2.40 0.48
N GLN A 102 -0.52 -1.85 1.28
CA GLN A 102 0.91 -2.08 1.05
C GLN A 102 1.24 -3.56 1.19
N GLU A 103 0.86 -4.14 2.33
CA GLU A 103 1.12 -5.55 2.58
C GLU A 103 0.39 -6.43 1.56
N LEU A 104 -0.78 -5.98 1.13
CA LEU A 104 -1.55 -6.71 0.14
C LEU A 104 -0.81 -6.67 -1.20
N TYR A 105 -0.37 -5.48 -1.58
CA TYR A 105 0.38 -5.28 -2.81
C TYR A 105 1.66 -6.09 -2.77
N ARG A 106 2.33 -6.05 -1.63
CA ARG A 106 3.57 -6.79 -1.41
C ARG A 106 3.35 -8.27 -1.69
N SER A 107 2.27 -8.81 -1.15
CA SER A 107 1.92 -10.21 -1.34
C SER A 107 1.57 -10.48 -2.80
N LEU A 108 0.81 -9.56 -3.41
CA LEU A 108 0.39 -9.69 -4.80
C LEU A 108 1.60 -9.70 -5.73
N VAL A 109 2.60 -8.89 -5.40
CA VAL A 109 3.83 -8.81 -6.18
C VAL A 109 4.62 -10.10 -6.02
N GLN A 110 4.69 -10.58 -4.78
CA GLN A 110 5.41 -11.81 -4.46
C GLN A 110 4.81 -13.00 -5.22
N LYS A 111 3.48 -13.01 -5.33
CA LYS A 111 2.78 -14.08 -6.03
C LYS A 111 2.76 -13.85 -7.53
N GLY A 112 3.21 -12.67 -7.95
CA GLY A 112 3.23 -12.34 -9.36
C GLY A 112 1.86 -12.12 -9.93
N LEU A 113 0.95 -11.62 -9.10
CA LEU A 113 -0.42 -11.37 -9.51
C LEU A 113 -0.56 -9.99 -10.13
N VAL A 114 0.24 -9.04 -9.64
CA VAL A 114 0.21 -7.67 -10.16
C VAL A 114 0.72 -7.66 -11.60
N LYS A 115 1.62 -8.58 -11.90
CA LYS A 115 2.20 -8.69 -13.23
C LYS A 115 1.30 -9.49 -14.16
N THR A 116 -0.01 -9.31 -14.00
CA THR A 116 -0.99 -9.99 -14.83
C THR A 116 -1.11 -9.30 -16.18
N LYS A 117 -0.34 -8.22 -16.34
CA LYS A 117 -0.34 -7.44 -17.58
C LYS A 117 0.54 -8.10 -18.63
N LYS A 118 0.18 -9.33 -18.98
CA LYS A 118 0.92 -10.09 -19.97
C LYS A 118 -0.04 -10.63 -21.02
N LYS A 119 0.42 -10.71 -22.26
CA LYS A 119 -0.40 -11.22 -23.34
C LYS A 119 0.48 -11.87 -24.40
N GLU B 1 20.81 15.39 12.61
CA GLU B 1 19.88 14.26 12.34
C GLU B 1 18.48 14.77 12.04
N GLU B 2 18.16 15.95 12.58
CA GLU B 2 16.86 16.57 12.41
C GLU B 2 16.53 16.76 10.94
N GLU B 3 17.52 17.18 10.16
CA GLU B 3 17.33 17.39 8.71
C GLU B 3 16.91 16.11 8.01
N ILE B 4 17.54 15.01 8.40
CA ILE B 4 17.24 13.71 7.82
C ILE B 4 15.81 13.30 8.11
N ARG B 5 15.41 13.43 9.38
CA ARG B 5 14.06 13.10 9.80
C ARG B 5 13.04 13.99 9.11
N GLU B 6 13.39 15.27 9.00
CA GLU B 6 12.53 16.25 8.35
C GLU B 6 12.28 15.88 6.89
N ALA B 7 13.35 15.58 6.17
CA ALA B 7 13.28 15.21 4.77
C ALA B 7 12.33 14.04 4.53
N PHE B 8 12.48 12.98 5.32
CA PHE B 8 11.62 11.80 5.19
C PHE B 8 10.18 12.11 5.58
N ARG B 9 10.02 12.98 6.56
CA ARG B 9 8.69 13.36 7.05
C ARG B 9 7.91 14.13 5.98
N VAL B 10 8.61 14.92 5.19
CA VAL B 10 7.97 15.70 4.12
C VAL B 10 7.45 14.80 3.01
N PHE B 11 8.12 13.66 2.80
CA PHE B 11 7.73 12.74 1.75
C PHE B 11 6.45 11.98 2.10
N ASP B 12 6.17 11.84 3.39
CA ASP B 12 4.97 11.14 3.83
C ASP B 12 3.79 12.10 3.87
N LYS B 13 2.58 11.56 3.82
CA LYS B 13 1.37 12.38 3.85
C LYS B 13 0.40 11.89 4.92
N ASP B 14 0.79 10.84 5.63
CA ASP B 14 -0.04 10.30 6.69
C ASP B 14 0.78 10.07 7.95
N GLY B 15 2.02 9.63 7.75
CA GLY B 15 2.91 9.35 8.85
C GLY B 15 3.04 7.86 9.09
N ASN B 16 3.46 7.14 8.05
CA ASN B 16 3.60 5.70 8.11
C ASN B 16 5.06 5.30 7.91
N GLY B 17 5.77 6.07 7.10
CA GLY B 17 7.16 5.78 6.84
C GLY B 17 7.37 4.83 5.68
N TYR B 18 6.33 4.65 4.88
CA TYR B 18 6.42 3.76 3.72
C TYR B 18 6.70 4.53 2.44
N ILE B 19 7.85 4.24 1.85
CA ILE B 19 8.27 4.90 0.62
C ILE B 19 8.91 3.89 -0.32
N SER B 20 8.92 4.20 -1.62
CA SER B 20 9.51 3.30 -2.60
C SER B 20 11.00 3.61 -2.77
N ALA B 21 11.70 2.78 -3.53
CA ALA B 21 13.13 2.95 -3.76
C ALA B 21 13.43 4.27 -4.44
N ALA B 22 12.54 4.70 -5.33
CA ALA B 22 12.72 5.95 -6.06
C ALA B 22 12.86 7.14 -5.11
N GLU B 23 11.86 7.30 -4.24
CA GLU B 23 11.87 8.38 -3.27
C GLU B 23 13.08 8.29 -2.36
N LEU B 24 13.29 7.10 -1.79
CA LEU B 24 14.40 6.85 -0.88
C LEU B 24 15.74 7.28 -1.47
N ARG B 25 16.01 6.82 -2.69
CA ARG B 25 17.26 7.14 -3.38
C ARG B 25 17.41 8.63 -3.59
N HIS B 26 16.31 9.30 -3.95
CA HIS B 26 16.32 10.73 -4.19
C HIS B 26 16.54 11.52 -2.90
N VAL B 27 15.98 11.04 -1.80
CA VAL B 27 16.13 11.70 -0.51
C VAL B 27 17.60 11.71 -0.08
N MET B 28 18.24 10.54 -0.16
CA MET B 28 19.64 10.41 0.22
C MET B 28 20.54 11.35 -0.57
N THR B 29 20.29 11.47 -1.87
CA THR B 29 21.09 12.34 -2.71
C THR B 29 20.78 13.81 -2.46
N ASN B 30 19.51 14.10 -2.16
CA ASN B 30 19.09 15.48 -1.90
C ASN B 30 19.56 15.95 -0.52
N LEU B 31 19.88 15.00 0.35
CA LEU B 31 20.35 15.32 1.69
C LEU B 31 21.74 15.93 1.66
N GLY B 32 22.45 15.71 0.55
CA GLY B 32 23.79 16.24 0.41
C GLY B 32 24.85 15.17 0.56
N GLU B 33 24.39 13.94 0.79
CA GLU B 33 25.30 12.81 0.94
C GLU B 33 26.12 12.59 -0.33
N LYS B 34 27.44 12.61 -0.18
CA LYS B 34 28.32 12.43 -1.33
C LYS B 34 28.70 10.97 -1.53
N LEU B 35 27.76 10.09 -1.22
CA LEU B 35 27.99 8.66 -1.38
C LEU B 35 27.83 8.26 -2.84
N THR B 36 28.58 7.26 -3.26
CA THR B 36 28.54 6.78 -4.63
C THR B 36 27.20 6.11 -4.93
N ASP B 37 26.83 6.09 -6.20
CA ASP B 37 25.57 5.48 -6.62
C ASP B 37 25.58 3.99 -6.32
N GLU B 38 26.75 3.38 -6.46
CA GLU B 38 26.92 1.97 -6.18
C GLU B 38 26.70 1.66 -4.70
N GLU B 39 27.05 2.61 -3.84
CA GLU B 39 26.86 2.44 -2.40
C GLU B 39 25.37 2.33 -2.11
N VAL B 40 24.60 3.21 -2.73
CA VAL B 40 23.16 3.21 -2.56
C VAL B 40 22.58 1.92 -3.13
N ASP B 41 23.06 1.55 -4.32
CA ASP B 41 22.60 0.34 -5.00
C ASP B 41 22.88 -0.90 -4.15
N GLU B 42 24.10 -1.00 -3.64
CA GLU B 42 24.48 -2.14 -2.80
C GLU B 42 23.67 -2.20 -1.52
N MET B 43 23.42 -1.04 -0.93
CA MET B 43 22.62 -0.97 0.30
C MET B 43 21.17 -1.33 0.02
N ILE B 44 20.68 -0.92 -1.14
CA ILE B 44 19.31 -1.22 -1.55
C ILE B 44 19.18 -2.73 -1.77
N ARG B 45 20.28 -3.35 -2.20
CA ARG B 45 20.31 -4.78 -2.43
C ARG B 45 20.39 -5.54 -1.10
N GLU B 46 20.57 -4.80 -0.01
CA GLU B 46 20.63 -5.41 1.31
C GLU B 46 19.29 -5.29 2.00
N ALA B 47 18.33 -4.66 1.32
CA ALA B 47 17.00 -4.47 1.88
C ALA B 47 15.96 -5.21 1.05
N ASP B 48 14.80 -5.45 1.65
CA ASP B 48 13.70 -6.16 1.00
C ASP B 48 12.88 -5.22 0.12
N ILE B 49 13.53 -4.62 -0.86
CA ILE B 49 12.86 -3.70 -1.76
C ILE B 49 12.40 -4.41 -3.04
N ASP B 50 13.34 -5.09 -3.70
CA ASP B 50 13.03 -5.79 -4.94
C ASP B 50 12.24 -7.06 -4.68
N GLY B 51 11.08 -7.17 -5.32
CA GLY B 51 10.24 -8.34 -5.15
C GLY B 51 9.21 -8.16 -4.06
N ASP B 52 9.16 -6.96 -3.48
CA ASP B 52 8.21 -6.68 -2.41
C ASP B 52 7.35 -5.47 -2.75
N GLY B 53 7.93 -4.29 -2.70
CA GLY B 53 7.20 -3.08 -3.00
C GLY B 53 7.83 -1.85 -2.37
N GLN B 54 7.21 -1.35 -1.31
CA GLN B 54 7.72 -0.18 -0.60
C GLN B 54 8.37 -0.60 0.71
N VAL B 55 9.29 0.22 1.19
CA VAL B 55 9.99 -0.08 2.43
C VAL B 55 9.91 1.09 3.40
N ASN B 56 10.41 0.85 4.60
CA ASN B 56 10.41 1.87 5.64
C ASN B 56 11.80 2.49 5.75
N TYR B 57 11.85 3.80 5.89
CA TYR B 57 13.12 4.51 5.99
C TYR B 57 13.86 4.18 7.30
N GLU B 58 13.13 3.64 8.26
CA GLU B 58 13.70 3.29 9.56
C GLU B 58 14.91 2.37 9.44
N GLU B 59 14.82 1.39 8.55
CA GLU B 59 15.92 0.44 8.35
C GLU B 59 17.19 1.16 7.95
N PHE B 60 17.09 2.04 6.96
CA PHE B 60 18.24 2.78 6.48
C PHE B 60 18.79 3.73 7.54
N VAL B 61 17.92 4.23 8.41
CA VAL B 61 18.34 5.12 9.47
C VAL B 61 19.26 4.37 10.43
N GLN B 62 18.86 3.15 10.76
CA GLN B 62 19.63 2.30 11.66
C GLN B 62 20.96 1.92 11.00
N MET B 63 20.90 1.67 9.70
CA MET B 63 22.08 1.31 8.92
C MET B 63 23.07 2.47 8.88
N MET B 64 22.55 3.66 8.59
CA MET B 64 23.36 4.87 8.49
C MET B 64 24.08 5.20 9.80
N THR B 65 23.42 4.93 10.92
CA THR B 65 24.01 5.22 12.22
C THR B 65 25.00 4.12 12.64
N ALA B 66 25.07 3.07 11.84
CA ALA B 66 25.98 1.98 12.11
C ALA B 66 27.01 1.85 10.99
N LYS B 67 27.06 2.87 10.14
CA LYS B 67 28.00 2.90 9.02
C LYS B 67 28.74 4.22 8.99
N GLY A 1 1.71 14.16 -6.53
CA GLY A 1 3.04 14.64 -6.08
C GLY A 1 4.00 13.49 -5.87
N PRO A 2 5.22 13.61 -6.40
CA PRO A 2 6.25 12.56 -6.28
C PRO A 2 6.83 12.48 -4.87
N LEU A 3 6.48 13.43 -4.02
CA LEU A 3 6.98 13.45 -2.65
C LEU A 3 5.93 12.89 -1.69
N GLY A 4 5.15 11.93 -2.18
CA GLY A 4 4.13 11.34 -1.35
C GLY A 4 3.91 9.88 -1.66
N SER A 5 4.26 9.02 -0.72
CA SER A 5 4.09 7.57 -0.89
C SER A 5 2.62 7.20 -1.05
N LYS A 6 1.75 8.00 -0.45
CA LYS A 6 0.31 7.77 -0.53
C LYS A 6 -0.21 7.93 -1.95
N ASN A 7 0.48 8.75 -2.74
CA ASN A 7 0.10 8.99 -4.13
C ASN A 7 0.25 7.72 -4.98
N MET A 8 1.28 6.95 -4.68
CA MET A 8 1.54 5.71 -5.41
C MET A 8 0.41 4.72 -5.24
N LEU A 9 0.03 4.45 -3.99
CA LEU A 9 -1.05 3.52 -3.70
C LEU A 9 -2.36 4.01 -4.29
N LEU A 10 -2.58 5.32 -4.26
CA LEU A 10 -3.79 5.91 -4.81
C LEU A 10 -3.86 5.68 -6.32
N GLU A 11 -2.74 5.94 -7.00
CA GLU A 11 -2.65 5.76 -8.45
C GLU A 11 -2.91 4.30 -8.81
N TRP A 12 -2.30 3.40 -8.04
CA TRP A 12 -2.43 1.96 -8.25
C TRP A 12 -3.89 1.52 -8.13
N CYS A 13 -4.52 1.86 -7.02
CA CYS A 13 -5.90 1.47 -6.77
C CYS A 13 -6.88 2.15 -7.72
N ARG A 14 -6.75 3.47 -7.89
CA ARG A 14 -7.65 4.23 -8.75
C ARG A 14 -7.64 3.72 -10.19
N ALA A 15 -6.48 3.30 -10.67
CA ALA A 15 -6.36 2.79 -12.04
C ALA A 15 -7.25 1.56 -12.23
N MET A 16 -7.28 0.70 -11.21
CA MET A 16 -8.09 -0.51 -11.26
C MET A 16 -9.55 -0.23 -10.91
N THR A 17 -9.77 0.87 -10.20
CA THR A 17 -11.13 1.26 -9.81
C THR A 17 -11.98 1.58 -11.04
N ARG A 18 -11.32 2.06 -12.08
CA ARG A 18 -12.00 2.41 -13.33
C ARG A 18 -12.57 1.18 -14.05
N ASN A 19 -12.22 0.00 -13.55
CA ASN A 19 -12.68 -1.25 -14.14
C ASN A 19 -14.03 -1.64 -13.55
N TYR A 20 -14.50 -0.86 -12.58
CA TYR A 20 -15.77 -1.14 -11.93
C TYR A 20 -16.74 0.02 -12.07
N GLU A 21 -17.88 -0.10 -11.40
CA GLU A 21 -18.92 0.92 -11.44
C GLU A 21 -19.47 1.19 -10.05
N HIS A 22 -19.90 2.43 -9.83
CA HIS A 22 -20.45 2.86 -8.54
C HIS A 22 -19.38 2.94 -7.45
N VAL A 23 -18.13 2.79 -7.86
CA VAL A 23 -17.01 2.85 -6.92
C VAL A 23 -16.07 3.96 -7.34
N ASP A 24 -15.92 4.95 -6.46
CA ASP A 24 -15.04 6.08 -6.72
C ASP A 24 -14.13 6.32 -5.52
N ILE A 25 -12.88 5.92 -5.65
CA ILE A 25 -11.91 6.09 -4.58
C ILE A 25 -11.15 7.40 -4.74
N GLN A 26 -11.49 8.39 -3.93
CA GLN A 26 -10.83 9.68 -3.97
C GLN A 26 -9.82 9.78 -2.83
N ASN A 27 -10.17 9.17 -1.70
CA ASN A 27 -9.32 9.18 -0.51
C ASN A 27 -9.53 7.89 0.27
N PHE A 28 -8.62 7.61 1.19
CA PHE A 28 -8.71 6.40 2.00
C PHE A 28 -9.56 6.62 3.23
N SER A 29 -10.86 6.82 3.02
CA SER A 29 -11.79 7.05 4.10
C SER A 29 -13.24 6.91 3.64
N SER A 30 -13.82 8.04 3.22
CA SER A 30 -15.21 8.09 2.77
C SER A 30 -15.46 7.19 1.55
N SER A 31 -14.48 7.12 0.66
CA SER A 31 -14.60 6.32 -0.55
C SER A 31 -14.58 4.82 -0.24
N TRP A 32 -14.24 4.47 1.01
CA TRP A 32 -14.18 3.07 1.40
C TRP A 32 -15.35 2.69 2.29
N SER A 33 -16.19 3.67 2.64
CA SER A 33 -17.35 3.43 3.48
C SER A 33 -18.39 2.57 2.77
N SER A 34 -18.24 2.45 1.45
CA SER A 34 -19.14 1.65 0.66
C SER A 34 -18.86 0.17 0.84
N GLY A 35 -17.66 -0.16 1.31
CA GLY A 35 -17.28 -1.55 1.53
C GLY A 35 -16.89 -2.27 0.25
N MET A 36 -17.71 -2.06 -0.79
CA MET A 36 -17.51 -2.67 -2.11
C MET A 36 -16.09 -2.47 -2.63
N ALA A 37 -15.46 -1.35 -2.25
CA ALA A 37 -14.10 -1.04 -2.69
C ALA A 37 -13.11 -2.13 -2.31
N PHE A 38 -13.28 -2.72 -1.13
CA PHE A 38 -12.39 -3.77 -0.66
C PHE A 38 -12.53 -5.01 -1.53
N CYS A 39 -13.76 -5.47 -1.69
CA CYS A 39 -14.05 -6.65 -2.49
C CYS A 39 -13.70 -6.44 -3.95
N ALA A 40 -13.86 -5.21 -4.43
CA ALA A 40 -13.55 -4.88 -5.82
C ALA A 40 -12.07 -5.12 -6.11
N LEU A 41 -11.22 -4.65 -5.22
CA LEU A 41 -9.77 -4.82 -5.38
C LEU A 41 -9.40 -6.29 -5.31
N ILE A 42 -9.91 -7.00 -4.31
CA ILE A 42 -9.64 -8.42 -4.13
C ILE A 42 -10.11 -9.21 -5.35
N HIS A 43 -11.29 -8.86 -5.86
CA HIS A 43 -11.89 -9.53 -7.01
C HIS A 43 -11.05 -9.32 -8.28
N LYS A 44 -10.22 -8.28 -8.28
CA LYS A 44 -9.38 -7.99 -9.43
C LYS A 44 -8.22 -8.97 -9.52
N PHE A 45 -7.73 -9.38 -8.36
CA PHE A 45 -6.61 -10.33 -8.31
C PHE A 45 -7.12 -11.76 -8.21
N PHE A 46 -8.17 -11.95 -7.42
CA PHE A 46 -8.76 -13.26 -7.24
C PHE A 46 -10.23 -13.26 -7.67
N PRO A 47 -10.49 -13.42 -8.97
CA PRO A 47 -11.85 -13.44 -9.52
C PRO A 47 -12.57 -14.73 -9.16
N GLU A 48 -11.80 -15.73 -8.75
CA GLU A 48 -12.35 -17.03 -8.39
C GLU A 48 -12.78 -17.05 -6.92
N ALA A 49 -12.55 -15.94 -6.22
CA ALA A 49 -12.91 -15.84 -4.82
C ALA A 49 -14.42 -15.73 -4.67
N PHE A 50 -14.97 -14.63 -5.15
CA PHE A 50 -16.40 -14.38 -5.07
C PHE A 50 -16.86 -13.50 -6.21
N ASP A 51 -18.15 -13.50 -6.47
CA ASP A 51 -18.73 -12.70 -7.55
C ASP A 51 -18.98 -11.27 -7.07
N TYR A 52 -18.45 -10.30 -7.79
CA TYR A 52 -18.61 -8.90 -7.44
C TYR A 52 -20.02 -8.42 -7.77
N ALA A 53 -20.62 -9.02 -8.79
CA ALA A 53 -21.96 -8.63 -9.23
C ALA A 53 -23.02 -9.10 -8.24
N GLU A 54 -22.69 -10.11 -7.44
CA GLU A 54 -23.63 -10.63 -6.47
C GLU A 54 -23.53 -9.87 -5.14
N LEU A 55 -22.68 -8.87 -5.11
CA LEU A 55 -22.48 -8.07 -3.91
C LEU A 55 -23.38 -6.84 -3.94
N ASP A 56 -24.47 -6.92 -3.19
CA ASP A 56 -25.43 -5.82 -3.11
C ASP A 56 -25.04 -4.84 -2.01
N PRO A 57 -25.42 -3.55 -2.16
CA PRO A 57 -25.10 -2.51 -1.18
C PRO A 57 -25.69 -2.83 0.20
N ALA A 58 -26.73 -3.64 0.22
CA ALA A 58 -27.37 -4.04 1.48
C ALA A 58 -26.61 -5.19 2.14
N LYS A 59 -25.69 -5.78 1.40
CA LYS A 59 -24.88 -6.88 1.90
C LYS A 59 -23.54 -6.38 2.39
N ARG A 60 -23.47 -5.10 2.74
CA ARG A 60 -22.23 -4.47 3.22
C ARG A 60 -21.59 -5.20 4.39
N ARG A 61 -22.40 -5.66 5.35
CA ARG A 61 -21.88 -6.36 6.51
C ARG A 61 -21.19 -7.65 6.06
N HIS A 62 -21.87 -8.37 5.16
CA HIS A 62 -21.33 -9.62 4.64
C HIS A 62 -20.16 -9.34 3.72
N ASN A 63 -20.19 -8.19 3.06
CA ASN A 63 -19.15 -7.76 2.13
C ASN A 63 -17.81 -7.65 2.86
N PHE A 64 -17.80 -6.92 3.97
CA PHE A 64 -16.59 -6.74 4.75
C PHE A 64 -16.03 -8.08 5.22
N THR A 65 -16.91 -8.94 5.72
CA THR A 65 -16.51 -10.26 6.20
C THR A 65 -15.94 -11.08 5.06
N LEU A 66 -16.61 -11.03 3.91
CA LEU A 66 -16.19 -11.78 2.73
C LEU A 66 -14.78 -11.37 2.30
N ALA A 67 -14.56 -10.07 2.19
CA ALA A 67 -13.27 -9.53 1.78
C ALA A 67 -12.14 -10.01 2.69
N PHE A 68 -12.32 -9.84 4.00
CA PHE A 68 -11.29 -10.23 4.96
C PHE A 68 -11.10 -11.74 5.04
N SER A 69 -12.18 -12.47 5.28
CA SER A 69 -12.11 -13.92 5.41
C SER A 69 -11.59 -14.62 4.16
N THR A 70 -12.00 -14.16 2.98
CA THR A 70 -11.54 -14.78 1.74
C THR A 70 -10.08 -14.46 1.46
N ALA A 71 -9.69 -13.20 1.65
CA ALA A 71 -8.32 -12.78 1.42
C ALA A 71 -7.38 -13.50 2.38
N GLU A 72 -7.82 -13.65 3.63
CA GLU A 72 -7.04 -14.34 4.64
C GLU A 72 -6.87 -15.81 4.29
N LYS A 73 -7.92 -16.39 3.72
CA LYS A 73 -7.91 -17.79 3.33
C LYS A 73 -7.03 -18.02 2.09
N LEU A 74 -6.92 -17.00 1.25
CA LEU A 74 -6.15 -17.12 0.02
C LEU A 74 -4.69 -16.67 0.16
N ALA A 75 -4.47 -15.49 0.71
CA ALA A 75 -3.11 -14.97 0.83
C ALA A 75 -2.77 -14.56 2.27
N ASP A 76 -3.52 -15.07 3.23
CA ASP A 76 -3.32 -14.77 4.66
C ASP A 76 -2.96 -13.32 4.96
N CYS A 77 -3.89 -12.41 4.64
CA CYS A 77 -3.67 -11.00 4.86
C CYS A 77 -3.82 -10.66 6.35
N ALA A 78 -3.05 -9.68 6.82
CA ALA A 78 -3.13 -9.28 8.21
C ALA A 78 -4.45 -8.56 8.47
N GLN A 79 -5.29 -9.16 9.30
CA GLN A 79 -6.58 -8.58 9.63
C GLN A 79 -6.43 -7.36 10.54
N LEU A 80 -6.08 -6.24 9.93
CA LEU A 80 -5.89 -4.99 10.65
C LEU A 80 -7.18 -4.17 10.67
N LEU A 81 -8.27 -4.81 10.26
CA LEU A 81 -9.57 -4.16 10.24
C LEU A 81 -10.64 -5.16 10.65
N GLU A 82 -11.59 -4.72 11.47
CA GLU A 82 -12.65 -5.58 11.94
C GLU A 82 -13.98 -5.22 11.27
N VAL A 83 -14.74 -6.25 10.90
CA VAL A 83 -16.02 -6.06 10.24
C VAL A 83 -16.97 -5.22 11.10
N ASP A 84 -17.24 -5.70 12.30
CA ASP A 84 -18.14 -5.02 13.24
C ASP A 84 -17.73 -3.56 13.46
N ASP A 85 -16.45 -3.35 13.71
CA ASP A 85 -15.93 -2.01 13.96
C ASP A 85 -16.10 -1.10 12.74
N MET A 86 -15.77 -1.62 11.57
CA MET A 86 -15.88 -0.85 10.33
C MET A 86 -17.32 -0.49 10.00
N VAL A 87 -18.25 -1.41 10.23
CA VAL A 87 -19.66 -1.18 9.96
C VAL A 87 -20.21 -0.15 10.94
N ARG A 88 -19.74 -0.22 12.18
CA ARG A 88 -20.17 0.69 13.23
C ARG A 88 -19.70 2.12 12.96
N LEU A 89 -18.42 2.28 12.62
CA LEU A 89 -17.86 3.60 12.36
C LEU A 89 -18.22 4.09 10.96
N ALA A 90 -18.33 3.16 10.01
CA ALA A 90 -18.67 3.46 8.61
C ALA A 90 -17.48 4.06 7.87
N VAL A 91 -16.88 5.09 8.45
CA VAL A 91 -15.72 5.75 7.86
C VAL A 91 -14.45 5.28 8.54
N PRO A 92 -13.64 4.48 7.84
CA PRO A 92 -12.38 3.95 8.38
C PRO A 92 -11.30 5.03 8.42
N ASP A 93 -10.17 4.70 9.01
CA ASP A 93 -9.07 5.65 9.09
C ASP A 93 -8.09 5.46 7.94
N SER A 94 -7.54 6.57 7.46
CA SER A 94 -6.61 6.54 6.35
C SER A 94 -5.33 5.77 6.65
N LYS A 95 -4.86 5.86 7.90
CA LYS A 95 -3.64 5.16 8.30
C LYS A 95 -3.85 3.65 8.30
N CYS A 96 -5.03 3.24 8.76
CA CYS A 96 -5.37 1.82 8.82
C CYS A 96 -5.45 1.23 7.41
N VAL A 97 -6.17 1.92 6.53
CA VAL A 97 -6.33 1.47 5.15
C VAL A 97 -4.98 1.48 4.42
N TYR A 98 -4.21 2.55 4.62
CA TYR A 98 -2.90 2.69 3.98
C TYR A 98 -2.01 1.49 4.31
N THR A 99 -1.94 1.15 5.58
CA THR A 99 -1.12 0.03 6.03
C THR A 99 -1.67 -1.32 5.54
N TYR A 100 -2.99 -1.45 5.52
CA TYR A 100 -3.63 -2.68 5.06
C TYR A 100 -3.30 -2.94 3.59
N ILE A 101 -3.43 -1.91 2.77
CA ILE A 101 -3.14 -2.02 1.35
C ILE A 101 -1.63 -2.14 1.12
N GLN A 102 -0.87 -1.51 2.01
CA GLN A 102 0.58 -1.54 1.94
C GLN A 102 1.12 -2.97 1.92
N GLU A 103 0.78 -3.73 2.97
CA GLU A 103 1.21 -5.12 3.07
C GLU A 103 0.59 -5.99 1.99
N LEU A 104 -0.66 -5.67 1.64
CA LEU A 104 -1.37 -6.43 0.62
C LEU A 104 -0.63 -6.31 -0.72
N TYR A 105 -0.24 -5.09 -1.05
CA TYR A 105 0.49 -4.82 -2.29
C TYR A 105 1.79 -5.62 -2.34
N ARG A 106 2.54 -5.60 -1.25
CA ARG A 106 3.81 -6.31 -1.16
C ARG A 106 3.61 -7.81 -1.43
N SER A 107 2.54 -8.35 -0.88
CA SER A 107 2.22 -9.76 -1.04
C SER A 107 1.85 -10.11 -2.49
N LEU A 108 1.35 -9.13 -3.22
CA LEU A 108 0.94 -9.32 -4.61
C LEU A 108 2.09 -9.09 -5.59
N VAL A 109 3.11 -8.36 -5.15
CA VAL A 109 4.28 -8.08 -5.99
C VAL A 109 5.03 -9.36 -6.31
N GLN A 110 5.43 -10.08 -5.27
CA GLN A 110 6.17 -11.33 -5.42
C GLN A 110 5.33 -12.41 -6.11
N LYS A 111 4.02 -12.20 -6.14
CA LYS A 111 3.12 -13.16 -6.77
C LYS A 111 2.97 -12.86 -8.26
N GLY A 112 3.41 -11.67 -8.67
CA GLY A 112 3.32 -11.29 -10.07
C GLY A 112 1.93 -10.85 -10.48
N LEU A 113 1.04 -10.71 -9.50
CA LEU A 113 -0.34 -10.31 -9.77
C LEU A 113 -0.41 -8.83 -10.17
N VAL A 114 0.44 -8.03 -9.56
CA VAL A 114 0.48 -6.60 -9.87
C VAL A 114 1.16 -6.37 -11.22
N LYS A 115 2.05 -7.29 -11.58
CA LYS A 115 2.77 -7.21 -12.84
C LYS A 115 1.93 -7.79 -13.97
N THR A 116 0.78 -7.17 -14.20
CA THR A 116 -0.14 -7.58 -15.25
C THR A 116 0.21 -6.92 -16.57
N LYS A 117 1.33 -6.21 -16.59
CA LYS A 117 1.81 -5.52 -17.77
C LYS A 117 3.33 -5.39 -17.72
N LYS A 118 3.98 -5.74 -18.80
CA LYS A 118 5.44 -5.66 -18.89
C LYS A 118 5.85 -5.06 -20.22
N LYS A 119 6.38 -3.84 -20.17
CA LYS A 119 6.82 -3.13 -21.36
C LYS A 119 5.65 -2.88 -22.31
N GLU B 1 20.27 13.33 14.07
CA GLU B 1 19.58 12.24 13.36
C GLU B 1 18.12 12.56 13.11
N GLU B 2 17.55 13.41 13.95
CA GLU B 2 16.15 13.81 13.85
C GLU B 2 15.84 14.45 12.50
N GLU B 3 16.66 15.42 12.10
CA GLU B 3 16.47 16.11 10.84
C GLU B 3 16.50 15.15 9.66
N ILE B 4 17.39 14.17 9.72
CA ILE B 4 17.51 13.17 8.66
C ILE B 4 16.22 12.38 8.54
N ARG B 5 15.72 11.91 9.69
CA ARG B 5 14.50 11.12 9.72
C ARG B 5 13.29 11.99 9.40
N GLU B 6 13.35 13.25 9.80
CA GLU B 6 12.27 14.19 9.53
C GLU B 6 12.15 14.40 8.03
N ALA B 7 13.30 14.44 7.36
CA ALA B 7 13.34 14.59 5.91
C ALA B 7 12.66 13.40 5.24
N PHE B 8 12.90 12.21 5.77
CA PHE B 8 12.29 11.01 5.23
C PHE B 8 10.78 11.04 5.49
N ARG B 9 10.40 11.62 6.63
CA ARG B 9 9.00 11.74 7.01
C ARG B 9 8.28 12.68 6.06
N VAL B 10 9.03 13.57 5.43
CA VAL B 10 8.46 14.51 4.46
C VAL B 10 7.91 13.75 3.26
N PHE B 11 8.56 12.64 2.93
CA PHE B 11 8.13 11.80 1.83
C PHE B 11 6.93 10.97 2.25
N ASP B 12 6.99 10.45 3.48
CA ASP B 12 5.89 9.66 4.03
C ASP B 12 4.66 10.55 4.14
N LYS B 13 3.47 9.98 4.06
CA LYS B 13 2.24 10.76 4.13
C LYS B 13 1.32 10.28 5.25
N ASP B 14 1.73 9.24 5.97
CA ASP B 14 0.90 8.72 7.05
C ASP B 14 1.71 8.46 8.30
N GLY B 15 3.03 8.47 8.17
CA GLY B 15 3.89 8.24 9.30
C GLY B 15 4.04 6.75 9.57
N ASN B 16 4.42 6.02 8.55
CA ASN B 16 4.59 4.58 8.65
C ASN B 16 6.07 4.21 8.65
N GLY B 17 6.86 5.00 7.94
CA GLY B 17 8.28 4.75 7.87
C GLY B 17 8.63 3.80 6.74
N TYR B 18 7.66 3.54 5.88
CA TYR B 18 7.84 2.64 4.75
C TYR B 18 7.71 3.38 3.43
N ILE B 19 8.75 3.31 2.62
CA ILE B 19 8.76 3.97 1.32
C ILE B 19 9.34 3.02 0.29
N SER B 20 9.54 3.52 -0.92
CA SER B 20 10.10 2.71 -1.98
C SER B 20 11.54 3.13 -2.25
N ALA B 21 12.24 2.36 -3.09
CA ALA B 21 13.62 2.65 -3.43
C ALA B 21 13.70 3.93 -4.25
N ALA B 22 12.64 4.20 -5.00
CA ALA B 22 12.56 5.39 -5.83
C ALA B 22 12.62 6.64 -4.95
N GLU B 23 11.76 6.70 -3.94
CA GLU B 23 11.74 7.83 -3.02
C GLU B 23 13.02 7.87 -2.21
N LEU B 24 13.46 6.69 -1.77
CA LEU B 24 14.67 6.56 -0.96
C LEU B 24 15.89 7.19 -1.65
N ARG B 25 16.15 6.77 -2.88
CA ARG B 25 17.30 7.28 -3.62
C ARG B 25 17.11 8.74 -4.04
N HIS B 26 15.92 9.28 -3.79
CA HIS B 26 15.62 10.66 -4.12
C HIS B 26 15.82 11.56 -2.90
N VAL B 27 15.93 10.93 -1.73
CA VAL B 27 16.13 11.67 -0.48
C VAL B 27 17.59 12.12 -0.36
N MET B 28 18.51 11.17 -0.42
CA MET B 28 19.93 11.46 -0.31
C MET B 28 20.38 12.47 -1.36
N THR B 29 19.83 12.34 -2.56
CA THR B 29 20.16 13.23 -3.66
C THR B 29 19.62 14.64 -3.40
N ASN B 30 18.45 14.72 -2.77
CA ASN B 30 17.85 16.02 -2.47
C ASN B 30 18.52 16.67 -1.27
N LEU B 31 19.06 15.82 -0.39
CA LEU B 31 19.75 16.30 0.80
C LEU B 31 21.07 16.94 0.42
N GLY B 32 21.62 16.52 -0.71
CA GLY B 32 22.88 17.07 -1.17
C GLY B 32 24.05 16.17 -0.86
N GLU B 33 23.76 14.96 -0.39
CA GLU B 33 24.80 14.01 -0.04
C GLU B 33 25.59 13.58 -1.27
N LYS B 34 26.91 13.68 -1.19
CA LYS B 34 27.79 13.31 -2.31
C LYS B 34 27.92 11.81 -2.45
N LEU B 35 26.83 11.15 -2.80
CA LEU B 35 26.83 9.72 -2.97
C LEU B 35 26.59 9.37 -4.43
N THR B 36 27.49 8.58 -5.01
CA THR B 36 27.37 8.18 -6.39
C THR B 36 26.21 7.20 -6.55
N ASP B 37 25.56 7.22 -7.72
CA ASP B 37 24.44 6.34 -7.98
C ASP B 37 24.89 4.87 -7.89
N GLU B 38 26.18 4.66 -8.13
CA GLU B 38 26.77 3.33 -8.06
C GLU B 38 26.66 2.79 -6.64
N GLU B 39 27.06 3.61 -5.66
CA GLU B 39 27.00 3.22 -4.26
C GLU B 39 25.56 3.08 -3.81
N VAL B 40 24.70 3.96 -4.29
CA VAL B 40 23.28 3.93 -3.95
C VAL B 40 22.69 2.61 -4.44
N ASP B 41 23.02 2.24 -5.67
CA ASP B 41 22.52 1.01 -6.27
C ASP B 41 23.05 -0.21 -5.51
N GLU B 42 24.27 -0.09 -5.01
CA GLU B 42 24.88 -1.18 -4.23
C GLU B 42 24.13 -1.36 -2.92
N MET B 43 23.83 -0.25 -2.26
CA MET B 43 23.11 -0.29 -0.98
C MET B 43 21.71 -0.86 -1.18
N ILE B 44 21.06 -0.43 -2.25
CA ILE B 44 19.72 -0.88 -2.60
C ILE B 44 19.70 -2.39 -2.86
N ARG B 45 20.80 -2.91 -3.38
CA ARG B 45 20.91 -4.32 -3.67
C ARG B 45 21.22 -5.13 -2.41
N GLU B 46 21.88 -4.50 -1.45
CA GLU B 46 22.23 -5.17 -0.20
C GLU B 46 20.97 -5.40 0.63
N ALA B 47 20.10 -4.41 0.65
CA ALA B 47 18.86 -4.49 1.40
C ALA B 47 17.79 -5.19 0.58
N ASP B 48 16.83 -5.80 1.26
CA ASP B 48 15.74 -6.51 0.60
C ASP B 48 14.68 -5.54 0.07
N ILE B 49 14.91 -5.02 -1.12
CA ILE B 49 13.98 -4.07 -1.73
C ILE B 49 13.20 -4.70 -2.89
N ASP B 50 13.92 -5.21 -3.88
CA ASP B 50 13.27 -5.83 -5.04
C ASP B 50 12.60 -7.13 -4.64
N GLY B 51 11.31 -7.24 -4.93
CA GLY B 51 10.56 -8.43 -4.59
C GLY B 51 9.63 -8.17 -3.41
N ASP B 52 9.96 -7.16 -2.62
CA ASP B 52 9.16 -6.80 -1.46
C ASP B 52 8.11 -5.75 -1.84
N GLY B 53 8.55 -4.50 -1.95
CA GLY B 53 7.63 -3.44 -2.31
C GLY B 53 7.70 -2.25 -1.39
N GLN B 54 7.94 -2.50 -0.10
CA GLN B 54 8.02 -1.43 0.89
C GLN B 54 9.22 -1.62 1.80
N VAL B 55 10.09 -0.62 1.83
CA VAL B 55 11.28 -0.69 2.66
C VAL B 55 11.32 0.41 3.71
N ASN B 56 11.70 0.02 4.92
CA ASN B 56 11.78 0.97 6.03
C ASN B 56 13.10 1.73 5.99
N TYR B 57 13.01 3.06 6.04
CA TYR B 57 14.17 3.93 5.98
C TYR B 57 15.05 3.80 7.23
N GLU B 58 14.46 3.22 8.29
CA GLU B 58 15.15 3.06 9.57
C GLU B 58 16.55 2.46 9.41
N GLU B 59 16.63 1.29 8.77
CA GLU B 59 17.90 0.61 8.56
C GLU B 59 18.93 1.50 7.87
N PHE B 60 18.49 2.25 6.88
CA PHE B 60 19.38 3.13 6.12
C PHE B 60 19.92 4.27 6.98
N VAL B 61 19.06 4.82 7.84
CA VAL B 61 19.46 5.91 8.71
C VAL B 61 20.50 5.44 9.72
N GLN B 62 20.20 4.31 10.36
CA GLN B 62 21.11 3.74 11.36
C GLN B 62 22.46 3.42 10.73
N MET B 63 22.43 2.87 9.51
CA MET B 63 23.64 2.51 8.80
C MET B 63 24.52 3.74 8.56
N MET B 64 23.90 4.83 8.15
CA MET B 64 24.63 6.06 7.87
C MET B 64 25.29 6.60 9.15
N THR B 65 24.55 6.58 10.25
CA THR B 65 25.06 7.07 11.53
C THR B 65 26.15 6.15 12.07
N ALA B 66 26.22 4.93 11.55
CA ALA B 66 27.22 3.96 11.97
C ALA B 66 28.47 4.05 11.09
N LYS B 67 28.39 4.83 10.03
CA LYS B 67 29.51 4.99 9.12
C LYS B 67 30.15 6.35 9.31
N GLY A 1 0.99 13.17 -8.39
CA GLY A 1 2.04 13.42 -7.37
C GLY A 1 3.09 12.34 -7.36
N PRO A 2 4.17 12.49 -8.15
CA PRO A 2 5.25 11.49 -8.24
C PRO A 2 5.96 11.28 -6.91
N LEU A 3 5.93 12.28 -6.04
CA LEU A 3 6.58 12.19 -4.74
C LEU A 3 5.56 11.89 -3.64
N GLY A 4 4.38 11.43 -4.06
CA GLY A 4 3.33 11.12 -3.11
C GLY A 4 2.95 9.65 -3.16
N SER A 5 3.32 8.93 -2.11
CA SER A 5 3.04 7.51 -2.01
C SER A 5 1.54 7.23 -1.98
N LYS A 6 0.79 8.12 -1.34
CA LYS A 6 -0.66 7.97 -1.25
C LYS A 6 -1.30 8.04 -2.64
N ASN A 7 -0.75 8.90 -3.49
CA ASN A 7 -1.27 9.06 -4.84
C ASN A 7 -0.86 7.89 -5.72
N MET A 8 0.32 7.34 -5.46
CA MET A 8 0.82 6.21 -6.23
C MET A 8 -0.16 5.04 -6.13
N LEU A 9 -0.52 4.69 -4.90
CA LEU A 9 -1.46 3.60 -4.65
C LEU A 9 -2.85 3.98 -5.14
N LEU A 10 -3.19 5.27 -5.01
CA LEU A 10 -4.49 5.76 -5.44
C LEU A 10 -4.67 5.56 -6.95
N GLU A 11 -3.66 5.97 -7.72
CA GLU A 11 -3.70 5.83 -9.17
C GLU A 11 -3.76 4.36 -9.55
N TRP A 12 -2.97 3.55 -8.85
CA TRP A 12 -2.91 2.11 -9.10
C TRP A 12 -4.30 1.48 -8.96
N CYS A 13 -4.97 1.78 -7.86
CA CYS A 13 -6.31 1.25 -7.60
C CYS A 13 -7.32 1.87 -8.55
N ARG A 14 -7.14 3.18 -8.82
CA ARG A 14 -8.04 3.91 -9.71
C ARG A 14 -8.09 3.28 -11.09
N ALA A 15 -6.96 2.73 -11.53
CA ALA A 15 -6.87 2.08 -12.84
C ALA A 15 -7.80 0.87 -12.89
N MET A 16 -7.89 0.16 -11.77
CA MET A 16 -8.73 -1.02 -11.67
C MET A 16 -10.19 -0.63 -11.50
N THR A 17 -10.43 0.56 -10.96
CA THR A 17 -11.78 1.05 -10.74
C THR A 17 -12.49 1.27 -12.08
N ARG A 18 -11.70 1.52 -13.12
CA ARG A 18 -12.21 1.76 -14.46
C ARG A 18 -12.71 0.47 -15.11
N ASN A 19 -12.54 -0.65 -14.43
CA ASN A 19 -12.98 -1.93 -14.96
C ASN A 19 -14.28 -2.39 -14.31
N TYR A 20 -14.68 -1.70 -13.25
CA TYR A 20 -15.90 -2.05 -12.54
C TYR A 20 -17.02 -1.08 -12.85
N GLU A 21 -18.14 -1.24 -12.16
CA GLU A 21 -19.30 -0.40 -12.35
C GLU A 21 -19.87 -0.01 -11.00
N HIS A 22 -20.37 1.22 -10.89
CA HIS A 22 -20.96 1.73 -9.65
C HIS A 22 -19.90 1.91 -8.57
N VAL A 23 -18.64 1.96 -8.97
CA VAL A 23 -17.53 2.12 -8.05
C VAL A 23 -16.67 3.32 -8.43
N ASP A 24 -16.47 4.21 -7.49
CA ASP A 24 -15.65 5.40 -7.72
C ASP A 24 -14.81 5.70 -6.49
N ILE A 25 -13.50 5.58 -6.64
CA ILE A 25 -12.60 5.84 -5.52
C ILE A 25 -12.01 7.24 -5.63
N GLN A 26 -12.39 8.11 -4.70
CA GLN A 26 -11.90 9.48 -4.67
C GLN A 26 -10.71 9.56 -3.71
N ASN A 27 -10.85 8.90 -2.58
CA ASN A 27 -9.82 8.88 -1.55
C ASN A 27 -10.01 7.64 -0.70
N PHE A 28 -9.20 7.50 0.34
CA PHE A 28 -9.29 6.35 1.23
C PHE A 28 -10.23 6.66 2.40
N SER A 29 -11.45 7.03 2.08
CA SER A 29 -12.44 7.35 3.10
C SER A 29 -13.88 7.08 2.64
N SER A 30 -14.54 8.12 2.14
CA SER A 30 -15.93 8.03 1.68
C SER A 30 -16.12 6.98 0.59
N SER A 31 -15.13 6.82 -0.27
CA SER A 31 -15.21 5.84 -1.35
C SER A 31 -15.23 4.40 -0.82
N TRP A 32 -14.88 4.23 0.44
CA TRP A 32 -14.83 2.91 1.06
C TRP A 32 -15.99 2.71 2.03
N SER A 33 -16.87 3.70 2.12
CA SER A 33 -18.01 3.62 3.03
C SER A 33 -19.06 2.63 2.51
N SER A 34 -18.95 2.27 1.24
CA SER A 34 -19.86 1.32 0.64
C SER A 34 -19.38 -0.11 0.83
N GLY A 35 -18.10 -0.26 1.18
CA GLY A 35 -17.52 -1.58 1.39
C GLY A 35 -17.08 -2.23 0.09
N MET A 36 -17.87 -2.03 -0.97
CA MET A 36 -17.61 -2.60 -2.29
C MET A 36 -16.17 -2.45 -2.74
N ALA A 37 -15.55 -1.31 -2.42
CA ALA A 37 -14.17 -1.04 -2.80
C ALA A 37 -13.22 -2.15 -2.35
N PHE A 38 -13.49 -2.74 -1.19
CA PHE A 38 -12.65 -3.81 -0.66
C PHE A 38 -12.79 -5.07 -1.50
N CYS A 39 -14.02 -5.51 -1.70
CA CYS A 39 -14.29 -6.71 -2.49
C CYS A 39 -13.85 -6.54 -3.93
N ALA A 40 -13.95 -5.32 -4.45
CA ALA A 40 -13.55 -5.04 -5.83
C ALA A 40 -12.07 -5.33 -6.01
N LEU A 41 -11.25 -4.88 -5.08
CA LEU A 41 -9.81 -5.08 -5.14
C LEU A 41 -9.48 -6.57 -4.99
N ILE A 42 -10.10 -7.21 -4.01
CA ILE A 42 -9.88 -8.63 -3.76
C ILE A 42 -10.29 -9.48 -4.96
N HIS A 43 -11.44 -9.15 -5.53
CA HIS A 43 -11.97 -9.88 -6.69
C HIS A 43 -11.04 -9.75 -7.90
N LYS A 44 -10.35 -8.62 -8.00
CA LYS A 44 -9.45 -8.39 -9.11
C LYS A 44 -8.25 -9.33 -9.05
N PHE A 45 -7.71 -9.51 -7.85
CA PHE A 45 -6.56 -10.38 -7.66
C PHE A 45 -6.96 -11.85 -7.51
N PHE A 46 -8.10 -12.08 -6.88
CA PHE A 46 -8.59 -13.44 -6.67
C PHE A 46 -9.97 -13.64 -7.29
N PRO A 47 -10.03 -14.12 -8.53
CA PRO A 47 -11.30 -14.38 -9.23
C PRO A 47 -11.99 -15.62 -8.66
N GLU A 48 -11.25 -16.39 -7.87
CA GLU A 48 -11.76 -17.59 -7.24
C GLU A 48 -12.27 -17.27 -5.84
N ALA A 49 -12.13 -16.01 -5.45
CA ALA A 49 -12.54 -15.56 -4.13
C ALA A 49 -14.06 -15.59 -3.98
N PHE A 50 -14.73 -14.81 -4.82
CA PHE A 50 -16.19 -14.71 -4.77
C PHE A 50 -16.71 -14.04 -6.04
N ASP A 51 -18.01 -14.18 -6.26
CA ASP A 51 -18.64 -13.56 -7.42
C ASP A 51 -19.10 -12.15 -7.05
N TYR A 52 -18.48 -11.17 -7.68
CA TYR A 52 -18.78 -9.77 -7.41
C TYR A 52 -20.20 -9.42 -7.85
N ALA A 53 -20.74 -10.18 -8.79
CA ALA A 53 -22.07 -9.92 -9.31
C ALA A 53 -23.15 -10.30 -8.30
N GLU A 54 -22.81 -11.16 -7.35
CA GLU A 54 -23.78 -11.59 -6.34
C GLU A 54 -23.65 -10.75 -5.08
N LEU A 55 -22.79 -9.75 -5.14
CA LEU A 55 -22.58 -8.86 -4.01
C LEU A 55 -23.48 -7.64 -4.14
N ASP A 56 -24.25 -7.38 -3.11
CA ASP A 56 -25.17 -6.25 -3.11
C ASP A 56 -24.78 -5.25 -2.02
N PRO A 57 -25.07 -3.96 -2.24
CA PRO A 57 -24.76 -2.90 -1.28
C PRO A 57 -25.48 -3.10 0.06
N ALA A 58 -26.58 -3.84 0.01
CA ALA A 58 -27.37 -4.13 1.20
C ALA A 58 -26.62 -5.11 2.10
N LYS A 59 -25.68 -5.84 1.51
CA LYS A 59 -24.88 -6.82 2.23
C LYS A 59 -23.54 -6.19 2.62
N ARG A 60 -23.59 -5.02 3.22
CA ARG A 60 -22.39 -4.28 3.61
C ARG A 60 -21.55 -5.06 4.62
N ARG A 61 -22.20 -5.58 5.66
CA ARG A 61 -21.51 -6.33 6.69
C ARG A 61 -20.85 -7.57 6.09
N HIS A 62 -21.61 -8.27 5.24
CA HIS A 62 -21.12 -9.46 4.58
C HIS A 62 -19.99 -9.13 3.63
N ASN A 63 -20.08 -7.97 2.99
CA ASN A 63 -19.05 -7.51 2.07
C ASN A 63 -17.70 -7.40 2.77
N PHE A 64 -17.70 -6.71 3.91
CA PHE A 64 -16.48 -6.53 4.69
C PHE A 64 -15.96 -7.87 5.18
N THR A 65 -16.88 -8.71 5.68
CA THR A 65 -16.51 -10.02 6.20
C THR A 65 -15.87 -10.87 5.11
N LEU A 66 -16.57 -11.00 3.98
CA LEU A 66 -16.09 -11.78 2.86
C LEU A 66 -14.73 -11.31 2.38
N ALA A 67 -14.57 -10.00 2.23
CA ALA A 67 -13.31 -9.43 1.78
C ALA A 67 -12.16 -9.78 2.72
N PHE A 68 -12.32 -9.45 4.00
CA PHE A 68 -11.28 -9.71 5.00
C PHE A 68 -10.97 -11.21 5.13
N SER A 69 -12.01 -12.02 5.29
CA SER A 69 -11.83 -13.46 5.44
C SER A 69 -11.13 -14.08 4.24
N THR A 70 -11.52 -13.66 3.03
CA THR A 70 -10.91 -14.21 1.82
C THR A 70 -9.47 -13.74 1.69
N ALA A 71 -9.21 -12.47 2.02
CA ALA A 71 -7.87 -11.92 1.93
C ALA A 71 -6.94 -12.61 2.93
N GLU A 72 -7.51 -12.99 4.08
CA GLU A 72 -6.77 -13.68 5.12
C GLU A 72 -6.51 -15.12 4.71
N LYS A 73 -7.52 -15.75 4.14
CA LYS A 73 -7.44 -17.13 3.72
C LYS A 73 -6.57 -17.34 2.48
N LEU A 74 -6.73 -16.49 1.48
CA LEU A 74 -5.97 -16.66 0.23
C LEU A 74 -4.69 -15.83 0.14
N ALA A 75 -4.64 -14.68 0.81
CA ALA A 75 -3.46 -13.83 0.73
C ALA A 75 -2.75 -13.66 2.08
N ASP A 76 -3.29 -14.30 3.11
CA ASP A 76 -2.73 -14.23 4.49
C ASP A 76 -2.34 -12.81 4.92
N CYS A 77 -3.21 -11.85 4.62
CA CYS A 77 -2.95 -10.47 4.98
C CYS A 77 -3.42 -10.17 6.41
N ALA A 78 -2.79 -9.18 7.04
CA ALA A 78 -3.14 -8.80 8.39
C ALA A 78 -4.43 -7.97 8.38
N GLN A 79 -5.25 -8.13 9.41
CA GLN A 79 -6.50 -7.42 9.49
C GLN A 79 -6.41 -6.24 10.45
N LEU A 80 -6.02 -5.08 9.93
CA LEU A 80 -5.91 -3.87 10.75
C LEU A 80 -7.26 -3.21 10.93
N LEU A 81 -8.23 -3.65 10.14
CA LEU A 81 -9.58 -3.14 10.20
C LEU A 81 -10.53 -4.28 10.48
N GLU A 82 -11.53 -4.05 11.31
CA GLU A 82 -12.47 -5.10 11.66
C GLU A 82 -13.86 -4.82 11.10
N VAL A 83 -14.52 -5.87 10.66
CA VAL A 83 -15.85 -5.78 10.08
C VAL A 83 -16.82 -5.02 10.98
N ASP A 84 -16.86 -5.41 12.25
CA ASP A 84 -17.78 -4.79 13.20
C ASP A 84 -17.58 -3.29 13.35
N ASP A 85 -16.34 -2.85 13.32
CA ASP A 85 -16.07 -1.42 13.47
C ASP A 85 -16.26 -0.66 12.16
N MET A 86 -15.96 -1.31 11.04
CA MET A 86 -16.11 -0.69 9.74
C MET A 86 -17.56 -0.39 9.41
N VAL A 87 -18.44 -1.36 9.66
CA VAL A 87 -19.87 -1.17 9.39
C VAL A 87 -20.47 -0.16 10.36
N ARG A 88 -19.85 -0.02 11.53
CA ARG A 88 -20.32 0.89 12.54
C ARG A 88 -19.87 2.33 12.28
N LEU A 89 -18.57 2.49 12.02
CA LEU A 89 -17.99 3.81 11.76
C LEU A 89 -18.40 4.37 10.41
N ALA A 90 -18.45 3.51 9.40
CA ALA A 90 -18.83 3.88 8.03
C ALA A 90 -17.71 4.63 7.31
N VAL A 91 -17.10 5.58 8.00
CA VAL A 91 -16.02 6.37 7.43
C VAL A 91 -14.67 5.80 7.88
N PRO A 92 -13.97 5.13 6.96
CA PRO A 92 -12.66 4.53 7.26
C PRO A 92 -11.55 5.57 7.41
N ASP A 93 -10.48 5.19 8.10
CA ASP A 93 -9.35 6.06 8.33
C ASP A 93 -8.36 5.98 7.18
N SER A 94 -7.93 7.13 6.69
CA SER A 94 -6.98 7.19 5.58
C SER A 94 -5.69 6.43 5.91
N LYS A 95 -5.26 6.54 7.16
CA LYS A 95 -4.04 5.86 7.60
C LYS A 95 -4.26 4.36 7.70
N CYS A 96 -5.32 3.97 8.39
CA CYS A 96 -5.64 2.56 8.58
C CYS A 96 -5.80 1.82 7.25
N VAL A 97 -6.52 2.43 6.31
CA VAL A 97 -6.72 1.81 4.99
C VAL A 97 -5.38 1.70 4.26
N TYR A 98 -4.59 2.77 4.34
CA TYR A 98 -3.29 2.81 3.69
C TYR A 98 -2.38 1.73 4.25
N THR A 99 -2.29 1.63 5.57
CA THR A 99 -1.44 0.63 6.20
C THR A 99 -1.85 -0.79 5.81
N TYR A 100 -3.15 -1.00 5.65
CA TYR A 100 -3.67 -2.30 5.25
C TYR A 100 -3.21 -2.63 3.83
N ILE A 101 -3.40 -1.69 2.92
CA ILE A 101 -3.00 -1.87 1.53
C ILE A 101 -1.48 -1.94 1.43
N GLN A 102 -0.81 -1.21 2.31
CA GLN A 102 0.65 -1.16 2.36
C GLN A 102 1.24 -2.56 2.56
N GLU A 103 0.82 -3.22 3.63
CA GLU A 103 1.31 -4.56 3.93
C GLU A 103 0.83 -5.56 2.88
N LEU A 104 -0.39 -5.37 2.39
CA LEU A 104 -0.95 -6.23 1.36
C LEU A 104 -0.11 -6.11 0.09
N TYR A 105 0.25 -4.88 -0.25
CA TYR A 105 1.05 -4.59 -1.42
C TYR A 105 2.38 -5.34 -1.34
N ARG A 106 2.98 -5.33 -0.14
CA ARG A 106 4.24 -6.03 0.07
C ARG A 106 4.10 -7.50 -0.28
N SER A 107 3.07 -8.13 0.26
CA SER A 107 2.80 -9.53 0.02
C SER A 107 2.51 -9.78 -1.45
N LEU A 108 1.73 -8.89 -2.06
CA LEU A 108 1.38 -9.01 -3.47
C LEU A 108 2.61 -8.91 -4.37
N VAL A 109 3.56 -8.06 -3.99
CA VAL A 109 4.78 -7.88 -4.77
C VAL A 109 5.72 -9.08 -4.59
N GLN A 110 5.91 -9.51 -3.35
CA GLN A 110 6.80 -10.64 -3.07
C GLN A 110 6.27 -11.95 -3.64
N LYS A 111 4.95 -12.04 -3.77
CA LYS A 111 4.32 -13.24 -4.33
C LYS A 111 4.24 -13.16 -5.85
N GLY A 112 4.81 -12.08 -6.42
CA GLY A 112 4.81 -11.90 -7.86
C GLY A 112 3.42 -11.75 -8.45
N LEU A 113 2.51 -11.16 -7.68
CA LEU A 113 1.15 -10.96 -8.15
C LEU A 113 0.99 -9.58 -8.77
N VAL A 114 1.72 -8.60 -8.24
CA VAL A 114 1.67 -7.24 -8.74
C VAL A 114 2.32 -7.16 -10.12
N LYS A 115 3.31 -8.01 -10.34
CA LYS A 115 4.02 -8.04 -11.62
C LYS A 115 3.26 -8.88 -12.64
N THR A 116 1.99 -8.55 -12.82
CA THR A 116 1.15 -9.27 -13.77
C THR A 116 1.50 -8.85 -15.19
N LYS A 117 2.05 -7.65 -15.33
CA LYS A 117 2.45 -7.14 -16.63
C LYS A 117 3.90 -6.69 -16.61
N LYS A 118 4.73 -7.42 -17.34
CA LYS A 118 6.14 -7.10 -17.44
C LYS A 118 6.44 -6.69 -18.88
N LYS A 119 6.87 -5.44 -19.05
CA LYS A 119 7.17 -4.91 -20.38
C LYS A 119 5.90 -4.81 -21.23
N GLU B 1 22.66 11.98 14.53
CA GLU B 1 21.83 11.09 13.67
C GLU B 1 20.38 11.55 13.61
N GLU B 2 19.93 12.27 14.65
CA GLU B 2 18.56 12.77 14.70
C GLU B 2 18.27 13.66 13.49
N GLU B 3 19.31 14.34 13.03
CA GLU B 3 19.22 15.24 11.89
C GLU B 3 18.79 14.47 10.64
N ILE B 4 19.20 13.21 10.58
CA ILE B 4 18.86 12.36 9.44
C ILE B 4 17.57 11.60 9.72
N ARG B 5 17.44 11.11 10.95
CA ARG B 5 16.27 10.35 11.36
C ARG B 5 14.98 11.16 11.23
N GLU B 6 15.01 12.41 11.71
CA GLU B 6 13.85 13.27 11.63
C GLU B 6 13.51 13.56 10.18
N ALA B 7 14.55 13.82 9.38
CA ALA B 7 14.39 14.11 7.96
C ALA B 7 13.71 12.94 7.25
N PHE B 8 14.11 11.73 7.59
CA PHE B 8 13.52 10.53 7.01
C PHE B 8 12.06 10.40 7.40
N ARG B 9 11.74 10.79 8.62
CA ARG B 9 10.38 10.71 9.12
C ARG B 9 9.49 11.73 8.42
N VAL B 10 10.10 12.80 7.91
CA VAL B 10 9.37 13.84 7.20
C VAL B 10 8.81 13.27 5.90
N PHE B 11 9.46 12.23 5.39
CA PHE B 11 9.03 11.58 4.17
C PHE B 11 7.90 10.59 4.42
N ASP B 12 7.78 10.14 5.67
CA ASP B 12 6.71 9.22 6.05
C ASP B 12 5.42 10.01 6.14
N LYS B 13 4.45 9.66 5.32
CA LYS B 13 3.19 10.38 5.29
C LYS B 13 2.07 9.65 6.02
N ASP B 14 2.37 8.52 6.64
CA ASP B 14 1.35 7.76 7.36
C ASP B 14 1.79 7.40 8.77
N GLY B 15 3.09 7.22 8.96
CA GLY B 15 3.61 6.89 10.27
C GLY B 15 3.76 5.39 10.46
N ASN B 16 4.76 4.82 9.82
CA ASN B 16 5.00 3.38 9.92
C ASN B 16 6.45 3.02 9.61
N GLY B 17 7.18 3.97 9.01
CA GLY B 17 8.56 3.72 8.67
C GLY B 17 8.70 3.14 7.28
N TYR B 18 7.60 3.12 6.56
CA TYR B 18 7.56 2.59 5.21
C TYR B 18 7.57 3.71 4.19
N ILE B 19 8.51 3.64 3.25
CA ILE B 19 8.64 4.65 2.21
C ILE B 19 8.82 3.97 0.85
N SER B 20 8.87 4.76 -0.20
CA SER B 20 9.06 4.23 -1.54
C SER B 20 10.48 4.52 -2.03
N ALA B 21 10.93 3.76 -3.02
CA ALA B 21 12.27 3.93 -3.57
C ALA B 21 12.44 5.26 -4.30
N ALA B 22 11.33 5.86 -4.70
CA ALA B 22 11.36 7.14 -5.41
C ALA B 22 11.90 8.25 -4.51
N GLU B 23 11.22 8.47 -3.39
CA GLU B 23 11.62 9.49 -2.44
C GLU B 23 12.92 9.13 -1.76
N LEU B 24 13.15 7.83 -1.58
CA LEU B 24 14.37 7.32 -0.95
C LEU B 24 15.63 7.90 -1.60
N ARG B 25 15.72 7.79 -2.92
CA ARG B 25 16.87 8.29 -3.66
C ARG B 25 16.91 9.81 -3.64
N HIS B 26 15.74 10.42 -3.47
CA HIS B 26 15.62 11.87 -3.44
C HIS B 26 16.10 12.43 -2.10
N VAL B 27 16.03 11.61 -1.06
CA VAL B 27 16.48 12.03 0.27
C VAL B 27 17.98 12.25 0.25
N MET B 28 18.69 11.28 -0.30
CA MET B 28 20.15 11.35 -0.38
C MET B 28 20.61 12.54 -1.22
N THR B 29 19.90 12.81 -2.31
CA THR B 29 20.25 13.92 -3.18
C THR B 29 19.93 15.27 -2.53
N ASN B 30 18.81 15.31 -1.82
CA ASN B 30 18.37 16.53 -1.14
C ASN B 30 19.30 16.86 0.01
N LEU B 31 19.77 15.83 0.72
CA LEU B 31 20.68 16.02 1.84
C LEU B 31 22.03 16.52 1.37
N GLY B 32 22.33 16.29 0.10
CA GLY B 32 23.59 16.72 -0.46
C GLY B 32 24.68 15.68 -0.29
N GLU B 33 24.31 14.41 -0.42
CA GLU B 33 25.28 13.34 -0.30
C GLU B 33 26.19 13.31 -1.50
N LYS B 34 27.44 12.93 -1.28
CA LYS B 34 28.43 12.86 -2.35
C LYS B 34 28.52 11.46 -2.92
N LEU B 35 27.54 10.64 -2.61
CA LEU B 35 27.50 9.26 -3.10
C LEU B 35 27.07 9.26 -4.56
N THR B 36 27.78 8.51 -5.38
CA THR B 36 27.47 8.44 -6.79
C THR B 36 26.16 7.69 -7.02
N ASP B 37 25.51 7.95 -8.14
CA ASP B 37 24.25 7.28 -8.47
C ASP B 37 24.46 5.78 -8.53
N GLU B 38 25.65 5.38 -8.94
CA GLU B 38 25.99 3.97 -9.04
C GLU B 38 26.00 3.34 -7.65
N GLU B 39 26.64 4.03 -6.70
CA GLU B 39 26.73 3.55 -5.33
C GLU B 39 25.34 3.40 -4.72
N VAL B 40 24.46 4.35 -5.05
CA VAL B 40 23.09 4.33 -4.55
C VAL B 40 22.38 3.08 -5.07
N ASP B 41 22.53 2.83 -6.36
CA ASP B 41 21.92 1.66 -7.00
C ASP B 41 22.50 0.39 -6.41
N GLU B 42 23.79 0.41 -6.08
CA GLU B 42 24.47 -0.73 -5.49
C GLU B 42 23.81 -1.08 -4.15
N MET B 43 23.53 -0.05 -3.35
CA MET B 43 22.90 -0.23 -2.05
C MET B 43 21.49 -0.76 -2.20
N ILE B 44 20.79 -0.24 -3.21
CA ILE B 44 19.42 -0.64 -3.50
C ILE B 44 19.33 -2.15 -3.76
N ARG B 45 20.31 -2.67 -4.48
CA ARG B 45 20.34 -4.10 -4.81
C ARG B 45 20.79 -4.95 -3.64
N GLU B 46 21.41 -4.31 -2.65
CA GLU B 46 21.88 -5.02 -1.47
C GLU B 46 20.73 -5.18 -0.47
N ALA B 47 19.90 -4.16 -0.39
CA ALA B 47 18.76 -4.18 0.52
C ALA B 47 17.54 -4.87 -0.09
N ASP B 48 16.39 -4.67 0.53
CA ASP B 48 15.15 -5.26 0.05
C ASP B 48 14.19 -4.18 -0.46
N ILE B 49 14.02 -4.13 -1.77
CA ILE B 49 13.13 -3.15 -2.38
C ILE B 49 12.25 -3.80 -3.43
N ASP B 50 12.84 -4.16 -4.56
CA ASP B 50 12.09 -4.80 -5.64
C ASP B 50 11.71 -6.21 -5.25
N GLY B 51 10.44 -6.53 -5.43
CA GLY B 51 9.96 -7.86 -5.08
C GLY B 51 9.65 -7.96 -3.60
N ASP B 52 9.72 -6.83 -2.90
CA ASP B 52 9.44 -6.80 -1.47
C ASP B 52 8.27 -5.87 -1.15
N GLY B 53 7.89 -5.05 -2.12
CA GLY B 53 6.79 -4.13 -1.92
C GLY B 53 7.26 -2.73 -1.61
N GLN B 54 7.34 -2.41 -0.33
CA GLN B 54 7.78 -1.09 0.10
C GLN B 54 9.14 -1.17 0.77
N VAL B 55 9.76 -0.03 0.98
CA VAL B 55 11.08 0.03 1.61
C VAL B 55 10.99 0.67 2.98
N ASN B 56 11.86 0.25 3.89
CA ASN B 56 11.89 0.81 5.23
C ASN B 56 13.13 1.69 5.38
N TYR B 57 13.04 2.71 6.23
CA TYR B 57 14.16 3.60 6.43
C TYR B 57 15.05 3.19 7.60
N GLU B 58 14.54 2.28 8.43
CA GLU B 58 15.28 1.81 9.60
C GLU B 58 16.61 1.19 9.21
N GLU B 59 16.59 0.30 8.22
CA GLU B 59 17.81 -0.36 7.76
C GLU B 59 18.80 0.64 7.19
N PHE B 60 18.29 1.61 6.44
CA PHE B 60 19.12 2.64 5.82
C PHE B 60 19.78 3.55 6.85
N VAL B 61 19.01 3.95 7.86
CA VAL B 61 19.54 4.82 8.91
C VAL B 61 20.68 4.14 9.66
N GLN B 62 20.47 2.88 10.04
CA GLN B 62 21.48 2.11 10.75
C GLN B 62 22.76 2.01 9.92
N MET B 63 22.60 1.76 8.63
CA MET B 63 23.73 1.64 7.72
C MET B 63 24.47 2.97 7.58
N MET B 64 23.73 4.07 7.60
CA MET B 64 24.31 5.39 7.48
C MET B 64 25.10 5.77 8.73
N THR B 65 24.57 5.45 9.90
CA THR B 65 25.24 5.76 11.14
C THR B 65 26.45 4.86 11.39
N ALA B 66 26.34 3.61 10.96
CA ALA B 66 27.42 2.64 11.13
C ALA B 66 28.63 3.02 10.27
N LYS B 67 28.38 3.37 9.03
CA LYS B 67 29.45 3.74 8.11
C LYS B 67 29.24 5.15 7.59
N GLY A 1 1.13 13.98 -6.08
CA GLY A 1 2.48 14.54 -5.77
C GLY A 1 3.48 13.45 -5.46
N PRO A 2 4.67 13.47 -6.09
CA PRO A 2 5.72 12.46 -5.86
C PRO A 2 6.52 12.75 -4.60
N LEU A 3 5.86 13.28 -3.59
CA LEU A 3 6.52 13.61 -2.33
C LEU A 3 5.80 12.92 -1.17
N GLY A 4 5.11 11.83 -1.49
CA GLY A 4 4.39 11.10 -0.46
C GLY A 4 4.18 9.64 -0.84
N SER A 5 4.36 8.76 0.14
CA SER A 5 4.20 7.32 -0.06
C SER A 5 2.73 6.98 -0.30
N LYS A 6 1.83 7.74 0.33
CA LYS A 6 0.40 7.52 0.19
C LYS A 6 -0.04 7.73 -1.25
N ASN A 7 0.64 8.63 -1.95
CA ASN A 7 0.33 8.93 -3.34
C ASN A 7 0.51 7.70 -4.22
N MET A 8 1.52 6.90 -3.88
CA MET A 8 1.82 5.67 -4.61
C MET A 8 0.63 4.73 -4.60
N LEU A 9 0.12 4.46 -3.41
CA LEU A 9 -1.01 3.56 -3.25
C LEU A 9 -2.29 4.19 -3.80
N LEU A 10 -2.40 5.50 -3.66
CA LEU A 10 -3.56 6.24 -4.14
C LEU A 10 -3.71 6.08 -5.65
N GLU A 11 -2.66 6.41 -6.40
CA GLU A 11 -2.69 6.29 -7.86
C GLU A 11 -2.84 4.84 -8.29
N TRP A 12 -2.22 3.94 -7.53
CA TRP A 12 -2.27 2.51 -7.81
C TRP A 12 -3.72 2.02 -7.85
N CYS A 13 -4.47 2.34 -6.80
CA CYS A 13 -5.86 1.93 -6.71
C CYS A 13 -6.73 2.80 -7.63
N ARG A 14 -6.35 4.06 -7.75
CA ARG A 14 -7.09 5.02 -8.59
C ARG A 14 -7.19 4.52 -10.03
N ALA A 15 -6.11 3.92 -10.52
CA ALA A 15 -6.06 3.40 -11.88
C ALA A 15 -7.15 2.36 -12.12
N MET A 16 -7.30 1.43 -11.19
CA MET A 16 -8.32 0.38 -11.32
C MET A 16 -9.71 0.87 -10.95
N THR A 17 -9.80 2.05 -10.37
CA THR A 17 -11.09 2.62 -9.99
C THR A 17 -11.86 3.03 -11.24
N ARG A 18 -11.12 3.28 -12.32
CA ARG A 18 -11.71 3.70 -13.58
C ARG A 18 -12.26 2.51 -14.35
N ASN A 19 -12.02 1.32 -13.83
CA ASN A 19 -12.49 0.09 -14.47
C ASN A 19 -13.78 -0.39 -13.84
N TYR A 20 -14.06 0.10 -12.64
CA TYR A 20 -15.27 -0.28 -11.91
C TYR A 20 -16.29 0.85 -11.96
N GLU A 21 -17.55 0.51 -11.74
CA GLU A 21 -18.61 1.50 -11.74
C GLU A 21 -19.21 1.63 -10.34
N HIS A 22 -19.71 2.82 -10.03
CA HIS A 22 -20.31 3.10 -8.72
C HIS A 22 -19.26 3.15 -7.61
N VAL A 23 -18.00 3.28 -8.01
CA VAL A 23 -16.90 3.35 -7.06
C VAL A 23 -16.00 4.54 -7.38
N ASP A 24 -15.63 5.31 -6.37
CA ASP A 24 -14.77 6.47 -6.56
C ASP A 24 -13.85 6.65 -5.37
N ILE A 25 -12.66 6.07 -5.45
CA ILE A 25 -11.69 6.15 -4.38
C ILE A 25 -10.93 7.48 -4.42
N GLN A 26 -11.41 8.43 -3.64
CA GLN A 26 -10.78 9.73 -3.56
C GLN A 26 -9.78 9.73 -2.41
N ASN A 27 -10.17 9.13 -1.30
CA ASN A 27 -9.33 9.03 -0.12
C ASN A 27 -9.69 7.77 0.66
N PHE A 28 -8.72 7.23 1.39
CA PHE A 28 -8.93 6.01 2.18
C PHE A 28 -9.73 6.29 3.44
N SER A 29 -11.00 6.65 3.27
CA SER A 29 -11.87 6.93 4.40
C SER A 29 -13.33 6.99 3.95
N SER A 30 -13.74 8.13 3.41
CA SER A 30 -15.10 8.33 2.96
C SER A 30 -15.41 7.51 1.70
N SER A 31 -14.38 7.30 0.89
CA SER A 31 -14.53 6.54 -0.35
C SER A 31 -14.47 5.04 -0.07
N TRP A 32 -14.25 4.67 1.19
CA TRP A 32 -14.15 3.27 1.57
C TRP A 32 -15.30 2.86 2.49
N SER A 33 -16.22 3.78 2.74
CA SER A 33 -17.37 3.51 3.59
C SER A 33 -18.39 2.62 2.85
N SER A 34 -18.21 2.53 1.54
CA SER A 34 -19.09 1.74 0.69
C SER A 34 -18.83 0.25 0.89
N GLY A 35 -17.63 -0.09 1.35
CA GLY A 35 -17.27 -1.48 1.57
C GLY A 35 -16.87 -2.21 0.29
N MET A 36 -17.66 -2.00 -0.77
CA MET A 36 -17.42 -2.62 -2.07
C MET A 36 -15.99 -2.46 -2.56
N ALA A 37 -15.35 -1.37 -2.15
CA ALA A 37 -13.97 -1.08 -2.54
C ALA A 37 -13.02 -2.22 -2.20
N PHE A 38 -13.26 -2.88 -1.05
CA PHE A 38 -12.42 -3.99 -0.63
C PHE A 38 -12.50 -5.15 -1.62
N CYS A 39 -13.72 -5.59 -1.91
CA CYS A 39 -13.93 -6.68 -2.84
C CYS A 39 -13.47 -6.32 -4.25
N ALA A 40 -13.63 -5.05 -4.63
CA ALA A 40 -13.21 -4.58 -5.94
C ALA A 40 -11.70 -4.77 -6.11
N LEU A 41 -10.95 -4.41 -5.07
CA LEU A 41 -9.50 -4.53 -5.09
C LEU A 41 -9.08 -5.99 -5.19
N ILE A 42 -9.67 -6.83 -4.34
CA ILE A 42 -9.36 -8.25 -4.33
C ILE A 42 -9.71 -8.91 -5.66
N HIS A 43 -10.81 -8.47 -6.25
CA HIS A 43 -11.28 -9.00 -7.53
C HIS A 43 -10.27 -8.78 -8.66
N LYS A 44 -9.44 -7.76 -8.52
CA LYS A 44 -8.43 -7.44 -9.52
C LYS A 44 -7.29 -8.47 -9.51
N PHE A 45 -7.15 -9.18 -8.40
CA PHE A 45 -6.09 -10.17 -8.26
C PHE A 45 -6.65 -11.59 -8.28
N PHE A 46 -7.75 -11.79 -7.59
CA PHE A 46 -8.39 -13.09 -7.52
C PHE A 46 -9.76 -13.06 -8.17
N PRO A 47 -9.85 -13.45 -9.44
CA PRO A 47 -11.14 -13.48 -10.17
C PRO A 47 -12.04 -14.58 -9.64
N GLU A 48 -11.43 -15.70 -9.27
CA GLU A 48 -12.17 -16.85 -8.75
C GLU A 48 -12.34 -16.74 -7.24
N ALA A 49 -12.42 -15.52 -6.74
CA ALA A 49 -12.59 -15.31 -5.31
C ALA A 49 -14.07 -15.19 -4.97
N PHE A 50 -14.78 -14.35 -5.73
CA PHE A 50 -16.20 -14.13 -5.54
C PHE A 50 -16.76 -13.38 -6.73
N ASP A 51 -18.08 -13.23 -6.77
CA ASP A 51 -18.72 -12.52 -7.87
C ASP A 51 -19.03 -11.08 -7.48
N TYR A 52 -18.39 -10.14 -8.16
CA TYR A 52 -18.58 -8.72 -7.87
C TYR A 52 -19.96 -8.25 -8.35
N ALA A 53 -20.48 -8.91 -9.37
CA ALA A 53 -21.78 -8.56 -9.92
C ALA A 53 -22.88 -9.02 -8.99
N GLU A 54 -22.56 -9.95 -8.12
CA GLU A 54 -23.51 -10.50 -7.16
C GLU A 54 -23.48 -9.71 -5.85
N LEU A 55 -22.52 -8.79 -5.75
CA LEU A 55 -22.39 -7.98 -4.56
C LEU A 55 -23.30 -6.77 -4.60
N ASP A 56 -24.21 -6.70 -3.65
CA ASP A 56 -25.17 -5.61 -3.56
C ASP A 56 -24.70 -4.58 -2.54
N PRO A 57 -25.12 -3.31 -2.70
CA PRO A 57 -24.76 -2.24 -1.76
C PRO A 57 -25.36 -2.50 -0.39
N ALA A 58 -26.40 -3.33 -0.37
CA ALA A 58 -27.07 -3.69 0.87
C ALA A 58 -26.44 -4.94 1.48
N LYS A 59 -25.39 -5.44 0.83
CA LYS A 59 -24.68 -6.62 1.30
C LYS A 59 -23.31 -6.23 1.85
N ARG A 60 -23.22 -5.01 2.37
CA ARG A 60 -21.96 -4.51 2.93
C ARG A 60 -21.46 -5.39 4.08
N ARG A 61 -22.39 -5.87 4.91
CA ARG A 61 -22.04 -6.73 6.03
C ARG A 61 -21.40 -8.03 5.53
N HIS A 62 -21.86 -8.50 4.39
CA HIS A 62 -21.33 -9.71 3.79
C HIS A 62 -20.06 -9.41 3.00
N ASN A 63 -20.03 -8.23 2.41
CA ASN A 63 -18.90 -7.79 1.59
C ASN A 63 -17.60 -7.79 2.40
N PHE A 64 -17.63 -7.19 3.58
CA PHE A 64 -16.46 -7.12 4.44
C PHE A 64 -15.92 -8.50 4.80
N THR A 65 -16.77 -9.36 5.33
CA THR A 65 -16.38 -10.71 5.72
C THR A 65 -15.90 -11.51 4.52
N LEU A 66 -16.58 -11.35 3.39
CA LEU A 66 -16.22 -12.06 2.18
C LEU A 66 -14.82 -11.66 1.72
N ALA A 67 -14.58 -10.36 1.64
CA ALA A 67 -13.29 -9.85 1.22
C ALA A 67 -12.18 -10.27 2.19
N PHE A 68 -12.42 -10.04 3.48
CA PHE A 68 -11.45 -10.38 4.51
C PHE A 68 -11.09 -11.87 4.52
N SER A 69 -12.11 -12.72 4.62
CA SER A 69 -11.89 -14.17 4.66
C SER A 69 -11.20 -14.68 3.39
N THR A 70 -11.57 -14.13 2.24
CA THR A 70 -10.96 -14.57 0.99
C THR A 70 -9.50 -14.12 0.93
N ALA A 71 -9.25 -12.89 1.35
CA ALA A 71 -7.90 -12.34 1.35
C ALA A 71 -7.02 -13.09 2.35
N GLU A 72 -7.58 -13.41 3.50
CA GLU A 72 -6.86 -14.13 4.54
C GLU A 72 -6.64 -15.59 4.14
N LYS A 73 -7.45 -16.08 3.22
CA LYS A 73 -7.35 -17.46 2.76
C LYS A 73 -6.35 -17.61 1.61
N LEU A 74 -6.48 -16.75 0.61
CA LEU A 74 -5.61 -16.82 -0.57
C LEU A 74 -4.34 -15.98 -0.43
N ALA A 75 -4.49 -14.75 0.05
CA ALA A 75 -3.34 -13.87 0.21
C ALA A 75 -2.77 -13.91 1.61
N ASP A 76 -3.44 -14.65 2.50
CA ASP A 76 -3.05 -14.80 3.91
C ASP A 76 -2.60 -13.48 4.54
N CYS A 77 -3.44 -12.46 4.39
CA CYS A 77 -3.16 -11.14 4.92
C CYS A 77 -3.44 -11.07 6.42
N ALA A 78 -3.06 -9.96 7.03
CA ALA A 78 -3.27 -9.74 8.45
C ALA A 78 -4.56 -8.96 8.66
N GLN A 79 -5.45 -9.51 9.47
CA GLN A 79 -6.72 -8.87 9.77
C GLN A 79 -6.53 -7.69 10.72
N LEU A 80 -6.16 -6.55 10.15
CA LEU A 80 -5.95 -5.35 10.95
C LEU A 80 -7.25 -4.58 11.13
N LEU A 81 -8.30 -5.06 10.48
CA LEU A 81 -9.61 -4.42 10.56
C LEU A 81 -10.67 -5.48 10.81
N GLU A 82 -11.76 -5.08 11.45
CA GLU A 82 -12.85 -6.00 11.77
C GLU A 82 -14.11 -5.63 11.00
N VAL A 83 -14.89 -6.63 10.64
CA VAL A 83 -16.13 -6.44 9.91
C VAL A 83 -17.11 -5.63 10.74
N ASP A 84 -17.34 -6.10 11.96
CA ASP A 84 -18.26 -5.45 12.89
C ASP A 84 -17.86 -4.00 13.14
N ASP A 85 -16.57 -3.78 13.30
CA ASP A 85 -16.04 -2.44 13.55
C ASP A 85 -16.25 -1.53 12.35
N MET A 86 -15.92 -2.02 11.16
CA MET A 86 -16.07 -1.24 9.94
C MET A 86 -17.52 -0.85 9.67
N VAL A 87 -18.45 -1.76 9.97
CA VAL A 87 -19.86 -1.49 9.77
C VAL A 87 -20.36 -0.50 10.83
N ARG A 88 -19.84 -0.65 12.04
CA ARG A 88 -20.22 0.22 13.15
C ARG A 88 -19.70 1.64 12.97
N LEU A 89 -18.43 1.76 12.59
CA LEU A 89 -17.82 3.07 12.39
C LEU A 89 -18.20 3.68 11.04
N ALA A 90 -18.37 2.82 10.04
CA ALA A 90 -18.73 3.23 8.68
C ALA A 90 -17.55 3.84 7.93
N VAL A 91 -16.90 4.82 8.56
CA VAL A 91 -15.75 5.48 7.96
C VAL A 91 -14.46 4.94 8.59
N PRO A 92 -13.70 4.14 7.83
CA PRO A 92 -12.45 3.56 8.31
C PRO A 92 -11.35 4.61 8.42
N ASP A 93 -10.34 4.32 9.23
CA ASP A 93 -9.23 5.24 9.43
C ASP A 93 -8.17 5.06 8.34
N SER A 94 -7.77 6.17 7.72
CA SER A 94 -6.78 6.15 6.65
C SER A 94 -5.46 5.48 7.06
N LYS A 95 -4.96 5.81 8.25
CA LYS A 95 -3.71 5.22 8.72
C LYS A 95 -3.83 3.72 8.90
N CYS A 96 -5.00 3.27 9.33
CA CYS A 96 -5.25 1.84 9.51
C CYS A 96 -5.31 1.13 8.16
N VAL A 97 -5.98 1.74 7.20
CA VAL A 97 -6.10 1.18 5.86
C VAL A 97 -4.75 1.19 5.15
N TYR A 98 -3.99 2.26 5.37
CA TYR A 98 -2.66 2.41 4.77
C TYR A 98 -1.78 1.19 5.03
N THR A 99 -1.67 0.80 6.29
CA THR A 99 -0.87 -0.34 6.67
C THR A 99 -1.44 -1.65 6.12
N TYR A 100 -2.77 -1.74 6.05
CA TYR A 100 -3.42 -2.93 5.53
C TYR A 100 -3.05 -3.12 4.06
N ILE A 101 -3.20 -2.06 3.26
CA ILE A 101 -2.88 -2.10 1.84
C ILE A 101 -1.38 -2.32 1.66
N GLN A 102 -0.60 -1.69 2.54
CA GLN A 102 0.85 -1.80 2.51
C GLN A 102 1.28 -3.26 2.66
N GLU A 103 0.68 -3.94 3.63
CA GLU A 103 0.99 -5.34 3.89
C GLU A 103 0.46 -6.22 2.76
N LEU A 104 -0.78 -5.96 2.36
CA LEU A 104 -1.42 -6.73 1.28
C LEU A 104 -0.60 -6.67 0.00
N TYR A 105 -0.09 -5.48 -0.31
CA TYR A 105 0.73 -5.27 -1.49
C TYR A 105 1.94 -6.21 -1.49
N ARG A 106 2.57 -6.34 -0.33
CA ARG A 106 3.74 -7.21 -0.19
C ARG A 106 3.39 -8.64 -0.55
N SER A 107 2.29 -9.13 0.00
CA SER A 107 1.84 -10.49 -0.25
C SER A 107 1.54 -10.70 -1.74
N LEU A 108 0.90 -9.72 -2.35
CA LEU A 108 0.55 -9.81 -3.77
C LEU A 108 1.79 -9.77 -4.65
N VAL A 109 2.87 -9.17 -4.15
CA VAL A 109 4.12 -9.07 -4.90
C VAL A 109 4.83 -10.43 -4.94
N GLN A 110 5.07 -11.01 -3.77
CA GLN A 110 5.75 -12.30 -3.68
C GLN A 110 4.95 -13.44 -4.31
N LYS A 111 3.63 -13.29 -4.35
CA LYS A 111 2.78 -14.32 -4.93
C LYS A 111 2.71 -14.18 -6.45
N GLY A 112 3.29 -13.11 -6.97
CA GLY A 112 3.30 -12.89 -8.40
C GLY A 112 1.93 -12.52 -8.92
N LEU A 113 1.27 -11.57 -8.27
CA LEU A 113 -0.05 -11.14 -8.68
C LEU A 113 -0.07 -9.67 -9.10
N VAL A 114 0.81 -8.87 -8.50
CA VAL A 114 0.88 -7.45 -8.83
C VAL A 114 1.31 -7.23 -10.27
N LYS A 115 2.33 -7.97 -10.70
CA LYS A 115 2.84 -7.85 -12.04
C LYS A 115 1.98 -8.67 -13.01
N THR A 116 0.72 -8.28 -13.15
CA THR A 116 -0.20 -8.96 -14.05
C THR A 116 0.09 -8.57 -15.49
N LYS A 117 0.76 -7.45 -15.66
CA LYS A 117 1.13 -6.96 -16.98
C LYS A 117 2.58 -6.50 -17.00
N LYS A 118 3.39 -7.14 -17.83
CA LYS A 118 4.80 -6.79 -17.96
C LYS A 118 5.04 -6.20 -19.34
N LYS A 119 5.42 -4.93 -19.37
CA LYS A 119 5.67 -4.21 -20.62
C LYS A 119 4.38 -3.96 -21.38
N GLU B 1 21.26 15.18 12.58
CA GLU B 1 20.58 13.99 12.01
C GLU B 1 19.08 14.24 11.85
N GLU B 2 18.56 15.21 12.59
CA GLU B 2 17.15 15.56 12.55
C GLU B 2 16.69 15.93 11.14
N GLU B 3 17.56 16.62 10.40
CA GLU B 3 17.22 17.02 9.03
C GLU B 3 17.01 15.78 8.17
N ILE B 4 17.88 14.80 8.36
CA ILE B 4 17.78 13.55 7.61
C ILE B 4 16.49 12.81 7.97
N ARG B 5 16.22 12.74 9.27
CA ARG B 5 15.02 12.06 9.76
C ARG B 5 13.76 12.73 9.22
N GLU B 6 13.74 14.06 9.28
CA GLU B 6 12.59 14.83 8.80
C GLU B 6 12.44 14.69 7.28
N ALA B 7 13.56 14.69 6.57
CA ALA B 7 13.55 14.58 5.11
C ALA B 7 12.78 13.33 4.67
N PHE B 8 13.09 12.20 5.30
CA PHE B 8 12.41 10.95 4.97
C PHE B 8 10.99 10.95 5.52
N ARG B 9 10.81 11.64 6.64
CA ARG B 9 9.51 11.74 7.29
C ARG B 9 8.53 12.52 6.43
N VAL B 10 9.03 13.50 5.68
CA VAL B 10 8.20 14.31 4.80
C VAL B 10 7.53 13.46 3.74
N PHE B 11 8.24 12.44 3.27
CA PHE B 11 7.70 11.55 2.25
C PHE B 11 6.63 10.64 2.83
N ASP B 12 6.73 10.33 4.10
CA ASP B 12 5.74 9.49 4.77
C ASP B 12 4.55 10.36 5.15
N LYS B 13 3.39 10.02 4.63
CA LYS B 13 2.18 10.80 4.89
C LYS B 13 1.28 10.16 5.94
N ASP B 14 1.72 9.07 6.55
CA ASP B 14 0.91 8.40 7.57
C ASP B 14 1.70 8.10 8.83
N GLY B 15 3.01 8.21 8.75
CA GLY B 15 3.85 7.95 9.90
C GLY B 15 3.98 6.47 10.17
N ASN B 16 4.45 5.74 9.15
CA ASN B 16 4.61 4.31 9.26
C ASN B 16 6.10 3.95 9.33
N GLY B 17 6.91 4.70 8.59
CA GLY B 17 8.34 4.46 8.59
C GLY B 17 8.78 3.64 7.39
N TYR B 18 7.82 3.10 6.66
CA TYR B 18 8.11 2.29 5.49
C TYR B 18 7.76 3.04 4.21
N ILE B 19 8.78 3.24 3.37
CA ILE B 19 8.59 3.95 2.12
C ILE B 19 9.07 3.08 0.95
N SER B 20 8.85 3.55 -0.27
CA SER B 20 9.25 2.80 -1.45
C SER B 20 10.70 3.11 -1.82
N ALA B 21 11.30 2.23 -2.60
CA ALA B 21 12.67 2.40 -3.04
C ALA B 21 12.79 3.63 -3.94
N ALA B 22 11.71 3.94 -4.66
CA ALA B 22 11.68 5.09 -5.56
C ALA B 22 11.79 6.38 -4.75
N GLU B 23 10.95 6.50 -3.73
CA GLU B 23 10.95 7.68 -2.87
C GLU B 23 12.27 7.76 -2.10
N LEU B 24 12.71 6.64 -1.55
CA LEU B 24 13.93 6.58 -0.76
C LEU B 24 15.14 7.04 -1.58
N ARG B 25 15.31 6.49 -2.76
CA ARG B 25 16.43 6.85 -3.63
C ARG B 25 16.36 8.33 -4.00
N HIS B 26 15.14 8.85 -4.09
CA HIS B 26 14.93 10.24 -4.44
C HIS B 26 15.30 11.18 -3.28
N VAL B 27 15.02 10.75 -2.06
CA VAL B 27 15.35 11.57 -0.89
C VAL B 27 16.86 11.77 -0.78
N MET B 28 17.61 10.69 -0.95
CA MET B 28 19.07 10.72 -0.87
C MET B 28 19.65 11.73 -1.86
N THR B 29 19.12 11.74 -3.07
CA THR B 29 19.59 12.65 -4.10
C THR B 29 19.09 14.08 -3.87
N ASN B 30 17.84 14.19 -3.43
CA ASN B 30 17.23 15.50 -3.17
C ASN B 30 17.92 16.23 -2.02
N LEU B 31 18.58 15.46 -1.15
CA LEU B 31 19.29 16.05 -0.02
C LEU B 31 20.63 16.63 -0.46
N GLY B 32 21.01 16.32 -1.69
CA GLY B 32 22.27 16.81 -2.22
C GLY B 32 23.44 15.96 -1.79
N GLU B 33 23.15 14.76 -1.29
CA GLU B 33 24.19 13.84 -0.84
C GLU B 33 25.06 13.41 -2.00
N LYS B 34 26.37 13.57 -1.85
CA LYS B 34 27.31 13.20 -2.89
C LYS B 34 27.54 11.70 -2.88
N LEU B 35 26.64 10.97 -3.52
CA LEU B 35 26.74 9.54 -3.59
C LEU B 35 26.47 9.08 -5.01
N THR B 36 27.38 8.29 -5.56
CA THR B 36 27.24 7.77 -6.91
C THR B 36 26.01 6.88 -7.03
N ASP B 37 25.46 6.79 -8.23
CA ASP B 37 24.28 5.96 -8.48
C ASP B 37 24.55 4.51 -8.12
N GLU B 38 25.76 4.05 -8.44
CA GLU B 38 26.16 2.68 -8.16
C GLU B 38 26.17 2.39 -6.66
N GLU B 39 26.55 3.39 -5.86
CA GLU B 39 26.59 3.23 -4.41
C GLU B 39 25.20 2.91 -3.88
N VAL B 40 24.23 3.70 -4.32
CA VAL B 40 22.85 3.51 -3.91
C VAL B 40 22.33 2.17 -4.41
N ASP B 41 22.63 1.85 -5.67
CA ASP B 41 22.19 0.61 -6.28
C ASP B 41 22.73 -0.61 -5.53
N GLU B 42 24.01 -0.54 -5.13
CA GLU B 42 24.62 -1.63 -4.38
C GLU B 42 23.93 -1.83 -3.05
N MET B 43 23.62 -0.72 -2.37
CA MET B 43 22.96 -0.79 -1.08
C MET B 43 21.57 -1.40 -1.24
N ILE B 44 20.90 -1.05 -2.33
CA ILE B 44 19.57 -1.58 -2.62
C ILE B 44 19.65 -3.09 -2.81
N ARG B 45 20.74 -3.55 -3.41
CA ARG B 45 20.95 -4.98 -3.64
C ARG B 45 21.23 -5.73 -2.34
N GLU B 46 21.58 -4.99 -1.30
CA GLU B 46 21.87 -5.58 0.01
C GLU B 46 20.66 -5.55 0.91
N ALA B 47 19.75 -4.64 0.63
CA ALA B 47 18.54 -4.50 1.42
C ALA B 47 17.42 -5.38 0.88
N ASP B 48 16.48 -5.72 1.75
CA ASP B 48 15.36 -6.57 1.39
C ASP B 48 14.27 -5.76 0.68
N ILE B 49 14.69 -5.02 -0.35
CA ILE B 49 13.78 -4.19 -1.12
C ILE B 49 13.07 -5.01 -2.20
N ASP B 50 13.85 -5.77 -2.97
CA ASP B 50 13.30 -6.58 -4.04
C ASP B 50 12.60 -7.81 -3.47
N GLY B 51 11.35 -7.99 -3.86
CA GLY B 51 10.58 -9.12 -3.37
C GLY B 51 9.63 -8.70 -2.27
N ASP B 52 9.68 -7.41 -1.95
CA ASP B 52 8.84 -6.86 -0.90
C ASP B 52 8.03 -5.67 -1.44
N GLY B 53 7.30 -5.02 -0.55
CA GLY B 53 6.50 -3.87 -0.94
C GLY B 53 7.13 -2.57 -0.52
N GLN B 54 7.32 -2.39 0.78
CA GLN B 54 7.91 -1.16 1.32
C GLN B 54 9.06 -1.50 2.25
N VAL B 55 9.98 -0.55 2.43
CA VAL B 55 11.14 -0.76 3.30
C VAL B 55 11.25 0.40 4.29
N ASN B 56 11.73 0.11 5.49
CA ASN B 56 11.88 1.14 6.51
C ASN B 56 13.12 1.99 6.28
N TYR B 57 12.97 3.30 6.41
CA TYR B 57 14.09 4.21 6.20
C TYR B 57 15.03 4.27 7.41
N GLU B 58 14.60 3.67 8.51
CA GLU B 58 15.39 3.65 9.74
C GLU B 58 16.79 3.09 9.51
N GLU B 59 16.84 1.88 8.96
CA GLU B 59 18.12 1.21 8.70
C GLU B 59 19.02 2.08 7.83
N PHE B 60 18.42 2.72 6.84
CA PHE B 60 19.17 3.57 5.92
C PHE B 60 19.76 4.79 6.62
N VAL B 61 18.95 5.45 7.44
CA VAL B 61 19.40 6.62 8.19
C VAL B 61 20.54 6.23 9.14
N GLN B 62 20.38 5.08 9.79
CA GLN B 62 21.40 4.59 10.71
C GLN B 62 22.69 4.25 9.99
N MET B 63 22.57 3.56 8.86
CA MET B 63 23.74 3.17 8.08
C MET B 63 24.48 4.39 7.53
N MET B 64 23.73 5.39 7.10
CA MET B 64 24.31 6.62 6.55
C MET B 64 25.06 7.40 7.62
N THR B 65 24.57 7.34 8.85
CA THR B 65 25.21 8.06 9.95
C THR B 65 26.39 7.28 10.53
N ALA B 66 26.48 6.01 10.17
CA ALA B 66 27.56 5.16 10.64
C ALA B 66 28.80 5.37 9.78
N LYS B 67 28.59 5.84 8.56
CA LYS B 67 29.68 6.08 7.63
C LYS B 67 30.08 7.55 7.66
#